data_4PZE
#
_entry.id   4PZE
#
_cell.length_a   234.243
_cell.length_b   135.373
_cell.length_c   97.356
_cell.angle_alpha   90.00
_cell.angle_beta   90.09
_cell.angle_gamma   90.00
#
_symmetry.space_group_name_H-M   'C 1 2 1'
#
loop_
_entity.id
_entity.type
_entity.pdbx_description
1 polymer '3-Hydroxyacyl-CoA dehydrogenase'
2 non-polymer 'ACETOACETYL-COENZYME A'
3 water water
#
_entity_poly.entity_id   1
_entity_poly.type   'polypeptide(L)'
_entity_poly.pdbx_seq_one_letter_code
;MSIRTVGIVGAGTMGNGIAQACAVVGLNVVMVDISDAAVQKGVATVASSLDRLIKKEKLTEADKASALARIKGSTSYDDL
KATDIVIEAATENYDLKVKILKQIDGIVGENVIIASNTSSISITKLAAVTSRADRFIGMHFFNPVPVMALVELIRGLQTS
DTTHAAVEALSKQLGKYPITVKNSPGFVVNRILCPMINEAFCVLGEGLASPEEIDEGMKLGCNHPIGPLALADMIGLDTM
LAVMEVLYTEFADPKYRPAMLMREMVAAGYLGRKTGRGVYVYSK
;
_entity_poly.pdbx_strand_id   A,B,C,D,E,F,G,H,I
#
loop_
_chem_comp.id
_chem_comp.type
_chem_comp.name
_chem_comp.formula
CAA non-polymer 'ACETOACETYL-COENZYME A' 'C25 H40 N7 O18 P3 S'
#
# COMPACT_ATOMS: atom_id res chain seq x y z
N SER A 2 -50.36 -4.27 -5.66
CA SER A 2 -49.89 -3.32 -6.72
C SER A 2 -48.73 -3.90 -7.53
N ILE A 3 -48.39 -3.23 -8.64
CA ILE A 3 -47.31 -3.67 -9.53
C ILE A 3 -46.07 -2.77 -9.33
N ARG A 4 -45.18 -3.20 -8.45
CA ARG A 4 -43.95 -2.44 -8.15
C ARG A 4 -42.79 -2.89 -9.04
N THR A 5 -42.81 -4.16 -9.47
CA THR A 5 -41.73 -4.76 -10.27
C THR A 5 -42.22 -5.41 -11.58
N VAL A 6 -41.83 -4.76 -12.69
CA VAL A 6 -42.17 -5.20 -14.06
C VAL A 6 -41.16 -6.20 -14.62
N GLY A 7 -41.66 -7.33 -15.10
CA GLY A 7 -40.87 -8.28 -15.90
C GLY A 7 -40.82 -7.87 -17.37
N ILE A 8 -39.67 -8.09 -18.01
CA ILE A 8 -39.52 -7.85 -19.43
C ILE A 8 -38.61 -8.91 -20.05
N VAL A 9 -39.18 -9.73 -20.94
CA VAL A 9 -38.38 -10.61 -21.78
C VAL A 9 -38.24 -9.91 -23.12
N GLY A 10 -37.01 -9.81 -23.58
CA GLY A 10 -36.68 -9.01 -24.74
C GLY A 10 -35.93 -7.75 -24.33
N ALA A 11 -34.73 -7.55 -24.93
CA ALA A 11 -33.98 -6.31 -24.75
C ALA A 11 -33.67 -5.57 -26.07
N GLY A 12 -34.46 -5.83 -27.12
CA GLY A 12 -34.34 -5.07 -28.38
C GLY A 12 -34.98 -3.69 -28.30
N THR A 13 -35.19 -3.07 -29.46
CA THR A 13 -35.78 -1.73 -29.54
C THR A 13 -36.96 -1.51 -28.56
N MET A 14 -37.98 -2.38 -28.66
CA MET A 14 -39.20 -2.32 -27.83
C MET A 14 -38.97 -2.50 -26.33
N GLY A 15 -38.41 -3.64 -25.94
CA GLY A 15 -38.05 -3.89 -24.54
C GLY A 15 -37.23 -2.81 -23.85
N ASN A 16 -36.27 -2.17 -24.54
CA ASN A 16 -35.57 -1.00 -23.97
C ASN A 16 -36.62 0.05 -23.67
N GLY A 17 -37.42 0.34 -24.70
CA GLY A 17 -38.55 1.25 -24.59
C GLY A 17 -39.27 0.98 -23.30
N ILE A 18 -39.99 -0.14 -23.24
CA ILE A 18 -40.85 -0.44 -22.08
C ILE A 18 -40.08 -0.20 -20.79
N ALA A 19 -38.93 -0.85 -20.68
CA ALA A 19 -38.10 -0.78 -19.47
C ALA A 19 -37.86 0.66 -19.03
N GLN A 20 -37.29 1.46 -19.92
CA GLN A 20 -37.10 2.88 -19.66
C GLN A 20 -38.41 3.46 -19.12
N ALA A 21 -39.48 3.33 -19.92
CA ALA A 21 -40.76 3.92 -19.57
C ALA A 21 -41.25 3.57 -18.16
N CYS A 22 -40.90 2.37 -17.71
CA CYS A 22 -41.16 1.93 -16.33
C CYS A 22 -40.13 2.48 -15.33
N ALA A 23 -38.87 2.58 -15.73
CA ALA A 23 -37.80 3.11 -14.87
C ALA A 23 -37.89 4.61 -14.62
N VAL A 24 -38.00 5.40 -15.68
CA VAL A 24 -38.09 6.84 -15.51
C VAL A 24 -39.30 7.23 -14.66
N VAL A 25 -40.07 6.22 -14.25
CA VAL A 25 -41.21 6.40 -13.37
C VAL A 25 -40.90 5.92 -11.95
N GLY A 26 -40.07 4.89 -11.81
CA GLY A 26 -39.70 4.37 -10.49
C GLY A 26 -39.95 2.88 -10.26
N LEU A 27 -40.57 2.22 -11.25
CA LEU A 27 -40.84 0.79 -11.17
C LEU A 27 -39.55 0.02 -11.43
N ASN A 28 -39.42 -1.13 -10.77
CA ASN A 28 -38.23 -1.97 -10.94
C ASN A 28 -38.40 -2.88 -12.13
N VAL A 29 -37.48 -2.80 -13.07
CA VAL A 29 -37.53 -3.68 -14.21
C VAL A 29 -36.56 -4.82 -14.02
N VAL A 30 -37.04 -6.04 -14.25
CA VAL A 30 -36.14 -7.16 -14.44
C VAL A 30 -36.17 -7.48 -15.94
N MET A 31 -35.11 -7.05 -16.64
CA MET A 31 -34.99 -7.28 -18.07
C MET A 31 -34.27 -8.59 -18.31
N VAL A 32 -34.65 -9.30 -19.36
CA VAL A 32 -34.09 -10.64 -19.64
C VAL A 32 -33.89 -10.82 -21.15
N ASP A 33 -32.77 -11.39 -21.55
CA ASP A 33 -32.55 -11.78 -22.95
C ASP A 33 -31.68 -13.05 -22.97
N ILE A 34 -31.08 -13.37 -24.12
CA ILE A 34 -30.34 -14.66 -24.27
C ILE A 34 -28.83 -14.56 -24.08
N SER A 35 -28.25 -13.40 -24.38
CA SER A 35 -26.83 -13.14 -24.10
C SER A 35 -26.68 -11.97 -23.13
N ASP A 36 -25.49 -11.82 -22.56
CA ASP A 36 -25.14 -10.64 -21.77
C ASP A 36 -24.94 -9.45 -22.71
N ALA A 37 -24.47 -9.74 -23.92
CA ALA A 37 -24.24 -8.72 -24.95
C ALA A 37 -25.54 -7.98 -25.32
N ALA A 38 -26.61 -8.74 -25.55
CA ALA A 38 -27.88 -8.16 -25.92
C ALA A 38 -28.43 -7.32 -24.76
N VAL A 39 -28.26 -7.82 -23.53
CA VAL A 39 -28.76 -7.14 -22.32
C VAL A 39 -28.11 -5.76 -22.14
N GLN A 40 -26.78 -5.69 -22.17
CA GLN A 40 -26.10 -4.41 -21.96
C GLN A 40 -26.30 -3.47 -23.15
N LYS A 41 -26.38 -4.03 -24.35
CA LYS A 41 -26.75 -3.23 -25.54
C LYS A 41 -28.12 -2.59 -25.32
N GLY A 42 -29.02 -3.32 -24.66
CA GLY A 42 -30.29 -2.77 -24.16
C GLY A 42 -30.13 -1.61 -23.18
N VAL A 43 -29.20 -1.75 -22.22
CA VAL A 43 -28.88 -0.70 -21.23
C VAL A 43 -28.16 0.53 -21.88
N ALA A 44 -27.21 0.28 -22.78
CA ALA A 44 -26.53 1.35 -23.51
C ALA A 44 -27.54 2.27 -24.18
N THR A 45 -28.52 1.69 -24.87
CA THR A 45 -29.57 2.46 -25.56
C THR A 45 -30.41 3.27 -24.57
N VAL A 46 -30.80 2.67 -23.44
CA VAL A 46 -31.60 3.38 -22.45
C VAL A 46 -30.82 4.59 -21.95
N ALA A 47 -29.59 4.36 -21.50
CA ALA A 47 -28.68 5.43 -21.12
C ALA A 47 -28.53 6.47 -22.26
N SER A 48 -28.04 6.05 -23.43
CA SER A 48 -27.88 6.94 -24.59
C SER A 48 -29.09 7.88 -24.82
N SER A 49 -30.31 7.29 -24.76
CA SER A 49 -31.57 8.05 -24.87
C SER A 49 -31.84 8.96 -23.68
N LEU A 50 -31.48 8.52 -22.48
CA LEU A 50 -31.47 9.36 -21.29
C LEU A 50 -30.56 10.61 -21.47
N ASP A 51 -29.39 10.43 -22.09
CA ASP A 51 -28.42 11.53 -22.29
C ASP A 51 -28.87 12.55 -23.34
N ARG A 52 -29.81 12.18 -24.21
CA ARG A 52 -30.45 13.14 -25.10
C ARG A 52 -31.37 14.06 -24.30
N LEU A 53 -32.01 13.47 -23.30
CA LEU A 53 -33.00 14.19 -22.50
C LEU A 53 -32.31 15.16 -21.54
N ILE A 54 -31.26 14.69 -20.87
CA ILE A 54 -30.33 15.59 -20.16
C ILE A 54 -29.96 16.77 -21.05
N LYS A 55 -29.65 16.51 -22.32
CA LYS A 55 -29.23 17.58 -23.24
C LYS A 55 -30.31 18.64 -23.54
N LYS A 56 -31.50 18.25 -23.98
CA LYS A 56 -32.57 19.24 -24.24
C LYS A 56 -33.26 19.75 -22.94
N GLU A 57 -32.46 20.03 -21.91
CA GLU A 57 -32.97 20.54 -20.62
C GLU A 57 -34.09 19.68 -19.96
N LYS A 58 -34.18 18.40 -20.31
CA LYS A 58 -35.22 17.51 -19.74
C LYS A 58 -34.61 16.62 -18.66
N LEU A 59 -35.45 16.17 -17.72
CA LEU A 59 -35.01 15.32 -16.61
C LEU A 59 -33.90 15.95 -15.77
N THR A 60 -32.90 15.16 -15.37
CA THR A 60 -31.70 15.66 -14.70
C THR A 60 -30.57 14.64 -14.86
N GLU A 61 -29.35 15.01 -14.43
CA GLU A 61 -28.22 14.06 -14.37
C GLU A 61 -28.46 13.04 -13.23
N ALA A 62 -29.27 13.44 -12.25
CA ALA A 62 -29.60 12.61 -11.09
C ALA A 62 -30.78 11.65 -11.31
N ASP A 63 -31.38 11.68 -12.50
CA ASP A 63 -32.40 10.68 -12.87
C ASP A 63 -31.84 9.63 -13.84
N LYS A 64 -30.98 10.06 -14.77
CA LYS A 64 -30.19 9.13 -15.58
C LYS A 64 -29.61 8.06 -14.65
N ALA A 65 -29.09 8.51 -13.51
CA ALA A 65 -28.66 7.62 -12.45
C ALA A 65 -29.83 6.89 -11.78
N SER A 66 -30.74 7.64 -11.17
CA SER A 66 -31.79 7.09 -10.30
C SER A 66 -32.68 6.05 -10.98
N ALA A 67 -32.83 6.16 -12.30
CA ALA A 67 -33.56 5.18 -13.07
C ALA A 67 -32.79 3.85 -13.11
N LEU A 68 -31.60 3.88 -13.73
CA LEU A 68 -30.81 2.66 -14.03
C LEU A 68 -30.68 1.70 -12.85
N ALA A 69 -30.54 2.26 -11.64
CA ALA A 69 -30.53 1.47 -10.42
C ALA A 69 -31.67 0.45 -10.47
N ARG A 70 -32.86 0.94 -10.81
CA ARG A 70 -34.08 0.13 -10.87
C ARG A 70 -34.11 -0.97 -11.98
N ILE A 71 -33.27 -0.83 -12.99
CA ILE A 71 -33.21 -1.83 -14.05
C ILE A 71 -32.28 -3.00 -13.70
N LYS A 72 -32.85 -4.10 -13.21
CA LYS A 72 -32.10 -5.34 -12.93
C LYS A 72 -32.09 -6.21 -14.20
N GLY A 73 -30.99 -6.17 -14.95
CA GLY A 73 -30.94 -6.79 -16.29
C GLY A 73 -30.25 -8.15 -16.33
N SER A 74 -31.04 -9.24 -16.23
CA SER A 74 -30.53 -10.64 -16.10
C SER A 74 -30.41 -11.43 -17.43
N THR A 75 -29.89 -12.65 -17.33
CA THR A 75 -29.92 -13.61 -18.44
C THR A 75 -30.47 -14.98 -18.00
N SER A 76 -30.91 -15.05 -16.74
CA SER A 76 -31.63 -16.20 -16.21
C SER A 76 -33.08 -15.79 -16.05
N TYR A 77 -33.96 -16.78 -15.99
CA TYR A 77 -35.37 -16.53 -16.16
C TYR A 77 -36.18 -16.92 -14.94
N ASP A 78 -35.51 -17.42 -13.88
CA ASP A 78 -36.14 -17.52 -12.56
C ASP A 78 -36.14 -16.12 -11.90
N ASP A 79 -35.31 -15.22 -12.45
CA ASP A 79 -35.26 -13.83 -11.96
C ASP A 79 -36.60 -13.15 -12.00
N LEU A 80 -37.44 -13.62 -12.91
CA LEU A 80 -38.74 -13.04 -13.16
C LEU A 80 -39.78 -13.36 -12.08
N LYS A 81 -39.46 -14.30 -11.17
CA LYS A 81 -40.31 -14.49 -9.99
C LYS A 81 -40.37 -13.21 -9.14
N ALA A 82 -39.28 -12.43 -9.14
CA ALA A 82 -39.23 -11.12 -8.47
C ALA A 82 -40.34 -10.16 -8.90
N THR A 83 -41.04 -10.49 -9.99
CA THR A 83 -41.87 -9.54 -10.69
C THR A 83 -43.33 -9.73 -10.36
N ASP A 84 -44.10 -8.65 -10.53
CA ASP A 84 -45.56 -8.70 -10.44
C ASP A 84 -46.21 -9.01 -11.81
N ILE A 85 -45.49 -8.68 -12.88
CA ILE A 85 -45.97 -8.87 -14.24
C ILE A 85 -44.79 -9.00 -15.20
N VAL A 86 -44.89 -9.90 -16.18
CA VAL A 86 -43.92 -10.00 -17.26
C VAL A 86 -44.55 -9.62 -18.59
N ILE A 87 -43.82 -8.85 -19.37
CA ILE A 87 -44.25 -8.41 -20.68
C ILE A 87 -43.32 -9.04 -21.67
N GLU A 88 -43.82 -9.91 -22.54
CA GLU A 88 -43.01 -10.51 -23.58
C GLU A 88 -42.83 -9.49 -24.70
N ALA A 89 -41.58 -9.25 -25.09
CA ALA A 89 -41.30 -8.23 -26.07
C ALA A 89 -40.13 -8.64 -26.97
N ALA A 90 -40.15 -9.89 -27.42
CA ALA A 90 -39.04 -10.48 -28.12
C ALA A 90 -39.31 -10.75 -29.60
N THR A 91 -40.55 -11.04 -29.98
CA THR A 91 -40.77 -11.67 -31.29
C THR A 91 -42.21 -11.63 -31.84
N GLU A 92 -42.32 -11.39 -33.15
CA GLU A 92 -43.57 -11.56 -33.90
C GLU A 92 -43.65 -12.93 -34.60
N ASN A 93 -42.64 -13.78 -34.36
CA ASN A 93 -42.71 -15.15 -34.81
C ASN A 93 -43.65 -15.95 -33.92
N TYR A 94 -44.73 -16.48 -34.50
CA TYR A 94 -45.73 -17.17 -33.69
C TYR A 94 -45.14 -18.36 -32.90
N ASP A 95 -44.42 -19.27 -33.54
CA ASP A 95 -44.02 -20.49 -32.81
C ASP A 95 -42.98 -20.24 -31.74
N LEU A 96 -42.10 -19.27 -31.96
CA LEU A 96 -41.16 -18.82 -30.93
C LEU A 96 -41.87 -18.14 -29.76
N LYS A 97 -42.81 -17.25 -30.08
CA LYS A 97 -43.65 -16.61 -29.08
C LYS A 97 -44.29 -17.63 -28.13
N VAL A 98 -44.84 -18.71 -28.69
CA VAL A 98 -45.50 -19.75 -27.89
C VAL A 98 -44.53 -20.26 -26.83
N LYS A 99 -43.40 -20.82 -27.29
CA LYS A 99 -42.31 -21.28 -26.42
C LYS A 99 -42.03 -20.28 -25.31
N ILE A 100 -41.65 -19.06 -25.69
CA ILE A 100 -41.27 -18.06 -24.69
C ILE A 100 -42.32 -17.92 -23.59
N LEU A 101 -43.56 -17.69 -24.00
CA LEU A 101 -44.70 -17.55 -23.06
C LEU A 101 -44.93 -18.82 -22.26
N LYS A 102 -44.84 -19.98 -22.91
CA LYS A 102 -44.85 -21.28 -22.23
C LYS A 102 -43.78 -21.34 -21.13
N GLN A 103 -42.55 -20.92 -21.45
CA GLN A 103 -41.46 -20.88 -20.46
C GLN A 103 -41.69 -19.87 -19.34
N ILE A 104 -42.07 -18.65 -19.72
CA ILE A 104 -42.46 -17.64 -18.74
C ILE A 104 -43.60 -18.14 -17.83
N ASP A 105 -44.53 -18.88 -18.41
CA ASP A 105 -45.66 -19.43 -17.69
C ASP A 105 -45.25 -20.52 -16.70
N GLY A 106 -44.17 -21.23 -16.97
CA GLY A 106 -43.62 -22.24 -16.03
C GLY A 106 -42.97 -21.65 -14.79
N ILE A 107 -42.33 -20.49 -14.95
CA ILE A 107 -41.64 -19.81 -13.85
C ILE A 107 -42.57 -19.13 -12.83
N VAL A 108 -43.40 -18.18 -13.27
CA VAL A 108 -44.10 -17.31 -12.31
C VAL A 108 -45.42 -17.88 -11.82
N GLY A 109 -45.87 -17.37 -10.68
CA GLY A 109 -47.02 -17.94 -9.97
C GLY A 109 -48.39 -17.62 -10.58
N GLU A 110 -49.33 -18.52 -10.31
CA GLU A 110 -50.71 -18.43 -10.80
C GLU A 110 -51.27 -17.01 -10.95
N ASN A 111 -50.97 -16.14 -9.99
CA ASN A 111 -51.61 -14.82 -9.95
C ASN A 111 -50.83 -13.73 -10.67
N VAL A 112 -49.66 -14.06 -11.23
CA VAL A 112 -48.88 -13.06 -11.96
C VAL A 112 -49.49 -12.90 -13.36
N ILE A 113 -49.44 -11.67 -13.88
CA ILE A 113 -49.98 -11.35 -15.20
C ILE A 113 -48.87 -11.48 -16.24
N ILE A 114 -49.20 -12.11 -17.36
CA ILE A 114 -48.31 -12.22 -18.50
C ILE A 114 -48.88 -11.40 -19.68
N ALA A 115 -48.11 -10.44 -20.18
CA ALA A 115 -48.51 -9.62 -21.31
C ALA A 115 -47.67 -10.00 -22.49
N SER A 116 -48.14 -9.59 -23.67
CA SER A 116 -47.37 -9.78 -24.90
C SER A 116 -47.60 -8.62 -25.85
N ASN A 117 -46.51 -7.96 -26.19
CA ASN A 117 -46.49 -6.92 -27.19
C ASN A 117 -46.70 -7.59 -28.56
N THR A 118 -47.21 -6.85 -29.54
CA THR A 118 -47.50 -7.39 -30.88
C THR A 118 -47.96 -6.16 -31.63
N SER A 119 -48.28 -6.33 -32.91
CA SER A 119 -49.20 -5.59 -33.78
C SER A 119 -50.15 -6.50 -34.58
N SER A 120 -49.81 -7.78 -34.70
CA SER A 120 -50.54 -8.71 -35.58
C SER A 120 -51.03 -10.04 -34.96
N ILE A 121 -50.44 -10.47 -33.84
CA ILE A 121 -50.74 -11.82 -33.33
C ILE A 121 -52.04 -11.83 -32.51
N SER A 122 -52.91 -12.80 -32.78
CA SER A 122 -54.12 -13.01 -31.97
C SER A 122 -53.84 -13.23 -30.48
N ILE A 123 -54.33 -12.30 -29.66
CA ILE A 123 -54.13 -12.37 -28.21
C ILE A 123 -54.87 -13.56 -27.60
N THR A 124 -56.03 -13.90 -28.14
CA THR A 124 -56.80 -15.03 -27.68
C THR A 124 -56.08 -16.32 -27.96
N LYS A 125 -55.49 -16.42 -29.15
CA LYS A 125 -54.74 -17.64 -29.57
C LYS A 125 -53.52 -17.87 -28.67
N LEU A 126 -52.82 -16.79 -28.31
CA LEU A 126 -51.72 -16.86 -27.33
C LEU A 126 -52.27 -17.23 -25.96
N ALA A 127 -53.07 -16.35 -25.36
CA ALA A 127 -53.51 -16.56 -24.01
C ALA A 127 -53.82 -18.03 -23.80
N ALA A 128 -54.43 -18.67 -24.78
CA ALA A 128 -54.84 -20.07 -24.63
C ALA A 128 -53.72 -21.09 -24.45
N VAL A 129 -52.46 -20.70 -24.73
CA VAL A 129 -51.31 -21.61 -24.53
C VAL A 129 -50.74 -21.60 -23.10
N THR A 130 -51.10 -20.58 -22.30
CA THR A 130 -50.68 -20.46 -20.91
C THR A 130 -51.66 -21.11 -19.90
N SER A 131 -51.14 -21.53 -18.75
CA SER A 131 -51.92 -22.07 -17.62
C SER A 131 -53.15 -21.24 -17.21
N ARG A 132 -52.92 -19.97 -16.87
CA ARG A 132 -54.00 -19.02 -16.52
C ARG A 132 -54.26 -18.06 -17.71
N ALA A 133 -55.24 -18.41 -18.53
CA ALA A 133 -55.63 -17.59 -19.67
C ALA A 133 -56.24 -16.24 -19.24
N ASP A 134 -57.00 -16.26 -18.15
CA ASP A 134 -57.59 -15.03 -17.62
C ASP A 134 -56.55 -14.01 -17.16
N ARG A 135 -55.34 -14.47 -16.90
CA ARG A 135 -54.24 -13.60 -16.51
C ARG A 135 -53.38 -13.11 -17.70
N PHE A 136 -53.81 -13.41 -18.93
CA PHE A 136 -53.13 -12.92 -20.12
C PHE A 136 -53.78 -11.67 -20.71
N ILE A 137 -52.95 -10.72 -21.12
CA ILE A 137 -53.42 -9.54 -21.83
C ILE A 137 -52.41 -9.11 -22.91
N GLY A 138 -52.93 -8.59 -24.01
CA GLY A 138 -52.12 -8.06 -25.08
C GLY A 138 -51.81 -6.59 -24.87
N MET A 139 -50.57 -6.24 -25.18
CA MET A 139 -50.12 -4.87 -25.21
C MET A 139 -49.52 -4.56 -26.58
N HIS A 140 -49.45 -3.30 -26.92
CA HIS A 140 -48.91 -2.90 -28.20
C HIS A 140 -48.47 -1.46 -27.97
N PHE A 141 -47.16 -1.25 -27.82
CA PHE A 141 -46.63 0.08 -27.56
C PHE A 141 -46.32 0.67 -28.91
N PHE A 142 -46.15 1.98 -28.99
CA PHE A 142 -45.80 2.58 -30.28
C PHE A 142 -44.35 3.05 -30.34
N ASN A 143 -43.84 3.14 -31.57
CA ASN A 143 -42.49 2.65 -31.87
C ASN A 143 -41.31 3.34 -31.23
N PRO A 144 -41.36 4.68 -31.09
CA PRO A 144 -40.40 5.34 -30.18
C PRO A 144 -41.01 5.41 -28.77
N VAL A 145 -40.97 4.28 -28.06
CA VAL A 145 -41.71 4.10 -26.80
C VAL A 145 -41.46 5.21 -25.77
N PRO A 146 -40.20 5.63 -25.59
CA PRO A 146 -39.96 6.75 -24.66
C PRO A 146 -41.01 7.89 -24.74
N VAL A 147 -41.24 8.45 -25.93
CA VAL A 147 -42.09 9.65 -26.07
C VAL A 147 -43.58 9.42 -26.40
N MET A 148 -43.90 8.38 -27.18
CA MET A 148 -45.30 8.12 -27.59
C MET A 148 -46.18 7.84 -26.37
N ALA A 149 -47.27 8.60 -26.26
CA ALA A 149 -48.06 8.56 -25.05
C ALA A 149 -49.26 7.62 -25.16
N LEU A 150 -49.11 6.47 -25.82
CA LEU A 150 -50.22 5.52 -25.92
C LEU A 150 -49.90 4.07 -26.14
N VAL A 151 -50.76 3.23 -25.57
CA VAL A 151 -50.71 1.78 -25.67
C VAL A 151 -52.08 1.24 -26.06
N GLU A 152 -52.13 0.26 -26.95
CA GLU A 152 -53.34 -0.49 -27.21
C GLU A 152 -53.27 -1.63 -26.20
N LEU A 153 -54.34 -1.79 -25.41
CA LEU A 153 -54.47 -2.86 -24.42
C LEU A 153 -55.50 -3.79 -25.01
N ILE A 154 -55.11 -5.01 -25.27
CA ILE A 154 -55.91 -5.86 -26.11
C ILE A 154 -56.32 -7.07 -25.31
N ARG A 155 -57.63 -7.16 -25.08
CA ARG A 155 -58.16 -8.23 -24.27
C ARG A 155 -58.37 -9.43 -25.17
N GLY A 156 -57.71 -10.53 -24.84
CA GLY A 156 -58.10 -11.79 -25.41
C GLY A 156 -59.50 -12.07 -24.93
N LEU A 157 -60.12 -13.06 -25.53
CA LEU A 157 -61.45 -13.45 -25.14
C LEU A 157 -61.46 -13.81 -23.67
N GLN A 158 -60.30 -14.21 -23.12
CA GLN A 158 -60.20 -14.80 -21.77
C GLN A 158 -59.70 -13.84 -20.72
N THR A 159 -59.08 -12.74 -21.13
CA THR A 159 -58.55 -11.78 -20.18
C THR A 159 -59.62 -11.42 -19.17
N SER A 160 -59.27 -11.34 -17.89
CA SER A 160 -60.26 -11.01 -16.84
C SER A 160 -60.40 -9.53 -16.70
N ASP A 161 -61.48 -9.15 -16.02
CA ASP A 161 -61.69 -7.74 -15.67
C ASP A 161 -60.58 -7.24 -14.75
N THR A 162 -60.19 -8.07 -13.79
CA THR A 162 -59.10 -7.73 -12.86
C THR A 162 -57.79 -7.54 -13.60
N THR A 163 -57.45 -8.52 -14.45
CA THR A 163 -56.23 -8.52 -15.25
C THR A 163 -56.20 -7.27 -16.08
N HIS A 164 -57.37 -6.86 -16.56
CA HIS A 164 -57.48 -5.65 -17.37
C HIS A 164 -57.19 -4.41 -16.53
N ALA A 165 -57.94 -4.20 -15.46
CA ALA A 165 -57.80 -2.97 -14.65
C ALA A 165 -56.36 -2.71 -14.17
N ALA A 166 -55.70 -3.79 -13.73
CA ALA A 166 -54.29 -3.74 -13.26
C ALA A 166 -53.39 -3.18 -14.33
N VAL A 167 -53.41 -3.83 -15.49
CA VAL A 167 -52.55 -3.39 -16.59
C VAL A 167 -53.06 -2.06 -17.17
N GLU A 168 -54.37 -1.80 -17.07
CA GLU A 168 -54.90 -0.45 -17.34
C GLU A 168 -54.19 0.60 -16.48
N ALA A 169 -54.11 0.33 -15.18
CA ALA A 169 -53.47 1.25 -14.24
C ALA A 169 -51.96 1.35 -14.49
N LEU A 170 -51.31 0.21 -14.69
CA LEU A 170 -49.88 0.18 -15.00
C LEU A 170 -49.56 1.13 -16.15
N SER A 171 -50.32 1.00 -17.24
CA SER A 171 -50.13 1.86 -18.40
C SER A 171 -50.25 3.32 -18.01
N LYS A 172 -51.34 3.65 -17.30
CA LYS A 172 -51.57 5.02 -16.82
C LYS A 172 -50.40 5.55 -15.98
N GLN A 173 -49.76 4.70 -15.19
CA GLN A 173 -48.57 5.12 -14.44
C GLN A 173 -47.42 5.45 -15.40
N LEU A 174 -47.10 4.52 -16.31
CA LEU A 174 -46.08 4.72 -17.35
C LEU A 174 -46.20 6.02 -18.15
N GLY A 175 -47.35 6.68 -18.06
CA GLY A 175 -47.54 8.04 -18.58
C GLY A 175 -48.18 8.11 -19.96
N LYS A 176 -48.82 7.01 -20.37
CA LYS A 176 -49.44 6.88 -21.69
C LYS A 176 -50.96 6.85 -21.52
N TYR A 177 -51.72 7.36 -22.50
CA TYR A 177 -53.13 7.04 -22.55
C TYR A 177 -53.27 5.64 -23.14
N PRO A 178 -53.96 4.72 -22.44
CA PRO A 178 -54.28 3.39 -22.95
C PRO A 178 -55.62 3.27 -23.65
N ILE A 179 -55.61 2.80 -24.89
CA ILE A 179 -56.82 2.38 -25.61
C ILE A 179 -57.12 0.96 -25.16
N THR A 180 -58.40 0.58 -25.07
CA THR A 180 -58.80 -0.83 -24.81
C THR A 180 -59.56 -1.43 -26.02
N VAL A 181 -59.21 -2.66 -26.39
CA VAL A 181 -59.64 -3.20 -27.68
C VAL A 181 -59.86 -4.65 -27.47
N LYS A 182 -61.01 -5.17 -27.92
CA LYS A 182 -61.19 -6.62 -27.94
C LYS A 182 -60.31 -7.17 -29.05
N ASN A 183 -59.65 -8.29 -28.80
CA ASN A 183 -58.80 -8.90 -29.81
C ASN A 183 -59.52 -8.99 -31.16
N SER A 184 -58.95 -8.30 -32.16
CA SER A 184 -59.48 -8.31 -33.54
C SER A 184 -58.36 -8.00 -34.50
N PRO A 185 -58.38 -8.61 -35.69
CA PRO A 185 -57.30 -8.32 -36.61
C PRO A 185 -57.04 -6.80 -36.75
N GLY A 186 -55.78 -6.37 -36.58
CA GLY A 186 -55.41 -4.95 -36.65
C GLY A 186 -55.80 -4.07 -35.44
N PHE A 187 -56.40 -4.66 -34.42
CA PHE A 187 -56.80 -3.89 -33.26
C PHE A 187 -57.50 -2.59 -33.69
N VAL A 188 -57.05 -1.43 -33.25
CA VAL A 188 -57.71 -0.21 -33.62
C VAL A 188 -56.87 0.61 -34.59
N VAL A 189 -55.64 0.92 -34.21
CA VAL A 189 -54.89 1.88 -34.99
C VAL A 189 -54.66 1.31 -36.35
N ASN A 190 -54.03 0.15 -36.40
CA ASN A 190 -53.68 -0.46 -37.69
C ASN A 190 -54.90 -0.78 -38.51
N ARG A 191 -55.98 -1.14 -37.82
CA ARG A 191 -57.22 -1.52 -38.49
C ARG A 191 -57.75 -0.43 -39.38
N ILE A 192 -57.82 0.78 -38.86
CA ILE A 192 -58.22 1.89 -39.71
C ILE A 192 -57.08 2.61 -40.47
N LEU A 193 -55.89 2.72 -39.90
CA LEU A 193 -54.80 3.42 -40.60
C LEU A 193 -54.38 2.65 -41.84
N CYS A 194 -54.10 1.37 -41.72
CA CYS A 194 -53.43 0.68 -42.82
C CYS A 194 -54.24 0.55 -44.09
N PRO A 195 -55.57 0.31 -43.98
CA PRO A 195 -56.35 0.23 -45.23
C PRO A 195 -56.46 1.56 -45.96
N MET A 196 -56.19 2.64 -45.24
CA MET A 196 -56.07 3.94 -45.85
C MET A 196 -54.77 4.03 -46.63
N ILE A 197 -53.65 3.59 -46.04
CA ILE A 197 -52.40 3.64 -46.77
C ILE A 197 -52.63 2.87 -48.09
N ASN A 198 -53.16 1.66 -47.94
CA ASN A 198 -53.55 0.87 -49.09
C ASN A 198 -54.39 1.60 -50.15
N GLU A 199 -55.34 2.40 -49.72
CA GLU A 199 -56.14 3.11 -50.68
C GLU A 199 -55.33 4.14 -51.46
N ALA A 200 -54.28 4.71 -50.85
CA ALA A 200 -53.33 5.60 -51.57
C ALA A 200 -52.60 4.83 -52.64
N PHE A 201 -52.08 3.65 -52.32
CA PHE A 201 -51.49 2.80 -53.36
C PHE A 201 -52.49 2.45 -54.48
N CYS A 202 -53.76 2.21 -54.13
CA CYS A 202 -54.78 1.94 -55.16
C CYS A 202 -54.95 3.13 -56.12
N VAL A 203 -54.94 4.33 -55.53
CA VAL A 203 -55.14 5.57 -56.28
C VAL A 203 -53.97 5.83 -57.22
N LEU A 204 -52.76 5.60 -56.73
CA LEU A 204 -51.52 5.77 -57.49
C LEU A 204 -51.41 4.70 -58.57
N GLY A 205 -51.78 3.48 -58.20
CA GLY A 205 -51.85 2.39 -59.15
C GLY A 205 -52.76 2.71 -60.30
N GLU A 206 -53.83 3.45 -60.03
CA GLU A 206 -54.87 3.66 -61.04
C GLU A 206 -54.49 4.75 -62.04
N GLY A 207 -53.36 5.41 -61.82
CA GLY A 207 -52.99 6.54 -62.67
C GLY A 207 -53.72 7.84 -62.36
N LEU A 208 -54.31 7.97 -61.18
CA LEU A 208 -55.20 9.13 -60.96
C LEU A 208 -54.46 10.40 -60.68
N ALA A 209 -53.29 10.30 -60.04
CA ALA A 209 -52.51 11.46 -59.58
C ALA A 209 -51.06 11.04 -59.24
N SER A 210 -50.14 12.00 -59.16
CA SER A 210 -48.75 11.66 -58.82
C SER A 210 -48.61 11.35 -57.31
N PRO A 211 -47.57 10.56 -56.93
CA PRO A 211 -47.38 10.29 -55.51
C PRO A 211 -47.20 11.58 -54.67
N GLU A 212 -46.36 12.49 -55.11
CA GLU A 212 -46.09 13.71 -54.32
C GLU A 212 -47.37 14.52 -54.11
N GLU A 213 -48.25 14.56 -55.12
CA GLU A 213 -49.56 15.30 -55.04
C GLU A 213 -50.66 14.58 -54.25
N ILE A 214 -50.64 13.25 -54.26
CA ILE A 214 -51.51 12.46 -53.43
C ILE A 214 -51.15 12.79 -51.99
N ASP A 215 -49.85 12.82 -51.72
CA ASP A 215 -49.34 12.98 -50.38
C ASP A 215 -49.63 14.39 -49.93
N GLU A 216 -49.64 15.35 -50.84
CA GLU A 216 -49.80 16.73 -50.42
C GLU A 216 -51.28 17.00 -50.16
N GLY A 217 -52.10 16.50 -51.09
CA GLY A 217 -53.52 16.43 -50.88
C GLY A 217 -53.94 16.06 -49.46
N MET A 218 -53.35 14.99 -48.92
CA MET A 218 -53.72 14.52 -47.59
C MET A 218 -53.11 15.38 -46.48
N LYS A 219 -51.87 15.85 -46.70
CA LYS A 219 -51.15 16.74 -45.78
C LYS A 219 -51.94 18.04 -45.58
N LEU A 220 -52.12 18.78 -46.66
CA LEU A 220 -52.80 20.06 -46.62
C LEU A 220 -54.30 19.94 -46.43
N GLY A 221 -54.88 18.92 -47.05
CA GLY A 221 -56.33 18.71 -47.05
C GLY A 221 -56.90 18.21 -45.74
N CYS A 222 -56.17 17.33 -45.04
CA CYS A 222 -56.64 16.76 -43.77
C CYS A 222 -55.63 17.05 -42.62
N ASN A 223 -54.83 18.09 -42.82
CA ASN A 223 -53.69 18.39 -41.96
C ASN A 223 -53.14 17.15 -41.31
N HIS A 224 -52.69 16.23 -42.15
CA HIS A 224 -51.90 15.11 -41.68
C HIS A 224 -50.42 15.54 -41.71
N PRO A 225 -49.63 15.16 -40.68
CA PRO A 225 -48.19 15.43 -40.67
C PRO A 225 -47.44 14.93 -41.91
N ILE A 226 -47.62 13.65 -42.23
CA ILE A 226 -46.94 12.98 -43.34
C ILE A 226 -48.00 12.34 -44.25
N GLY A 227 -47.78 12.39 -45.55
CA GLY A 227 -48.68 11.78 -46.50
C GLY A 227 -48.53 10.29 -46.37
N PRO A 228 -49.60 9.52 -46.68
CA PRO A 228 -49.58 8.07 -46.49
C PRO A 228 -48.48 7.35 -47.28
N LEU A 229 -48.19 7.81 -48.50
CA LEU A 229 -47.13 7.16 -49.28
C LEU A 229 -45.77 7.36 -48.59
N ALA A 230 -45.41 8.61 -48.33
CA ALA A 230 -44.17 8.88 -47.56
C ALA A 230 -44.14 8.05 -46.26
N LEU A 231 -45.32 7.92 -45.67
CA LEU A 231 -45.48 7.17 -44.46
C LEU A 231 -45.28 5.69 -44.71
N ALA A 232 -45.79 5.20 -45.84
CA ALA A 232 -45.63 3.80 -46.18
C ALA A 232 -44.13 3.48 -46.31
N ASP A 233 -43.43 4.36 -47.00
CA ASP A 233 -41.96 4.28 -47.08
C ASP A 233 -41.28 4.24 -45.70
N MET A 234 -41.75 5.02 -44.72
CA MET A 234 -41.26 4.90 -43.33
C MET A 234 -41.58 3.60 -42.63
N ILE A 235 -42.83 3.16 -42.68
CA ILE A 235 -43.20 1.90 -42.03
C ILE A 235 -42.48 0.68 -42.65
N GLY A 236 -42.36 0.68 -43.98
CA GLY A 236 -41.91 -0.49 -44.75
C GLY A 236 -43.05 -1.01 -45.61
N LEU A 237 -42.85 -1.12 -46.91
CA LEU A 237 -43.93 -1.64 -47.77
C LEU A 237 -44.15 -3.15 -47.53
N ASP A 238 -43.11 -3.88 -47.17
CA ASP A 238 -43.29 -5.29 -46.74
C ASP A 238 -44.03 -5.44 -45.40
N THR A 239 -43.85 -4.47 -44.51
CA THR A 239 -44.59 -4.40 -43.27
C THR A 239 -46.10 -4.08 -43.55
N MET A 240 -46.35 -3.17 -44.50
CA MET A 240 -47.70 -2.81 -44.99
C MET A 240 -48.48 -3.97 -45.66
N LEU A 241 -47.80 -4.67 -46.56
CA LEU A 241 -48.38 -5.79 -47.28
C LEU A 241 -48.79 -6.88 -46.31
N ALA A 242 -47.90 -7.16 -45.38
CA ALA A 242 -48.14 -8.17 -44.39
C ALA A 242 -49.38 -7.86 -43.54
N VAL A 243 -49.54 -6.59 -43.15
CA VAL A 243 -50.70 -6.17 -42.36
C VAL A 243 -51.97 -6.35 -43.17
N MET A 244 -52.00 -5.77 -44.37
CA MET A 244 -53.06 -6.04 -45.29
C MET A 244 -53.31 -7.52 -45.57
N GLU A 245 -52.29 -8.36 -45.56
CA GLU A 245 -52.51 -9.78 -45.82
C GLU A 245 -53.20 -10.36 -44.63
N VAL A 246 -52.87 -9.86 -43.45
CA VAL A 246 -53.48 -10.37 -42.20
C VAL A 246 -54.95 -9.95 -42.17
N LEU A 247 -55.20 -8.73 -42.58
CA LEU A 247 -56.53 -8.21 -42.63
C LEU A 247 -57.37 -9.06 -43.54
N TYR A 248 -56.89 -9.25 -44.76
CA TYR A 248 -57.60 -10.06 -45.77
C TYR A 248 -57.78 -11.52 -45.37
N THR A 249 -56.84 -12.07 -44.62
CA THR A 249 -56.79 -13.49 -44.36
C THR A 249 -57.63 -13.82 -43.13
N GLU A 250 -57.45 -13.00 -42.10
CA GLU A 250 -58.19 -13.16 -40.85
C GLU A 250 -59.69 -12.87 -41.01
N PHE A 251 -60.08 -11.83 -41.77
CA PHE A 251 -61.52 -11.52 -42.03
C PHE A 251 -62.09 -12.29 -43.20
N ALA A 252 -61.21 -12.89 -44.01
CA ALA A 252 -61.62 -13.60 -45.17
C ALA A 252 -62.53 -12.75 -46.04
N ASP A 253 -62.13 -11.49 -46.27
CA ASP A 253 -62.95 -10.50 -47.05
C ASP A 253 -62.08 -9.61 -48.01
N PRO A 254 -62.33 -9.70 -49.33
CA PRO A 254 -61.59 -8.96 -50.27
C PRO A 254 -61.79 -7.49 -50.14
N LYS A 255 -62.52 -7.05 -49.13
CA LYS A 255 -62.57 -5.64 -48.84
C LYS A 255 -61.14 -5.18 -48.61
N TYR A 256 -60.34 -6.03 -47.96
CA TYR A 256 -58.96 -5.72 -47.57
C TYR A 256 -57.88 -6.28 -48.52
N ARG A 257 -58.27 -6.76 -49.70
CA ARG A 257 -57.36 -6.87 -50.86
C ARG A 257 -56.19 -5.92 -50.72
N PRO A 258 -54.96 -6.42 -50.64
CA PRO A 258 -53.82 -5.50 -50.85
C PRO A 258 -53.82 -4.82 -52.23
N ALA A 259 -53.40 -3.56 -52.28
CA ALA A 259 -53.19 -2.84 -53.55
C ALA A 259 -52.17 -3.59 -54.40
N MET A 260 -52.39 -3.64 -55.72
CA MET A 260 -51.55 -4.46 -56.59
C MET A 260 -50.12 -3.89 -56.79
N LEU A 261 -50.03 -2.56 -56.87
CA LEU A 261 -48.77 -1.83 -56.85
C LEU A 261 -48.00 -2.02 -55.57
N MET A 262 -48.68 -2.15 -54.44
CA MET A 262 -47.95 -2.42 -53.20
C MET A 262 -47.33 -3.82 -53.26
N ARG A 263 -48.01 -4.75 -53.94
CA ARG A 263 -47.49 -6.10 -54.13
C ARG A 263 -46.28 -6.11 -55.01
N GLU A 264 -46.31 -5.26 -56.04
CA GLU A 264 -45.30 -5.24 -57.05
C GLU A 264 -44.04 -4.64 -56.50
N MET A 265 -44.18 -3.53 -55.79
CA MET A 265 -43.03 -2.91 -55.20
C MET A 265 -42.33 -3.88 -54.25
N VAL A 266 -43.14 -4.55 -53.42
CA VAL A 266 -42.59 -5.54 -52.52
C VAL A 266 -41.85 -6.67 -53.25
N ALA A 267 -42.45 -7.24 -54.29
CA ALA A 267 -41.77 -8.26 -55.11
C ALA A 267 -40.43 -7.81 -55.71
N ALA A 268 -40.38 -6.54 -56.10
CA ALA A 268 -39.19 -5.96 -56.71
C ALA A 268 -38.11 -5.68 -55.65
N GLY A 269 -38.47 -5.71 -54.37
CA GLY A 269 -37.56 -5.36 -53.29
C GLY A 269 -37.58 -3.88 -52.91
N TYR A 270 -38.38 -3.07 -53.60
CA TYR A 270 -38.50 -1.65 -53.28
C TYR A 270 -39.36 -1.53 -52.01
N LEU A 271 -38.72 -1.60 -50.86
CA LEU A 271 -39.42 -1.70 -49.58
C LEU A 271 -39.46 -0.37 -48.82
N GLY A 272 -38.85 0.67 -49.37
CA GLY A 272 -38.85 1.99 -48.74
C GLY A 272 -37.50 2.48 -48.23
N ARG A 273 -37.58 3.39 -47.27
CA ARG A 273 -36.44 3.91 -46.56
C ARG A 273 -35.38 2.84 -46.16
N LYS A 274 -35.82 1.70 -45.65
CA LYS A 274 -34.93 0.61 -45.26
C LYS A 274 -34.18 -0.11 -46.41
N THR A 275 -34.51 0.22 -47.66
CA THR A 275 -33.76 -0.24 -48.84
C THR A 275 -33.41 0.93 -49.77
N GLY A 276 -33.68 2.18 -49.39
CA GLY A 276 -33.39 3.35 -50.26
C GLY A 276 -34.37 3.67 -51.38
N ARG A 277 -35.20 2.69 -51.74
CA ARG A 277 -36.18 2.87 -52.79
C ARG A 277 -37.51 2.24 -52.36
N GLY A 278 -38.57 3.00 -52.60
CA GLY A 278 -39.93 2.56 -52.38
C GLY A 278 -40.85 3.37 -53.27
N VAL A 279 -41.71 4.17 -52.68
CA VAL A 279 -42.60 4.95 -53.53
C VAL A 279 -41.72 6.04 -54.08
N TYR A 280 -40.95 6.62 -53.18
CA TYR A 280 -39.96 7.60 -53.54
C TYR A 280 -38.56 6.98 -53.45
N VAL A 281 -37.59 7.64 -54.06
CA VAL A 281 -36.19 7.26 -53.97
C VAL A 281 -35.55 8.09 -52.86
N TYR A 282 -34.65 7.47 -52.11
CA TYR A 282 -33.93 8.10 -50.99
C TYR A 282 -32.43 7.90 -51.19
N SER A 283 -31.61 8.55 -50.37
CA SER A 283 -30.15 8.49 -50.53
C SER A 283 -29.53 7.11 -50.17
N LYS A 284 -29.22 6.91 -48.89
CA LYS A 284 -28.29 5.86 -48.39
C LYS A 284 -26.97 6.54 -48.02
N SER B 2 -16.13 18.25 -34.45
CA SER B 2 -15.39 17.07 -34.98
C SER B 2 -14.60 17.45 -36.24
N ILE B 3 -15.18 17.12 -37.39
CA ILE B 3 -14.49 17.15 -38.65
C ILE B 3 -15.41 17.82 -39.65
N ARG B 4 -15.09 19.06 -39.97
CA ARG B 4 -15.80 19.79 -41.00
C ARG B 4 -15.08 19.56 -42.33
N THR B 5 -13.75 19.46 -42.27
CA THR B 5 -12.87 19.42 -43.44
C THR B 5 -12.04 18.12 -43.50
N VAL B 6 -12.00 17.49 -44.68
CA VAL B 6 -11.25 16.25 -44.89
C VAL B 6 -10.29 16.39 -46.06
N GLY B 7 -8.99 16.41 -45.76
CA GLY B 7 -7.95 16.37 -46.79
C GLY B 7 -7.70 14.94 -47.29
N ILE B 8 -7.42 14.82 -48.58
CA ILE B 8 -7.14 13.56 -49.21
C ILE B 8 -5.94 13.71 -50.15
N VAL B 9 -4.76 13.26 -49.74
CA VAL B 9 -3.64 13.21 -50.68
C VAL B 9 -3.81 12.03 -51.64
N GLY B 10 -3.98 12.31 -52.92
CA GLY B 10 -4.24 11.28 -53.95
C GLY B 10 -5.64 11.40 -54.54
N ALA B 11 -5.78 11.07 -55.82
CA ALA B 11 -7.07 11.23 -56.50
C ALA B 11 -7.33 10.29 -57.69
N GLY B 12 -6.83 9.05 -57.63
CA GLY B 12 -7.17 8.02 -58.63
C GLY B 12 -8.43 7.26 -58.21
N THR B 13 -8.65 6.08 -58.79
CA THR B 13 -9.89 5.33 -58.53
C THR B 13 -10.39 5.42 -57.08
N MET B 14 -9.46 5.39 -56.12
CA MET B 14 -9.83 5.35 -54.70
C MET B 14 -9.97 6.76 -54.11
N GLY B 15 -8.92 7.56 -54.20
CA GLY B 15 -8.84 8.86 -53.53
C GLY B 15 -9.95 9.87 -53.81
N ASN B 16 -10.36 9.98 -55.08
CA ASN B 16 -11.51 10.82 -55.47
C ASN B 16 -12.84 10.22 -55.00
N GLY B 17 -12.89 8.89 -54.98
CA GLY B 17 -14.03 8.18 -54.46
C GLY B 17 -14.24 8.48 -52.97
N ILE B 18 -13.16 8.55 -52.22
CA ILE B 18 -13.25 8.96 -50.81
C ILE B 18 -13.77 10.41 -50.74
N ALA B 19 -13.21 11.26 -51.61
CA ALA B 19 -13.66 12.65 -51.78
C ALA B 19 -15.14 12.74 -52.15
N GLN B 20 -15.60 11.92 -53.11
CA GLN B 20 -17.00 11.90 -53.49
C GLN B 20 -17.89 11.54 -52.30
N ALA B 21 -17.48 10.49 -51.58
CA ALA B 21 -18.21 9.93 -50.44
C ALA B 21 -18.31 10.91 -49.31
N CYS B 22 -17.24 11.68 -49.11
CA CYS B 22 -17.19 12.78 -48.13
C CYS B 22 -18.14 13.92 -48.48
N ALA B 23 -18.07 14.32 -49.75
CA ALA B 23 -18.80 15.46 -50.28
C ALA B 23 -20.31 15.27 -50.14
N VAL B 24 -20.84 14.19 -50.72
CA VAL B 24 -22.30 13.91 -50.72
C VAL B 24 -22.98 14.10 -49.35
N VAL B 25 -22.23 14.02 -48.25
CA VAL B 25 -22.81 14.29 -46.93
C VAL B 25 -22.42 15.66 -46.32
N GLY B 26 -21.87 16.55 -47.15
CA GLY B 26 -21.48 17.90 -46.73
C GLY B 26 -20.21 18.06 -45.88
N LEU B 27 -19.15 17.35 -46.26
CA LEU B 27 -17.83 17.54 -45.65
C LEU B 27 -16.89 18.15 -46.67
N ASN B 28 -16.04 19.05 -46.18
CA ASN B 28 -15.16 19.81 -47.05
C ASN B 28 -14.02 18.93 -47.52
N VAL B 29 -13.82 18.92 -48.84
CA VAL B 29 -12.79 18.11 -49.46
C VAL B 29 -11.69 19.02 -50.01
N VAL B 30 -10.48 18.83 -49.49
CA VAL B 30 -9.28 19.40 -50.09
C VAL B 30 -8.52 18.22 -50.72
N MET B 31 -8.83 17.91 -51.98
CA MET B 31 -8.26 16.74 -52.68
C MET B 31 -7.00 17.10 -53.47
N VAL B 32 -5.84 16.95 -52.83
CA VAL B 32 -4.52 17.24 -53.42
C VAL B 32 -4.12 16.24 -54.53
N ASP B 33 -3.21 16.64 -55.40
CA ASP B 33 -2.48 15.71 -56.27
C ASP B 33 -1.21 16.36 -56.82
N ILE B 34 -0.42 15.61 -57.60
CA ILE B 34 0.83 16.13 -58.17
C ILE B 34 0.57 17.21 -59.22
N SER B 35 -0.39 16.96 -60.10
CA SER B 35 -0.54 17.74 -61.33
C SER B 35 -1.89 18.48 -61.41
N ASP B 36 -2.22 18.95 -62.61
CA ASP B 36 -3.57 19.41 -62.94
C ASP B 36 -4.33 18.27 -63.63
N ALA B 37 -3.75 17.70 -64.68
CA ALA B 37 -4.38 16.59 -65.42
C ALA B 37 -5.07 15.64 -64.47
N ALA B 38 -4.38 15.28 -63.39
CA ALA B 38 -4.92 14.37 -62.38
C ALA B 38 -6.15 14.95 -61.66
N VAL B 39 -5.99 16.15 -61.12
CA VAL B 39 -7.04 16.79 -60.32
C VAL B 39 -8.35 16.95 -61.08
N GLN B 40 -8.29 17.37 -62.35
CA GLN B 40 -9.52 17.54 -63.15
C GLN B 40 -10.19 16.20 -63.51
N LYS B 41 -9.39 15.16 -63.77
CA LYS B 41 -9.93 13.87 -64.16
C LYS B 41 -10.46 13.09 -62.95
N GLY B 42 -9.83 13.28 -61.81
CA GLY B 42 -10.35 12.77 -60.54
C GLY B 42 -11.69 13.42 -60.25
N VAL B 43 -11.72 14.76 -60.33
CA VAL B 43 -12.96 15.54 -60.23
C VAL B 43 -13.95 15.12 -61.31
N ALA B 44 -13.45 14.78 -62.49
CA ALA B 44 -14.32 14.34 -63.57
C ALA B 44 -14.92 12.99 -63.31
N THR B 45 -14.17 12.11 -62.66
CA THR B 45 -14.67 10.76 -62.43
C THR B 45 -15.77 10.79 -61.38
N VAL B 46 -15.63 11.74 -60.44
CA VAL B 46 -16.65 12.05 -59.42
C VAL B 46 -17.97 12.40 -60.09
N ALA B 47 -17.90 13.24 -61.14
CA ALA B 47 -19.08 13.61 -61.90
C ALA B 47 -19.70 12.38 -62.54
N SER B 48 -18.91 11.65 -63.35
CA SER B 48 -19.41 10.46 -64.05
C SER B 48 -20.37 9.70 -63.13
N SER B 49 -19.90 9.46 -61.91
CA SER B 49 -20.65 8.70 -60.91
C SER B 49 -21.88 9.48 -60.44
N LEU B 50 -21.63 10.63 -59.80
CA LEU B 50 -22.69 11.52 -59.40
C LEU B 50 -23.77 11.64 -60.45
N ASP B 51 -23.39 11.69 -61.74
CA ASP B 51 -24.37 11.74 -62.85
C ASP B 51 -25.15 10.44 -63.00
N ARG B 52 -24.48 9.29 -62.92
CA ARG B 52 -25.20 8.00 -62.92
C ARG B 52 -26.11 7.80 -61.69
N LEU B 53 -25.76 8.47 -60.59
CA LEU B 53 -26.61 8.51 -59.39
C LEU B 53 -27.91 9.31 -59.63
N ILE B 54 -27.82 10.43 -60.33
CA ILE B 54 -29.01 11.25 -60.68
C ILE B 54 -29.94 10.57 -61.69
N LYS B 55 -29.39 9.70 -62.55
CA LYS B 55 -30.21 8.87 -63.42
C LYS B 55 -31.17 7.97 -62.61
N LYS B 56 -30.62 7.06 -61.80
CA LYS B 56 -31.45 6.18 -60.94
C LYS B 56 -32.09 6.93 -59.77
N GLU B 57 -31.90 8.24 -59.75
CA GLU B 57 -32.71 9.19 -59.00
C GLU B 57 -32.34 9.23 -57.53
N LYS B 58 -31.13 8.77 -57.20
CA LYS B 58 -30.61 8.89 -55.84
C LYS B 58 -30.18 10.32 -55.48
N LEU B 59 -30.29 11.25 -56.43
CA LEU B 59 -29.81 12.62 -56.26
C LEU B 59 -30.48 13.58 -57.29
N THR B 60 -30.48 14.89 -56.98
CA THR B 60 -30.86 15.98 -57.93
C THR B 60 -29.62 16.60 -58.60
N GLU B 61 -29.85 17.50 -59.57
CA GLU B 61 -28.75 18.24 -60.21
C GLU B 61 -28.14 19.32 -59.30
N ALA B 62 -28.96 19.88 -58.39
CA ALA B 62 -28.51 20.87 -57.38
C ALA B 62 -27.83 20.25 -56.15
N ASP B 63 -28.01 18.93 -55.97
CA ASP B 63 -27.27 18.17 -54.97
C ASP B 63 -25.85 17.94 -55.49
N LYS B 64 -25.77 17.41 -56.71
CA LYS B 64 -24.49 17.17 -57.38
C LYS B 64 -23.58 18.39 -57.29
N ALA B 65 -24.17 19.54 -57.60
CA ALA B 65 -23.47 20.80 -57.55
C ALA B 65 -23.01 21.14 -56.13
N SER B 66 -23.91 20.95 -55.15
CA SER B 66 -23.58 21.20 -53.72
C SER B 66 -22.39 20.38 -53.23
N ALA B 67 -22.26 19.14 -53.72
CA ALA B 67 -21.12 18.26 -53.41
C ALA B 67 -19.84 18.65 -54.17
N LEU B 68 -19.97 18.98 -55.46
CA LEU B 68 -18.86 19.49 -56.25
C LEU B 68 -18.38 20.85 -55.74
N ALA B 69 -19.30 21.68 -55.28
CA ALA B 69 -18.94 22.92 -54.59
C ALA B 69 -17.95 22.62 -53.48
N ARG B 70 -18.25 21.60 -52.68
CA ARG B 70 -17.40 21.19 -51.56
C ARG B 70 -15.97 20.82 -51.99
N ILE B 71 -15.83 20.17 -53.15
CA ILE B 71 -14.53 19.61 -53.56
C ILE B 71 -13.53 20.69 -54.00
N LYS B 72 -12.68 21.09 -53.07
CA LYS B 72 -11.61 22.01 -53.37
C LYS B 72 -10.37 21.21 -53.80
N GLY B 73 -10.32 20.86 -55.08
CA GLY B 73 -9.12 20.23 -55.63
C GLY B 73 -7.90 21.13 -55.47
N SER B 74 -6.70 20.60 -55.68
CA SER B 74 -5.47 21.35 -55.44
C SER B 74 -4.25 20.55 -55.93
N THR B 75 -3.10 21.19 -55.87
CA THR B 75 -1.84 20.50 -56.03
C THR B 75 -0.74 21.08 -55.13
N SER B 76 -1.15 21.86 -54.12
CA SER B 76 -0.25 22.51 -53.20
C SER B 76 -0.45 21.91 -51.80
N TYR B 77 0.55 21.18 -51.32
CA TYR B 77 0.47 20.48 -50.02
C TYR B 77 0.25 21.38 -48.81
N ASP B 78 0.52 22.69 -48.93
CA ASP B 78 0.28 23.61 -47.83
C ASP B 78 -1.22 23.89 -47.64
N ASP B 79 -2.03 23.65 -48.68
CA ASP B 79 -3.50 23.76 -48.58
C ASP B 79 -4.06 22.93 -47.44
N LEU B 80 -3.60 21.69 -47.36
CA LEU B 80 -4.04 20.77 -46.32
C LEU B 80 -4.12 21.48 -44.98
N LYS B 81 -3.19 22.38 -44.71
CA LYS B 81 -3.10 23.08 -43.41
C LYS B 81 -4.42 23.54 -42.80
N ALA B 82 -5.47 23.69 -43.61
CA ALA B 82 -6.80 24.03 -43.12
C ALA B 82 -7.78 22.84 -43.01
N THR B 83 -7.27 21.60 -42.97
CA THR B 83 -8.13 20.39 -42.87
C THR B 83 -8.12 19.81 -41.45
N ASP B 84 -9.14 19.00 -41.14
CA ASP B 84 -9.25 18.35 -39.83
C ASP B 84 -8.60 16.97 -39.81
N ILE B 85 -8.46 16.36 -40.98
CA ILE B 85 -7.83 15.03 -41.12
C ILE B 85 -7.39 14.79 -42.57
N VAL B 86 -6.18 14.27 -42.73
CA VAL B 86 -5.69 13.87 -44.05
C VAL B 86 -5.71 12.35 -44.17
N ILE B 87 -6.16 11.91 -45.34
CA ILE B 87 -6.24 10.51 -45.67
C ILE B 87 -5.38 10.35 -46.90
N GLU B 88 -4.21 9.74 -46.74
CA GLU B 88 -3.37 9.41 -47.88
C GLU B 88 -4.04 8.26 -48.65
N ALA B 89 -4.14 8.38 -49.96
CA ALA B 89 -4.59 7.28 -50.81
C ALA B 89 -3.99 7.43 -52.19
N ALA B 90 -2.68 7.61 -52.23
CA ALA B 90 -1.95 7.78 -53.47
C ALA B 90 -1.44 6.44 -54.00
N THR B 91 -0.53 5.83 -53.24
CA THR B 91 0.27 4.74 -53.76
C THR B 91 0.32 3.58 -52.75
N GLU B 92 0.57 2.36 -53.26
CA GLU B 92 0.77 1.18 -52.41
C GLU B 92 2.24 0.73 -52.32
N ASN B 93 3.16 1.62 -52.72
CA ASN B 93 4.62 1.45 -52.56
C ASN B 93 5.07 2.01 -51.22
N TYR B 94 5.67 1.17 -50.38
CA TYR B 94 6.10 1.60 -49.05
C TYR B 94 6.94 2.88 -49.08
N ASP B 95 8.13 2.82 -49.71
CA ASP B 95 9.12 3.92 -49.61
C ASP B 95 8.52 5.30 -49.95
N LEU B 96 7.70 5.35 -51.02
CA LEU B 96 6.94 6.58 -51.41
C LEU B 96 5.84 6.90 -50.38
N LYS B 97 4.96 5.94 -50.15
CA LYS B 97 3.96 6.05 -49.10
C LYS B 97 4.56 6.73 -47.87
N VAL B 98 5.76 6.32 -47.47
CA VAL B 98 6.38 6.93 -46.28
C VAL B 98 6.83 8.37 -46.55
N LYS B 99 7.30 8.64 -47.78
CA LYS B 99 7.61 10.00 -48.21
C LYS B 99 6.40 10.90 -47.99
N ILE B 100 5.35 10.66 -48.77
CA ILE B 100 4.07 11.38 -48.68
C ILE B 100 3.67 11.72 -47.24
N LEU B 101 3.74 10.73 -46.37
CA LEU B 101 3.24 10.86 -45.02
C LEU B 101 4.10 11.81 -44.20
N LYS B 102 5.39 11.88 -44.52
CA LYS B 102 6.32 12.79 -43.84
C LYS B 102 6.08 14.25 -44.25
N GLN B 103 5.91 14.51 -45.55
CA GLN B 103 5.50 15.85 -46.06
C GLN B 103 4.29 16.38 -45.30
N ILE B 104 3.25 15.56 -45.24
CA ILE B 104 2.00 15.91 -44.56
C ILE B 104 2.18 16.09 -43.06
N ASP B 105 3.07 15.32 -42.44
CA ASP B 105 3.28 15.34 -40.99
C ASP B 105 3.76 16.71 -40.49
N GLY B 106 4.88 17.20 -41.02
CA GLY B 106 5.40 18.51 -40.64
C GLY B 106 4.47 19.66 -41.03
N ILE B 107 3.78 19.48 -42.16
CA ILE B 107 2.90 20.49 -42.74
C ILE B 107 1.59 20.73 -41.97
N VAL B 108 1.26 19.88 -40.99
CA VAL B 108 -0.05 19.94 -40.34
C VAL B 108 0.05 19.74 -38.83
N GLY B 109 -0.89 20.34 -38.10
CA GLY B 109 -0.84 20.40 -36.65
C GLY B 109 -0.91 19.11 -35.88
N GLU B 110 -0.10 19.04 -34.83
CA GLU B 110 -0.12 18.02 -33.76
C GLU B 110 -1.46 17.31 -33.47
N ASN B 111 -2.57 18.02 -33.60
CA ASN B 111 -3.91 17.45 -33.34
C ASN B 111 -4.58 16.73 -34.52
N VAL B 112 -4.15 17.03 -35.74
CA VAL B 112 -4.84 16.51 -36.91
C VAL B 112 -4.56 15.02 -37.10
N ILE B 113 -5.64 14.25 -37.23
CA ILE B 113 -5.56 12.83 -37.47
C ILE B 113 -5.06 12.55 -38.90
N ILE B 114 -4.01 11.73 -38.99
CA ILE B 114 -3.48 11.29 -40.27
C ILE B 114 -3.97 9.87 -40.50
N ALA B 115 -4.52 9.61 -41.68
CA ALA B 115 -4.91 8.26 -42.03
C ALA B 115 -4.23 7.82 -43.29
N SER B 116 -4.42 6.54 -43.62
CA SER B 116 -3.79 5.93 -44.78
C SER B 116 -4.63 4.76 -45.27
N ASN B 117 -4.96 4.75 -46.55
CA ASN B 117 -5.66 3.63 -47.18
C ASN B 117 -4.69 2.58 -47.74
N THR B 118 -5.01 1.30 -47.59
CA THR B 118 -4.09 0.24 -47.97
C THR B 118 -4.74 -1.13 -47.80
N SER B 119 -4.21 -2.10 -48.54
CA SER B 119 -4.78 -3.46 -48.56
C SER B 119 -3.99 -4.40 -47.61
N SER B 120 -2.66 -4.26 -47.68
CA SER B 120 -1.73 -4.97 -46.80
C SER B 120 -0.37 -4.24 -46.68
N ILE B 121 -0.32 -3.26 -45.77
CA ILE B 121 0.91 -2.64 -45.29
C ILE B 121 0.71 -2.38 -43.79
N SER B 122 1.75 -2.61 -43.00
CA SER B 122 1.66 -2.46 -41.54
C SER B 122 1.24 -1.04 -41.13
N ILE B 123 0.03 -0.88 -40.61
CA ILE B 123 -0.37 0.39 -39.98
C ILE B 123 0.58 0.85 -38.85
N THR B 124 1.05 -0.06 -38.02
CA THR B 124 2.08 0.24 -37.02
C THR B 124 3.41 0.74 -37.60
N LYS B 125 3.85 0.21 -38.73
CA LYS B 125 5.10 0.70 -39.35
C LYS B 125 4.89 2.12 -39.87
N LEU B 126 3.75 2.36 -40.50
CA LEU B 126 3.45 3.67 -41.05
C LEU B 126 3.31 4.71 -39.93
N ALA B 127 2.41 4.46 -38.99
CA ALA B 127 2.33 5.29 -37.81
C ALA B 127 3.69 5.70 -37.28
N ALA B 128 4.68 4.81 -37.39
CA ALA B 128 5.99 5.10 -36.82
C ALA B 128 6.79 6.18 -37.58
N VAL B 129 6.42 6.50 -38.81
CA VAL B 129 7.12 7.53 -39.56
C VAL B 129 6.50 8.92 -39.33
N THR B 130 5.38 8.96 -38.62
CA THR B 130 4.78 10.23 -38.21
C THR B 130 5.18 10.51 -36.76
N SER B 131 4.99 11.76 -36.34
CA SER B 131 5.52 12.27 -35.06
C SER B 131 4.55 12.13 -33.88
N ARG B 132 3.26 12.16 -34.15
CA ARG B 132 2.27 11.61 -33.22
C ARG B 132 1.73 10.34 -33.93
N ALA B 133 2.37 9.22 -33.59
CA ALA B 133 1.96 7.91 -34.05
C ALA B 133 0.54 7.66 -33.55
N ASP B 134 0.26 8.10 -32.32
CA ASP B 134 -1.09 7.98 -31.73
C ASP B 134 -2.17 8.80 -32.46
N ARG B 135 -1.76 9.73 -33.31
CA ARG B 135 -2.73 10.41 -34.18
C ARG B 135 -2.82 9.75 -35.56
N PHE B 136 -2.27 8.53 -35.70
CA PHE B 136 -2.30 7.79 -36.96
C PHE B 136 -3.30 6.64 -36.92
N ILE B 137 -3.87 6.33 -38.05
CA ILE B 137 -4.78 5.19 -38.14
C ILE B 137 -4.94 4.74 -39.58
N GLY B 138 -5.31 3.48 -39.76
CA GLY B 138 -5.51 2.91 -41.08
C GLY B 138 -6.94 3.04 -41.56
N MET B 139 -7.13 2.86 -42.86
CA MET B 139 -8.47 2.94 -43.46
C MET B 139 -8.54 2.18 -44.77
N HIS B 140 -9.16 1.00 -44.73
CA HIS B 140 -9.29 0.18 -45.93
C HIS B 140 -10.56 0.52 -46.69
N PHE B 141 -10.40 0.88 -47.96
CA PHE B 141 -11.53 1.23 -48.82
C PHE B 141 -11.61 0.33 -50.04
N PHE B 142 -12.73 -0.37 -50.19
CA PHE B 142 -12.92 -1.28 -51.31
C PHE B 142 -12.93 -0.50 -52.64
N ASN B 143 -12.95 -1.25 -53.74
CA ASN B 143 -12.95 -0.65 -55.06
C ASN B 143 -13.91 0.54 -55.16
N PRO B 144 -15.24 0.26 -54.79
CA PRO B 144 -16.12 1.42 -54.91
C PRO B 144 -16.38 2.09 -53.55
N VAL B 145 -15.55 3.06 -53.20
CA VAL B 145 -15.68 3.77 -51.92
C VAL B 145 -17.03 4.47 -51.83
N PRO B 146 -17.65 4.76 -53.06
CA PRO B 146 -18.94 5.44 -52.91
C PRO B 146 -20.11 4.48 -53.08
N VAL B 147 -19.82 3.24 -53.45
CA VAL B 147 -20.86 2.23 -53.64
C VAL B 147 -20.83 1.20 -52.52
N MET B 148 -19.64 0.83 -52.08
CA MET B 148 -19.48 -0.15 -51.00
C MET B 148 -19.85 0.46 -49.65
N ALA B 149 -20.32 -0.39 -48.74
CA ALA B 149 -20.71 0.07 -47.41
C ALA B 149 -19.60 -0.03 -46.35
N LEU B 150 -18.47 -0.66 -46.69
CA LEU B 150 -17.53 -1.16 -45.68
C LEU B 150 -16.31 -0.26 -45.54
N VAL B 151 -15.73 -0.27 -44.34
CA VAL B 151 -14.39 0.31 -44.17
C VAL B 151 -13.60 -0.38 -43.05
N GLU B 152 -12.48 -1.00 -43.38
CA GLU B 152 -11.64 -1.54 -42.33
C GLU B 152 -10.91 -0.37 -41.68
N LEU B 153 -11.15 -0.21 -40.39
CA LEU B 153 -10.33 0.68 -39.59
C LEU B 153 -9.23 -0.16 -38.97
N ILE B 154 -7.98 0.21 -39.16
CA ILE B 154 -6.90 -0.64 -38.73
C ILE B 154 -6.00 0.06 -37.73
N ARG B 155 -6.07 -0.35 -36.46
CA ARG B 155 -5.34 0.30 -35.36
C ARG B 155 -3.92 -0.19 -35.25
N GLY B 156 -3.00 0.73 -35.47
CA GLY B 156 -1.62 0.50 -35.14
C GLY B 156 -1.59 0.28 -33.66
N LEU B 157 -0.47 -0.24 -33.20
CA LEU B 157 -0.23 -0.33 -31.79
C LEU B 157 -0.39 1.08 -31.18
N GLN B 158 0.12 2.09 -31.88
CA GLN B 158 0.18 3.46 -31.36
C GLN B 158 -1.16 4.20 -31.48
N THR B 159 -2.00 3.82 -32.43
CA THR B 159 -3.26 4.51 -32.62
C THR B 159 -3.99 4.76 -31.31
N SER B 160 -4.01 6.03 -30.90
CA SER B 160 -4.75 6.47 -29.70
C SER B 160 -6.22 6.10 -29.79
N ASP B 161 -6.88 6.16 -28.63
CA ASP B 161 -8.28 5.78 -28.51
C ASP B 161 -9.21 6.88 -29.03
N THR B 162 -8.80 8.15 -28.89
CA THR B 162 -9.51 9.29 -29.47
C THR B 162 -9.53 9.24 -31.00
N THR B 163 -8.35 9.03 -31.59
CA THR B 163 -8.17 8.90 -33.04
C THR B 163 -9.17 7.90 -33.65
N HIS B 164 -9.35 6.79 -32.94
CA HIS B 164 -10.21 5.71 -33.41
C HIS B 164 -11.67 6.12 -33.35
N ALA B 165 -12.10 6.67 -32.21
CA ALA B 165 -13.48 7.17 -32.03
C ALA B 165 -13.90 8.23 -33.05
N ALA B 166 -13.00 9.16 -33.34
CA ALA B 166 -13.22 10.21 -34.34
C ALA B 166 -13.48 9.56 -35.70
N VAL B 167 -12.50 8.80 -36.17
CA VAL B 167 -12.56 8.16 -37.47
C VAL B 167 -13.74 7.24 -37.55
N GLU B 168 -13.97 6.44 -36.51
CA GLU B 168 -15.13 5.57 -36.51
C GLU B 168 -16.40 6.35 -36.80
N ALA B 169 -16.54 7.48 -36.10
CA ALA B 169 -17.72 8.32 -36.24
C ALA B 169 -17.77 8.91 -37.64
N LEU B 170 -16.64 9.46 -38.11
CA LEU B 170 -16.53 9.95 -39.49
C LEU B 170 -16.96 8.91 -40.52
N SER B 171 -16.51 7.67 -40.35
CA SER B 171 -16.88 6.55 -41.23
C SER B 171 -18.38 6.38 -41.34
N LYS B 172 -19.08 6.44 -40.21
CA LYS B 172 -20.55 6.37 -40.18
C LYS B 172 -21.17 7.54 -40.92
N GLN B 173 -20.62 8.75 -40.70
CA GLN B 173 -21.08 9.94 -41.41
C GLN B 173 -21.25 9.67 -42.92
N LEU B 174 -20.27 9.02 -43.54
CA LEU B 174 -20.30 8.75 -44.99
C LEU B 174 -21.31 7.62 -45.36
N GLY B 175 -22.03 7.12 -44.36
CA GLY B 175 -22.96 6.01 -44.55
C GLY B 175 -22.20 4.73 -44.78
N LYS B 176 -21.12 4.53 -44.02
CA LYS B 176 -20.36 3.28 -44.09
C LYS B 176 -20.49 2.43 -42.83
N TYR B 177 -20.04 1.18 -42.93
CA TYR B 177 -20.06 0.24 -41.85
C TYR B 177 -18.61 -0.03 -41.45
N PRO B 178 -18.17 0.53 -40.32
CA PRO B 178 -16.79 0.31 -39.91
C PRO B 178 -16.55 -1.00 -39.15
N ILE B 179 -15.38 -1.58 -39.44
CA ILE B 179 -14.93 -2.83 -38.88
C ILE B 179 -13.66 -2.41 -38.19
N THR B 180 -13.49 -2.73 -36.91
CA THR B 180 -12.28 -2.34 -36.23
C THR B 180 -11.38 -3.56 -36.14
N VAL B 181 -10.13 -3.40 -36.59
CA VAL B 181 -9.16 -4.47 -36.72
C VAL B 181 -7.85 -4.04 -36.08
N LYS B 182 -7.21 -4.92 -35.31
CA LYS B 182 -5.85 -4.69 -34.88
C LYS B 182 -4.97 -4.97 -36.09
N ASN B 183 -4.06 -4.05 -36.39
CA ASN B 183 -3.09 -4.25 -37.43
C ASN B 183 -2.64 -5.67 -37.40
N SER B 184 -2.65 -6.30 -38.55
CA SER B 184 -2.20 -7.68 -38.72
C SER B 184 -2.25 -7.94 -40.21
N PRO B 185 -1.38 -8.82 -40.74
CA PRO B 185 -1.37 -9.06 -42.19
C PRO B 185 -2.71 -9.53 -42.77
N GLY B 186 -3.24 -8.77 -43.74
CA GLY B 186 -4.52 -9.09 -44.38
C GLY B 186 -5.71 -8.55 -43.60
N PHE B 187 -5.42 -7.92 -42.47
CA PHE B 187 -6.43 -7.36 -41.60
C PHE B 187 -7.49 -8.43 -41.40
N VAL B 188 -8.69 -8.23 -41.92
CA VAL B 188 -9.78 -9.17 -41.74
C VAL B 188 -10.26 -9.69 -43.08
N VAL B 189 -10.67 -8.81 -43.98
CA VAL B 189 -11.26 -9.26 -45.25
C VAL B 189 -10.32 -10.07 -46.10
N ASN B 190 -9.15 -9.52 -46.41
CA ASN B 190 -8.22 -10.22 -47.30
C ASN B 190 -7.59 -11.42 -46.63
N ARG B 191 -7.32 -11.35 -45.32
CA ARG B 191 -6.78 -12.48 -44.61
C ARG B 191 -7.63 -13.75 -44.83
N ILE B 192 -8.95 -13.59 -44.83
CA ILE B 192 -9.85 -14.72 -44.94
C ILE B 192 -10.15 -15.05 -46.41
N LEU B 193 -10.34 -14.01 -47.21
CA LEU B 193 -10.72 -14.19 -48.61
C LEU B 193 -9.65 -14.83 -49.50
N CYS B 194 -8.46 -14.22 -49.48
CA CYS B 194 -7.43 -14.48 -50.44
C CYS B 194 -6.90 -15.91 -50.28
N PRO B 195 -6.72 -16.37 -49.03
CA PRO B 195 -6.36 -17.79 -48.90
C PRO B 195 -7.42 -18.76 -49.44
N MET B 196 -8.69 -18.39 -49.39
CA MET B 196 -9.70 -19.19 -49.99
C MET B 196 -9.52 -19.25 -51.51
N ILE B 197 -9.31 -18.08 -52.15
CA ILE B 197 -8.98 -18.01 -53.59
C ILE B 197 -7.70 -18.81 -53.88
N ASN B 198 -6.74 -18.71 -52.99
CA ASN B 198 -5.51 -19.46 -53.18
C ASN B 198 -5.79 -20.97 -53.19
N GLU B 199 -6.66 -21.40 -52.28
CA GLU B 199 -7.03 -22.80 -52.18
C GLU B 199 -7.73 -23.30 -53.45
N ALA B 200 -8.52 -22.45 -54.12
CA ALA B 200 -9.15 -22.83 -55.38
C ALA B 200 -8.12 -23.09 -56.45
N PHE B 201 -7.04 -22.26 -56.47
CA PHE B 201 -5.91 -22.42 -57.40
C PHE B 201 -5.15 -23.71 -57.13
N CYS B 202 -4.97 -24.05 -55.85
CA CYS B 202 -4.43 -25.36 -55.46
C CYS B 202 -5.26 -26.53 -56.04
N VAL B 203 -6.58 -26.40 -55.93
CA VAL B 203 -7.51 -27.44 -56.39
C VAL B 203 -7.47 -27.55 -57.89
N LEU B 204 -7.51 -26.40 -58.56
CA LEU B 204 -7.36 -26.40 -60.01
C LEU B 204 -6.02 -27.03 -60.43
N GLY B 205 -4.95 -26.76 -59.69
CA GLY B 205 -3.64 -27.22 -60.11
C GLY B 205 -3.43 -28.69 -59.86
N GLU B 206 -4.05 -29.23 -58.83
CA GLU B 206 -4.11 -30.70 -58.65
C GLU B 206 -5.08 -31.43 -59.63
N GLY B 207 -5.85 -30.66 -60.38
CA GLY B 207 -6.68 -31.22 -61.43
C GLY B 207 -7.91 -31.92 -60.89
N LEU B 208 -8.43 -31.49 -59.75
CA LEU B 208 -9.63 -32.14 -59.24
C LEU B 208 -10.54 -32.17 -60.47
N ALA B 209 -10.81 -31.02 -61.06
CA ALA B 209 -11.99 -30.42 -61.66
C ALA B 209 -11.62 -29.25 -62.56
N SER B 210 -12.43 -29.00 -63.57
CA SER B 210 -12.24 -27.86 -64.43
C SER B 210 -12.48 -26.59 -63.63
N PRO B 211 -11.93 -25.46 -64.09
CA PRO B 211 -12.15 -24.20 -63.41
C PRO B 211 -13.62 -23.84 -63.33
N GLU B 212 -14.31 -24.03 -64.45
CA GLU B 212 -15.74 -23.79 -64.53
C GLU B 212 -16.45 -24.57 -63.40
N GLU B 213 -16.17 -25.88 -63.31
CA GLU B 213 -16.71 -26.68 -62.24
C GLU B 213 -16.31 -26.15 -60.89
N ILE B 214 -15.11 -25.60 -60.77
CA ILE B 214 -14.69 -25.06 -59.46
C ILE B 214 -15.47 -23.79 -59.11
N ASP B 215 -15.71 -22.91 -60.08
CA ASP B 215 -16.44 -21.65 -59.82
C ASP B 215 -17.94 -21.90 -59.65
N GLU B 216 -18.51 -22.77 -60.48
CA GLU B 216 -19.93 -23.15 -60.34
C GLU B 216 -20.11 -23.85 -58.99
N GLY B 217 -19.14 -24.69 -58.64
CA GLY B 217 -19.20 -25.37 -57.38
C GLY B 217 -19.57 -24.35 -56.32
N MET B 218 -18.88 -23.22 -56.30
CA MET B 218 -19.00 -22.32 -55.17
C MET B 218 -20.24 -21.49 -55.20
N LYS B 219 -20.67 -21.15 -56.40
CA LYS B 219 -21.87 -20.35 -56.57
C LYS B 219 -23.13 -21.17 -56.18
N LEU B 220 -23.33 -22.30 -56.86
CA LEU B 220 -24.49 -23.15 -56.65
C LEU B 220 -24.48 -23.98 -55.35
N GLY B 221 -23.35 -23.98 -54.64
CA GLY B 221 -23.13 -24.84 -53.48
C GLY B 221 -22.95 -24.08 -52.19
N CYS B 222 -22.67 -22.79 -52.28
CA CYS B 222 -22.59 -21.93 -51.09
C CYS B 222 -23.15 -20.51 -51.38
N ASN B 223 -23.92 -20.36 -52.45
CA ASN B 223 -24.52 -19.07 -52.86
C ASN B 223 -23.53 -17.92 -52.99
N HIS B 224 -22.30 -18.23 -53.43
CA HIS B 224 -21.30 -17.18 -53.68
C HIS B 224 -21.66 -16.41 -54.94
N PRO B 225 -21.63 -15.08 -54.88
CA PRO B 225 -22.01 -14.30 -56.06
C PRO B 225 -21.11 -14.54 -57.25
N ILE B 226 -19.84 -14.85 -57.01
CA ILE B 226 -18.90 -15.11 -58.12
C ILE B 226 -17.84 -16.10 -57.70
N GLY B 227 -17.48 -17.01 -58.60
CA GLY B 227 -16.46 -18.00 -58.27
C GLY B 227 -15.08 -17.41 -58.02
N PRO B 228 -14.30 -18.01 -57.09
CA PRO B 228 -12.96 -17.50 -56.71
C PRO B 228 -11.97 -17.36 -57.87
N LEU B 229 -12.04 -18.22 -58.87
CA LEU B 229 -11.19 -18.07 -60.03
C LEU B 229 -11.55 -16.85 -60.87
N ALA B 230 -12.82 -16.64 -61.17
CA ALA B 230 -13.21 -15.47 -61.98
C ALA B 230 -12.95 -14.23 -61.15
N LEU B 231 -13.26 -14.32 -59.87
CA LEU B 231 -13.05 -13.25 -58.95
C LEU B 231 -11.62 -12.86 -58.98
N ALA B 232 -10.75 -13.85 -59.00
CA ALA B 232 -9.31 -13.60 -59.02
C ALA B 232 -8.94 -12.94 -60.35
N ASP B 233 -9.47 -13.46 -61.45
CA ASP B 233 -9.27 -12.81 -62.75
C ASP B 233 -9.64 -11.31 -62.75
N MET B 234 -10.56 -10.92 -61.87
CA MET B 234 -10.97 -9.54 -61.73
C MET B 234 -10.07 -8.75 -60.81
N ILE B 235 -9.60 -9.38 -59.74
CA ILE B 235 -8.75 -8.71 -58.78
C ILE B 235 -7.36 -8.45 -59.41
N GLY B 236 -6.94 -9.37 -60.29
CA GLY B 236 -5.61 -9.36 -60.85
C GLY B 236 -4.89 -10.54 -60.24
N LEU B 237 -4.42 -11.49 -61.03
CA LEU B 237 -3.63 -12.56 -60.44
C LEU B 237 -2.28 -12.05 -59.88
N ASP B 238 -1.74 -10.95 -60.41
CA ASP B 238 -0.49 -10.40 -59.83
C ASP B 238 -0.77 -9.85 -58.42
N THR B 239 -1.93 -9.21 -58.27
CA THR B 239 -2.36 -8.73 -56.97
C THR B 239 -2.62 -9.84 -55.93
N MET B 240 -3.17 -10.96 -56.38
CA MET B 240 -3.48 -12.06 -55.47
C MET B 240 -2.18 -12.60 -54.99
N LEU B 241 -1.29 -12.87 -55.94
CA LEU B 241 0.03 -13.43 -55.59
C LEU B 241 0.70 -12.51 -54.58
N ALA B 242 0.72 -11.22 -54.89
CA ALA B 242 1.31 -10.24 -53.97
C ALA B 242 0.76 -10.44 -52.56
N VAL B 243 -0.57 -10.43 -52.39
CA VAL B 243 -1.18 -10.67 -51.06
C VAL B 243 -0.69 -11.97 -50.42
N MET B 244 -0.73 -13.09 -51.15
CA MET B 244 -0.23 -14.39 -50.62
C MET B 244 1.22 -14.35 -50.14
N GLU B 245 2.12 -13.71 -50.92
CA GLU B 245 3.52 -13.54 -50.51
C GLU B 245 3.59 -12.67 -49.25
N VAL B 246 2.71 -11.68 -49.14
CA VAL B 246 2.69 -10.92 -47.89
C VAL B 246 2.27 -11.82 -46.73
N LEU B 247 1.17 -12.57 -46.84
CA LEU B 247 0.78 -13.39 -45.69
C LEU B 247 1.94 -14.33 -45.37
N TYR B 248 2.46 -15.01 -46.38
CA TYR B 248 3.54 -15.96 -46.17
C TYR B 248 4.75 -15.29 -45.48
N THR B 249 5.26 -14.21 -46.06
CA THR B 249 6.41 -13.51 -45.49
C THR B 249 6.14 -12.96 -44.08
N GLU B 250 5.02 -12.30 -43.90
CA GLU B 250 4.72 -11.59 -42.67
C GLU B 250 4.41 -12.49 -41.48
N PHE B 251 3.73 -13.61 -41.72
CA PHE B 251 3.43 -14.62 -40.67
C PHE B 251 4.56 -15.66 -40.53
N ALA B 252 5.45 -15.71 -41.50
CA ALA B 252 6.52 -16.69 -41.54
C ALA B 252 5.98 -18.11 -41.44
N ASP B 253 4.98 -18.40 -42.25
CA ASP B 253 4.14 -19.58 -42.06
C ASP B 253 3.80 -20.23 -43.40
N PRO B 254 4.37 -21.42 -43.70
CA PRO B 254 4.10 -22.02 -45.00
C PRO B 254 2.62 -22.35 -45.27
N LYS B 255 1.78 -22.30 -44.25
CA LYS B 255 0.34 -22.39 -44.44
C LYS B 255 -0.14 -21.57 -45.63
N TYR B 256 0.36 -20.34 -45.71
CA TYR B 256 -0.04 -19.36 -46.73
C TYR B 256 0.81 -19.42 -48.01
N ARG B 257 1.61 -20.45 -48.23
CA ARG B 257 2.32 -20.58 -49.50
C ARG B 257 1.45 -20.43 -50.75
N PRO B 258 1.81 -19.49 -51.64
CA PRO B 258 1.01 -19.34 -52.85
C PRO B 258 0.84 -20.64 -53.66
N ALA B 259 -0.32 -20.80 -54.28
CA ALA B 259 -0.53 -21.94 -55.17
C ALA B 259 0.54 -21.94 -56.25
N MET B 260 1.16 -23.10 -56.52
CA MET B 260 2.08 -23.17 -57.66
C MET B 260 1.54 -22.63 -59.00
N LEU B 261 0.29 -22.94 -59.34
CA LEU B 261 -0.26 -22.56 -60.63
C LEU B 261 -0.48 -21.06 -60.68
N MET B 262 -0.81 -20.47 -59.54
CA MET B 262 -1.03 -19.02 -59.51
C MET B 262 0.27 -18.35 -59.87
N ARG B 263 1.39 -18.91 -59.43
CA ARG B 263 2.73 -18.41 -59.82
C ARG B 263 2.97 -18.56 -61.31
N GLU B 264 2.71 -19.74 -61.86
CA GLU B 264 2.90 -19.98 -63.32
C GLU B 264 2.18 -18.97 -64.20
N MET B 265 0.95 -18.65 -63.83
CA MET B 265 0.13 -17.66 -64.52
C MET B 265 0.68 -16.26 -64.43
N VAL B 266 1.10 -15.86 -63.24
CA VAL B 266 1.75 -14.58 -63.05
C VAL B 266 3.05 -14.48 -63.86
N ALA B 267 3.80 -15.56 -63.95
CA ALA B 267 5.02 -15.60 -64.75
C ALA B 267 4.77 -15.58 -66.27
N ALA B 268 3.57 -15.96 -66.70
CA ALA B 268 3.24 -16.02 -68.11
C ALA B 268 2.61 -14.74 -68.61
N GLY B 269 2.36 -13.79 -67.73
CA GLY B 269 1.62 -12.58 -68.09
C GLY B 269 0.10 -12.73 -67.99
N TYR B 270 -0.43 -13.93 -67.75
CA TYR B 270 -1.89 -14.11 -67.64
C TYR B 270 -2.44 -13.49 -66.35
N LEU B 271 -2.66 -12.18 -66.33
CA LEU B 271 -3.01 -11.54 -65.08
C LEU B 271 -4.52 -11.42 -64.85
N GLY B 272 -5.32 -11.85 -65.82
CA GLY B 272 -6.76 -11.78 -65.71
C GLY B 272 -7.33 -10.82 -66.75
N ARG B 273 -8.40 -10.12 -66.36
CA ARG B 273 -9.11 -9.17 -67.21
C ARG B 273 -8.27 -7.96 -67.64
N LYS B 274 -7.38 -7.50 -66.74
CA LYS B 274 -6.40 -6.45 -67.07
C LYS B 274 -5.72 -6.73 -68.40
N THR B 275 -5.22 -7.96 -68.56
CA THR B 275 -4.50 -8.32 -69.78
C THR B 275 -5.29 -9.26 -70.68
N GLY B 276 -6.62 -9.28 -70.54
CA GLY B 276 -7.47 -10.13 -71.37
C GLY B 276 -7.27 -11.63 -71.27
N ARG B 277 -6.59 -12.09 -70.22
CA ARG B 277 -6.51 -13.53 -69.93
C ARG B 277 -5.96 -13.81 -68.54
N GLY B 278 -6.57 -14.78 -67.85
CA GLY B 278 -6.20 -15.16 -66.51
C GLY B 278 -6.36 -16.65 -66.47
N VAL B 279 -7.15 -17.12 -65.51
CA VAL B 279 -7.70 -18.48 -65.59
C VAL B 279 -8.59 -18.66 -66.83
N TYR B 280 -9.31 -17.62 -67.20
CA TYR B 280 -10.18 -17.64 -68.37
C TYR B 280 -9.67 -16.67 -69.42
N VAL B 281 -10.11 -16.85 -70.66
CA VAL B 281 -9.75 -15.93 -71.74
C VAL B 281 -10.88 -14.94 -71.92
N TYR B 282 -10.54 -13.66 -72.04
CA TYR B 282 -11.54 -12.61 -72.22
C TYR B 282 -11.31 -11.85 -73.52
N SER B 283 -12.17 -10.87 -73.78
CA SER B 283 -12.06 -10.05 -74.98
C SER B 283 -13.15 -9.01 -74.71
N LYS B 284 -12.99 -7.80 -75.25
CA LYS B 284 -11.64 -7.24 -75.28
C LYS B 284 -10.87 -7.71 -76.51
N SER C 2 -34.33 -46.41 -66.46
CA SER C 2 -33.04 -45.67 -66.24
C SER C 2 -32.66 -45.68 -64.75
N ILE C 3 -33.03 -44.63 -64.03
CA ILE C 3 -33.08 -44.66 -62.59
C ILE C 3 -34.43 -44.08 -62.27
N ARG C 4 -35.38 -44.93 -61.87
CA ARG C 4 -36.75 -44.50 -61.56
C ARG C 4 -37.13 -44.68 -60.07
N THR C 5 -36.28 -45.36 -59.30
CA THR C 5 -36.46 -45.53 -57.85
C THR C 5 -35.13 -45.38 -57.11
N VAL C 6 -35.08 -44.47 -56.16
CA VAL C 6 -33.89 -44.25 -55.41
C VAL C 6 -34.09 -44.88 -54.04
N GLY C 7 -33.10 -45.62 -53.58
CA GLY C 7 -33.08 -46.02 -52.19
C GLY C 7 -32.23 -45.04 -51.41
N ILE C 8 -32.67 -44.72 -50.19
CA ILE C 8 -31.91 -43.85 -49.33
C ILE C 8 -31.81 -44.46 -47.93
N VAL C 9 -30.60 -44.52 -47.37
CA VAL C 9 -30.43 -44.90 -45.97
C VAL C 9 -30.18 -43.67 -45.12
N GLY C 10 -31.04 -43.43 -44.14
CA GLY C 10 -30.95 -42.23 -43.31
C GLY C 10 -32.14 -41.32 -43.57
N ALA C 11 -32.91 -41.01 -42.54
CA ALA C 11 -34.09 -40.18 -42.71
C ALA C 11 -34.00 -38.91 -41.91
N GLY C 12 -32.77 -38.56 -41.56
CA GLY C 12 -32.45 -37.21 -41.11
C GLY C 12 -32.20 -36.26 -42.28
N THR C 13 -31.85 -35.04 -41.92
CA THR C 13 -31.71 -33.91 -42.84
C THR C 13 -31.26 -34.28 -44.27
N MET C 14 -30.05 -34.77 -44.46
CA MET C 14 -29.64 -35.11 -45.83
C MET C 14 -30.62 -36.13 -46.43
N GLY C 15 -30.80 -37.22 -45.72
CA GLY C 15 -31.68 -38.28 -46.14
C GLY C 15 -33.06 -37.87 -46.58
N ASN C 16 -33.79 -37.06 -45.78
CA ASN C 16 -35.16 -36.63 -46.20
C ASN C 16 -35.17 -35.42 -47.11
N GLY C 17 -34.06 -34.69 -47.15
CA GLY C 17 -33.87 -33.66 -48.17
C GLY C 17 -33.62 -34.33 -49.50
N ILE C 18 -32.76 -35.34 -49.50
CA ILE C 18 -32.49 -36.05 -50.75
C ILE C 18 -33.80 -36.69 -51.18
N ALA C 19 -34.52 -37.27 -50.23
CA ALA C 19 -35.84 -37.84 -50.48
C ALA C 19 -36.81 -36.86 -51.09
N GLN C 20 -36.93 -35.67 -50.48
CA GLN C 20 -37.89 -34.67 -50.98
C GLN C 20 -37.56 -34.26 -52.41
N ALA C 21 -36.29 -33.96 -52.64
CA ALA C 21 -35.84 -33.52 -53.93
C ALA C 21 -36.16 -34.58 -54.99
N CYS C 22 -35.99 -35.85 -54.64
CA CYS C 22 -36.36 -36.93 -55.57
C CYS C 22 -37.86 -37.01 -55.82
N ALA C 23 -38.63 -37.03 -54.73
CA ALA C 23 -40.08 -37.17 -54.80
C ALA C 23 -40.67 -36.22 -55.82
N VAL C 24 -40.45 -34.91 -55.59
CA VAL C 24 -41.09 -33.85 -56.37
C VAL C 24 -40.76 -33.79 -57.87
N VAL C 25 -39.92 -34.66 -58.39
CA VAL C 25 -39.79 -34.77 -59.86
C VAL C 25 -40.27 -36.15 -60.26
N GLY C 26 -41.04 -36.76 -59.35
CA GLY C 26 -41.71 -38.01 -59.61
C GLY C 26 -40.84 -39.25 -59.60
N LEU C 27 -39.65 -39.18 -59.01
CA LEU C 27 -38.84 -40.37 -58.77
C LEU C 27 -39.45 -41.11 -57.58
N ASN C 28 -39.48 -42.43 -57.65
CA ASN C 28 -39.87 -43.23 -56.51
C ASN C 28 -38.75 -43.24 -55.51
N VAL C 29 -39.10 -43.16 -54.23
CA VAL C 29 -38.13 -43.19 -53.15
C VAL C 29 -38.47 -44.33 -52.18
N VAL C 30 -37.44 -44.95 -51.64
CA VAL C 30 -37.54 -45.91 -50.57
C VAL C 30 -36.52 -45.44 -49.53
N MET C 31 -37.01 -45.12 -48.36
CA MET C 31 -36.26 -44.30 -47.43
C MET C 31 -36.21 -44.98 -46.09
N VAL C 32 -35.05 -45.55 -45.79
CA VAL C 32 -34.89 -46.47 -44.68
C VAL C 32 -34.12 -45.81 -43.54
N ASP C 33 -34.62 -45.95 -42.31
CA ASP C 33 -33.87 -45.61 -41.10
C ASP C 33 -34.10 -46.72 -40.09
N ILE C 34 -33.61 -46.54 -38.88
CA ILE C 34 -33.45 -47.63 -37.93
C ILE C 34 -34.70 -47.86 -37.07
N SER C 35 -35.68 -46.99 -37.19
CA SER C 35 -36.88 -47.14 -36.39
C SER C 35 -38.06 -46.37 -36.95
N ASP C 36 -39.26 -46.84 -36.62
CA ASP C 36 -40.48 -46.27 -37.11
C ASP C 36 -40.57 -44.81 -36.75
N ALA C 37 -40.19 -44.47 -35.52
CA ALA C 37 -40.18 -43.07 -35.11
C ALA C 37 -39.27 -42.28 -36.01
N ALA C 38 -38.02 -42.75 -36.17
CA ALA C 38 -37.02 -42.08 -37.03
C ALA C 38 -37.43 -41.96 -38.51
N VAL C 39 -38.07 -42.99 -39.05
CA VAL C 39 -38.60 -42.93 -40.42
C VAL C 39 -39.66 -41.84 -40.51
N GLN C 40 -40.66 -41.91 -39.64
CA GLN C 40 -41.78 -40.97 -39.69
C GLN C 40 -41.37 -39.52 -39.40
N LYS C 41 -40.36 -39.35 -38.55
CA LYS C 41 -39.76 -38.02 -38.29
C LYS C 41 -39.22 -37.36 -39.57
N GLY C 42 -38.55 -38.14 -40.42
CA GLY C 42 -38.07 -37.65 -41.72
C GLY C 42 -39.20 -37.36 -42.73
N VAL C 43 -40.24 -38.18 -42.68
CA VAL C 43 -41.39 -38.02 -43.55
C VAL C 43 -42.17 -36.78 -43.14
N ALA C 44 -42.35 -36.58 -41.84
CA ALA C 44 -43.06 -35.40 -41.30
C ALA C 44 -42.36 -34.06 -41.56
N THR C 45 -41.05 -34.13 -41.69
CA THR C 45 -40.21 -32.98 -41.99
C THR C 45 -40.41 -32.63 -43.47
N VAL C 46 -40.52 -33.65 -44.31
CA VAL C 46 -40.81 -33.44 -45.73
C VAL C 46 -42.20 -32.83 -45.89
N ALA C 47 -43.18 -33.37 -45.15
CA ALA C 47 -44.56 -32.88 -45.25
C ALA C 47 -44.63 -31.46 -44.71
N SER C 48 -43.97 -31.21 -43.60
CA SER C 48 -43.92 -29.86 -43.03
C SER C 48 -43.23 -28.83 -43.94
N SER C 49 -42.25 -29.29 -44.71
CA SER C 49 -41.55 -28.42 -45.66
C SER C 49 -42.42 -28.15 -46.89
N LEU C 50 -43.10 -29.16 -47.39
CA LEU C 50 -44.05 -28.92 -48.47
C LEU C 50 -45.13 -27.88 -48.03
N ASP C 51 -45.54 -27.91 -46.76
CA ASP C 51 -46.47 -26.92 -46.21
C ASP C 51 -45.98 -25.49 -46.23
N ARG C 52 -44.73 -25.26 -45.81
CA ARG C 52 -44.16 -23.92 -45.82
C ARG C 52 -44.24 -23.34 -47.26
N LEU C 53 -44.11 -24.21 -48.25
CA LEU C 53 -44.18 -23.82 -49.66
C LEU C 53 -45.61 -23.56 -50.17
N ILE C 54 -46.57 -24.39 -49.73
CA ILE C 54 -48.00 -24.14 -50.04
C ILE C 54 -48.48 -22.82 -49.39
N LYS C 55 -48.02 -22.57 -48.16
CA LYS C 55 -48.28 -21.30 -47.46
C LYS C 55 -47.75 -20.13 -48.27
N LYS C 56 -46.59 -20.31 -48.91
CA LYS C 56 -45.94 -19.26 -49.71
C LYS C 56 -46.38 -19.17 -51.17
N GLU C 57 -47.47 -19.87 -51.53
CA GLU C 57 -48.05 -19.82 -52.89
C GLU C 57 -47.27 -20.62 -53.96
N LYS C 58 -46.21 -21.31 -53.53
CA LYS C 58 -45.20 -21.91 -54.42
C LYS C 58 -45.49 -23.35 -54.83
N LEU C 59 -46.24 -24.06 -53.99
CA LEU C 59 -46.81 -25.36 -54.35
C LEU C 59 -48.27 -25.41 -54.02
N THR C 60 -48.90 -26.44 -54.53
CA THR C 60 -50.31 -26.60 -54.37
C THR C 60 -50.56 -27.98 -53.77
N GLU C 61 -51.60 -28.11 -52.95
CA GLU C 61 -51.84 -29.35 -52.22
C GLU C 61 -51.77 -30.57 -53.12
N ALA C 62 -52.12 -30.44 -54.40
CA ALA C 62 -51.91 -31.54 -55.35
C ALA C 62 -50.41 -31.91 -55.39
N ASP C 63 -49.54 -30.91 -55.60
CA ASP C 63 -48.07 -31.13 -55.62
C ASP C 63 -47.63 -31.90 -54.37
N LYS C 64 -48.04 -31.43 -53.19
CA LYS C 64 -47.65 -32.04 -51.93
C LYS C 64 -48.08 -33.51 -51.80
N ALA C 65 -49.22 -33.83 -52.37
CA ALA C 65 -49.76 -35.17 -52.28
C ALA C 65 -49.04 -36.10 -53.25
N SER C 66 -48.79 -35.59 -54.46
CA SER C 66 -48.02 -36.34 -55.47
C SER C 66 -46.61 -36.72 -54.99
N ALA C 67 -45.95 -35.77 -54.31
CA ALA C 67 -44.66 -35.99 -53.71
C ALA C 67 -44.72 -37.08 -52.66
N LEU C 68 -45.50 -36.87 -51.61
CA LEU C 68 -45.59 -37.84 -50.51
C LEU C 68 -45.94 -39.25 -51.00
N ALA C 69 -46.76 -39.36 -52.03
CA ALA C 69 -47.14 -40.68 -52.48
C ALA C 69 -45.95 -41.39 -53.15
N ARG C 70 -44.85 -40.67 -53.33
CA ARG C 70 -43.63 -41.24 -53.89
C ARG C 70 -42.69 -41.82 -52.88
N ILE C 71 -42.83 -41.43 -51.63
CA ILE C 71 -41.88 -41.80 -50.61
C ILE C 71 -42.45 -42.93 -49.79
N LYS C 72 -41.75 -44.07 -49.83
CA LYS C 72 -42.12 -45.26 -49.06
C LYS C 72 -41.12 -45.43 -47.90
N GLY C 73 -41.61 -45.28 -46.67
CA GLY C 73 -40.81 -45.46 -45.46
C GLY C 73 -40.62 -46.94 -45.14
N SER C 74 -39.60 -47.25 -44.36
CA SER C 74 -39.21 -48.62 -44.16
C SER C 74 -38.11 -48.66 -43.13
N THR C 75 -38.11 -49.75 -42.38
CA THR C 75 -36.99 -50.07 -41.51
C THR C 75 -36.30 -51.34 -42.00
N SER C 76 -36.61 -51.74 -43.24
CA SER C 76 -36.06 -52.93 -43.83
C SER C 76 -35.10 -52.63 -44.98
N TYR C 77 -33.84 -52.93 -44.76
CA TYR C 77 -32.90 -52.90 -45.87
C TYR C 77 -33.39 -53.75 -47.08
N ASP C 78 -34.21 -54.77 -46.85
CA ASP C 78 -34.71 -55.62 -47.99
C ASP C 78 -35.48 -54.83 -49.03
N ASP C 79 -36.16 -53.77 -48.58
CA ASP C 79 -36.88 -52.86 -49.47
C ASP C 79 -35.98 -52.10 -50.49
N LEU C 80 -34.67 -52.01 -50.24
CA LEU C 80 -33.72 -51.44 -51.20
C LEU C 80 -33.35 -52.35 -52.38
N LYS C 81 -33.71 -53.63 -52.35
CA LYS C 81 -33.43 -54.54 -53.48
C LYS C 81 -34.22 -54.07 -54.68
N ALA C 82 -35.37 -53.46 -54.42
CA ALA C 82 -36.29 -53.01 -55.45
C ALA C 82 -36.03 -51.54 -55.79
N THR C 83 -34.75 -51.18 -55.95
CA THR C 83 -34.36 -49.83 -56.34
C THR C 83 -33.21 -49.93 -57.33
N ASP C 84 -32.96 -48.84 -58.02
CA ASP C 84 -31.92 -48.75 -59.02
C ASP C 84 -30.63 -48.17 -58.42
N ILE C 85 -30.73 -47.60 -57.23
CA ILE C 85 -29.57 -46.94 -56.64
C ILE C 85 -29.84 -46.65 -55.18
N VAL C 86 -28.84 -46.88 -54.32
CA VAL C 86 -29.00 -46.62 -52.89
C VAL C 86 -28.06 -45.50 -52.52
N ILE C 87 -28.59 -44.51 -51.82
CA ILE C 87 -27.77 -43.40 -51.34
C ILE C 87 -27.68 -43.52 -49.84
N GLU C 88 -26.48 -43.83 -49.37
CA GLU C 88 -26.16 -43.76 -47.95
C GLU C 88 -26.03 -42.32 -47.54
N ALA C 89 -26.88 -41.91 -46.61
CA ALA C 89 -26.74 -40.59 -45.99
C ALA C 89 -27.19 -40.65 -44.53
N ALA C 90 -26.61 -41.59 -43.79
CA ALA C 90 -26.94 -41.76 -42.38
C ALA C 90 -25.93 -41.11 -41.43
N THR C 91 -24.63 -41.27 -41.71
CA THR C 91 -23.63 -40.87 -40.73
C THR C 91 -22.29 -40.53 -41.34
N GLU C 92 -21.53 -39.78 -40.54
CA GLU C 92 -20.15 -39.48 -40.87
C GLU C 92 -19.17 -40.17 -39.92
N ASN C 93 -19.65 -41.05 -39.07
CA ASN C 93 -18.80 -41.97 -38.31
C ASN C 93 -18.26 -43.06 -39.25
N TYR C 94 -16.94 -43.07 -39.45
CA TYR C 94 -16.33 -43.88 -40.48
C TYR C 94 -16.63 -45.37 -40.26
N ASP C 95 -16.46 -45.85 -39.02
CA ASP C 95 -16.85 -47.24 -38.65
C ASP C 95 -18.31 -47.60 -39.01
N LEU C 96 -19.26 -46.77 -38.54
CA LEU C 96 -20.69 -46.98 -38.79
C LEU C 96 -21.04 -46.90 -40.26
N LYS C 97 -20.52 -45.90 -40.94
CA LYS C 97 -20.72 -45.77 -42.37
C LYS C 97 -20.27 -47.04 -43.08
N VAL C 98 -19.10 -47.52 -42.71
CA VAL C 98 -18.60 -48.70 -43.33
C VAL C 98 -19.54 -49.89 -43.12
N LYS C 99 -20.04 -50.11 -41.91
CA LYS C 99 -20.87 -51.31 -41.65
C LYS C 99 -22.12 -51.30 -42.57
N ILE C 100 -22.68 -50.11 -42.69
CA ILE C 100 -23.84 -49.83 -43.49
C ILE C 100 -23.66 -50.06 -44.98
N LEU C 101 -22.51 -49.65 -45.53
CA LEU C 101 -22.20 -49.82 -46.94
C LEU C 101 -21.97 -51.30 -47.26
N LYS C 102 -21.46 -52.02 -46.27
CA LYS C 102 -21.18 -53.43 -46.40
C LYS C 102 -22.49 -54.16 -46.41
N GLN C 103 -23.34 -53.77 -45.46
CA GLN C 103 -24.66 -54.33 -45.35
C GLN C 103 -25.42 -54.10 -46.65
N ILE C 104 -25.43 -52.89 -47.16
CA ILE C 104 -26.07 -52.66 -48.44
C ILE C 104 -25.48 -53.53 -49.55
N ASP C 105 -24.16 -53.49 -49.69
CA ASP C 105 -23.49 -54.32 -50.70
C ASP C 105 -23.93 -55.80 -50.67
N GLY C 106 -24.29 -56.28 -49.48
CA GLY C 106 -24.60 -57.69 -49.32
C GLY C 106 -26.07 -58.04 -49.51
N ILE C 107 -26.88 -57.07 -49.91
CA ILE C 107 -28.35 -57.20 -49.97
C ILE C 107 -28.86 -56.88 -51.37
N VAL C 108 -28.40 -55.76 -51.94
CA VAL C 108 -28.83 -55.29 -53.25
C VAL C 108 -28.21 -56.15 -54.30
N GLY C 109 -28.75 -56.06 -55.52
CA GLY C 109 -28.32 -56.89 -56.63
C GLY C 109 -27.07 -56.35 -57.27
N GLU C 110 -26.37 -57.16 -58.06
CA GLU C 110 -25.04 -56.80 -58.58
C GLU C 110 -25.03 -55.55 -59.52
N ASN C 111 -26.20 -55.09 -59.98
CA ASN C 111 -26.25 -53.90 -60.84
C ASN C 111 -26.74 -52.57 -60.22
N VAL C 112 -27.18 -52.64 -58.97
CA VAL C 112 -27.49 -51.47 -58.19
C VAL C 112 -26.19 -50.75 -57.82
N ILE C 113 -26.25 -49.42 -57.94
CA ILE C 113 -25.11 -48.56 -57.70
C ILE C 113 -25.18 -48.19 -56.23
N ILE C 114 -24.03 -48.11 -55.57
CA ILE C 114 -24.02 -47.62 -54.19
C ILE C 114 -23.38 -46.26 -54.17
N ALA C 115 -24.12 -45.26 -53.73
CA ALA C 115 -23.58 -43.92 -53.59
C ALA C 115 -23.59 -43.50 -52.10
N SER C 116 -22.63 -42.66 -51.73
CA SER C 116 -22.54 -42.17 -50.36
C SER C 116 -22.52 -40.66 -50.33
N ASN C 117 -23.30 -40.07 -49.44
CA ASN C 117 -23.19 -38.64 -49.13
C ASN C 117 -22.26 -38.42 -47.94
N THR C 118 -21.17 -37.72 -48.20
CA THR C 118 -20.26 -37.34 -47.15
C THR C 118 -19.65 -36.01 -47.47
N SER C 119 -19.29 -35.32 -46.40
CA SER C 119 -18.78 -33.99 -46.52
C SER C 119 -17.25 -34.03 -46.76
N SER C 120 -16.59 -35.17 -46.54
CA SER C 120 -15.11 -35.21 -46.71
C SER C 120 -14.40 -36.57 -46.84
N ILE C 121 -15.05 -37.68 -46.41
CA ILE C 121 -14.43 -39.04 -46.37
C ILE C 121 -14.01 -39.51 -47.78
N SER C 122 -12.91 -40.26 -47.91
CA SER C 122 -12.38 -40.71 -49.20
C SER C 122 -13.32 -41.69 -49.89
N ILE C 123 -13.71 -41.36 -51.11
CA ILE C 123 -14.61 -42.21 -51.86
C ILE C 123 -13.93 -43.51 -52.26
N THR C 124 -12.62 -43.47 -52.48
CA THR C 124 -11.86 -44.65 -52.86
C THR C 124 -11.77 -45.62 -51.69
N LYS C 125 -11.53 -45.10 -50.49
CA LYS C 125 -11.42 -45.93 -49.30
C LYS C 125 -12.79 -46.60 -49.11
N LEU C 126 -13.89 -45.85 -49.26
CA LEU C 126 -15.23 -46.42 -49.02
C LEU C 126 -15.57 -47.44 -50.07
N ALA C 127 -15.38 -47.11 -51.33
CA ALA C 127 -15.48 -48.06 -52.45
C ALA C 127 -14.89 -49.42 -52.11
N ALA C 128 -13.66 -49.39 -51.63
CA ALA C 128 -12.88 -50.61 -51.39
C ALA C 128 -13.49 -51.55 -50.36
N VAL C 129 -14.37 -51.03 -49.51
CA VAL C 129 -15.00 -51.88 -48.52
C VAL C 129 -16.17 -52.66 -49.13
N THR C 130 -16.62 -52.31 -50.33
CA THR C 130 -17.69 -53.08 -50.98
C THR C 130 -17.09 -54.08 -52.00
N SER C 131 -17.96 -54.91 -52.57
CA SER C 131 -17.54 -55.90 -53.57
C SER C 131 -17.60 -55.25 -54.93
N ARG C 132 -17.95 -53.97 -54.97
CA ARG C 132 -18.40 -53.35 -56.21
C ARG C 132 -17.87 -51.96 -56.45
N ALA C 133 -16.55 -51.81 -56.34
CA ALA C 133 -15.90 -50.51 -56.35
C ALA C 133 -16.26 -49.69 -57.56
N ASP C 134 -16.27 -50.34 -58.72
CA ASP C 134 -16.71 -49.71 -59.99
C ASP C 134 -18.14 -49.21 -59.96
N ARG C 135 -19.02 -49.83 -59.17
CA ARG C 135 -20.41 -49.37 -59.03
C ARG C 135 -20.64 -48.55 -57.73
N PHE C 136 -19.55 -47.97 -57.23
CA PHE C 136 -19.57 -47.04 -56.15
C PHE C 136 -19.13 -45.64 -56.63
N ILE C 137 -19.74 -44.62 -56.00
CA ILE C 137 -19.50 -43.22 -56.32
C ILE C 137 -19.90 -42.31 -55.15
N GLY C 138 -19.31 -41.13 -55.07
CA GLY C 138 -19.72 -40.13 -54.09
C GLY C 138 -20.81 -39.24 -54.68
N MET C 139 -21.83 -38.93 -53.87
CA MET C 139 -22.97 -38.09 -54.30
C MET C 139 -23.25 -37.16 -53.11
N HIS C 140 -22.58 -36.03 -53.15
CA HIS C 140 -22.51 -35.11 -52.03
C HIS C 140 -23.43 -33.95 -52.35
N PHE C 141 -24.53 -33.91 -51.58
CA PHE C 141 -25.62 -32.92 -51.69
C PHE C 141 -25.46 -31.87 -50.62
N PHE C 142 -26.27 -30.82 -50.66
CA PHE C 142 -26.06 -29.64 -49.81
C PHE C 142 -27.22 -29.21 -48.92
N ASN C 143 -26.93 -28.30 -48.00
CA ASN C 143 -27.49 -28.26 -46.64
C ASN C 143 -28.99 -28.31 -46.45
N PRO C 144 -29.75 -27.44 -47.17
CA PRO C 144 -31.15 -27.72 -47.53
C PRO C 144 -31.20 -28.23 -48.95
N VAL C 145 -31.05 -29.54 -49.09
CA VAL C 145 -31.03 -30.23 -50.39
C VAL C 145 -32.10 -29.77 -51.37
N PRO C 146 -33.40 -29.78 -50.97
CA PRO C 146 -34.44 -29.32 -51.91
C PRO C 146 -34.18 -27.96 -52.56
N VAL C 147 -33.33 -27.14 -51.96
CA VAL C 147 -33.10 -25.80 -52.47
C VAL C 147 -31.80 -25.69 -53.25
N MET C 148 -30.71 -26.26 -52.71
CA MET C 148 -29.38 -26.13 -53.33
C MET C 148 -29.21 -26.90 -54.61
N ALA C 149 -28.74 -26.21 -55.64
CA ALA C 149 -28.65 -26.75 -57.02
C ALA C 149 -27.54 -27.74 -57.26
N LEU C 150 -26.53 -27.71 -56.41
CA LEU C 150 -25.26 -28.36 -56.72
C LEU C 150 -25.30 -29.75 -56.22
N VAL C 151 -24.82 -30.68 -57.05
CA VAL C 151 -24.47 -32.04 -56.61
C VAL C 151 -23.01 -32.29 -57.00
N GLU C 152 -22.22 -32.70 -56.00
CA GLU C 152 -20.82 -33.08 -56.17
C GLU C 152 -20.65 -34.60 -56.38
N LEU C 153 -20.40 -34.98 -57.62
CA LEU C 153 -20.07 -36.36 -57.97
C LEU C 153 -18.57 -36.59 -57.80
N ILE C 154 -18.24 -37.45 -56.87
CA ILE C 154 -16.88 -37.74 -56.60
C ILE C 154 -16.60 -39.14 -57.09
N ARG C 155 -15.57 -39.27 -57.91
CA ARG C 155 -15.11 -40.55 -58.40
C ARG C 155 -13.95 -41.05 -57.58
N GLY C 156 -14.03 -42.30 -57.16
CA GLY C 156 -12.88 -43.02 -56.68
C GLY C 156 -12.09 -43.48 -57.89
N LEU C 157 -10.88 -43.97 -57.66
CA LEU C 157 -10.06 -44.53 -58.71
C LEU C 157 -10.72 -45.71 -59.40
N GLN C 158 -11.66 -46.36 -58.72
CA GLN C 158 -12.29 -47.58 -59.19
C GLN C 158 -13.63 -47.34 -59.86
N THR C 159 -14.24 -46.17 -59.61
CA THR C 159 -15.52 -45.79 -60.20
C THR C 159 -15.50 -45.86 -61.72
N SER C 160 -16.41 -46.61 -62.32
CA SER C 160 -16.50 -46.75 -63.79
C SER C 160 -17.17 -45.57 -64.48
N ASP C 161 -16.96 -45.45 -65.78
CA ASP C 161 -17.63 -44.43 -66.58
C ASP C 161 -19.15 -44.60 -66.50
N THR C 162 -19.62 -45.85 -66.62
CA THR C 162 -21.04 -46.15 -66.60
C THR C 162 -21.72 -45.69 -65.29
N THR C 163 -21.05 -45.90 -64.17
CA THR C 163 -21.61 -45.54 -62.87
C THR C 163 -21.70 -44.01 -62.79
N HIS C 164 -20.64 -43.37 -63.25
CA HIS C 164 -20.61 -41.94 -63.34
C HIS C 164 -21.73 -41.43 -64.24
N ALA C 165 -21.80 -41.92 -65.47
CA ALA C 165 -22.88 -41.55 -66.39
C ALA C 165 -24.25 -41.72 -65.73
N ALA C 166 -24.50 -42.89 -65.18
CA ALA C 166 -25.76 -43.15 -64.53
C ALA C 166 -26.11 -42.06 -63.51
N VAL C 167 -25.13 -41.68 -62.68
CA VAL C 167 -25.43 -40.82 -61.51
C VAL C 167 -25.47 -39.34 -61.89
N GLU C 168 -24.70 -38.96 -62.91
CA GLU C 168 -24.83 -37.66 -63.55
C GLU C 168 -26.25 -37.44 -64.08
N ALA C 169 -26.76 -38.40 -64.86
CA ALA C 169 -28.15 -38.38 -65.37
C ALA C 169 -29.19 -38.23 -64.23
N LEU C 170 -29.04 -39.01 -63.18
CA LEU C 170 -29.90 -38.82 -62.01
C LEU C 170 -29.83 -37.39 -61.49
N SER C 171 -28.63 -36.82 -61.46
CA SER C 171 -28.47 -35.45 -60.92
C SER C 171 -29.25 -34.45 -61.78
N LYS C 172 -29.17 -34.66 -63.09
CA LYS C 172 -29.95 -33.86 -64.03
C LYS C 172 -31.45 -34.13 -63.87
N GLN C 173 -31.87 -35.40 -63.82
CA GLN C 173 -33.26 -35.72 -63.49
C GLN C 173 -33.75 -34.89 -62.32
N LEU C 174 -32.92 -34.71 -61.29
CA LEU C 174 -33.36 -33.96 -60.12
C LEU C 174 -33.37 -32.45 -60.36
N GLY C 175 -32.94 -32.03 -61.55
CA GLY C 175 -32.83 -30.60 -61.84
C GLY C 175 -31.66 -29.95 -61.11
N LYS C 176 -30.72 -30.77 -60.66
CA LYS C 176 -29.54 -30.31 -60.00
C LYS C 176 -28.37 -30.25 -60.97
N TYR C 177 -27.49 -29.28 -60.77
CA TYR C 177 -26.28 -29.12 -61.59
C TYR C 177 -25.16 -30.00 -61.11
N PRO C 178 -24.79 -31.04 -61.86
CA PRO C 178 -23.71 -31.92 -61.42
C PRO C 178 -22.28 -31.42 -61.76
N ILE C 179 -21.36 -31.76 -60.87
CA ILE C 179 -19.99 -31.32 -60.91
C ILE C 179 -19.18 -32.59 -60.70
N THR C 180 -18.09 -32.78 -61.43
CA THR C 180 -17.32 -34.03 -61.31
C THR C 180 -15.92 -33.81 -60.73
N VAL C 181 -15.67 -34.38 -59.55
CA VAL C 181 -14.43 -34.20 -58.80
C VAL C 181 -13.59 -35.49 -58.69
N LYS C 182 -12.30 -35.40 -58.98
CA LYS C 182 -11.37 -36.50 -58.68
C LYS C 182 -11.18 -36.57 -57.14
N ASN C 183 -11.27 -37.77 -56.58
CA ASN C 183 -11.31 -37.93 -55.13
C ASN C 183 -10.09 -37.31 -54.42
N SER C 184 -10.35 -36.83 -53.22
CA SER C 184 -9.43 -35.97 -52.51
C SER C 184 -10.11 -35.80 -51.14
N PRO C 185 -9.38 -35.21 -50.15
CA PRO C 185 -9.97 -34.73 -48.89
C PRO C 185 -10.77 -33.45 -49.04
N GLY C 186 -12.02 -33.46 -48.56
CA GLY C 186 -12.99 -32.35 -48.76
C GLY C 186 -13.44 -32.12 -50.20
N PHE C 187 -13.05 -33.01 -51.10
CA PHE C 187 -13.33 -32.87 -52.53
C PHE C 187 -13.02 -31.45 -53.09
N VAL C 188 -14.03 -30.67 -53.50
CA VAL C 188 -13.82 -29.31 -54.05
C VAL C 188 -14.43 -28.21 -53.18
N VAL C 189 -15.74 -28.34 -52.91
CA VAL C 189 -16.43 -27.28 -52.20
C VAL C 189 -15.92 -27.13 -50.76
N ASN C 190 -15.96 -28.20 -49.97
CA ASN C 190 -15.57 -28.12 -48.57
C ASN C 190 -14.09 -27.83 -48.43
N ARG C 191 -13.31 -28.48 -49.29
CA ARG C 191 -11.90 -28.21 -49.39
C ARG C 191 -11.55 -26.71 -49.39
N ILE C 192 -12.29 -25.92 -50.17
CA ILE C 192 -12.06 -24.49 -50.28
C ILE C 192 -12.76 -23.70 -49.19
N LEU C 193 -13.93 -24.16 -48.77
CA LEU C 193 -14.80 -23.34 -47.95
C LEU C 193 -14.50 -23.48 -46.48
N CYS C 194 -14.20 -24.70 -46.05
CA CYS C 194 -14.08 -24.94 -44.64
C CYS C 194 -12.82 -24.29 -44.09
N PRO C 195 -11.70 -24.37 -44.84
CA PRO C 195 -10.54 -23.67 -44.33
C PRO C 195 -10.78 -22.19 -44.22
N MET C 196 -11.61 -21.66 -45.10
CA MET C 196 -11.93 -20.25 -45.04
C MET C 196 -12.68 -19.98 -43.74
N ILE C 197 -13.64 -20.85 -43.41
CA ILE C 197 -14.33 -20.74 -42.14
C ILE C 197 -13.33 -20.91 -41.02
N ASN C 198 -12.50 -21.92 -41.16
CA ASN C 198 -11.44 -22.13 -40.18
C ASN C 198 -10.60 -20.85 -39.92
N GLU C 199 -10.32 -20.08 -40.98
CA GLU C 199 -9.51 -18.85 -40.83
C GLU C 199 -10.19 -17.78 -40.01
N ALA C 200 -11.50 -17.64 -40.20
CA ALA C 200 -12.30 -16.70 -39.44
C ALA C 200 -12.23 -17.03 -37.97
N PHE C 201 -12.20 -18.31 -37.62
CA PHE C 201 -11.99 -18.64 -36.21
C PHE C 201 -10.58 -18.23 -35.75
N CYS C 202 -9.54 -18.55 -36.56
CA CYS C 202 -8.17 -18.15 -36.22
C CYS C 202 -8.19 -16.66 -35.92
N VAL C 203 -8.71 -15.88 -36.87
CA VAL C 203 -8.82 -14.44 -36.66
C VAL C 203 -9.56 -14.10 -35.37
N LEU C 204 -10.70 -14.76 -35.12
CA LEU C 204 -11.48 -14.50 -33.92
C LEU C 204 -10.68 -14.80 -32.69
N GLY C 205 -10.04 -15.96 -32.70
CA GLY C 205 -9.14 -16.31 -31.61
C GLY C 205 -7.93 -15.40 -31.47
N GLU C 206 -7.44 -14.83 -32.57
CA GLU C 206 -6.28 -13.93 -32.49
C GLU C 206 -6.63 -12.56 -31.89
N GLY C 207 -7.91 -12.25 -31.76
CA GLY C 207 -8.36 -11.01 -31.17
C GLY C 207 -8.22 -9.78 -32.09
N LEU C 208 -8.08 -10.02 -33.39
CA LEU C 208 -7.99 -8.91 -34.36
C LEU C 208 -9.30 -8.13 -34.40
N ALA C 209 -10.42 -8.82 -34.17
CA ALA C 209 -11.71 -8.19 -34.31
C ALA C 209 -12.82 -9.01 -33.64
N SER C 210 -13.98 -8.39 -33.41
CA SER C 210 -15.17 -9.12 -32.91
C SER C 210 -15.88 -9.95 -34.02
N PRO C 211 -16.70 -10.97 -33.63
CA PRO C 211 -17.39 -11.86 -34.58
C PRO C 211 -18.34 -11.16 -35.54
N GLU C 212 -19.12 -10.23 -34.99
CA GLU C 212 -20.12 -9.47 -35.74
C GLU C 212 -19.44 -8.72 -36.87
N GLU C 213 -18.34 -8.08 -36.51
CA GLU C 213 -17.46 -7.41 -37.45
C GLU C 213 -16.75 -8.39 -38.44
N ILE C 214 -16.34 -9.58 -37.97
CA ILE C 214 -15.81 -10.58 -38.92
C ILE C 214 -16.89 -10.95 -39.97
N ASP C 215 -18.08 -11.30 -39.52
CA ASP C 215 -19.17 -11.69 -40.41
C ASP C 215 -19.60 -10.58 -41.38
N GLU C 216 -19.80 -9.38 -40.84
CA GLU C 216 -20.13 -8.19 -41.62
C GLU C 216 -19.03 -7.87 -42.62
N GLY C 217 -17.78 -7.99 -42.17
CA GLY C 217 -16.62 -7.91 -43.06
C GLY C 217 -16.80 -8.71 -44.35
N MET C 218 -17.22 -9.95 -44.22
CA MET C 218 -17.38 -10.80 -45.37
C MET C 218 -18.65 -10.54 -46.19
N LYS C 219 -19.76 -10.16 -45.53
CA LYS C 219 -21.00 -9.84 -46.29
C LYS C 219 -20.86 -8.55 -47.15
N LEU C 220 -20.57 -7.44 -46.50
CA LEU C 220 -20.37 -6.17 -47.18
C LEU C 220 -19.14 -6.23 -48.08
N GLY C 221 -18.01 -6.63 -47.53
CA GLY C 221 -16.76 -6.57 -48.28
C GLY C 221 -16.66 -7.48 -49.48
N CYS C 222 -17.30 -8.65 -49.39
CA CYS C 222 -17.14 -9.69 -50.42
C CYS C 222 -18.45 -10.16 -50.99
N ASN C 223 -19.53 -9.48 -50.59
CA ASN C 223 -20.90 -9.83 -50.97
C ASN C 223 -21.23 -11.29 -50.71
N HIS C 224 -20.82 -11.76 -49.53
CA HIS C 224 -21.23 -13.07 -49.08
C HIS C 224 -22.67 -12.96 -48.55
N PRO C 225 -23.48 -14.00 -48.82
CA PRO C 225 -24.86 -13.97 -48.33
C PRO C 225 -24.91 -14.09 -46.83
N ILE C 226 -24.05 -14.93 -46.27
CA ILE C 226 -23.88 -15.00 -44.81
C ILE C 226 -22.38 -15.07 -44.48
N GLY C 227 -22.00 -14.59 -43.30
CA GLY C 227 -20.60 -14.56 -42.90
C GLY C 227 -20.09 -15.88 -42.38
N PRO C 228 -18.76 -16.04 -42.32
CA PRO C 228 -18.20 -17.34 -41.98
C PRO C 228 -18.65 -17.91 -40.62
N LEU C 229 -18.54 -17.09 -39.56
CA LEU C 229 -18.79 -17.58 -38.20
C LEU C 229 -20.26 -17.93 -38.01
N ALA C 230 -21.17 -17.15 -38.57
CA ALA C 230 -22.61 -17.50 -38.56
C ALA C 230 -22.93 -18.75 -39.40
N LEU C 231 -22.24 -18.88 -40.52
CA LEU C 231 -22.34 -20.04 -41.37
C LEU C 231 -21.85 -21.30 -40.65
N ALA C 232 -20.76 -21.20 -39.88
CA ALA C 232 -20.27 -22.38 -39.16
C ALA C 232 -21.32 -22.82 -38.17
N ASP C 233 -21.92 -21.86 -37.46
CA ASP C 233 -23.01 -22.15 -36.52
C ASP C 233 -24.23 -22.86 -37.18
N MET C 234 -24.46 -22.61 -38.46
CA MET C 234 -25.55 -23.27 -39.19
C MET C 234 -25.19 -24.67 -39.69
N ILE C 235 -23.91 -24.91 -39.99
CA ILE C 235 -23.48 -26.22 -40.46
C ILE C 235 -23.28 -27.15 -39.28
N GLY C 236 -22.79 -26.58 -38.17
CA GLY C 236 -22.38 -27.33 -37.00
C GLY C 236 -20.86 -27.23 -36.82
N LEU C 237 -20.44 -26.77 -35.65
CA LEU C 237 -19.03 -26.69 -35.31
C LEU C 237 -18.42 -28.09 -35.26
N ASP C 238 -19.11 -29.03 -34.64
CA ASP C 238 -18.71 -30.42 -34.68
C ASP C 238 -18.50 -30.94 -36.11
N THR C 239 -19.33 -30.54 -37.05
CA THR C 239 -19.17 -31.02 -38.45
C THR C 239 -18.03 -30.27 -39.17
N MET C 240 -17.75 -29.04 -38.72
CA MET C 240 -16.66 -28.21 -39.25
C MET C 240 -15.35 -28.82 -38.84
N LEU C 241 -15.20 -28.95 -37.51
CA LEU C 241 -14.09 -29.67 -36.89
C LEU C 241 -13.83 -31.08 -37.45
N ALA C 242 -14.86 -31.80 -37.90
CA ALA C 242 -14.62 -33.13 -38.48
C ALA C 242 -13.98 -33.03 -39.88
N VAL C 243 -14.39 -32.05 -40.67
CA VAL C 243 -13.81 -31.87 -42.00
C VAL C 243 -12.34 -31.46 -41.86
N MET C 244 -12.08 -30.51 -40.97
CA MET C 244 -10.74 -29.96 -40.81
C MET C 244 -9.83 -31.06 -40.39
N GLU C 245 -10.26 -31.81 -39.38
CA GLU C 245 -9.50 -32.99 -38.94
C GLU C 245 -9.29 -34.02 -40.05
N VAL C 246 -10.21 -34.12 -40.99
CA VAL C 246 -9.99 -35.05 -42.08
C VAL C 246 -8.91 -34.48 -42.99
N LEU C 247 -8.94 -33.18 -43.22
CA LEU C 247 -7.94 -32.53 -44.07
C LEU C 247 -6.50 -32.62 -43.44
N TYR C 248 -6.37 -32.21 -42.20
CA TYR C 248 -5.09 -32.32 -41.52
C TYR C 248 -4.54 -33.76 -41.55
N THR C 249 -5.42 -34.73 -41.30
CA THR C 249 -5.02 -36.14 -41.19
C THR C 249 -4.77 -36.83 -42.52
N GLU C 250 -5.53 -36.49 -43.54
CA GLU C 250 -5.38 -37.16 -44.81
C GLU C 250 -4.31 -36.50 -45.65
N PHE C 251 -4.18 -35.17 -45.54
CA PHE C 251 -3.00 -34.49 -46.09
C PHE C 251 -1.71 -34.72 -45.27
N ALA C 252 -1.83 -34.91 -43.96
CA ALA C 252 -0.69 -34.95 -43.07
C ALA C 252 0.03 -33.62 -43.09
N ASP C 253 -0.74 -32.54 -43.16
CA ASP C 253 -0.22 -31.20 -43.34
C ASP C 253 -0.84 -30.18 -42.37
N PRO C 254 -0.02 -29.63 -41.44
CA PRO C 254 -0.51 -28.62 -40.46
C PRO C 254 -1.08 -27.33 -41.07
N LYS C 255 -0.92 -27.15 -42.38
CA LYS C 255 -1.72 -26.14 -43.06
C LYS C 255 -3.18 -26.19 -42.65
N TYR C 256 -3.72 -27.38 -42.55
CA TYR C 256 -5.13 -27.55 -42.28
C TYR C 256 -5.43 -27.69 -40.78
N ARG C 257 -4.46 -27.29 -39.95
CA ARG C 257 -4.62 -27.39 -38.50
C ARG C 257 -5.87 -26.63 -38.07
N PRO C 258 -6.75 -27.28 -37.34
CA PRO C 258 -7.89 -26.55 -36.82
C PRO C 258 -7.53 -25.38 -35.94
N ALA C 259 -8.43 -24.40 -35.87
CA ALA C 259 -8.30 -23.30 -34.95
C ALA C 259 -8.61 -23.71 -33.52
N MET C 260 -7.80 -23.23 -32.60
CA MET C 260 -7.93 -23.66 -31.21
C MET C 260 -9.32 -23.25 -30.64
N LEU C 261 -9.77 -22.05 -30.97
CA LEU C 261 -11.10 -21.66 -30.59
C LEU C 261 -12.18 -22.62 -31.11
N MET C 262 -12.08 -23.08 -32.35
CA MET C 262 -13.08 -24.03 -32.84
C MET C 262 -13.07 -25.32 -32.00
N ARG C 263 -11.87 -25.82 -31.69
CA ARG C 263 -11.74 -27.00 -30.87
C ARG C 263 -12.43 -26.82 -29.52
N GLU C 264 -12.31 -25.60 -28.97
CA GLU C 264 -12.83 -25.27 -27.61
C GLU C 264 -14.33 -25.26 -27.53
N MET C 265 -14.94 -24.71 -28.56
CA MET C 265 -16.37 -24.64 -28.60
C MET C 265 -16.90 -26.06 -28.68
N VAL C 266 -16.44 -26.84 -29.65
CA VAL C 266 -16.89 -28.24 -29.81
C VAL C 266 -16.71 -29.09 -28.53
N ALA C 267 -15.79 -28.67 -27.67
CA ALA C 267 -15.50 -29.38 -26.41
C ALA C 267 -16.51 -29.05 -25.37
N ALA C 268 -16.91 -27.79 -25.34
CA ALA C 268 -17.84 -27.35 -24.34
C ALA C 268 -19.29 -27.71 -24.72
N GLY C 269 -19.49 -28.27 -25.91
CA GLY C 269 -20.84 -28.54 -26.45
C GLY C 269 -21.49 -27.40 -27.24
N TYR C 270 -20.79 -26.26 -27.43
CA TYR C 270 -21.36 -25.18 -28.20
C TYR C 270 -21.21 -25.53 -29.66
N LEU C 271 -22.17 -26.25 -30.21
CA LEU C 271 -22.06 -26.77 -31.58
C LEU C 271 -22.77 -25.88 -32.63
N GLY C 272 -23.26 -24.71 -32.23
CA GLY C 272 -24.02 -23.82 -33.12
C GLY C 272 -25.52 -23.79 -32.87
N ARG C 273 -26.31 -23.81 -33.94
CA ARG C 273 -27.78 -23.72 -33.81
C ARG C 273 -28.35 -24.96 -33.15
N LYS C 274 -28.12 -26.12 -33.76
CA LYS C 274 -28.49 -27.42 -33.18
C LYS C 274 -28.43 -27.54 -31.66
N THR C 275 -27.59 -26.74 -30.98
CA THR C 275 -27.47 -26.72 -29.50
C THR C 275 -27.74 -25.35 -28.87
N GLY C 276 -28.30 -24.43 -29.65
CA GLY C 276 -28.59 -23.10 -29.14
C GLY C 276 -27.39 -22.18 -28.95
N ARG C 277 -26.21 -22.63 -29.35
CA ARG C 277 -25.02 -21.84 -29.15
C ARG C 277 -23.85 -22.37 -29.95
N GLY C 278 -23.26 -21.49 -30.76
CA GLY C 278 -21.93 -21.72 -31.32
C GLY C 278 -21.09 -20.50 -31.02
N VAL C 279 -20.82 -19.71 -32.06
CA VAL C 279 -20.16 -18.43 -31.87
C VAL C 279 -21.17 -17.44 -31.27
N TYR C 280 -22.43 -17.58 -31.67
CA TYR C 280 -23.52 -16.73 -31.19
C TYR C 280 -24.43 -17.52 -30.26
N VAL C 281 -25.44 -16.84 -29.70
CA VAL C 281 -26.48 -17.48 -28.88
C VAL C 281 -27.78 -17.59 -29.66
N TYR C 282 -28.60 -18.58 -29.36
CA TYR C 282 -29.76 -18.85 -30.18
C TYR C 282 -30.98 -19.14 -29.30
N SER C 283 -32.02 -19.71 -29.91
CA SER C 283 -33.22 -20.07 -29.20
C SER C 283 -32.94 -21.11 -28.09
N LYS C 284 -33.89 -21.24 -27.17
CA LYS C 284 -33.77 -22.12 -25.99
C LYS C 284 -32.35 -22.07 -25.43
N SER D 2 -4.25 30.92 -2.39
CA SER D 2 -5.36 29.93 -2.53
C SER D 2 -4.94 28.74 -3.41
N ILE D 3 -4.98 27.54 -2.85
CA ILE D 3 -4.66 26.31 -3.58
C ILE D 3 -5.87 25.38 -3.64
N ARG D 4 -6.49 25.25 -4.82
CA ARG D 4 -7.59 24.30 -4.99
C ARG D 4 -7.33 23.22 -6.06
N THR D 5 -6.21 23.31 -6.80
CA THR D 5 -5.84 22.27 -7.77
C THR D 5 -4.45 21.70 -7.48
N VAL D 6 -4.41 20.42 -7.12
CA VAL D 6 -3.18 19.75 -6.67
C VAL D 6 -2.66 18.73 -7.68
N GLY D 7 -1.52 19.03 -8.29
CA GLY D 7 -0.74 18.06 -9.07
C GLY D 7 -0.12 16.96 -8.21
N ILE D 8 -0.23 15.72 -8.66
CA ILE D 8 0.43 14.59 -8.02
C ILE D 8 1.08 13.67 -9.07
N VAL D 9 2.41 13.68 -9.11
CA VAL D 9 3.14 12.74 -9.93
C VAL D 9 3.42 11.51 -9.08
N GLY D 10 3.13 10.34 -9.64
CA GLY D 10 3.19 9.08 -8.93
C GLY D 10 1.78 8.68 -8.53
N ALA D 11 1.37 7.45 -8.92
CA ALA D 11 0.08 6.88 -8.51
C ALA D 11 0.22 5.56 -7.74
N GLY D 12 1.38 5.36 -7.12
CA GLY D 12 1.57 4.21 -6.22
C GLY D 12 0.98 4.50 -4.85
N THR D 13 1.35 3.68 -3.87
CA THR D 13 0.78 3.73 -2.54
C THR D 13 0.65 5.15 -1.95
N MET D 14 1.74 5.92 -2.03
CA MET D 14 1.81 7.31 -1.50
C MET D 14 0.95 8.30 -2.27
N GLY D 15 1.17 8.41 -3.57
CA GLY D 15 0.40 9.33 -4.44
C GLY D 15 -1.11 9.17 -4.46
N ASN D 16 -1.62 7.92 -4.36
CA ASN D 16 -3.07 7.68 -4.15
C ASN D 16 -3.50 8.43 -2.89
N GLY D 17 -2.80 8.11 -1.79
CA GLY D 17 -3.03 8.67 -0.46
C GLY D 17 -3.13 10.18 -0.50
N ILE D 18 -2.18 10.85 -1.15
CA ILE D 18 -2.21 12.30 -1.18
C ILE D 18 -3.42 12.76 -1.98
N ALA D 19 -3.68 12.10 -3.10
CA ALA D 19 -4.86 12.39 -3.94
C ALA D 19 -6.16 12.26 -3.13
N GLN D 20 -6.39 11.07 -2.57
CA GLN D 20 -7.58 10.84 -1.77
C GLN D 20 -7.75 11.93 -0.75
N ALA D 21 -6.75 12.07 0.12
CA ALA D 21 -6.76 13.02 1.23
C ALA D 21 -7.06 14.44 0.76
N CYS D 22 -6.58 14.77 -0.43
CA CYS D 22 -6.97 16.01 -1.11
C CYS D 22 -8.43 15.95 -1.56
N ALA D 23 -8.77 14.93 -2.35
CA ALA D 23 -10.09 14.82 -2.97
C ALA D 23 -11.22 14.90 -1.95
N VAL D 24 -11.16 14.10 -0.91
CA VAL D 24 -12.26 14.06 0.07
C VAL D 24 -12.45 15.37 0.83
N VAL D 25 -11.70 16.41 0.48
CA VAL D 25 -11.81 17.72 1.09
C VAL D 25 -12.20 18.70 -0.02
N GLY D 26 -12.59 18.14 -1.18
CA GLY D 26 -13.00 18.94 -2.31
C GLY D 26 -11.87 19.69 -2.97
N LEU D 27 -10.77 18.99 -3.23
CA LEU D 27 -9.64 19.58 -3.95
C LEU D 27 -9.40 18.79 -5.22
N ASN D 28 -9.04 19.51 -6.29
CA ASN D 28 -8.92 18.92 -7.61
C ASN D 28 -7.57 18.28 -7.86
N VAL D 29 -7.56 16.96 -7.84
CA VAL D 29 -6.35 16.18 -8.00
C VAL D 29 -6.13 15.85 -9.47
N VAL D 30 -5.06 16.38 -10.03
CA VAL D 30 -4.59 15.96 -11.34
C VAL D 30 -3.46 14.94 -11.12
N MET D 31 -3.79 13.65 -11.16
CA MET D 31 -2.82 12.59 -10.85
C MET D 31 -2.16 12.10 -12.13
N VAL D 32 -0.86 12.29 -12.24
CA VAL D 32 -0.08 11.87 -13.42
C VAL D 32 0.72 10.56 -13.17
N ASP D 33 0.94 9.76 -14.20
CA ASP D 33 1.84 8.57 -14.11
C ASP D 33 2.35 8.15 -15.52
N ILE D 34 2.95 6.96 -15.64
CA ILE D 34 3.59 6.52 -16.92
C ILE D 34 2.73 5.60 -17.78
N SER D 35 1.93 4.75 -17.14
CA SER D 35 0.98 3.90 -17.85
C SER D 35 -0.43 4.39 -17.59
N ASP D 36 -1.40 3.68 -18.14
CA ASP D 36 -2.78 3.79 -17.69
C ASP D 36 -3.07 2.70 -16.66
N ALA D 37 -2.38 1.57 -16.79
CA ALA D 37 -2.45 0.51 -15.78
C ALA D 37 -2.20 1.12 -14.40
N ALA D 38 -1.05 1.79 -14.27
CA ALA D 38 -0.68 2.40 -13.01
C ALA D 38 -1.73 3.41 -12.55
N VAL D 39 -2.22 4.27 -13.46
CA VAL D 39 -3.21 5.32 -13.13
C VAL D 39 -4.53 4.73 -12.62
N GLN D 40 -5.11 3.81 -13.39
CA GLN D 40 -6.36 3.15 -13.01
C GLN D 40 -6.15 2.37 -11.72
N LYS D 41 -4.99 1.72 -11.60
CA LYS D 41 -4.62 1.03 -10.35
C LYS D 41 -4.40 2.00 -9.18
N GLY D 42 -4.09 3.25 -9.50
CA GLY D 42 -4.16 4.35 -8.55
C GLY D 42 -5.59 4.55 -8.05
N VAL D 43 -6.55 4.56 -8.98
CA VAL D 43 -7.99 4.65 -8.65
C VAL D 43 -8.49 3.36 -7.97
N ALA D 44 -8.14 2.21 -8.53
CA ALA D 44 -8.55 0.89 -8.02
C ALA D 44 -8.35 0.72 -6.52
N THR D 45 -7.27 1.30 -6.00
CA THR D 45 -6.98 1.23 -4.57
C THR D 45 -7.82 2.24 -3.79
N VAL D 46 -7.93 3.48 -4.28
CA VAL D 46 -8.70 4.53 -3.60
C VAL D 46 -10.19 4.18 -3.47
N ALA D 47 -10.82 3.82 -4.59
CA ALA D 47 -12.21 3.37 -4.56
C ALA D 47 -12.38 2.22 -3.56
N SER D 48 -11.55 1.18 -3.68
CA SER D 48 -11.52 0.07 -2.71
C SER D 48 -11.41 0.57 -1.25
N SER D 49 -10.31 1.28 -0.96
CA SER D 49 -10.06 1.99 0.33
C SER D 49 -11.23 2.90 0.78
N LEU D 50 -11.91 3.54 -0.18
CA LEU D 50 -13.12 4.34 0.09
C LEU D 50 -14.28 3.47 0.59
N ASP D 51 -14.48 2.29 -0.01
CA ASP D 51 -15.63 1.42 0.32
C ASP D 51 -15.61 0.95 1.76
N ARG D 52 -14.41 0.68 2.27
CA ARG D 52 -14.24 0.28 3.66
C ARG D 52 -14.85 1.30 4.60
N LEU D 53 -14.79 2.58 4.21
CA LEU D 53 -15.31 3.69 5.01
C LEU D 53 -16.85 3.76 4.98
N ILE D 54 -17.43 3.49 3.81
CA ILE D 54 -18.87 3.28 3.69
C ILE D 54 -19.30 2.18 4.65
N LYS D 55 -18.48 1.14 4.78
CA LYS D 55 -18.82 0.00 5.62
C LYS D 55 -18.95 0.39 7.11
N LYS D 56 -17.89 0.90 7.73
CA LYS D 56 -18.00 1.41 9.12
C LYS D 56 -18.60 2.84 9.19
N GLU D 57 -19.47 3.18 8.24
CA GLU D 57 -20.37 4.33 8.36
C GLU D 57 -19.67 5.69 8.55
N LYS D 58 -18.41 5.78 8.12
CA LYS D 58 -17.70 7.03 8.04
C LYS D 58 -17.96 7.61 6.66
N LEU D 59 -18.03 8.94 6.60
CA LEU D 59 -18.52 9.66 5.43
C LEU D 59 -19.92 9.18 5.01
N THR D 60 -20.03 8.49 3.87
CA THR D 60 -21.31 8.27 3.18
C THR D 60 -21.12 7.41 1.94
N GLU D 61 -22.22 7.15 1.24
CA GLU D 61 -22.20 6.54 -0.09
C GLU D 61 -22.07 7.56 -1.20
N ALA D 62 -22.67 8.74 -1.00
CA ALA D 62 -22.64 9.83 -1.98
C ALA D 62 -21.22 10.36 -2.22
N ASP D 63 -20.38 10.30 -1.19
CA ASP D 63 -19.03 10.86 -1.25
C ASP D 63 -17.97 9.94 -1.86
N LYS D 64 -18.16 8.63 -1.72
CA LYS D 64 -17.38 7.65 -2.48
C LYS D 64 -17.34 8.04 -3.96
N ALA D 65 -18.40 8.71 -4.41
CA ALA D 65 -18.46 9.32 -5.74
C ALA D 65 -18.01 10.80 -5.73
N SER D 66 -18.53 11.58 -4.78
CA SER D 66 -18.25 13.03 -4.69
C SER D 66 -16.75 13.36 -4.78
N ALA D 67 -15.89 12.44 -4.36
CA ALA D 67 -14.45 12.61 -4.49
C ALA D 67 -13.92 12.25 -5.90
N LEU D 68 -14.28 11.07 -6.39
CA LEU D 68 -13.68 10.49 -7.62
C LEU D 68 -13.76 11.39 -8.86
N ALA D 69 -14.87 12.11 -9.04
CA ALA D 69 -15.03 13.04 -10.16
C ALA D 69 -14.04 14.19 -9.96
N ARG D 70 -13.69 14.44 -8.69
CA ARG D 70 -12.66 15.39 -8.33
C ARG D 70 -11.23 14.90 -8.71
N ILE D 71 -10.99 13.59 -8.60
CA ILE D 71 -9.72 13.03 -9.08
C ILE D 71 -9.69 12.95 -10.60
N LYS D 72 -8.61 13.45 -11.19
CA LYS D 72 -8.48 13.61 -12.64
C LYS D 72 -7.23 12.87 -13.11
N GLY D 73 -7.37 11.55 -13.28
CA GLY D 73 -6.25 10.70 -13.72
C GLY D 73 -5.72 11.12 -15.08
N SER D 74 -4.41 10.98 -15.28
CA SER D 74 -3.73 11.38 -16.53
C SER D 74 -2.41 10.62 -16.72
N THR D 75 -1.84 10.66 -17.94
CA THR D 75 -0.58 9.93 -18.21
C THR D 75 0.53 10.75 -18.88
N SER D 76 0.25 12.03 -19.19
CA SER D 76 1.29 12.95 -19.66
C SER D 76 1.30 14.21 -18.81
N TYR D 77 2.48 14.81 -18.72
CA TYR D 77 2.78 15.77 -17.69
C TYR D 77 2.38 17.22 -18.05
N ASP D 78 1.79 17.46 -19.24
CA ASP D 78 1.34 18.82 -19.59
C ASP D 78 0.06 19.19 -18.80
N ASP D 79 -0.68 18.17 -18.35
CA ASP D 79 -1.87 18.32 -17.50
C ASP D 79 -1.68 19.23 -16.30
N LEU D 80 -0.45 19.30 -15.82
CA LEU D 80 -0.13 19.93 -14.55
C LEU D 80 0.06 21.47 -14.62
N LYS D 81 -0.32 22.10 -15.73
CA LYS D 81 -0.51 23.55 -15.74
C LYS D 81 -1.85 23.90 -15.07
N ALA D 82 -2.80 22.97 -15.14
CA ALA D 82 -4.06 23.08 -14.41
C ALA D 82 -3.84 23.42 -12.93
N THR D 83 -2.63 23.17 -12.43
CA THR D 83 -2.38 23.03 -11.00
C THR D 83 -1.83 24.28 -10.33
N ASP D 84 -2.24 24.49 -9.08
CA ASP D 84 -1.66 25.53 -8.22
C ASP D 84 -0.35 25.03 -7.60
N ILE D 85 -0.22 23.70 -7.49
CA ILE D 85 0.95 23.03 -6.88
C ILE D 85 1.11 21.57 -7.37
N VAL D 86 2.35 21.07 -7.37
CA VAL D 86 2.67 19.68 -7.74
C VAL D 86 3.53 18.92 -6.70
N ILE D 87 3.05 17.76 -6.27
CA ILE D 87 3.77 16.92 -5.33
C ILE D 87 4.41 15.78 -6.10
N GLU D 88 5.69 15.54 -5.86
CA GLU D 88 6.39 14.42 -6.49
C GLU D 88 6.42 13.29 -5.48
N ALA D 89 5.82 12.17 -5.86
CA ALA D 89 5.62 11.07 -4.96
C ALA D 89 5.88 9.74 -5.67
N ALA D 90 6.82 9.76 -6.61
CA ALA D 90 7.09 8.61 -7.44
C ALA D 90 8.23 7.78 -6.91
N THR D 91 9.25 8.40 -6.33
CA THR D 91 10.51 7.67 -6.12
C THR D 91 11.49 8.21 -5.05
N GLU D 92 12.18 7.28 -4.39
CA GLU D 92 13.34 7.58 -3.54
C GLU D 92 14.70 7.32 -4.24
N ASN D 93 14.69 7.17 -5.57
CA ASN D 93 15.92 7.17 -6.35
C ASN D 93 16.36 8.59 -6.63
N TYR D 94 17.54 8.98 -6.13
CA TYR D 94 18.03 10.34 -6.35
C TYR D 94 18.06 10.76 -7.83
N ASP D 95 18.71 10.00 -8.69
CA ASP D 95 18.91 10.52 -10.04
C ASP D 95 17.62 10.65 -10.79
N LEU D 96 16.69 9.72 -10.56
CA LEU D 96 15.39 9.77 -11.21
C LEU D 96 14.52 10.89 -10.65
N LYS D 97 14.54 11.03 -9.33
CA LYS D 97 13.85 12.15 -8.68
C LYS D 97 14.28 13.48 -9.30
N VAL D 98 15.58 13.61 -9.57
CA VAL D 98 16.12 14.83 -10.20
C VAL D 98 15.45 15.05 -11.54
N LYS D 99 15.46 14.01 -12.38
CA LYS D 99 14.77 14.03 -13.69
C LYS D 99 13.29 14.42 -13.56
N ILE D 100 12.54 13.68 -12.75
CA ILE D 100 11.10 13.92 -12.65
C ILE D 100 10.79 15.34 -12.19
N LEU D 101 11.62 15.87 -11.30
CA LEU D 101 11.44 17.25 -10.84
C LEU D 101 11.91 18.29 -11.85
N LYS D 102 12.90 17.95 -12.68
CA LYS D 102 13.35 18.85 -13.75
C LYS D 102 12.23 19.02 -14.78
N GLN D 103 11.58 17.89 -15.08
CA GLN D 103 10.43 17.81 -15.97
C GLN D 103 9.24 18.61 -15.45
N ILE D 104 8.92 18.39 -14.18
CA ILE D 104 7.88 19.15 -13.47
C ILE D 104 8.20 20.65 -13.41
N ASP D 105 9.48 21.01 -13.38
CA ASP D 105 9.87 22.40 -13.34
C ASP D 105 9.71 23.10 -14.70
N GLY D 106 10.13 22.43 -15.78
CA GLY D 106 10.00 22.98 -17.13
C GLY D 106 8.56 23.26 -17.56
N ILE D 107 7.62 22.45 -17.06
CA ILE D 107 6.20 22.60 -17.42
C ILE D 107 5.55 23.80 -16.71
N VAL D 108 5.39 23.73 -15.38
CA VAL D 108 4.55 24.69 -14.66
C VAL D 108 5.21 26.06 -14.47
N GLY D 109 4.40 27.05 -14.07
CA GLY D 109 4.85 28.44 -13.99
C GLY D 109 5.73 28.77 -12.80
N GLU D 110 6.51 29.85 -12.95
CA GLU D 110 7.44 30.34 -11.92
C GLU D 110 6.87 30.48 -10.49
N ASN D 111 5.59 30.82 -10.36
CA ASN D 111 5.02 31.06 -9.03
C ASN D 111 4.31 29.82 -8.46
N VAL D 112 4.31 28.72 -9.21
CA VAL D 112 3.70 27.47 -8.73
C VAL D 112 4.70 26.74 -7.84
N ILE D 113 4.20 26.08 -6.80
CA ILE D 113 5.03 25.38 -5.82
C ILE D 113 5.24 23.95 -6.25
N ILE D 114 6.42 23.43 -5.99
CA ILE D 114 6.80 22.05 -6.27
C ILE D 114 7.22 21.36 -4.95
N ALA D 115 6.53 20.28 -4.60
CA ALA D 115 6.87 19.53 -3.40
C ALA D 115 7.48 18.22 -3.80
N SER D 116 7.95 17.51 -2.80
CA SER D 116 8.55 16.20 -3.00
C SER D 116 8.48 15.46 -1.69
N ASN D 117 7.81 14.32 -1.73
CA ASN D 117 7.75 13.38 -0.61
C ASN D 117 9.09 12.64 -0.54
N THR D 118 9.53 12.30 0.66
CA THR D 118 10.78 11.60 0.86
C THR D 118 10.94 11.36 2.36
N SER D 119 11.66 10.30 2.71
CA SER D 119 12.12 10.03 4.08
C SER D 119 13.58 10.44 4.31
N SER D 120 14.36 10.50 3.24
CA SER D 120 15.81 10.54 3.38
C SER D 120 16.53 11.58 2.51
N ILE D 121 15.95 11.94 1.36
CA ILE D 121 16.67 12.77 0.41
C ILE D 121 16.75 14.22 0.90
N SER D 122 17.94 14.84 0.81
CA SER D 122 18.12 16.25 1.17
C SER D 122 17.24 17.14 0.33
N ILE D 123 16.35 17.84 1.02
CA ILE D 123 15.46 18.79 0.40
C ILE D 123 16.21 19.97 -0.22
N THR D 124 17.27 20.44 0.45
CA THR D 124 18.07 21.54 -0.08
C THR D 124 18.70 21.15 -1.39
N LYS D 125 19.19 19.91 -1.49
CA LYS D 125 19.86 19.44 -2.72
C LYS D 125 18.90 19.36 -3.91
N LEU D 126 17.73 18.72 -3.70
CA LEU D 126 16.67 18.71 -4.70
C LEU D 126 16.30 20.13 -5.16
N ALA D 127 16.00 21.00 -4.22
CA ALA D 127 15.49 22.31 -4.52
C ALA D 127 16.40 23.07 -5.49
N ALA D 128 17.71 22.95 -5.31
CA ALA D 128 18.66 23.74 -6.11
C ALA D 128 18.85 23.25 -7.55
N VAL D 129 18.25 22.11 -7.91
CA VAL D 129 18.16 21.67 -9.31
C VAL D 129 16.95 22.27 -10.06
N THR D 130 16.04 22.90 -9.33
CA THR D 130 14.89 23.59 -9.92
C THR D 130 15.12 25.09 -10.04
N SER D 131 14.51 25.67 -11.08
CA SER D 131 14.62 27.10 -11.45
C SER D 131 14.24 28.09 -10.34
N ARG D 132 13.13 27.82 -9.65
CA ARG D 132 12.74 28.61 -8.45
C ARG D 132 12.84 27.70 -7.21
N ALA D 133 14.04 27.67 -6.64
CA ALA D 133 14.29 26.85 -5.46
C ALA D 133 13.44 27.34 -4.27
N ASP D 134 13.23 28.65 -4.17
CA ASP D 134 12.41 29.22 -3.10
C ASP D 134 10.96 28.78 -3.13
N ARG D 135 10.54 28.23 -4.28
CA ARG D 135 9.20 27.63 -4.43
C ARG D 135 9.21 26.10 -4.29
N PHE D 136 10.27 25.54 -3.70
CA PHE D 136 10.40 24.11 -3.45
C PHE D 136 10.33 23.84 -1.97
N ILE D 137 9.65 22.76 -1.60
CA ILE D 137 9.54 22.36 -0.20
C ILE D 137 9.31 20.86 -0.10
N GLY D 138 9.83 20.27 0.97
CA GLY D 138 9.68 18.86 1.22
C GLY D 138 8.44 18.60 2.05
N MET D 139 7.80 17.49 1.75
CA MET D 139 6.72 16.94 2.54
C MET D 139 7.03 15.47 2.80
N HIS D 140 6.72 14.99 3.99
CA HIS D 140 6.90 13.57 4.30
C HIS D 140 5.60 13.12 4.96
N PHE D 141 4.75 12.44 4.18
CA PHE D 141 3.48 11.89 4.67
C PHE D 141 3.71 10.57 5.33
N PHE D 142 2.86 10.20 6.27
CA PHE D 142 3.05 8.93 6.95
C PHE D 142 2.16 7.81 6.46
N ASN D 143 2.60 6.58 6.73
CA ASN D 143 2.68 5.56 5.69
C ASN D 143 1.36 4.96 5.22
N PRO D 144 0.34 4.91 6.11
CA PRO D 144 -1.09 4.81 5.69
C PRO D 144 -1.74 6.20 5.54
N VAL D 145 -1.51 6.85 4.41
CA VAL D 145 -1.74 8.29 4.30
C VAL D 145 -3.13 8.75 4.73
N PRO D 146 -4.19 8.03 4.32
CA PRO D 146 -5.50 8.58 4.68
C PRO D 146 -5.72 8.74 6.21
N VAL D 147 -5.35 7.75 7.02
CA VAL D 147 -5.68 7.79 8.47
C VAL D 147 -4.67 8.50 9.39
N MET D 148 -3.42 8.65 8.96
CA MET D 148 -2.40 9.32 9.80
C MET D 148 -2.62 10.82 9.80
N ALA D 149 -2.68 11.41 10.98
CA ALA D 149 -3.08 12.79 11.08
C ALA D 149 -1.92 13.76 11.06
N LEU D 150 -0.83 13.41 10.37
CA LEU D 150 0.40 14.25 10.40
C LEU D 150 1.29 14.19 9.17
N VAL D 151 2.00 15.31 8.95
CA VAL D 151 2.88 15.51 7.80
C VAL D 151 4.11 16.28 8.25
N GLU D 152 5.28 15.79 7.85
CA GLU D 152 6.50 16.54 8.06
C GLU D 152 6.63 17.50 6.88
N LEU D 153 6.86 18.78 7.17
CA LEU D 153 7.08 19.84 6.17
C LEU D 153 8.52 20.31 6.27
N ILE D 154 9.32 20.01 5.27
CA ILE D 154 10.76 20.20 5.39
C ILE D 154 11.27 21.33 4.51
N ARG D 155 11.66 22.43 5.16
CA ARG D 155 12.17 23.57 4.45
C ARG D 155 13.55 23.27 4.02
N GLY D 156 13.80 23.32 2.74
CA GLY D 156 15.17 23.41 2.28
C GLY D 156 15.72 24.74 2.78
N LEU D 157 17.01 24.94 2.61
CA LEU D 157 17.62 26.20 2.98
C LEU D 157 17.01 27.37 2.22
N GLN D 158 16.29 27.07 1.12
CA GLN D 158 15.79 28.09 0.18
C GLN D 158 14.29 28.30 0.24
N THR D 159 13.56 27.41 0.92
CA THR D 159 12.11 27.49 0.91
C THR D 159 11.72 28.84 1.44
N SER D 160 10.79 29.52 0.76
CA SER D 160 10.33 30.83 1.20
C SER D 160 9.30 30.67 2.30
N ASP D 161 9.18 31.73 3.10
CA ASP D 161 8.15 31.79 4.12
C ASP D 161 6.78 31.68 3.46
N THR D 162 6.67 32.26 2.27
CA THR D 162 5.43 32.19 1.50
C THR D 162 5.14 30.75 1.04
N THR D 163 6.14 30.10 0.42
CA THR D 163 5.97 28.72 0.00
C THR D 163 5.57 27.94 1.21
N HIS D 164 6.25 28.26 2.32
CA HIS D 164 6.02 27.56 3.57
C HIS D 164 4.57 27.73 3.98
N ALA D 165 4.19 28.95 4.39
CA ALA D 165 2.82 29.25 4.87
C ALA D 165 1.72 28.61 3.99
N ALA D 166 1.94 28.65 2.67
CA ALA D 166 1.01 28.11 1.67
C ALA D 166 0.79 26.64 1.85
N VAL D 167 1.88 25.87 1.83
CA VAL D 167 1.77 24.43 2.01
C VAL D 167 1.42 24.10 3.46
N GLU D 168 1.85 24.94 4.41
CA GLU D 168 1.41 24.88 5.83
C GLU D 168 -0.12 24.86 5.92
N ALA D 169 -0.76 25.74 5.15
CA ALA D 169 -2.22 25.85 5.10
C ALA D 169 -2.86 24.61 4.45
N LEU D 170 -2.32 24.26 3.28
CA LEU D 170 -2.82 23.13 2.53
C LEU D 170 -2.86 21.86 3.38
N SER D 171 -1.81 21.65 4.17
CA SER D 171 -1.74 20.48 5.04
C SER D 171 -2.85 20.55 6.07
N LYS D 172 -3.00 21.73 6.70
CA LYS D 172 -4.05 21.96 7.71
C LYS D 172 -5.41 21.63 7.10
N GLN D 173 -5.66 22.13 5.89
CA GLN D 173 -6.87 21.81 5.16
C GLN D 173 -7.03 20.30 5.00
N LEU D 174 -6.01 19.62 4.48
CA LEU D 174 -6.05 18.14 4.30
C LEU D 174 -6.39 17.34 5.55
N GLY D 175 -6.49 18.01 6.71
CA GLY D 175 -6.86 17.36 7.96
C GLY D 175 -5.71 16.91 8.85
N LYS D 176 -4.48 17.36 8.53
CA LYS D 176 -3.25 16.84 9.15
C LYS D 176 -2.54 17.89 9.99
N TYR D 177 -2.05 17.52 11.16
CA TYR D 177 -1.19 18.40 11.93
C TYR D 177 0.20 18.43 11.25
N PRO D 178 0.63 19.59 10.75
CA PRO D 178 1.94 19.73 10.13
C PRO D 178 3.05 20.08 11.10
N ILE D 179 4.18 19.40 10.93
CA ILE D 179 5.36 19.60 11.75
C ILE D 179 6.38 20.26 10.86
N THR D 180 6.90 21.43 11.24
CA THR D 180 7.92 22.13 10.42
C THR D 180 9.39 21.78 10.78
N VAL D 181 10.25 21.62 9.77
CA VAL D 181 11.59 21.05 9.98
C VAL D 181 12.58 21.67 9.04
N LYS D 182 13.68 22.19 9.59
CA LYS D 182 14.83 22.52 8.76
C LYS D 182 15.43 21.22 8.22
N ASN D 183 15.55 21.14 6.91
CA ASN D 183 16.13 19.98 6.27
C ASN D 183 17.40 19.57 6.99
N SER D 184 17.42 18.32 7.42
CA SER D 184 18.46 17.73 8.28
C SER D 184 18.30 16.21 8.24
N PRO D 185 19.40 15.47 8.26
CA PRO D 185 19.19 14.04 8.10
C PRO D 185 18.21 13.43 9.12
N GLY D 186 17.22 12.67 8.64
CA GLY D 186 16.22 12.03 9.48
C GLY D 186 15.12 12.99 9.92
N PHE D 187 15.22 14.24 9.50
CA PHE D 187 14.20 15.21 9.85
C PHE D 187 13.91 15.14 11.36
N VAL D 188 12.67 14.97 11.77
CA VAL D 188 12.40 14.93 13.18
C VAL D 188 11.98 13.53 13.60
N VAL D 189 11.07 12.91 12.87
CA VAL D 189 10.56 11.64 13.33
C VAL D 189 11.61 10.55 13.34
N ASN D 190 12.16 10.29 12.17
CA ASN D 190 13.05 9.15 12.01
C ASN D 190 14.34 9.40 12.75
N ARG D 191 14.74 10.66 12.73
CA ARG D 191 15.88 11.12 13.50
C ARG D 191 15.82 10.67 14.92
N ILE D 192 14.70 10.87 15.61
CA ILE D 192 14.69 10.42 16.99
C ILE D 192 14.27 8.97 17.14
N LEU D 193 13.34 8.51 16.32
CA LEU D 193 12.82 7.15 16.50
C LEU D 193 13.87 6.12 16.07
N CYS D 194 14.42 6.25 14.87
CA CYS D 194 15.24 5.14 14.36
C CYS D 194 16.45 4.79 15.19
N PRO D 195 17.10 5.78 15.84
CA PRO D 195 18.24 5.35 16.68
C PRO D 195 17.81 4.64 17.96
N MET D 196 16.55 4.80 18.34
CA MET D 196 16.01 4.00 19.42
C MET D 196 15.93 2.55 18.98
N ILE D 197 15.30 2.30 17.83
CA ILE D 197 15.21 0.94 17.29
C ILE D 197 16.62 0.31 17.31
N ASN D 198 17.56 1.01 16.68
CA ASN D 198 18.96 0.61 16.71
C ASN D 198 19.50 0.20 18.09
N GLU D 199 19.12 0.97 19.11
CA GLU D 199 19.63 0.71 20.43
C GLU D 199 19.04 -0.57 20.97
N ALA D 200 17.78 -0.86 20.61
CA ALA D 200 17.15 -2.17 20.90
C ALA D 200 17.97 -3.30 20.30
N PHE D 201 18.36 -3.18 19.03
CA PHE D 201 19.22 -4.20 18.41
C PHE D 201 20.58 -4.33 19.13
N CYS D 202 21.17 -3.20 19.53
CA CYS D 202 22.45 -3.23 20.28
C CYS D 202 22.29 -4.04 21.58
N VAL D 203 21.17 -3.81 22.26
CA VAL D 203 20.89 -4.49 23.52
C VAL D 203 20.77 -5.99 23.26
N LEU D 204 19.95 -6.32 22.26
CA LEU D 204 19.73 -7.70 21.84
C LEU D 204 21.09 -8.31 21.46
N GLY D 205 21.81 -7.61 20.59
CA GLY D 205 23.14 -7.98 20.20
C GLY D 205 24.05 -8.30 21.36
N GLU D 206 23.99 -7.52 22.43
CA GLU D 206 24.94 -7.71 23.56
C GLU D 206 24.59 -8.89 24.45
N GLY D 207 23.57 -9.65 24.07
CA GLY D 207 22.98 -10.69 24.90
C GLY D 207 22.34 -10.28 26.22
N LEU D 208 21.87 -9.05 26.36
CA LEU D 208 21.43 -8.59 27.69
C LEU D 208 20.08 -9.12 28.08
N ALA D 209 19.26 -9.48 27.10
CA ALA D 209 17.89 -10.00 27.30
C ALA D 209 17.28 -10.54 25.99
N SER D 210 16.12 -11.17 26.08
CA SER D 210 15.48 -11.78 24.91
C SER D 210 14.75 -10.72 24.05
N PRO D 211 14.61 -10.96 22.73
CA PRO D 211 13.78 -10.05 21.94
C PRO D 211 12.39 -9.83 22.59
N GLU D 212 11.69 -10.92 22.87
CA GLU D 212 10.31 -10.85 23.38
C GLU D 212 10.26 -9.95 24.59
N GLU D 213 11.19 -10.10 25.53
CA GLU D 213 11.20 -9.23 26.77
C GLU D 213 11.69 -7.79 26.58
N ILE D 214 12.59 -7.56 25.63
CA ILE D 214 13.04 -6.23 25.33
C ILE D 214 11.78 -5.47 24.94
N ASP D 215 10.96 -6.13 24.12
CA ASP D 215 9.79 -5.52 23.50
C ASP D 215 8.74 -5.28 24.56
N GLU D 216 8.64 -6.16 25.55
CA GLU D 216 7.66 -6.02 26.60
C GLU D 216 8.09 -4.86 27.47
N GLY D 217 9.36 -4.86 27.85
CA GLY D 217 9.93 -3.76 28.61
C GLY D 217 9.45 -2.42 28.09
N MET D 218 9.47 -2.24 26.78
CA MET D 218 9.17 -0.95 26.18
C MET D 218 7.68 -0.68 26.09
N LYS D 219 6.93 -1.75 25.80
CA LYS D 219 5.46 -1.74 25.74
C LYS D 219 4.84 -1.35 27.10
N LEU D 220 5.22 -2.09 28.13
CA LEU D 220 4.67 -1.90 29.47
C LEU D 220 5.35 -0.76 30.19
N GLY D 221 6.68 -0.68 30.08
CA GLY D 221 7.44 0.35 30.77
C GLY D 221 7.18 1.75 30.25
N CYS D 222 7.22 1.93 28.93
CA CYS D 222 7.04 3.25 28.30
C CYS D 222 5.77 3.34 27.52
N ASN D 223 4.88 2.37 27.67
CA ASN D 223 3.52 2.56 27.20
C ASN D 223 3.45 2.74 25.69
N HIS D 224 4.40 2.15 24.96
CA HIS D 224 4.43 2.23 23.51
C HIS D 224 3.55 1.09 23.01
N PRO D 225 2.80 1.30 21.91
CA PRO D 225 1.91 0.31 21.31
C PRO D 225 2.62 -0.95 20.82
N ILE D 226 3.70 -0.78 20.08
CA ILE D 226 4.48 -1.89 19.55
C ILE D 226 5.92 -1.69 20.02
N GLY D 227 6.56 -2.79 20.39
CA GLY D 227 7.93 -2.78 20.82
C GLY D 227 8.82 -2.55 19.62
N PRO D 228 9.97 -1.88 19.83
CA PRO D 228 10.88 -1.54 18.73
C PRO D 228 11.30 -2.71 17.85
N LEU D 229 11.53 -3.90 18.43
CA LEU D 229 12.02 -4.98 17.60
C LEU D 229 10.92 -5.43 16.67
N ALA D 230 9.74 -5.70 17.22
CA ALA D 230 8.58 -6.01 16.35
C ALA D 230 8.35 -4.91 15.31
N LEU D 231 8.45 -3.67 15.77
CA LEU D 231 8.29 -2.54 14.90
C LEU D 231 9.35 -2.54 13.81
N ALA D 232 10.56 -2.97 14.14
CA ALA D 232 11.60 -3.05 13.13
C ALA D 232 11.22 -4.06 12.06
N ASP D 233 10.67 -5.17 12.50
CA ASP D 233 10.20 -6.20 11.56
C ASP D 233 9.07 -5.69 10.66
N MET D 234 8.15 -4.88 11.17
CA MET D 234 7.17 -4.24 10.28
C MET D 234 7.76 -3.24 9.29
N ILE D 235 8.76 -2.47 9.68
CA ILE D 235 9.32 -1.43 8.80
C ILE D 235 10.20 -2.03 7.68
N GLY D 236 11.01 -3.03 8.05
CA GLY D 236 12.05 -3.61 7.19
C GLY D 236 13.43 -3.34 7.80
N LEU D 237 14.20 -4.39 8.07
CA LEU D 237 15.51 -4.19 8.69
C LEU D 237 16.45 -3.62 7.64
N ASP D 238 16.18 -3.87 6.37
CA ASP D 238 16.92 -3.19 5.28
C ASP D 238 16.55 -1.67 5.20
N THR D 239 15.28 -1.34 5.42
CA THR D 239 14.84 0.07 5.51
C THR D 239 15.44 0.80 6.77
N MET D 240 15.54 0.08 7.90
CA MET D 240 16.18 0.56 9.14
C MET D 240 17.70 0.80 9.00
N LEU D 241 18.41 -0.22 8.53
CA LEU D 241 19.83 -0.14 8.24
C LEU D 241 20.15 1.03 7.33
N ALA D 242 19.34 1.20 6.30
CA ALA D 242 19.59 2.26 5.34
C ALA D 242 19.44 3.62 6.02
N VAL D 243 18.39 3.78 6.82
CA VAL D 243 18.19 5.02 7.59
C VAL D 243 19.39 5.31 8.50
N MET D 244 19.73 4.31 9.31
CA MET D 244 20.93 4.41 10.11
C MET D 244 22.20 4.71 9.29
N GLU D 245 22.32 4.25 8.06
CA GLU D 245 23.54 4.55 7.32
C GLU D 245 23.47 5.97 6.83
N VAL D 246 22.28 6.46 6.59
CA VAL D 246 22.12 7.85 6.19
C VAL D 246 22.50 8.79 7.34
N LEU D 247 22.07 8.42 8.54
CA LEU D 247 22.41 9.16 9.72
C LEU D 247 23.90 9.20 9.94
N TYR D 248 24.51 8.02 9.90
CA TYR D 248 25.97 7.90 10.12
C TYR D 248 26.82 8.60 9.04
N THR D 249 26.31 8.66 7.84
CA THR D 249 27.09 9.14 6.70
C THR D 249 26.86 10.61 6.50
N GLU D 250 25.60 11.02 6.60
CA GLU D 250 25.27 12.43 6.52
C GLU D 250 25.86 13.26 7.68
N PHE D 251 25.87 12.75 8.91
CA PHE D 251 26.51 13.45 10.06
C PHE D 251 28.00 13.16 10.25
N ALA D 252 28.50 12.15 9.54
CA ALA D 252 29.87 11.74 9.70
C ALA D 252 30.21 11.53 11.16
N ASP D 253 29.34 10.82 11.89
CA ASP D 253 29.53 10.60 13.33
C ASP D 253 29.10 9.19 13.76
N PRO D 254 30.03 8.42 14.34
CA PRO D 254 29.73 7.07 14.77
C PRO D 254 28.78 6.97 15.91
N LYS D 255 28.21 8.07 16.35
CA LYS D 255 27.17 7.98 17.35
C LYS D 255 26.04 7.19 16.75
N TYR D 256 25.91 7.29 15.43
CA TYR D 256 24.82 6.67 14.70
C TYR D 256 25.28 5.40 13.96
N ARG D 257 26.39 4.78 14.35
CA ARG D 257 26.71 3.41 13.94
C ARG D 257 25.47 2.56 13.84
N PRO D 258 25.20 1.94 12.71
CA PRO D 258 24.22 0.85 12.82
C PRO D 258 24.64 -0.29 13.78
N ALA D 259 23.65 -0.97 14.40
CA ALA D 259 23.88 -2.13 15.29
C ALA D 259 24.41 -3.31 14.49
N MET D 260 25.37 -4.03 15.04
CA MET D 260 26.04 -5.06 14.25
C MET D 260 25.11 -6.20 13.84
N LEU D 261 24.26 -6.65 14.77
CA LEU D 261 23.19 -7.62 14.50
C LEU D 261 22.20 -7.15 13.47
N MET D 262 21.93 -5.86 13.44
CA MET D 262 21.03 -5.35 12.43
C MET D 262 21.67 -5.55 11.07
N ARG D 263 22.99 -5.40 11.00
CA ARG D 263 23.72 -5.59 9.74
C ARG D 263 23.70 -7.02 9.31
N GLU D 264 23.77 -7.91 10.29
CA GLU D 264 23.93 -9.30 10.02
C GLU D 264 22.60 -9.86 9.53
N MET D 265 21.53 -9.49 10.21
CA MET D 265 20.23 -9.96 9.79
C MET D 265 19.99 -9.53 8.35
N VAL D 266 20.25 -8.25 8.05
CA VAL D 266 20.07 -7.77 6.69
C VAL D 266 20.92 -8.55 5.66
N ALA D 267 22.19 -8.78 5.98
CA ALA D 267 23.08 -9.55 5.09
C ALA D 267 22.54 -10.94 4.78
N ALA D 268 21.96 -11.58 5.80
CA ALA D 268 21.42 -12.93 5.65
C ALA D 268 20.12 -12.94 4.87
N GLY D 269 19.46 -11.80 4.72
CA GLY D 269 18.15 -11.74 4.04
C GLY D 269 16.95 -11.79 4.97
N TYR D 270 17.22 -11.88 6.27
CA TYR D 270 16.18 -11.81 7.27
C TYR D 270 15.78 -10.33 7.47
N LEU D 271 14.78 -9.89 6.72
CA LEU D 271 14.42 -8.49 6.63
C LEU D 271 13.15 -8.17 7.40
N GLY D 272 12.45 -9.20 7.87
CA GLY D 272 11.22 -8.98 8.64
C GLY D 272 9.98 -9.64 8.05
N ARG D 273 8.83 -9.06 8.36
CA ARG D 273 7.56 -9.53 7.84
C ARG D 273 7.60 -9.73 6.32
N LYS D 274 8.26 -8.83 5.62
CA LYS D 274 8.30 -8.88 4.16
C LYS D 274 9.12 -10.04 3.52
N THR D 275 9.80 -10.83 4.35
CA THR D 275 10.48 -12.06 3.94
C THR D 275 10.19 -13.19 4.93
N GLY D 276 9.14 -13.07 5.74
CA GLY D 276 8.87 -14.11 6.75
C GLY D 276 9.78 -14.15 7.96
N ARG D 277 10.88 -13.42 7.94
CA ARG D 277 11.90 -13.58 8.97
C ARG D 277 12.72 -12.32 9.22
N GLY D 278 12.76 -11.93 10.49
CA GLY D 278 13.60 -10.83 10.95
C GLY D 278 14.05 -11.11 12.38
N VAL D 279 13.60 -10.30 13.32
CA VAL D 279 13.96 -10.56 14.72
C VAL D 279 13.19 -11.79 15.13
N TYR D 280 11.95 -11.88 14.61
CA TYR D 280 11.07 -13.03 14.85
C TYR D 280 10.71 -13.71 13.54
N VAL D 281 9.94 -14.80 13.64
CA VAL D 281 9.53 -15.57 12.51
C VAL D 281 8.01 -15.43 12.35
N TYR D 282 7.57 -15.36 11.09
CA TYR D 282 6.19 -14.98 10.69
C TYR D 282 5.56 -16.00 9.74
N SER D 283 4.22 -16.08 9.75
CA SER D 283 3.48 -17.05 8.90
C SER D 283 3.92 -17.08 7.42
N LYS D 284 3.45 -16.10 6.63
CA LYS D 284 3.78 -16.00 5.20
C LYS D 284 3.63 -17.33 4.45
N SER E 2 -18.71 -17.12 1.83
CA SER E 2 -18.31 -17.93 0.65
C SER E 2 -17.84 -19.32 1.09
N ILE E 3 -16.56 -19.44 1.44
CA ILE E 3 -15.91 -20.73 1.62
C ILE E 3 -15.27 -20.86 3.00
N ARG E 4 -15.94 -21.56 3.90
CA ARG E 4 -15.32 -22.04 5.13
C ARG E 4 -14.85 -23.47 4.90
N THR E 5 -15.67 -24.26 4.19
CA THR E 5 -15.41 -25.70 3.97
C THR E 5 -14.91 -26.03 2.54
N VAL E 6 -13.84 -26.81 2.48
CA VAL E 6 -13.19 -27.18 1.21
C VAL E 6 -12.96 -28.70 1.12
N GLY E 7 -13.76 -29.35 0.28
CA GLY E 7 -13.56 -30.77 -0.04
C GLY E 7 -12.40 -31.03 -0.98
N ILE E 8 -11.79 -32.20 -0.83
CA ILE E 8 -10.72 -32.66 -1.70
C ILE E 8 -10.91 -34.14 -1.95
N VAL E 9 -11.01 -34.53 -3.22
CA VAL E 9 -10.94 -35.95 -3.59
C VAL E 9 -9.53 -36.26 -4.05
N GLY E 10 -8.82 -37.05 -3.26
CA GLY E 10 -7.40 -37.31 -3.51
C GLY E 10 -6.61 -36.89 -2.30
N ALA E 11 -5.73 -37.79 -1.85
CA ALA E 11 -4.90 -37.54 -0.70
C ALA E 11 -3.45 -37.99 -0.91
N GLY E 12 -3.03 -38.14 -2.17
CA GLY E 12 -1.61 -38.41 -2.50
C GLY E 12 -0.79 -37.12 -2.40
N THR E 13 0.44 -37.16 -2.89
CA THR E 13 1.34 -36.01 -2.83
C THR E 13 0.63 -34.65 -3.04
N MET E 14 -0.23 -34.56 -4.06
CA MET E 14 -0.85 -33.28 -4.42
C MET E 14 -2.09 -32.94 -3.56
N GLY E 15 -3.05 -33.85 -3.48
CA GLY E 15 -4.32 -33.59 -2.78
C GLY E 15 -4.21 -33.26 -1.30
N ASN E 16 -3.26 -33.88 -0.59
CA ASN E 16 -3.05 -33.57 0.85
C ASN E 16 -2.31 -32.22 1.02
N GLY E 17 -1.43 -31.92 0.06
CA GLY E 17 -0.81 -30.62 -0.01
C GLY E 17 -1.82 -29.49 -0.01
N ILE E 18 -2.85 -29.63 -0.83
CA ILE E 18 -3.93 -28.63 -0.88
C ILE E 18 -4.64 -28.56 0.49
N ALA E 19 -4.93 -29.75 1.04
CA ALA E 19 -5.51 -29.87 2.37
C ALA E 19 -4.64 -29.14 3.40
N GLN E 20 -3.34 -29.40 3.37
CA GLN E 20 -2.43 -28.73 4.30
C GLN E 20 -2.48 -27.23 4.13
N ALA E 21 -2.43 -26.80 2.87
CA ALA E 21 -2.54 -25.41 2.49
C ALA E 21 -3.80 -24.78 3.06
N CYS E 22 -4.94 -25.46 2.90
CA CYS E 22 -6.26 -24.98 3.42
C CYS E 22 -6.34 -24.94 4.95
N ALA E 23 -5.79 -25.97 5.59
CA ALA E 23 -5.81 -26.11 7.04
C ALA E 23 -4.99 -25.04 7.78
N VAL E 24 -3.78 -24.73 7.30
CA VAL E 24 -2.90 -23.78 7.99
C VAL E 24 -3.53 -22.38 8.13
N VAL E 25 -4.49 -22.06 7.26
CA VAL E 25 -5.24 -20.80 7.36
C VAL E 25 -6.65 -20.95 7.96
N GLY E 26 -6.96 -22.12 8.51
CA GLY E 26 -8.28 -22.38 9.12
C GLY E 26 -9.49 -22.50 8.19
N LEU E 27 -9.36 -23.28 7.11
CA LEU E 27 -10.50 -23.74 6.33
C LEU E 27 -10.73 -25.22 6.56
N ASN E 28 -12.00 -25.62 6.59
CA ASN E 28 -12.35 -27.00 6.90
C ASN E 28 -12.03 -27.90 5.72
N VAL E 29 -11.38 -29.02 6.02
CA VAL E 29 -10.96 -29.95 4.99
C VAL E 29 -11.61 -31.32 5.16
N VAL E 30 -12.55 -31.62 4.26
CA VAL E 30 -13.05 -32.99 4.09
C VAL E 30 -12.18 -33.68 3.04
N MET E 31 -11.25 -34.53 3.45
CA MET E 31 -10.32 -35.15 2.48
C MET E 31 -10.60 -36.64 2.18
N VAL E 32 -11.38 -36.89 1.14
CA VAL E 32 -11.79 -38.26 0.69
C VAL E 32 -10.67 -39.08 0.02
N ASP E 33 -10.81 -40.41 0.10
CA ASP E 33 -10.03 -41.32 -0.74
C ASP E 33 -10.72 -42.70 -0.85
N ILE E 34 -10.09 -43.64 -1.55
CA ILE E 34 -10.65 -44.99 -1.74
C ILE E 34 -10.67 -45.80 -0.44
N SER E 35 -9.55 -45.80 0.26
CA SER E 35 -9.34 -46.63 1.44
C SER E 35 -9.24 -45.79 2.72
N ASP E 36 -8.87 -46.43 3.82
CA ASP E 36 -8.43 -45.73 5.02
C ASP E 36 -6.90 -45.59 5.05
N ALA E 37 -6.19 -46.59 4.54
CA ALA E 37 -4.73 -46.59 4.51
C ALA E 37 -4.18 -45.35 3.83
N ALA E 38 -4.86 -44.95 2.75
CA ALA E 38 -4.48 -43.76 1.99
C ALA E 38 -4.69 -42.47 2.81
N VAL E 39 -5.91 -42.30 3.32
CA VAL E 39 -6.28 -41.15 4.16
C VAL E 39 -5.31 -40.94 5.32
N GLN E 40 -4.83 -42.03 5.92
CA GLN E 40 -3.89 -41.95 7.04
C GLN E 40 -2.43 -41.72 6.60
N LYS E 41 -2.03 -42.21 5.43
CA LYS E 41 -0.66 -41.96 4.92
C LYS E 41 -0.54 -40.54 4.41
N GLY E 42 -1.66 -40.00 3.91
CA GLY E 42 -1.76 -38.62 3.51
C GLY E 42 -1.62 -37.78 4.76
N VAL E 43 -2.58 -37.93 5.68
CA VAL E 43 -2.56 -37.20 6.94
C VAL E 43 -1.17 -37.28 7.60
N ALA E 44 -0.53 -38.42 7.51
CA ALA E 44 0.82 -38.55 8.05
C ALA E 44 1.79 -37.63 7.31
N THR E 45 1.60 -37.53 6.00
CA THR E 45 2.53 -36.75 5.18
C THR E 45 2.39 -35.26 5.49
N VAL E 46 1.14 -34.84 5.71
CA VAL E 46 0.80 -33.48 6.19
C VAL E 46 1.60 -33.16 7.43
N ALA E 47 1.55 -34.06 8.41
CA ALA E 47 2.27 -33.91 9.65
C ALA E 47 3.77 -33.73 9.37
N SER E 48 4.40 -34.72 8.73
CA SER E 48 5.84 -34.67 8.46
C SER E 48 6.27 -33.29 7.95
N SER E 49 5.44 -32.67 7.11
CA SER E 49 5.70 -31.32 6.64
C SER E 49 5.64 -30.32 7.80
N LEU E 50 4.45 -30.22 8.40
CA LEU E 50 4.23 -29.34 9.54
C LEU E 50 5.34 -29.47 10.60
N ASP E 51 5.76 -30.70 10.93
CA ASP E 51 6.90 -30.92 11.86
C ASP E 51 8.20 -30.30 11.33
N ARG E 52 8.40 -30.35 10.02
CA ARG E 52 9.57 -29.71 9.40
C ARG E 52 9.52 -28.17 9.47
N LEU E 53 8.29 -27.65 9.61
CA LEU E 53 8.03 -26.21 9.81
C LEU E 53 8.13 -25.70 11.26
N ILE E 54 7.97 -26.60 12.25
CA ILE E 54 8.19 -26.24 13.66
C ILE E 54 9.69 -26.31 14.04
N LYS E 55 10.46 -27.13 13.32
CA LYS E 55 11.92 -27.03 13.36
C LYS E 55 12.34 -25.61 12.92
N LYS E 56 11.84 -25.16 11.77
CA LYS E 56 12.13 -23.81 11.23
C LYS E 56 11.33 -22.67 11.89
N GLU E 57 10.64 -23.00 12.98
CA GLU E 57 9.99 -22.04 13.87
C GLU E 57 8.97 -21.20 13.12
N LYS E 58 8.34 -21.82 12.13
CA LYS E 58 7.35 -21.14 11.28
C LYS E 58 5.92 -21.37 11.81
N LEU E 59 5.79 -22.22 12.83
CA LEU E 59 4.51 -22.64 13.41
C LEU E 59 4.77 -23.25 14.81
N THR E 60 3.71 -23.37 15.64
CA THR E 60 3.77 -24.05 16.96
C THR E 60 3.17 -25.47 16.95
N GLU E 61 3.34 -26.20 18.06
CA GLU E 61 2.62 -27.47 18.27
C GLU E 61 1.11 -27.26 18.39
N ALA E 62 0.74 -26.15 19.05
CA ALA E 62 -0.67 -25.76 19.26
C ALA E 62 -1.36 -25.32 17.96
N ASP E 63 -0.56 -24.87 17.00
CA ASP E 63 -1.05 -24.57 15.65
C ASP E 63 -1.17 -25.85 14.84
N LYS E 64 -0.15 -26.70 14.91
CA LYS E 64 -0.14 -27.97 14.21
C LYS E 64 -1.44 -28.74 14.48
N ALA E 65 -1.85 -28.71 15.74
CA ALA E 65 -3.09 -29.30 16.19
C ALA E 65 -4.30 -28.67 15.52
N SER E 66 -4.38 -27.33 15.56
CA SER E 66 -5.52 -26.56 14.98
C SER E 66 -5.79 -26.92 13.52
N ALA E 67 -4.71 -26.99 12.74
CA ALA E 67 -4.75 -27.34 11.32
C ALA E 67 -5.08 -28.84 11.12
N LEU E 68 -4.43 -29.72 11.86
CA LEU E 68 -4.77 -31.15 11.81
C LEU E 68 -6.23 -31.38 12.20
N ALA E 69 -6.67 -30.68 13.26
CA ALA E 69 -8.07 -30.73 13.71
C ALA E 69 -9.03 -30.40 12.58
N ARG E 70 -8.71 -29.41 11.77
CA ARG E 70 -9.54 -29.03 10.61
C ARG E 70 -9.74 -30.16 9.61
N ILE E 71 -8.73 -31.02 9.43
CA ILE E 71 -8.79 -32.05 8.40
C ILE E 71 -9.67 -33.26 8.78
N LYS E 72 -10.85 -33.31 8.16
CA LYS E 72 -11.73 -34.47 8.19
C LYS E 72 -11.36 -35.50 7.08
N GLY E 73 -10.46 -36.41 7.41
CA GLY E 73 -10.15 -37.55 6.55
C GLY E 73 -11.38 -38.43 6.39
N SER E 74 -11.47 -39.15 5.27
CA SER E 74 -12.70 -39.89 4.97
C SER E 74 -12.49 -40.89 3.85
N THR E 75 -13.53 -41.69 3.60
CA THR E 75 -13.61 -42.44 2.36
C THR E 75 -15.06 -42.68 1.98
N SER E 76 -15.93 -41.76 2.38
CA SER E 76 -17.36 -41.83 2.13
C SER E 76 -17.76 -40.57 1.35
N TYR E 77 -17.98 -40.72 0.05
CA TYR E 77 -18.15 -39.58 -0.85
C TYR E 77 -19.33 -38.68 -0.48
N ASP E 78 -20.29 -39.21 0.28
CA ASP E 78 -21.41 -38.41 0.79
C ASP E 78 -20.94 -37.38 1.84
N ASP E 79 -19.73 -37.54 2.39
CA ASP E 79 -19.13 -36.52 3.28
C ASP E 79 -18.91 -35.17 2.60
N LEU E 80 -18.79 -35.20 1.27
CA LEU E 80 -18.65 -34.00 0.48
C LEU E 80 -19.93 -33.21 0.44
N LYS E 81 -21.04 -33.82 0.88
CA LYS E 81 -22.36 -33.20 0.82
C LYS E 81 -22.43 -31.84 1.48
N ALA E 82 -21.59 -31.60 2.49
CA ALA E 82 -21.54 -30.31 3.18
C ALA E 82 -20.17 -29.62 3.06
N THR E 83 -19.73 -29.38 1.82
CA THR E 83 -18.57 -28.53 1.53
C THR E 83 -18.98 -27.38 0.60
N ASP E 84 -18.19 -26.31 0.59
CA ASP E 84 -18.44 -25.12 -0.25
C ASP E 84 -17.78 -25.24 -1.63
N ILE E 85 -16.74 -26.08 -1.71
CA ILE E 85 -16.02 -26.35 -2.97
C ILE E 85 -15.29 -27.70 -2.89
N VAL E 86 -15.26 -28.42 -4.01
CA VAL E 86 -14.55 -29.70 -4.09
C VAL E 86 -13.49 -29.65 -5.17
N ILE E 87 -12.24 -29.82 -4.74
CA ILE E 87 -11.09 -29.86 -5.61
C ILE E 87 -10.78 -31.32 -5.85
N GLU E 88 -11.10 -31.81 -7.05
CA GLU E 88 -10.58 -33.11 -7.51
C GLU E 88 -9.04 -33.01 -7.52
N ALA E 89 -8.36 -34.08 -7.12
CA ALA E 89 -6.89 -34.12 -7.14
C ALA E 89 -6.23 -35.45 -7.36
N ALA E 90 -7.01 -36.44 -7.76
CA ALA E 90 -6.64 -37.86 -7.71
C ALA E 90 -5.70 -38.20 -8.87
N THR E 91 -6.29 -38.51 -10.01
CA THR E 91 -5.59 -39.15 -11.13
C THR E 91 -5.35 -38.16 -12.28
N GLU E 92 -4.44 -38.53 -13.19
CA GLU E 92 -4.31 -37.83 -14.48
C GLU E 92 -4.85 -38.62 -15.70
N ASN E 93 -5.54 -39.74 -15.43
CA ASN E 93 -6.23 -40.54 -16.45
C ASN E 93 -7.61 -39.97 -16.73
N TYR E 94 -7.78 -39.41 -17.93
CA TYR E 94 -9.03 -38.78 -18.32
C TYR E 94 -10.25 -39.65 -17.98
N ASP E 95 -10.39 -40.80 -18.64
CA ASP E 95 -11.61 -41.65 -18.50
C ASP E 95 -12.03 -41.83 -17.02
N LEU E 96 -11.05 -42.09 -16.14
CA LEU E 96 -11.27 -42.10 -14.67
C LEU E 96 -11.61 -40.70 -14.12
N LYS E 97 -10.67 -39.77 -14.22
CA LYS E 97 -10.93 -38.37 -13.89
C LYS E 97 -12.38 -38.00 -14.18
N VAL E 98 -12.86 -38.34 -15.39
CA VAL E 98 -14.24 -38.06 -15.76
C VAL E 98 -15.23 -38.82 -14.88
N LYS E 99 -14.92 -40.08 -14.57
CA LYS E 99 -15.75 -40.87 -13.66
C LYS E 99 -15.91 -40.14 -12.33
N ILE E 100 -14.81 -39.99 -11.60
CA ILE E 100 -14.78 -39.29 -10.32
C ILE E 100 -15.65 -38.03 -10.33
N LEU E 101 -15.46 -37.19 -11.35
CA LEU E 101 -16.08 -35.91 -11.39
C LEU E 101 -17.59 -36.02 -11.54
N LYS E 102 -18.06 -37.06 -12.23
CA LYS E 102 -19.51 -37.34 -12.32
C LYS E 102 -20.12 -37.76 -10.96
N GLN E 103 -19.38 -38.57 -10.18
CA GLN E 103 -19.77 -38.99 -8.80
C GLN E 103 -19.94 -37.83 -7.83
N ILE E 104 -18.96 -36.92 -7.87
CA ILE E 104 -18.98 -35.68 -7.08
C ILE E 104 -20.11 -34.74 -7.53
N ASP E 105 -20.39 -34.69 -8.83
CA ASP E 105 -21.40 -33.78 -9.39
C ASP E 105 -22.81 -34.09 -8.88
N GLY E 106 -23.27 -35.32 -9.06
CA GLY E 106 -24.58 -35.72 -8.52
C GLY E 106 -24.68 -35.50 -7.01
N ILE E 107 -23.57 -35.76 -6.31
CA ILE E 107 -23.50 -35.77 -4.84
C ILE E 107 -23.58 -34.39 -4.14
N VAL E 108 -23.27 -33.33 -4.85
CA VAL E 108 -23.17 -32.00 -4.24
C VAL E 108 -24.15 -31.04 -4.92
N GLY E 109 -24.58 -30.01 -4.19
CA GLY E 109 -25.58 -29.07 -4.69
C GLY E 109 -25.12 -28.13 -5.78
N GLU E 110 -26.04 -27.83 -6.69
CA GLU E 110 -25.83 -26.97 -7.87
C GLU E 110 -24.94 -25.72 -7.67
N ASN E 111 -25.03 -25.05 -6.53
CA ASN E 111 -24.30 -23.80 -6.30
C ASN E 111 -22.82 -24.03 -5.94
N VAL E 112 -22.47 -25.27 -5.59
CA VAL E 112 -21.11 -25.60 -5.16
C VAL E 112 -20.13 -25.67 -6.34
N ILE E 113 -18.96 -25.04 -6.14
CA ILE E 113 -17.94 -24.94 -7.16
C ILE E 113 -17.19 -26.27 -7.26
N ILE E 114 -16.91 -26.71 -8.48
CA ILE E 114 -16.11 -27.90 -8.67
C ILE E 114 -14.81 -27.49 -9.33
N ALA E 115 -13.70 -27.96 -8.77
CA ALA E 115 -12.39 -27.69 -9.33
C ALA E 115 -11.72 -28.98 -9.69
N SER E 116 -10.55 -28.85 -10.32
CA SER E 116 -9.74 -29.98 -10.75
C SER E 116 -8.31 -29.56 -10.93
N ASN E 117 -7.40 -30.34 -10.36
CA ASN E 117 -5.96 -30.10 -10.52
C ASN E 117 -5.41 -30.94 -11.69
N THR E 118 -4.48 -30.38 -12.46
CA THR E 118 -4.04 -31.05 -13.66
C THR E 118 -2.91 -30.32 -14.41
N SER E 119 -2.00 -31.12 -14.96
CA SER E 119 -0.82 -30.64 -15.68
C SER E 119 -1.18 -30.17 -17.09
N SER E 120 -1.90 -31.03 -17.81
CA SER E 120 -2.37 -30.72 -19.14
C SER E 120 -3.56 -31.62 -19.55
N ILE E 121 -4.74 -31.21 -19.06
CA ILE E 121 -6.05 -31.72 -19.50
C ILE E 121 -7.00 -30.55 -19.76
N SER E 122 -7.70 -30.61 -20.90
CA SER E 122 -8.59 -29.52 -21.30
C SER E 122 -9.65 -29.29 -20.23
N ILE E 123 -9.53 -28.19 -19.50
CA ILE E 123 -10.58 -27.78 -18.56
C ILE E 123 -11.97 -27.76 -19.20
N THR E 124 -12.08 -27.28 -20.44
CA THR E 124 -13.35 -27.26 -21.15
C THR E 124 -13.96 -28.69 -21.40
N LYS E 125 -13.14 -29.64 -21.82
CA LYS E 125 -13.59 -31.02 -21.88
C LYS E 125 -14.15 -31.43 -20.50
N LEU E 126 -13.38 -31.11 -19.46
CA LEU E 126 -13.75 -31.53 -18.11
C LEU E 126 -15.06 -30.90 -17.64
N ALA E 127 -15.12 -29.58 -17.58
CA ALA E 127 -16.33 -28.90 -17.14
C ALA E 127 -17.57 -29.41 -17.88
N ALA E 128 -17.39 -29.88 -19.11
CA ALA E 128 -18.50 -30.37 -19.90
C ALA E 128 -19.11 -31.68 -19.41
N VAL E 129 -18.41 -32.39 -18.53
CA VAL E 129 -18.95 -33.64 -17.97
C VAL E 129 -19.65 -33.44 -16.62
N THR E 130 -19.46 -32.28 -15.99
CA THR E 130 -20.31 -31.92 -14.85
C THR E 130 -21.67 -31.48 -15.40
N SER E 131 -22.53 -30.91 -14.56
CA SER E 131 -23.89 -30.51 -14.95
C SER E 131 -24.12 -28.98 -14.95
N ARG E 132 -23.52 -28.27 -14.00
CA ARG E 132 -23.36 -26.81 -14.12
C ARG E 132 -21.88 -26.54 -14.51
N ALA E 133 -21.66 -26.43 -15.82
CA ALA E 133 -20.31 -26.29 -16.39
C ALA E 133 -19.70 -24.97 -15.97
N ASP E 134 -20.52 -23.91 -16.00
CA ASP E 134 -20.13 -22.61 -15.41
C ASP E 134 -19.70 -22.66 -13.95
N ARG E 135 -19.93 -23.77 -13.27
CA ARG E 135 -19.49 -23.91 -11.88
C ARG E 135 -18.22 -24.75 -11.75
N PHE E 136 -17.58 -25.05 -12.88
CA PHE E 136 -16.32 -25.81 -12.92
C PHE E 136 -15.15 -24.90 -13.24
N ILE E 137 -13.99 -25.22 -12.72
CA ILE E 137 -12.84 -24.41 -13.03
C ILE E 137 -11.64 -25.29 -12.81
N GLY E 138 -10.49 -24.88 -13.35
CA GLY E 138 -9.24 -25.63 -13.21
C GLY E 138 -8.31 -25.07 -12.16
N MET E 139 -7.61 -25.95 -11.46
CA MET E 139 -6.49 -25.55 -10.63
C MET E 139 -5.23 -26.26 -11.15
N HIS E 140 -4.07 -25.72 -10.80
CA HIS E 140 -2.79 -26.28 -11.23
C HIS E 140 -1.67 -25.86 -10.28
N PHE E 141 -1.36 -26.73 -9.32
CA PHE E 141 -0.30 -26.45 -8.36
C PHE E 141 1.06 -26.79 -8.93
N PHE E 142 2.06 -26.91 -8.05
CA PHE E 142 3.42 -27.23 -8.47
C PHE E 142 4.19 -27.92 -7.35
N ASN E 143 4.55 -29.18 -7.57
CA ASN E 143 5.28 -29.96 -6.58
C ASN E 143 4.51 -29.55 -5.33
N PRO E 144 5.23 -28.82 -4.37
CA PRO E 144 4.63 -28.75 -3.04
C PRO E 144 3.62 -27.61 -2.94
N VAL E 145 2.33 -27.96 -2.86
CA VAL E 145 1.28 -26.96 -2.77
C VAL E 145 1.40 -26.13 -1.48
N PRO E 146 2.19 -26.70 -0.47
CA PRO E 146 2.28 -25.88 0.73
C PRO E 146 3.59 -25.10 0.79
N VAL E 147 4.35 -25.13 -0.30
CA VAL E 147 5.63 -24.43 -0.36
C VAL E 147 5.63 -23.38 -1.48
N MET E 148 5.07 -23.75 -2.63
CA MET E 148 5.01 -22.85 -3.77
C MET E 148 3.97 -21.75 -3.55
N ALA E 149 4.31 -20.53 -3.95
CA ALA E 149 3.41 -19.39 -3.80
C ALA E 149 2.85 -18.95 -5.14
N LEU E 150 2.15 -19.87 -5.81
CA LEU E 150 1.55 -19.58 -7.11
C LEU E 150 0.58 -20.67 -7.52
N VAL E 151 -0.46 -20.29 -8.27
CA VAL E 151 -1.47 -21.23 -8.73
C VAL E 151 -2.10 -20.86 -10.08
N GLU E 152 -2.12 -21.81 -11.02
CA GLU E 152 -2.77 -21.56 -12.29
C GLU E 152 -4.27 -21.83 -12.12
N LEU E 153 -5.09 -20.81 -12.37
CA LEU E 153 -6.53 -21.00 -12.48
C LEU E 153 -6.86 -21.11 -13.93
N ILE E 154 -7.47 -22.20 -14.35
CA ILE E 154 -7.73 -22.38 -15.77
C ILE E 154 -9.22 -22.38 -16.13
N ARG E 155 -9.62 -21.30 -16.82
CA ARG E 155 -11.01 -21.08 -17.22
C ARG E 155 -11.43 -21.82 -18.47
N GLY E 156 -12.37 -22.72 -18.28
CA GLY E 156 -13.06 -23.33 -19.38
C GLY E 156 -13.79 -22.22 -20.08
N LEU E 157 -14.10 -22.45 -21.35
CA LEU E 157 -15.03 -21.60 -22.01
C LEU E 157 -16.20 -21.32 -21.04
N GLN E 158 -16.73 -22.38 -20.41
CA GLN E 158 -17.99 -22.29 -19.68
C GLN E 158 -17.90 -21.63 -18.31
N THR E 159 -16.72 -21.65 -17.70
CA THR E 159 -16.57 -21.09 -16.34
C THR E 159 -17.13 -19.68 -16.17
N SER E 160 -17.98 -19.51 -15.18
CA SER E 160 -18.57 -18.21 -14.86
C SER E 160 -17.54 -17.27 -14.18
N ASP E 161 -17.85 -15.97 -14.20
CA ASP E 161 -17.05 -14.96 -13.48
C ASP E 161 -17.09 -15.18 -11.96
N THR E 162 -18.28 -15.47 -11.45
CA THR E 162 -18.46 -15.69 -10.01
C THR E 162 -17.55 -16.82 -9.50
N THR E 163 -17.65 -17.97 -10.15
CA THR E 163 -16.77 -19.10 -9.93
C THR E 163 -15.27 -18.67 -9.88
N HIS E 164 -14.85 -17.89 -10.86
CA HIS E 164 -13.47 -17.42 -10.94
C HIS E 164 -13.16 -16.49 -9.79
N ALA E 165 -13.97 -15.45 -9.64
CA ALA E 165 -13.87 -14.52 -8.49
C ALA E 165 -13.75 -15.25 -7.15
N ALA E 166 -14.59 -16.27 -6.95
CA ALA E 166 -14.58 -17.08 -5.72
C ALA E 166 -13.25 -17.81 -5.55
N VAL E 167 -12.80 -18.47 -6.62
CA VAL E 167 -11.58 -19.28 -6.58
C VAL E 167 -10.34 -18.41 -6.48
N GLU E 168 -10.32 -17.33 -7.25
CA GLU E 168 -9.23 -16.36 -7.17
C GLU E 168 -9.05 -15.94 -5.70
N ALA E 169 -10.18 -15.59 -5.06
CA ALA E 169 -10.23 -15.20 -3.65
C ALA E 169 -9.75 -16.28 -2.68
N LEU E 170 -10.19 -17.52 -2.89
CA LEU E 170 -9.75 -18.65 -2.05
C LEU E 170 -8.24 -18.88 -2.12
N SER E 171 -7.69 -18.85 -3.32
CA SER E 171 -6.25 -18.98 -3.56
C SER E 171 -5.44 -18.01 -2.73
N LYS E 172 -5.86 -16.75 -2.71
CA LYS E 172 -5.17 -15.69 -1.95
C LYS E 172 -5.21 -15.98 -0.48
N GLN E 173 -6.39 -16.40 -0.01
CA GLN E 173 -6.59 -16.85 1.36
C GLN E 173 -5.51 -17.85 1.80
N LEU E 174 -5.19 -18.82 0.93
CA LEU E 174 -4.16 -19.84 1.22
C LEU E 174 -2.71 -19.30 1.20
N GLY E 175 -2.53 -18.05 0.76
CA GLY E 175 -1.21 -17.44 0.69
C GLY E 175 -0.50 -17.81 -0.59
N LYS E 176 -1.23 -17.77 -1.69
CA LYS E 176 -0.68 -18.06 -3.01
C LYS E 176 -0.78 -16.82 -3.91
N TYR E 177 -0.22 -16.95 -5.11
CA TYR E 177 -0.39 -15.94 -6.12
C TYR E 177 -1.13 -16.60 -7.29
N PRO E 178 -2.35 -16.14 -7.56
CA PRO E 178 -3.12 -16.72 -8.67
C PRO E 178 -2.73 -16.21 -10.09
N ILE E 179 -2.88 -17.10 -11.08
CA ILE E 179 -2.61 -16.80 -12.48
C ILE E 179 -3.84 -17.20 -13.28
N THR E 180 -4.47 -16.24 -13.96
CA THR E 180 -5.69 -16.54 -14.69
C THR E 180 -5.32 -16.85 -16.13
N VAL E 181 -5.88 -17.93 -16.67
CA VAL E 181 -5.44 -18.49 -17.92
C VAL E 181 -6.63 -19.04 -18.65
N LYS E 182 -6.88 -18.57 -19.88
CA LYS E 182 -7.84 -19.26 -20.72
C LYS E 182 -7.32 -20.69 -20.96
N ASN E 183 -8.18 -21.66 -20.75
CA ASN E 183 -7.88 -23.06 -21.08
C ASN E 183 -7.13 -23.12 -22.37
N SER E 184 -6.05 -23.90 -22.40
CA SER E 184 -5.17 -24.01 -23.56
C SER E 184 -4.06 -24.99 -23.26
N PRO E 185 -3.58 -25.74 -24.27
CA PRO E 185 -2.53 -26.72 -23.98
C PRO E 185 -1.25 -26.16 -23.32
N GLY E 186 -1.01 -26.57 -22.07
CA GLY E 186 0.16 -26.18 -21.30
C GLY E 186 -0.17 -24.98 -20.46
N PHE E 187 -1.38 -24.47 -20.61
CA PHE E 187 -1.79 -23.29 -19.90
C PHE E 187 -0.70 -22.25 -20.13
N VAL E 188 -0.11 -21.70 -19.08
CA VAL E 188 0.96 -20.72 -19.24
C VAL E 188 2.32 -21.32 -18.93
N VAL E 189 2.49 -21.89 -17.74
CA VAL E 189 3.81 -22.36 -17.28
C VAL E 189 4.43 -23.49 -18.08
N ASN E 190 3.72 -24.62 -18.23
CA ASN E 190 4.29 -25.73 -19.02
C ASN E 190 4.45 -25.35 -20.50
N ARG E 191 3.49 -24.62 -21.06
CA ARG E 191 3.58 -24.20 -22.43
C ARG E 191 4.91 -23.52 -22.78
N ILE E 192 5.41 -22.68 -21.88
CA ILE E 192 6.62 -21.92 -22.15
C ILE E 192 7.89 -22.72 -21.84
N LEU E 193 7.91 -23.28 -20.64
CA LEU E 193 9.02 -24.05 -20.07
C LEU E 193 9.41 -25.35 -20.79
N CYS E 194 8.41 -26.20 -21.01
CA CYS E 194 8.61 -27.56 -21.49
C CYS E 194 9.21 -27.59 -22.91
N PRO E 195 8.70 -26.72 -23.82
CA PRO E 195 9.40 -26.59 -25.08
C PRO E 195 10.87 -26.12 -24.93
N MET E 196 11.17 -25.36 -23.90
CA MET E 196 12.54 -24.98 -23.65
C MET E 196 13.37 -26.20 -23.28
N ILE E 197 12.89 -27.04 -22.35
CA ILE E 197 13.59 -28.29 -22.03
C ILE E 197 13.81 -29.10 -23.33
N ASN E 198 12.79 -29.14 -24.16
CA ASN E 198 12.80 -29.91 -25.39
C ASN E 198 13.90 -29.44 -26.33
N GLU E 199 14.04 -28.13 -26.44
CA GLU E 199 15.11 -27.54 -27.24
C GLU E 199 16.50 -27.97 -26.72
N ALA E 200 16.70 -27.92 -25.41
CA ALA E 200 17.94 -28.44 -24.87
C ALA E 200 18.20 -29.86 -25.36
N PHE E 201 17.18 -30.73 -25.30
CA PHE E 201 17.27 -32.13 -25.81
C PHE E 201 17.57 -32.15 -27.31
N CYS E 202 16.92 -31.26 -28.06
CA CYS E 202 17.31 -31.07 -29.47
C CYS E 202 18.82 -30.70 -29.62
N VAL E 203 19.29 -29.74 -28.84
CA VAL E 203 20.68 -29.29 -28.88
C VAL E 203 21.64 -30.40 -28.47
N LEU E 204 21.29 -31.12 -27.40
CA LEU E 204 22.07 -32.28 -27.01
C LEU E 204 22.10 -33.32 -28.12
N GLY E 205 20.94 -33.59 -28.70
CA GLY E 205 20.85 -34.66 -29.68
C GLY E 205 21.66 -34.38 -30.89
N GLU E 206 21.74 -33.11 -31.29
CA GLU E 206 22.65 -32.67 -32.36
C GLU E 206 24.17 -32.57 -32.00
N GLY E 207 24.53 -32.80 -30.74
CA GLY E 207 25.95 -32.73 -30.35
C GLY E 207 26.62 -31.36 -30.38
N LEU E 208 25.87 -30.30 -30.04
CA LEU E 208 26.46 -28.97 -29.97
C LEU E 208 27.44 -28.79 -28.79
N ALA E 209 27.23 -29.57 -27.72
CA ALA E 209 27.92 -29.43 -26.48
C ALA E 209 27.51 -30.58 -25.61
N SER E 210 28.23 -30.78 -24.51
CA SER E 210 27.92 -31.82 -23.57
C SER E 210 26.77 -31.35 -22.72
N PRO E 211 26.03 -32.31 -22.12
CA PRO E 211 24.90 -31.96 -21.29
C PRO E 211 25.35 -30.97 -20.22
N GLU E 212 26.41 -31.34 -19.52
CA GLU E 212 27.00 -30.52 -18.46
C GLU E 212 27.19 -29.07 -18.96
N GLU E 213 27.90 -28.91 -20.07
CA GLU E 213 27.98 -27.60 -20.73
C GLU E 213 26.64 -26.97 -21.01
N ILE E 214 25.66 -27.77 -21.41
CA ILE E 214 24.33 -27.23 -21.71
C ILE E 214 23.63 -26.74 -20.44
N ASP E 215 23.72 -27.48 -19.34
CA ASP E 215 23.12 -27.03 -18.07
C ASP E 215 23.87 -25.86 -17.43
N GLU E 216 25.21 -25.88 -17.41
CA GLU E 216 25.99 -24.74 -16.85
C GLU E 216 25.74 -23.53 -17.71
N GLY E 217 25.73 -23.75 -19.02
CA GLY E 217 25.39 -22.72 -19.95
C GLY E 217 24.27 -21.92 -19.35
N MET E 218 23.18 -22.60 -19.00
CA MET E 218 21.96 -21.92 -18.61
C MET E 218 21.98 -21.34 -17.20
N LYS E 219 22.64 -22.02 -16.28
CA LYS E 219 22.76 -21.49 -14.93
C LYS E 219 23.65 -20.24 -14.92
N LEU E 220 24.87 -20.40 -15.43
CA LEU E 220 25.85 -19.32 -15.42
C LEU E 220 25.62 -18.20 -16.44
N GLY E 221 24.71 -18.40 -17.39
CA GLY E 221 24.51 -17.48 -18.52
C GLY E 221 23.17 -16.81 -18.57
N CYS E 222 22.19 -17.35 -17.83
CA CYS E 222 20.86 -16.74 -17.68
C CYS E 222 20.34 -16.76 -16.23
N ASN E 223 21.23 -16.99 -15.27
CA ASN E 223 20.91 -17.13 -13.84
C ASN E 223 19.78 -18.13 -13.51
N HIS E 224 19.60 -19.15 -14.35
CA HIS E 224 18.62 -20.21 -14.03
C HIS E 224 19.15 -21.02 -12.85
N PRO E 225 18.26 -21.41 -11.94
CA PRO E 225 18.72 -22.12 -10.75
C PRO E 225 19.12 -23.55 -10.99
N ILE E 226 18.68 -24.14 -12.10
CA ILE E 226 19.00 -25.53 -12.40
C ILE E 226 18.86 -25.83 -13.87
N GLY E 227 19.82 -26.53 -14.45
CA GLY E 227 19.83 -26.69 -15.89
C GLY E 227 18.70 -27.55 -16.45
N PRO E 228 18.14 -27.18 -17.62
CA PRO E 228 17.02 -27.90 -18.25
C PRO E 228 17.15 -29.42 -18.28
N LEU E 229 18.29 -29.94 -18.63
CA LEU E 229 18.44 -31.38 -18.69
C LEU E 229 18.37 -32.02 -17.29
N ALA E 230 19.00 -31.42 -16.31
CA ALA E 230 18.92 -31.90 -14.92
C ALA E 230 17.49 -31.76 -14.42
N LEU E 231 16.88 -30.65 -14.81
CA LEU E 231 15.52 -30.37 -14.45
C LEU E 231 14.59 -31.40 -15.01
N ALA E 232 14.87 -31.81 -16.25
CA ALA E 232 14.03 -32.81 -16.91
C ALA E 232 14.21 -34.18 -16.24
N ASP E 233 15.44 -34.48 -15.84
CA ASP E 233 15.68 -35.68 -15.06
C ASP E 233 14.83 -35.72 -13.79
N MET E 234 14.59 -34.54 -13.18
CA MET E 234 13.75 -34.43 -12.00
C MET E 234 12.26 -34.59 -12.28
N ILE E 235 11.78 -33.95 -13.34
CA ILE E 235 10.38 -34.01 -13.70
C ILE E 235 9.97 -35.42 -14.19
N GLY E 236 10.92 -36.18 -14.71
CA GLY E 236 10.65 -37.44 -15.33
C GLY E 236 10.72 -37.21 -16.83
N LEU E 237 11.58 -37.95 -17.53
CA LEU E 237 11.63 -37.81 -18.97
C LEU E 237 10.38 -38.35 -19.66
N ASP E 238 9.67 -39.31 -19.08
CA ASP E 238 8.41 -39.79 -19.72
C ASP E 238 7.32 -38.73 -19.57
N THR E 239 7.30 -38.10 -18.42
CA THR E 239 6.47 -36.93 -18.14
C THR E 239 6.69 -35.76 -19.08
N MET E 240 7.97 -35.51 -19.36
CA MET E 240 8.35 -34.41 -20.26
C MET E 240 7.89 -34.75 -21.66
N LEU E 241 8.17 -35.99 -22.10
CA LEU E 241 7.71 -36.43 -23.44
C LEU E 241 6.17 -36.42 -23.53
N ALA E 242 5.52 -36.90 -22.48
CA ALA E 242 4.06 -36.82 -22.43
C ALA E 242 3.59 -35.41 -22.71
N VAL E 243 4.20 -34.38 -22.11
CA VAL E 243 3.73 -32.99 -22.34
C VAL E 243 3.88 -32.55 -23.81
N MET E 244 5.05 -32.77 -24.37
CA MET E 244 5.30 -32.47 -25.80
C MET E 244 4.31 -33.15 -26.76
N GLU E 245 3.93 -34.42 -26.48
CA GLU E 245 2.90 -35.13 -27.28
C GLU E 245 1.61 -34.35 -27.24
N VAL E 246 1.25 -33.91 -26.06
CA VAL E 246 0.04 -33.14 -25.88
C VAL E 246 0.15 -31.80 -26.65
N LEU E 247 1.22 -31.02 -26.44
CA LEU E 247 1.31 -29.75 -27.20
C LEU E 247 1.24 -30.07 -28.69
N TYR E 248 1.97 -31.08 -29.14
CA TYR E 248 1.98 -31.36 -30.58
C TYR E 248 0.55 -31.73 -31.03
N THR E 249 -0.03 -32.75 -30.41
CA THR E 249 -1.35 -33.30 -30.79
C THR E 249 -2.47 -32.24 -30.70
N GLU E 250 -2.48 -31.49 -29.62
CA GLU E 250 -3.57 -30.57 -29.34
C GLU E 250 -3.53 -29.32 -30.17
N PHE E 251 -2.33 -28.83 -30.52
CA PHE E 251 -2.15 -27.68 -31.42
C PHE E 251 -2.09 -28.06 -32.90
N ALA E 252 -1.81 -29.34 -33.14
CA ALA E 252 -1.63 -29.84 -34.48
C ALA E 252 -0.48 -29.17 -35.21
N ASP E 253 0.57 -28.80 -34.47
CA ASP E 253 1.72 -28.04 -35.00
C ASP E 253 3.07 -28.78 -34.84
N PRO E 254 3.76 -29.09 -35.93
CA PRO E 254 5.08 -29.72 -35.76
C PRO E 254 6.06 -28.87 -34.96
N LYS E 255 5.73 -27.61 -34.76
CA LYS E 255 6.54 -26.75 -33.94
C LYS E 255 6.92 -27.40 -32.64
N TYR E 256 5.95 -28.06 -32.02
CA TYR E 256 6.14 -28.71 -30.70
C TYR E 256 6.53 -30.18 -30.75
N ARG E 257 6.97 -30.68 -31.89
CA ARG E 257 7.44 -32.06 -31.99
C ARG E 257 8.53 -32.43 -30.95
N PRO E 258 8.30 -33.55 -30.24
CA PRO E 258 9.32 -33.98 -29.29
C PRO E 258 10.72 -34.17 -29.92
N ALA E 259 11.75 -33.76 -29.19
CA ALA E 259 13.13 -34.08 -29.52
C ALA E 259 13.26 -35.59 -29.74
N MET E 260 13.95 -36.01 -30.80
CA MET E 260 14.26 -37.44 -30.96
C MET E 260 14.99 -38.12 -29.78
N LEU E 261 15.94 -37.42 -29.15
CA LEU E 261 16.73 -38.03 -28.08
C LEU E 261 15.86 -38.31 -26.88
N MET E 262 14.90 -37.42 -26.64
CA MET E 262 13.98 -37.57 -25.51
C MET E 262 13.17 -38.85 -25.69
N ARG E 263 12.84 -39.19 -26.93
CA ARG E 263 12.16 -40.47 -27.25
C ARG E 263 13.03 -41.67 -27.00
N GLU E 264 14.29 -41.63 -27.43
CA GLU E 264 15.23 -42.75 -27.22
C GLU E 264 15.41 -43.10 -25.75
N MET E 265 15.58 -42.05 -24.95
CA MET E 265 15.78 -42.17 -23.52
C MET E 265 14.56 -42.71 -22.83
N VAL E 266 13.39 -42.19 -23.19
CA VAL E 266 12.15 -42.77 -22.70
C VAL E 266 11.98 -44.23 -23.17
N ALA E 267 12.33 -44.53 -24.43
CA ALA E 267 12.19 -45.90 -24.92
C ALA E 267 13.08 -46.89 -24.18
N ALA E 268 14.26 -46.42 -23.75
CA ALA E 268 15.29 -47.25 -23.11
C ALA E 268 15.05 -47.49 -21.63
N GLY E 269 14.08 -46.78 -21.05
CA GLY E 269 13.80 -46.87 -19.62
C GLY E 269 14.49 -45.78 -18.80
N TYR E 270 15.33 -44.94 -19.43
CA TYR E 270 16.08 -43.91 -18.70
C TYR E 270 15.20 -42.70 -18.36
N LEU E 271 14.47 -42.75 -17.25
CA LEU E 271 13.46 -41.75 -17.00
C LEU E 271 13.89 -40.59 -16.11
N GLY E 272 15.09 -40.68 -15.54
CA GLY E 272 15.60 -39.67 -14.63
C GLY E 272 15.95 -40.27 -13.28
N ARG E 273 15.92 -39.42 -12.25
CA ARG E 273 16.02 -39.80 -10.84
C ARG E 273 15.05 -40.92 -10.42
N LYS E 274 13.83 -40.93 -10.94
CA LYS E 274 12.91 -42.04 -10.66
C LYS E 274 13.55 -43.40 -10.88
N THR E 275 14.24 -43.57 -12.00
CA THR E 275 14.82 -44.86 -12.31
C THR E 275 16.34 -44.82 -12.19
N GLY E 276 16.85 -43.74 -11.59
CA GLY E 276 18.28 -43.60 -11.37
C GLY E 276 19.12 -43.36 -12.59
N ARG E 277 18.49 -43.00 -13.72
CA ARG E 277 19.23 -42.62 -14.93
C ARG E 277 18.33 -41.85 -15.90
N GLY E 278 18.79 -40.68 -16.33
CA GLY E 278 18.10 -39.85 -17.31
C GLY E 278 19.11 -39.42 -18.36
N VAL E 279 19.27 -38.11 -18.54
CA VAL E 279 20.46 -37.57 -19.20
C VAL E 279 21.73 -37.95 -18.42
N TYR E 280 21.62 -37.83 -17.10
CA TYR E 280 22.68 -38.19 -16.18
C TYR E 280 22.41 -39.54 -15.46
N VAL E 281 23.47 -40.12 -14.89
CA VAL E 281 23.40 -41.33 -14.10
C VAL E 281 23.39 -40.91 -12.61
N TYR E 282 22.38 -41.39 -11.87
CA TYR E 282 22.21 -41.15 -10.43
C TYR E 282 22.48 -42.40 -9.62
N SER E 283 23.01 -42.23 -8.41
CA SER E 283 23.42 -43.34 -7.53
C SER E 283 23.21 -42.96 -6.05
N LYS E 284 22.37 -43.65 -5.26
CA LYS E 284 21.49 -44.78 -5.65
C LYS E 284 22.20 -45.97 -6.30
N SER F 2 51.46 -15.46 -22.96
CA SER F 2 50.32 -16.28 -23.46
C SER F 2 49.29 -15.39 -24.20
N ILE F 3 48.52 -14.62 -23.45
CA ILE F 3 47.73 -13.50 -23.95
C ILE F 3 47.79 -12.52 -22.80
N ARG F 4 48.48 -11.39 -22.99
CA ARG F 4 48.60 -10.37 -21.96
C ARG F 4 47.96 -9.03 -22.40
N THR F 5 47.47 -8.96 -23.62
CA THR F 5 46.86 -7.74 -24.17
C THR F 5 45.67 -8.11 -25.03
N VAL F 6 44.57 -7.42 -24.84
CA VAL F 6 43.39 -7.74 -25.56
C VAL F 6 42.91 -6.51 -26.32
N GLY F 7 42.80 -6.63 -27.64
CA GLY F 7 42.15 -5.59 -28.41
C GLY F 7 40.64 -5.79 -28.47
N ILE F 8 39.90 -4.67 -28.47
CA ILE F 8 38.46 -4.68 -28.61
C ILE F 8 38.00 -3.60 -29.62
N VAL F 9 37.12 -4.00 -30.53
CA VAL F 9 36.48 -3.07 -31.43
C VAL F 9 35.05 -2.86 -30.95
N GLY F 10 34.75 -1.63 -30.55
CA GLY F 10 33.45 -1.32 -29.96
C GLY F 10 33.55 -0.92 -28.50
N ALA F 11 33.17 0.32 -28.21
CA ALA F 11 33.21 0.82 -26.84
C ALA F 11 31.82 0.99 -26.28
N GLY F 12 30.86 0.26 -26.86
CA GLY F 12 29.52 0.19 -26.29
C GLY F 12 29.37 -0.89 -25.23
N THR F 13 28.13 -1.08 -24.81
CA THR F 13 27.78 -2.00 -23.75
C THR F 13 28.72 -3.22 -23.76
N MET F 14 28.66 -4.07 -24.78
CA MET F 14 29.50 -5.28 -24.78
C MET F 14 31.01 -4.97 -24.66
N GLY F 15 31.50 -4.18 -25.60
CA GLY F 15 32.90 -3.82 -25.64
C GLY F 15 33.49 -3.29 -24.35
N ASN F 16 32.82 -2.35 -23.65
CA ASN F 16 33.45 -1.78 -22.41
C ASN F 16 33.22 -2.65 -21.21
N GLY F 17 32.13 -3.41 -21.24
CA GLY F 17 31.97 -4.55 -20.37
C GLY F 17 33.04 -5.58 -20.61
N ILE F 18 33.31 -5.93 -21.87
CA ILE F 18 34.39 -6.89 -22.14
C ILE F 18 35.69 -6.26 -21.64
N ALA F 19 35.88 -4.97 -21.87
CA ALA F 19 37.06 -4.23 -21.40
C ALA F 19 37.25 -4.24 -19.90
N GLN F 20 36.18 -3.99 -19.18
CA GLN F 20 36.25 -3.93 -17.73
C GLN F 20 36.64 -5.28 -17.13
N ALA F 21 36.13 -6.38 -17.66
CA ALA F 21 36.45 -7.70 -17.11
C ALA F 21 37.93 -8.00 -17.32
N CYS F 22 38.40 -7.67 -18.51
CA CYS F 22 39.82 -7.81 -18.81
C CYS F 22 40.65 -6.96 -17.85
N ALA F 23 40.27 -5.69 -17.75
CA ALA F 23 40.99 -4.70 -16.98
C ALA F 23 41.14 -5.13 -15.53
N VAL F 24 40.05 -5.60 -14.93
CA VAL F 24 40.04 -5.89 -13.49
C VAL F 24 40.80 -7.15 -13.06
N VAL F 25 41.42 -7.87 -13.99
CA VAL F 25 42.31 -8.98 -13.58
C VAL F 25 43.70 -8.75 -14.14
N GLY F 26 44.00 -7.50 -14.55
CA GLY F 26 45.35 -7.08 -14.89
C GLY F 26 45.76 -7.30 -16.33
N LEU F 27 44.80 -7.69 -17.18
CA LEU F 27 45.05 -7.74 -18.63
C LEU F 27 45.08 -6.31 -19.20
N ASN F 28 45.97 -6.07 -20.14
CA ASN F 28 45.96 -4.84 -20.88
C ASN F 28 44.89 -4.89 -21.93
N VAL F 29 44.25 -3.74 -22.14
CA VAL F 29 43.21 -3.58 -23.13
C VAL F 29 43.51 -2.39 -24.05
N VAL F 30 43.29 -2.59 -25.35
CA VAL F 30 43.23 -1.50 -26.31
C VAL F 30 41.81 -1.51 -26.83
N MET F 31 41.11 -0.41 -26.62
CA MET F 31 39.68 -0.37 -26.85
C MET F 31 39.35 0.68 -27.88
N VAL F 32 38.98 0.22 -29.08
CA VAL F 32 38.83 1.09 -30.24
C VAL F 32 37.37 1.33 -30.66
N ASP F 33 37.01 2.60 -30.91
CA ASP F 33 35.73 2.92 -31.54
C ASP F 33 35.93 4.02 -32.56
N ILE F 34 34.83 4.54 -33.09
CA ILE F 34 34.84 5.43 -34.26
C ILE F 34 35.08 6.91 -33.91
N SER F 35 35.00 7.26 -32.63
CA SER F 35 35.21 8.65 -32.25
C SER F 35 35.64 8.83 -30.81
N ASP F 36 36.51 9.81 -30.58
CA ASP F 36 36.89 10.23 -29.22
C ASP F 36 35.66 10.27 -28.30
N ALA F 37 34.53 10.74 -28.81
CA ALA F 37 33.28 10.80 -28.03
C ALA F 37 32.83 9.41 -27.59
N ALA F 38 32.74 8.48 -28.54
CA ALA F 38 32.34 7.06 -28.29
C ALA F 38 33.32 6.27 -27.41
N VAL F 39 34.61 6.59 -27.48
CA VAL F 39 35.65 5.92 -26.71
C VAL F 39 35.57 6.43 -25.29
N GLN F 40 35.56 7.75 -25.15
CA GLN F 40 35.43 8.35 -23.83
C GLN F 40 34.13 7.92 -23.14
N LYS F 41 33.06 7.69 -23.92
CA LYS F 41 31.75 7.29 -23.35
C LYS F 41 31.74 5.85 -22.74
N GLY F 42 32.53 4.93 -23.31
CA GLY F 42 32.67 3.58 -22.77
C GLY F 42 33.64 3.48 -21.61
N VAL F 43 34.64 4.36 -21.61
CA VAL F 43 35.57 4.50 -20.49
C VAL F 43 34.84 5.15 -19.31
N ALA F 44 33.88 6.04 -19.57
CA ALA F 44 33.15 6.68 -18.47
C ALA F 44 32.24 5.66 -17.78
N THR F 45 31.71 4.73 -18.57
CA THR F 45 30.75 3.72 -18.11
C THR F 45 31.52 2.80 -17.19
N VAL F 46 32.76 2.52 -17.59
CA VAL F 46 33.63 1.63 -16.85
C VAL F 46 34.01 2.31 -15.55
N ALA F 47 34.31 3.60 -15.63
CA ALA F 47 34.59 4.41 -14.45
C ALA F 47 33.35 4.48 -13.55
N SER F 48 32.23 4.78 -14.17
CA SER F 48 30.95 4.86 -13.46
C SER F 48 30.57 3.54 -12.79
N SER F 49 30.88 2.42 -13.46
CA SER F 49 30.57 1.10 -12.91
C SER F 49 31.51 0.79 -11.74
N LEU F 50 32.79 1.07 -11.88
CA LEU F 50 33.71 0.85 -10.77
C LEU F 50 33.27 1.64 -9.52
N ASP F 51 32.70 2.83 -9.71
CA ASP F 51 32.18 3.64 -8.60
C ASP F 51 31.11 2.95 -7.74
N ARG F 52 30.10 2.39 -8.42
CA ARG F 52 28.98 1.74 -7.74
C ARG F 52 29.43 0.59 -6.86
N LEU F 53 30.42 -0.13 -7.37
CA LEU F 53 31.07 -1.17 -6.61
C LEU F 53 31.83 -0.60 -5.40
N ILE F 54 32.50 0.54 -5.57
CA ILE F 54 33.21 1.24 -4.45
C ILE F 54 32.19 1.80 -3.44
N LYS F 55 31.12 2.40 -3.95
CA LYS F 55 29.98 2.81 -3.14
C LYS F 55 29.45 1.64 -2.32
N LYS F 56 29.34 0.47 -2.95
CA LYS F 56 28.87 -0.77 -2.31
C LYS F 56 29.93 -1.55 -1.53
N GLU F 57 31.14 -0.98 -1.40
CA GLU F 57 32.23 -1.56 -0.59
C GLU F 57 33.07 -2.64 -1.30
N LYS F 58 32.67 -3.02 -2.51
CA LYS F 58 33.16 -4.21 -3.20
C LYS F 58 34.54 -3.99 -3.79
N LEU F 59 34.85 -2.74 -4.13
CA LEU F 59 36.16 -2.41 -4.62
C LEU F 59 36.65 -1.24 -3.85
N THR F 60 37.89 -0.88 -4.13
CA THR F 60 38.56 0.13 -3.36
C THR F 60 39.14 1.13 -4.38
N GLU F 61 39.28 2.42 -4.03
CA GLU F 61 39.79 3.37 -5.03
C GLU F 61 41.04 2.82 -5.72
N ALA F 62 41.93 2.14 -4.97
CA ALA F 62 43.14 1.50 -5.58
C ALA F 62 42.83 0.56 -6.74
N ASP F 63 41.78 -0.26 -6.58
CA ASP F 63 41.39 -1.23 -7.61
C ASP F 63 40.86 -0.52 -8.85
N LYS F 64 40.08 0.54 -8.64
CA LYS F 64 39.57 1.35 -9.73
C LYS F 64 40.68 1.99 -10.60
N ALA F 65 41.79 2.39 -10.01
CA ALA F 65 42.82 3.07 -10.76
C ALA F 65 43.73 2.06 -11.46
N SER F 66 43.95 0.93 -10.84
CA SER F 66 44.57 -0.19 -11.55
C SER F 66 43.77 -0.62 -12.80
N ALA F 67 42.45 -0.69 -12.67
CA ALA F 67 41.62 -1.09 -13.78
C ALA F 67 41.78 -0.10 -14.91
N LEU F 68 41.56 1.18 -14.63
CA LEU F 68 41.59 2.20 -15.66
C LEU F 68 42.96 2.33 -16.30
N ALA F 69 44.02 2.23 -15.52
CA ALA F 69 45.34 2.31 -16.13
C ALA F 69 45.56 1.19 -17.17
N ARG F 70 44.82 0.09 -17.07
CA ARG F 70 44.93 -0.99 -18.03
C ARG F 70 44.25 -0.70 -19.35
N ILE F 71 43.31 0.23 -19.35
CA ILE F 71 42.51 0.45 -20.54
C ILE F 71 43.03 1.60 -21.37
N LYS F 72 43.46 1.29 -22.59
CA LYS F 72 43.91 2.33 -23.52
C LYS F 72 42.84 2.52 -24.61
N GLY F 73 42.23 3.70 -24.59
CA GLY F 73 41.29 4.17 -25.63
C GLY F 73 41.98 4.59 -26.92
N SER F 74 41.29 4.45 -28.03
CA SER F 74 41.86 4.75 -29.32
C SER F 74 40.78 4.85 -30.36
N THR F 75 41.08 5.61 -31.40
CA THR F 75 40.25 5.61 -32.60
C THR F 75 41.03 5.02 -33.79
N SER F 76 42.13 4.32 -33.49
CA SER F 76 43.06 3.85 -34.48
C SER F 76 43.15 2.35 -34.47
N TYR F 77 42.57 1.74 -35.50
CA TYR F 77 42.76 0.32 -35.77
C TYR F 77 44.25 -0.13 -35.69
N ASP F 78 45.20 0.77 -36.04
CA ASP F 78 46.66 0.48 -35.94
C ASP F 78 47.09 0.06 -34.54
N ASP F 79 46.47 0.68 -33.53
CA ASP F 79 46.71 0.33 -32.15
C ASP F 79 46.41 -1.14 -31.77
N LEU F 80 45.64 -1.87 -32.60
CA LEU F 80 45.38 -3.30 -32.41
C LEU F 80 46.55 -4.22 -32.83
N LYS F 81 47.48 -3.75 -33.66
CA LYS F 81 48.57 -4.60 -34.17
C LYS F 81 49.35 -5.18 -33.00
N ALA F 82 49.42 -4.38 -31.94
CA ALA F 82 50.14 -4.70 -30.73
C ALA F 82 49.24 -5.34 -29.68
N THR F 83 48.39 -6.28 -30.08
CA THR F 83 47.60 -6.99 -29.12
C THR F 83 47.73 -8.46 -29.45
N ASP F 84 47.51 -9.31 -28.46
CA ASP F 84 47.55 -10.75 -28.64
C ASP F 84 46.27 -11.26 -29.32
N ILE F 85 45.17 -10.53 -29.20
CA ILE F 85 43.89 -11.00 -29.69
C ILE F 85 42.95 -9.82 -29.85
N VAL F 86 42.08 -9.88 -30.86
CA VAL F 86 41.12 -8.80 -31.13
C VAL F 86 39.71 -9.39 -31.05
N ILE F 87 38.83 -8.65 -30.35
CA ILE F 87 37.45 -9.05 -30.15
C ILE F 87 36.52 -8.00 -30.78
N GLU F 88 35.80 -8.40 -31.83
CA GLU F 88 34.79 -7.57 -32.44
C GLU F 88 33.55 -7.61 -31.59
N ALA F 89 33.20 -6.49 -31.00
CA ALA F 89 31.95 -6.39 -30.25
C ALA F 89 31.32 -5.04 -30.53
N ALA F 90 31.09 -4.77 -31.81
CA ALA F 90 30.62 -3.46 -32.26
C ALA F 90 29.23 -3.52 -32.89
N THR F 91 28.94 -4.56 -33.65
CA THR F 91 27.65 -4.64 -34.33
C THR F 91 27.16 -6.05 -34.59
N GLU F 92 25.84 -6.11 -34.79
CA GLU F 92 25.16 -7.30 -35.29
C GLU F 92 24.57 -7.09 -36.69
N ASN F 93 24.84 -5.95 -37.31
CA ASN F 93 24.59 -5.76 -38.73
C ASN F 93 25.65 -6.56 -39.51
N TYR F 94 25.20 -7.58 -40.23
CA TYR F 94 26.08 -8.56 -40.81
C TYR F 94 27.08 -7.90 -41.77
N ASP F 95 26.56 -7.08 -42.67
CA ASP F 95 27.41 -6.36 -43.64
C ASP F 95 28.47 -5.47 -42.95
N LEU F 96 28.08 -4.71 -41.92
CA LEU F 96 28.98 -3.81 -41.22
C LEU F 96 29.99 -4.59 -40.38
N LYS F 97 29.53 -5.67 -39.77
CA LYS F 97 30.39 -6.55 -38.99
C LYS F 97 31.47 -7.16 -39.90
N VAL F 98 31.05 -7.67 -41.04
CA VAL F 98 32.00 -8.18 -42.00
C VAL F 98 33.05 -7.14 -42.40
N LYS F 99 32.66 -5.89 -42.66
CA LYS F 99 33.64 -4.89 -43.08
C LYS F 99 34.73 -4.66 -42.01
N ILE F 100 34.29 -4.71 -40.75
CA ILE F 100 35.17 -4.59 -39.58
C ILE F 100 36.12 -5.77 -39.38
N LEU F 101 35.63 -7.00 -39.54
CA LEU F 101 36.48 -8.20 -39.47
C LEU F 101 37.51 -8.21 -40.60
N LYS F 102 37.09 -7.77 -41.77
CA LYS F 102 37.94 -7.71 -42.95
C LYS F 102 39.05 -6.69 -42.71
N GLN F 103 38.68 -5.60 -42.05
CA GLN F 103 39.62 -4.55 -41.76
C GLN F 103 40.68 -5.02 -40.75
N ILE F 104 40.22 -5.56 -39.64
CA ILE F 104 41.15 -6.10 -38.64
C ILE F 104 42.10 -7.14 -39.26
N ASP F 105 41.55 -8.07 -39.99
CA ASP F 105 42.35 -9.04 -40.73
C ASP F 105 43.44 -8.38 -41.60
N GLY F 106 43.14 -7.19 -42.13
CA GLY F 106 44.07 -6.50 -42.99
C GLY F 106 45.25 -5.89 -42.24
N ILE F 107 45.11 -5.66 -40.94
CA ILE F 107 45.97 -4.78 -40.18
C ILE F 107 46.87 -5.54 -39.20
N VAL F 108 46.29 -6.46 -38.43
CA VAL F 108 47.03 -7.18 -37.39
C VAL F 108 47.94 -8.23 -38.00
N GLY F 109 48.98 -8.61 -37.26
CA GLY F 109 49.90 -9.64 -37.70
C GLY F 109 49.18 -10.95 -37.92
N GLU F 110 49.84 -11.93 -38.52
CA GLU F 110 49.20 -13.23 -38.83
C GLU F 110 49.09 -14.21 -37.63
N ASN F 111 49.74 -13.87 -36.51
CA ASN F 111 49.61 -14.64 -35.26
C ASN F 111 48.42 -14.25 -34.40
N VAL F 112 47.93 -13.03 -34.58
CA VAL F 112 46.84 -12.48 -33.79
C VAL F 112 45.52 -13.20 -34.12
N ILE F 113 44.73 -13.43 -33.07
CA ILE F 113 43.48 -14.18 -33.17
C ILE F 113 42.38 -13.17 -33.34
N ILE F 114 41.44 -13.47 -34.23
CA ILE F 114 40.26 -12.60 -34.38
C ILE F 114 39.07 -13.32 -33.79
N ALA F 115 38.39 -12.66 -32.86
CA ALA F 115 37.20 -13.22 -32.23
C ALA F 115 36.01 -12.27 -32.37
N SER F 116 34.81 -12.81 -32.50
CA SER F 116 33.61 -11.97 -32.61
C SER F 116 32.60 -12.29 -31.53
N ASN F 117 32.06 -11.24 -30.92
CA ASN F 117 30.92 -11.41 -30.04
C ASN F 117 29.67 -11.27 -30.88
N THR F 118 28.80 -12.26 -30.79
CA THR F 118 27.58 -12.23 -31.57
C THR F 118 26.56 -13.09 -30.88
N SER F 119 25.33 -12.63 -30.93
CA SER F 119 24.26 -13.31 -30.25
C SER F 119 23.77 -14.50 -31.10
N SER F 120 24.07 -14.51 -32.40
CA SER F 120 23.54 -15.60 -33.24
C SER F 120 24.17 -15.90 -34.63
N ILE F 121 24.95 -14.95 -35.19
CA ILE F 121 25.50 -15.04 -36.58
C ILE F 121 26.47 -16.24 -36.73
N SER F 122 26.50 -16.89 -37.90
CA SER F 122 27.38 -18.08 -38.19
C SER F 122 28.89 -17.80 -38.06
N ILE F 123 29.54 -18.53 -37.17
CA ILE F 123 30.95 -18.36 -36.94
C ILE F 123 31.74 -18.84 -38.15
N THR F 124 31.31 -19.94 -38.73
CA THR F 124 31.92 -20.46 -39.92
C THR F 124 31.87 -19.43 -41.06
N LYS F 125 30.72 -18.80 -41.23
CA LYS F 125 30.53 -17.81 -42.27
C LYS F 125 31.42 -16.60 -41.99
N LEU F 126 31.48 -16.15 -40.74
CA LEU F 126 32.35 -15.00 -40.39
C LEU F 126 33.79 -15.36 -40.63
N ALA F 127 34.27 -16.43 -40.00
CA ALA F 127 35.60 -16.98 -40.29
C ALA F 127 35.99 -16.89 -41.78
N ALA F 128 35.08 -17.27 -42.67
CA ALA F 128 35.41 -17.34 -44.10
C ALA F 128 35.61 -15.97 -44.78
N VAL F 129 35.19 -14.88 -44.16
CA VAL F 129 35.43 -13.55 -44.72
C VAL F 129 36.83 -13.03 -44.39
N THR F 130 37.64 -13.79 -43.63
CA THR F 130 39.04 -13.42 -43.33
C THR F 130 40.03 -14.40 -44.00
N SER F 131 41.31 -14.04 -43.99
CA SER F 131 42.37 -14.88 -44.56
C SER F 131 42.79 -15.96 -43.57
N ARG F 132 42.23 -15.91 -42.37
CA ARG F 132 42.73 -16.68 -41.24
C ARG F 132 41.68 -17.51 -40.55
N ALA F 133 40.85 -18.24 -41.30
CA ALA F 133 39.69 -18.91 -40.73
C ALA F 133 40.06 -19.75 -39.51
N ASP F 134 41.19 -20.43 -39.61
CA ASP F 134 41.75 -21.19 -38.48
C ASP F 134 42.11 -20.37 -37.23
N ARG F 135 42.36 -19.08 -37.40
CA ARG F 135 42.64 -18.19 -36.26
C ARG F 135 41.41 -17.33 -35.93
N PHE F 136 40.23 -17.86 -36.28
CA PHE F 136 38.97 -17.22 -35.99
C PHE F 136 38.15 -18.09 -35.03
N ILE F 137 37.37 -17.42 -34.19
CA ILE F 137 36.51 -18.07 -33.19
C ILE F 137 35.45 -17.11 -32.64
N GLY F 138 34.32 -17.66 -32.21
CA GLY F 138 33.27 -16.90 -31.55
C GLY F 138 33.55 -16.80 -30.05
N MET F 139 33.41 -15.59 -29.50
CA MET F 139 33.59 -15.37 -28.06
C MET F 139 32.40 -14.52 -27.64
N HIS F 140 31.33 -15.21 -27.29
CA HIS F 140 30.06 -14.64 -27.01
C HIS F 140 29.94 -14.54 -25.49
N PHE F 141 30.00 -13.29 -25.02
CA PHE F 141 29.84 -12.87 -23.61
C PHE F 141 28.41 -12.39 -23.35
N PHE F 142 28.05 -12.21 -22.08
CA PHE F 142 26.67 -11.88 -21.74
C PHE F 142 26.51 -10.69 -20.85
N ASN F 143 25.93 -9.64 -21.37
CA ASN F 143 25.18 -8.63 -20.60
C ASN F 143 24.80 -9.03 -19.17
N PRO F 144 25.25 -8.27 -18.14
CA PRO F 144 26.40 -7.39 -18.04
C PRO F 144 27.64 -8.22 -17.88
N VAL F 145 28.57 -8.05 -18.80
CA VAL F 145 29.79 -8.86 -18.87
C VAL F 145 30.54 -8.95 -17.53
N PRO F 146 30.97 -7.80 -16.95
CA PRO F 146 31.71 -7.86 -15.67
C PRO F 146 31.11 -8.81 -14.65
N VAL F 147 29.78 -8.89 -14.63
CA VAL F 147 29.07 -9.71 -13.67
C VAL F 147 28.94 -11.16 -14.13
N MET F 148 28.53 -11.40 -15.37
CA MET F 148 28.13 -12.76 -15.81
C MET F 148 29.31 -13.66 -16.16
N ALA F 149 29.31 -14.87 -15.60
CA ALA F 149 30.46 -15.79 -15.68
C ALA F 149 30.62 -16.68 -16.92
N LEU F 150 29.61 -16.81 -17.75
CA LEU F 150 29.70 -17.76 -18.86
C LEU F 150 30.40 -17.10 -20.01
N VAL F 151 31.26 -17.86 -20.69
CA VAL F 151 31.73 -17.44 -22.00
C VAL F 151 31.45 -18.59 -22.97
N GLU F 152 30.63 -18.31 -23.99
CA GLU F 152 30.32 -19.27 -25.04
C GLU F 152 31.34 -19.17 -26.19
N LEU F 153 32.27 -20.11 -26.23
CA LEU F 153 33.25 -20.21 -27.31
C LEU F 153 32.68 -21.02 -28.46
N ILE F 154 32.50 -20.39 -29.60
CA ILE F 154 31.87 -21.07 -30.67
C ILE F 154 32.91 -21.38 -31.75
N ARG F 155 33.08 -22.67 -32.02
CA ARG F 155 34.04 -23.12 -33.03
C ARG F 155 33.34 -23.17 -34.36
N GLY F 156 33.93 -22.50 -35.36
CA GLY F 156 33.59 -22.73 -36.76
C GLY F 156 34.27 -24.02 -37.15
N LEU F 157 33.91 -24.56 -38.31
CA LEU F 157 34.55 -25.75 -38.85
C LEU F 157 36.05 -25.59 -39.13
N GLN F 158 36.48 -24.36 -39.33
CA GLN F 158 37.83 -24.02 -39.71
C GLN F 158 38.67 -23.70 -38.46
N THR F 159 38.01 -23.46 -37.33
CA THR F 159 38.70 -23.11 -36.09
C THR F 159 39.64 -24.21 -35.58
N SER F 160 40.94 -23.92 -35.48
CA SER F 160 41.92 -24.88 -34.93
C SER F 160 41.85 -25.13 -33.42
N ASP F 161 42.35 -26.29 -33.01
CA ASP F 161 42.50 -26.60 -31.58
C ASP F 161 43.35 -25.53 -30.88
N THR F 162 44.44 -25.13 -31.50
CA THR F 162 45.34 -24.13 -30.93
C THR F 162 44.66 -22.79 -30.61
N THR F 163 43.75 -22.36 -31.50
CA THR F 163 43.03 -21.11 -31.34
C THR F 163 41.99 -21.27 -30.21
N HIS F 164 41.31 -22.41 -30.24
CA HIS F 164 40.36 -22.75 -29.20
C HIS F 164 41.04 -22.80 -27.83
N ALA F 165 42.18 -23.48 -27.78
CA ALA F 165 42.97 -23.58 -26.57
C ALA F 165 43.32 -22.19 -26.04
N ALA F 166 43.82 -21.36 -26.96
CA ALA F 166 44.21 -20.01 -26.59
C ALA F 166 43.06 -19.31 -25.92
N VAL F 167 41.88 -19.35 -26.54
CA VAL F 167 40.73 -18.53 -26.06
C VAL F 167 40.03 -19.07 -24.79
N GLU F 168 39.98 -20.40 -24.68
CA GLU F 168 39.61 -21.06 -23.42
C GLU F 168 40.51 -20.59 -22.23
N ALA F 169 41.83 -20.59 -22.44
CA ALA F 169 42.76 -20.05 -21.44
C ALA F 169 42.50 -18.57 -21.11
N LEU F 170 42.31 -17.74 -22.13
CA LEU F 170 41.92 -16.37 -21.89
C LEU F 170 40.65 -16.32 -21.05
N SER F 171 39.70 -17.21 -21.35
CA SER F 171 38.42 -17.19 -20.63
C SER F 171 38.60 -17.47 -19.13
N LYS F 172 39.48 -18.41 -18.83
CA LYS F 172 39.85 -18.70 -17.45
C LYS F 172 40.62 -17.54 -16.83
N GLN F 173 41.60 -16.98 -17.54
CA GLN F 173 42.22 -15.74 -17.06
C GLN F 173 41.17 -14.76 -16.56
N LEU F 174 40.08 -14.61 -17.28
CA LEU F 174 39.08 -13.59 -16.92
C LEU F 174 38.20 -13.97 -15.77
N GLY F 175 38.42 -15.17 -15.22
CA GLY F 175 37.57 -15.66 -14.13
C GLY F 175 36.20 -16.13 -14.60
N LYS F 176 36.08 -16.39 -15.89
CA LYS F 176 34.85 -16.86 -16.50
C LYS F 176 34.99 -18.35 -16.82
N TYR F 177 33.84 -19.00 -16.86
CA TYR F 177 33.70 -20.42 -17.11
C TYR F 177 33.45 -20.64 -18.59
N PRO F 178 34.44 -21.15 -19.33
CA PRO F 178 34.20 -21.36 -20.76
C PRO F 178 33.38 -22.61 -21.06
N ILE F 179 32.57 -22.49 -22.11
CA ILE F 179 31.74 -23.55 -22.58
C ILE F 179 32.04 -23.63 -24.08
N THR F 180 32.24 -24.83 -24.62
CA THR F 180 32.56 -24.99 -26.09
C THR F 180 31.36 -25.49 -26.93
N VAL F 181 30.99 -24.70 -27.93
CA VAL F 181 29.86 -25.01 -28.79
C VAL F 181 30.23 -25.21 -30.26
N LYS F 182 29.90 -26.37 -30.84
CA LYS F 182 29.86 -26.50 -32.32
C LYS F 182 28.91 -25.46 -32.90
N ASN F 183 29.34 -24.79 -33.95
CA ASN F 183 28.64 -23.67 -34.53
C ASN F 183 27.30 -24.06 -35.14
N SER F 184 26.32 -23.19 -34.94
CA SER F 184 24.96 -23.48 -35.28
C SER F 184 24.16 -22.26 -34.81
N PRO F 185 22.98 -22.02 -35.44
CA PRO F 185 22.27 -20.75 -35.18
C PRO F 185 21.82 -20.59 -33.73
N GLY F 186 22.04 -19.40 -33.17
CA GLY F 186 21.91 -19.11 -31.71
C GLY F 186 22.82 -19.91 -30.79
N PHE F 187 23.75 -20.66 -31.36
CA PHE F 187 24.60 -21.59 -30.61
C PHE F 187 23.83 -22.44 -29.55
N VAL F 188 23.99 -22.18 -28.26
CA VAL F 188 23.39 -23.00 -27.20
C VAL F 188 22.45 -22.21 -26.34
N VAL F 189 22.95 -21.13 -25.76
CA VAL F 189 22.14 -20.36 -24.82
C VAL F 189 20.94 -19.68 -25.51
N ASN F 190 21.21 -18.87 -26.54
CA ASN F 190 20.15 -18.11 -27.21
C ASN F 190 19.15 -19.00 -27.90
N ARG F 191 19.71 -20.00 -28.58
CA ARG F 191 19.01 -21.14 -29.12
C ARG F 191 17.96 -21.70 -28.21
N ILE F 192 18.30 -21.90 -26.95
CA ILE F 192 17.31 -22.40 -26.01
C ILE F 192 16.45 -21.28 -25.45
N LEU F 193 17.01 -20.10 -25.24
CA LEU F 193 16.35 -19.10 -24.43
C LEU F 193 15.37 -18.24 -25.23
N CYS F 194 15.82 -17.80 -26.39
CA CYS F 194 15.06 -16.83 -27.13
C CYS F 194 13.72 -17.42 -27.60
N PRO F 195 13.74 -18.67 -28.10
CA PRO F 195 12.46 -19.26 -28.45
C PRO F 195 11.52 -19.31 -27.26
N MET F 196 12.05 -19.59 -26.07
CA MET F 196 11.21 -19.57 -24.88
C MET F 196 10.60 -18.17 -24.67
N ILE F 197 11.38 -17.12 -24.87
CA ILE F 197 10.88 -15.76 -24.74
C ILE F 197 9.86 -15.49 -25.82
N ASN F 198 10.18 -15.97 -27.00
CA ASN F 198 9.30 -15.83 -28.14
C ASN F 198 7.93 -16.46 -27.85
N GLU F 199 7.95 -17.59 -27.12
CA GLU F 199 6.76 -18.35 -26.83
C GLU F 199 5.90 -17.60 -25.87
N ALA F 200 6.55 -16.93 -24.92
CA ALA F 200 5.84 -16.08 -23.96
C ALA F 200 5.12 -14.97 -24.68
N PHE F 201 5.74 -14.40 -25.70
CA PHE F 201 5.02 -13.47 -26.56
C PHE F 201 3.85 -14.14 -27.33
N CYS F 202 4.01 -15.38 -27.81
CA CYS F 202 2.87 -16.07 -28.46
C CYS F 202 1.70 -16.14 -27.48
N VAL F 203 1.94 -16.66 -26.29
CA VAL F 203 0.91 -16.71 -25.25
C VAL F 203 0.18 -15.36 -25.08
N LEU F 204 0.96 -14.31 -24.83
CA LEU F 204 0.46 -12.94 -24.63
C LEU F 204 -0.42 -12.47 -25.77
N GLY F 205 0.08 -12.66 -26.98
CA GLY F 205 -0.65 -12.32 -28.19
C GLY F 205 -1.89 -13.16 -28.38
N GLU F 206 -1.86 -14.40 -27.90
CA GLU F 206 -3.02 -15.27 -27.99
C GLU F 206 -4.05 -14.93 -26.88
N GLY F 207 -3.74 -13.95 -26.03
CA GLY F 207 -4.68 -13.50 -24.99
C GLY F 207 -5.02 -14.51 -23.89
N LEU F 208 -4.17 -15.53 -23.71
CA LEU F 208 -4.35 -16.52 -22.63
C LEU F 208 -4.22 -15.91 -21.24
N ALA F 209 -3.34 -14.92 -21.09
CA ALA F 209 -3.08 -14.32 -19.80
C ALA F 209 -2.58 -12.88 -19.93
N SER F 210 -2.42 -12.21 -18.80
CA SER F 210 -1.73 -10.91 -18.74
C SER F 210 -0.20 -11.07 -18.61
N PRO F 211 0.56 -10.04 -19.05
CA PRO F 211 2.03 -10.07 -19.01
C PRO F 211 2.61 -10.28 -17.62
N GLU F 212 2.05 -9.55 -16.65
CA GLU F 212 2.48 -9.61 -15.26
C GLU F 212 2.29 -11.04 -14.76
N GLU F 213 1.13 -11.60 -15.11
CA GLU F 213 0.85 -12.98 -14.84
C GLU F 213 1.70 -13.98 -15.68
N ILE F 214 2.00 -13.73 -16.97
CA ILE F 214 3.04 -14.58 -17.62
C ILE F 214 4.39 -14.48 -16.87
N ASP F 215 4.85 -13.27 -16.59
CA ASP F 215 6.12 -13.10 -15.86
C ASP F 215 6.15 -13.75 -14.47
N GLU F 216 5.15 -13.47 -13.61
CA GLU F 216 5.07 -14.12 -12.27
C GLU F 216 4.97 -15.64 -12.36
N GLY F 217 4.16 -16.14 -13.31
CA GLY F 217 4.18 -17.57 -13.64
C GLY F 217 5.58 -18.17 -13.73
N MET F 218 6.45 -17.57 -14.54
CA MET F 218 7.77 -18.13 -14.70
C MET F 218 8.71 -17.93 -13.49
N LYS F 219 8.56 -16.80 -12.80
CA LYS F 219 9.30 -16.52 -11.54
C LYS F 219 8.94 -17.48 -10.40
N LEU F 220 7.68 -17.50 -10.00
CA LEU F 220 7.22 -18.32 -8.89
C LEU F 220 7.19 -19.80 -9.26
N GLY F 221 6.79 -20.12 -10.47
CA GLY F 221 6.59 -21.50 -10.89
C GLY F 221 7.84 -22.24 -11.30
N CYS F 222 8.85 -21.52 -11.76
CA CYS F 222 10.07 -22.14 -12.27
C CYS F 222 11.30 -21.53 -11.70
N ASN F 223 11.08 -20.63 -10.72
CA ASN F 223 12.15 -19.91 -10.01
C ASN F 223 13.13 -19.20 -10.96
N HIS F 224 12.60 -18.69 -12.06
CA HIS F 224 13.38 -17.80 -12.91
C HIS F 224 13.68 -16.51 -12.10
N PRO F 225 14.90 -15.98 -12.22
CA PRO F 225 15.20 -14.70 -11.56
C PRO F 225 14.26 -13.62 -12.03
N ILE F 226 14.09 -13.57 -13.36
CA ILE F 226 13.18 -12.62 -14.00
C ILE F 226 12.35 -13.32 -15.11
N GLY F 227 11.10 -12.89 -15.30
CA GLY F 227 10.20 -13.49 -16.24
C GLY F 227 10.49 -13.08 -17.68
N PRO F 228 10.06 -13.94 -18.64
CA PRO F 228 10.51 -13.78 -20.01
C PRO F 228 10.18 -12.39 -20.60
N LEU F 229 8.97 -11.90 -20.40
CA LEU F 229 8.58 -10.64 -21.01
C LEU F 229 9.43 -9.49 -20.46
N ALA F 230 9.61 -9.40 -19.15
CA ALA F 230 10.42 -8.32 -18.59
C ALA F 230 11.92 -8.50 -18.96
N LEU F 231 12.31 -9.73 -19.28
CA LEU F 231 13.66 -10.01 -19.69
C LEU F 231 13.86 -9.59 -21.12
N ALA F 232 12.82 -9.68 -21.94
CA ALA F 232 12.96 -9.30 -23.34
C ALA F 232 13.21 -7.82 -23.39
N ASP F 233 12.44 -7.08 -22.61
CA ASP F 233 12.58 -5.62 -22.49
C ASP F 233 14.01 -5.21 -22.06
N MET F 234 14.65 -6.03 -21.23
CA MET F 234 16.04 -5.77 -20.82
C MET F 234 17.08 -6.15 -21.87
N ILE F 235 16.80 -7.16 -22.68
CA ILE F 235 17.68 -7.53 -23.79
C ILE F 235 17.52 -6.56 -24.95
N GLY F 236 16.28 -6.13 -25.18
CA GLY F 236 15.89 -5.33 -26.37
C GLY F 236 15.04 -6.16 -27.33
N LEU F 237 13.85 -5.67 -27.66
CA LEU F 237 12.90 -6.46 -28.46
C LEU F 237 13.44 -6.64 -29.87
N ASP F 238 13.94 -5.55 -30.44
CA ASP F 238 14.66 -5.56 -31.70
C ASP F 238 15.75 -6.63 -31.73
N THR F 239 16.50 -6.75 -30.66
CA THR F 239 17.59 -7.73 -30.61
C THR F 239 17.03 -9.17 -30.49
N MET F 240 15.88 -9.29 -29.80
CA MET F 240 15.12 -10.56 -29.73
C MET F 240 14.62 -10.92 -31.11
N LEU F 241 13.90 -9.98 -31.71
CA LEU F 241 13.45 -10.14 -33.08
C LEU F 241 14.55 -10.56 -34.05
N ALA F 242 15.75 -10.02 -33.92
CA ALA F 242 16.84 -10.37 -34.84
C ALA F 242 17.34 -11.83 -34.64
N VAL F 243 17.49 -12.26 -33.38
CA VAL F 243 17.90 -13.66 -33.13
C VAL F 243 16.91 -14.62 -33.75
N MET F 244 15.63 -14.38 -33.50
CA MET F 244 14.56 -15.24 -33.99
C MET F 244 14.63 -15.30 -35.47
N GLU F 245 14.80 -14.15 -36.13
CA GLU F 245 14.89 -14.14 -37.58
C GLU F 245 16.08 -14.96 -38.09
N VAL F 246 17.17 -14.99 -37.33
CA VAL F 246 18.33 -15.73 -37.80
C VAL F 246 18.05 -17.21 -37.67
N LEU F 247 17.46 -17.58 -36.56
CA LEU F 247 16.98 -18.94 -36.39
C LEU F 247 16.06 -19.43 -37.56
N TYR F 248 15.03 -18.64 -37.85
CA TYR F 248 14.04 -19.03 -38.85
C TYR F 248 14.73 -19.12 -40.19
N THR F 249 15.54 -18.12 -40.48
CA THR F 249 16.18 -18.03 -41.79
C THR F 249 17.28 -19.05 -42.00
N GLU F 250 18.10 -19.29 -40.99
CA GLU F 250 19.18 -20.24 -41.14
C GLU F 250 18.71 -21.67 -40.97
N PHE F 251 17.79 -21.92 -40.05
CA PHE F 251 17.16 -23.26 -40.05
C PHE F 251 16.21 -23.48 -41.25
N ALA F 252 15.53 -22.43 -41.69
CA ALA F 252 14.51 -22.53 -42.72
C ALA F 252 13.33 -23.35 -42.21
N ASP F 253 12.96 -23.10 -40.96
CA ASP F 253 11.95 -23.86 -40.26
C ASP F 253 11.01 -22.95 -39.44
N PRO F 254 9.72 -22.85 -39.86
CA PRO F 254 8.71 -22.03 -39.16
C PRO F 254 8.53 -22.33 -37.68
N LYS F 255 8.99 -23.47 -37.21
CA LYS F 255 9.15 -23.65 -35.78
C LYS F 255 9.60 -22.34 -35.11
N TYR F 256 10.58 -21.66 -35.70
CA TYR F 256 11.18 -20.52 -35.06
C TYR F 256 10.64 -19.22 -35.61
N ARG F 257 9.42 -19.25 -36.12
CA ARG F 257 8.75 -18.06 -36.66
C ARG F 257 8.51 -17.10 -35.49
N PRO F 258 8.84 -15.82 -35.67
CA PRO F 258 8.60 -14.87 -34.59
C PRO F 258 7.14 -14.66 -34.26
N ALA F 259 6.88 -14.33 -33.00
CA ALA F 259 5.55 -13.90 -32.57
C ALA F 259 5.15 -12.59 -33.22
N MET F 260 3.93 -12.54 -33.70
CA MET F 260 3.44 -11.35 -34.42
C MET F 260 3.47 -10.12 -33.51
N LEU F 261 3.09 -10.31 -32.26
CA LEU F 261 3.17 -9.25 -31.30
C LEU F 261 4.57 -8.70 -31.10
N MET F 262 5.61 -9.54 -31.16
CA MET F 262 6.99 -9.06 -31.06
C MET F 262 7.30 -8.17 -32.27
N ARG F 263 6.85 -8.58 -33.46
CA ARG F 263 7.14 -7.86 -34.68
C ARG F 263 6.53 -6.48 -34.64
N GLU F 264 5.33 -6.36 -34.07
CA GLU F 264 4.61 -5.07 -33.93
C GLU F 264 5.30 -4.08 -33.00
N MET F 265 5.65 -4.56 -31.83
CA MET F 265 6.35 -3.73 -30.88
C MET F 265 7.60 -3.16 -31.50
N VAL F 266 8.37 -3.99 -32.20
CA VAL F 266 9.61 -3.54 -32.81
C VAL F 266 9.38 -2.52 -33.91
N ALA F 267 8.23 -2.64 -34.55
CA ALA F 267 7.81 -1.74 -35.63
C ALA F 267 7.34 -0.40 -35.08
N ALA F 268 6.69 -0.45 -33.94
CA ALA F 268 6.24 0.73 -33.29
C ALA F 268 7.41 1.54 -32.69
N GLY F 269 8.61 0.96 -32.62
CA GLY F 269 9.69 1.54 -31.85
C GLY F 269 9.71 1.22 -30.36
N TYR F 270 8.79 0.36 -29.91
CA TYR F 270 8.76 -0.11 -28.53
C TYR F 270 9.82 -1.17 -28.27
N LEU F 271 11.07 -0.76 -28.20
CA LEU F 271 12.19 -1.69 -28.10
C LEU F 271 12.52 -2.16 -26.66
N GLY F 272 11.80 -1.66 -25.66
CA GLY F 272 12.02 -2.07 -24.28
C GLY F 272 12.57 -0.95 -23.41
N ARG F 273 13.56 -1.27 -22.57
CA ARG F 273 14.11 -0.28 -21.66
C ARG F 273 14.83 0.83 -22.42
N LYS F 274 15.79 0.44 -23.28
CA LYS F 274 16.55 1.37 -24.13
C LYS F 274 15.72 2.50 -24.79
N THR F 275 14.39 2.32 -24.88
CA THR F 275 13.47 3.33 -25.44
C THR F 275 12.30 3.66 -24.49
N GLY F 276 12.39 3.26 -23.21
CA GLY F 276 11.32 3.54 -22.28
C GLY F 276 10.04 2.75 -22.45
N ARG F 277 9.96 1.90 -23.47
CA ARG F 277 8.76 1.11 -23.67
C ARG F 277 9.03 -0.14 -24.47
N GLY F 278 8.46 -1.24 -24.00
CA GLY F 278 8.54 -2.54 -24.68
C GLY F 278 7.25 -3.29 -24.43
N VAL F 279 7.29 -4.30 -23.56
CA VAL F 279 6.08 -4.95 -23.09
C VAL F 279 5.48 -4.10 -21.98
N TYR F 280 6.35 -3.53 -21.15
CA TYR F 280 5.94 -2.62 -20.08
C TYR F 280 6.47 -1.22 -20.34
N VAL F 281 5.92 -0.27 -19.59
CA VAL F 281 6.32 1.14 -19.68
C VAL F 281 7.43 1.48 -18.67
N TYR F 282 8.37 2.28 -19.11
CA TYR F 282 9.47 2.69 -18.25
C TYR F 282 9.36 4.22 -18.21
N SER F 283 10.18 4.91 -17.41
CA SER F 283 10.12 6.39 -17.40
C SER F 283 10.90 6.93 -18.62
N LYS F 284 10.68 8.20 -18.96
CA LYS F 284 11.22 8.83 -20.18
C LYS F 284 10.63 8.22 -21.44
N SER G 2 9.75 -21.36 47.98
CA SER G 2 8.61 -21.14 48.91
C SER G 2 8.77 -19.80 49.66
N ILE G 3 8.28 -18.72 49.05
CA ILE G 3 8.32 -17.36 49.61
C ILE G 3 6.91 -16.85 49.97
N ARG G 4 6.54 -16.93 51.25
CA ARG G 4 5.26 -16.39 51.69
C ARG G 4 5.44 -15.06 52.46
N THR G 5 6.62 -14.83 53.03
CA THR G 5 6.94 -13.57 53.74
C THR G 5 8.06 -12.76 53.06
N VAL G 6 7.76 -11.50 52.76
CA VAL G 6 8.67 -10.57 52.05
C VAL G 6 9.23 -9.47 52.95
N GLY G 7 10.54 -9.46 53.12
CA GLY G 7 11.23 -8.34 53.77
C GLY G 7 11.21 -7.11 52.87
N ILE G 8 10.88 -5.96 53.46
CA ILE G 8 11.05 -4.67 52.79
C ILE G 8 11.73 -3.65 53.69
N VAL G 9 12.86 -3.11 53.22
CA VAL G 9 13.52 -1.99 53.86
C VAL G 9 13.26 -0.78 53.00
N GLY G 10 12.82 0.29 53.66
CA GLY G 10 12.32 1.47 52.99
C GLY G 10 10.82 1.42 52.98
N ALA G 11 10.20 2.48 53.53
CA ALA G 11 8.73 2.66 53.51
C ALA G 11 8.30 3.93 52.80
N GLY G 12 9.09 4.37 51.82
CA GLY G 12 8.72 5.50 50.95
C GLY G 12 7.86 5.06 49.77
N THR G 13 7.69 5.94 48.81
CA THR G 13 6.83 5.70 47.63
C THR G 13 6.94 4.25 47.09
N MET G 14 8.19 3.80 46.85
CA MET G 14 8.49 2.44 46.31
C MET G 14 8.14 1.32 47.29
N GLY G 15 8.70 1.39 48.48
CA GLY G 15 8.41 0.45 49.57
C GLY G 15 6.93 0.20 49.82
N ASN G 16 6.11 1.25 49.94
CA ASN G 16 4.64 1.05 49.99
C ASN G 16 4.27 0.18 48.81
N GLY G 17 4.69 0.66 47.63
CA GLY G 17 4.37 0.03 46.35
C GLY G 17 4.58 -1.45 46.45
N ILE G 18 5.80 -1.86 46.73
CA ILE G 18 6.14 -3.28 46.75
C ILE G 18 5.25 -3.99 47.78
N ALA G 19 5.17 -3.43 48.98
CA ALA G 19 4.37 -4.01 50.07
C ALA G 19 2.93 -4.24 49.63
N GLN G 20 2.31 -3.16 49.16
CA GLN G 20 0.95 -3.22 48.66
C GLN G 20 0.86 -4.35 47.65
N ALA G 21 1.63 -4.23 46.58
CA ALA G 21 1.67 -5.23 45.52
C ALA G 21 1.75 -6.67 46.09
N CYS G 22 2.62 -6.86 47.07
CA CYS G 22 2.71 -8.13 47.79
C CYS G 22 1.45 -8.43 48.61
N ALA G 23 0.95 -7.43 49.33
CA ALA G 23 -0.11 -7.62 50.29
C ALA G 23 -1.45 -7.96 49.64
N VAL G 24 -1.84 -7.23 48.61
CA VAL G 24 -3.12 -7.51 47.96
C VAL G 24 -3.15 -8.91 47.34
N VAL G 25 -1.98 -9.44 46.99
CA VAL G 25 -1.84 -10.80 46.47
C VAL G 25 -1.86 -11.81 47.63
N GLY G 26 -1.95 -11.31 48.85
CA GLY G 26 -1.98 -12.14 50.03
C GLY G 26 -0.59 -12.66 50.36
N LEU G 27 0.38 -11.76 50.47
CA LEU G 27 1.73 -12.15 50.90
C LEU G 27 2.10 -11.35 52.13
N ASN G 28 2.77 -12.01 53.09
CA ASN G 28 3.13 -11.38 54.36
C ASN G 28 4.28 -10.40 54.17
N VAL G 29 3.97 -9.11 54.25
CA VAL G 29 4.99 -8.09 54.13
C VAL G 29 5.50 -7.72 55.50
N VAL G 30 6.82 -7.63 55.62
CA VAL G 30 7.44 -7.09 56.82
C VAL G 30 8.18 -5.82 56.41
N MET G 31 7.56 -4.66 56.66
CA MET G 31 8.14 -3.38 56.27
C MET G 31 9.00 -2.82 57.40
N VAL G 32 10.13 -2.20 57.05
CA VAL G 32 11.12 -1.73 58.03
C VAL G 32 11.66 -0.35 57.63
N ASP G 33 11.75 0.57 58.58
CA ASP G 33 12.31 1.92 58.31
C ASP G 33 13.03 2.48 59.57
N ILE G 34 13.26 3.81 59.65
CA ILE G 34 14.09 4.39 60.74
C ILE G 34 13.30 5.08 61.86
N SER G 35 12.15 5.65 61.50
CA SER G 35 11.22 6.21 62.47
C SER G 35 9.94 5.37 62.42
N ASP G 36 9.02 5.65 63.34
CA ASP G 36 7.68 5.09 63.26
C ASP G 36 6.83 5.99 62.37
N ALA G 37 7.19 7.27 62.27
CA ALA G 37 6.50 8.24 61.41
C ALA G 37 6.62 7.82 59.95
N ALA G 38 7.86 7.57 59.54
CA ALA G 38 8.14 7.11 58.20
C ALA G 38 7.36 5.81 57.87
N VAL G 39 7.26 4.90 58.85
CA VAL G 39 6.49 3.64 58.69
C VAL G 39 4.99 3.86 58.52
N GLN G 40 4.39 4.63 59.43
CA GLN G 40 2.94 4.86 59.43
C GLN G 40 2.53 5.65 58.18
N LYS G 41 3.33 6.67 57.85
CA LYS G 41 3.18 7.41 56.60
C LYS G 41 3.28 6.46 55.39
N GLY G 42 4.09 5.41 55.55
CA GLY G 42 4.10 4.31 54.61
C GLY G 42 2.73 3.66 54.47
N VAL G 43 2.14 3.24 55.59
CA VAL G 43 0.81 2.57 55.60
C VAL G 43 -0.35 3.50 55.14
N ALA G 44 -0.27 4.78 55.51
CA ALA G 44 -1.25 5.79 55.08
C ALA G 44 -1.43 5.78 53.58
N THR G 45 -0.32 5.75 52.86
CA THR G 45 -0.36 5.73 51.39
C THR G 45 -1.03 4.43 50.88
N VAL G 46 -0.78 3.30 51.55
CA VAL G 46 -1.40 2.01 51.16
C VAL G 46 -2.89 2.01 51.53
N ALA G 47 -3.21 2.59 52.69
CA ALA G 47 -4.60 2.88 53.04
C ALA G 47 -5.22 3.75 51.95
N SER G 48 -4.77 5.01 51.82
CA SER G 48 -5.26 5.95 50.80
C SER G 48 -5.46 5.34 49.39
N SER G 49 -4.43 4.71 48.86
CA SER G 49 -4.47 4.08 47.52
C SER G 49 -5.42 2.86 47.42
N LEU G 50 -5.57 2.14 48.53
CA LEU G 50 -6.65 1.17 48.64
C LEU G 50 -8.05 1.81 48.48
N ASP G 51 -8.26 3.03 48.98
CA ASP G 51 -9.57 3.71 48.93
C ASP G 51 -10.02 4.02 47.50
N ARG G 52 -9.10 4.49 46.67
CA ARG G 52 -9.43 4.75 45.26
C ARG G 52 -9.80 3.46 44.55
N LEU G 53 -9.25 2.33 45.00
CA LEU G 53 -9.55 1.02 44.42
C LEU G 53 -11.00 0.59 44.77
N ILE G 54 -11.34 0.71 46.04
CA ILE G 54 -12.72 0.52 46.48
C ILE G 54 -13.68 1.42 45.69
N LYS G 55 -13.37 2.70 45.59
CA LYS G 55 -14.23 3.66 44.89
C LYS G 55 -14.32 3.39 43.38
N LYS G 56 -13.18 3.16 42.74
CA LYS G 56 -13.15 2.72 41.34
C LYS G 56 -13.64 1.25 41.20
N GLU G 57 -14.30 0.73 42.24
CA GLU G 57 -14.97 -0.56 42.22
C GLU G 57 -14.03 -1.73 41.93
N LYS G 58 -12.89 -1.75 42.62
CA LYS G 58 -11.89 -2.79 42.42
C LYS G 58 -12.08 -3.90 43.43
N LEU G 59 -12.62 -5.00 42.92
CA LEU G 59 -13.13 -6.11 43.72
C LEU G 59 -14.04 -5.67 44.90
N THR G 60 -13.47 -5.33 46.05
CA THR G 60 -14.28 -5.02 47.26
C THR G 60 -13.56 -4.15 48.30
N GLU G 61 -14.29 -3.84 49.38
CA GLU G 61 -13.76 -3.18 50.60
C GLU G 61 -13.23 -4.17 51.64
N ALA G 62 -13.59 -5.45 51.48
CA ALA G 62 -13.24 -6.47 52.48
C ALA G 62 -11.75 -6.74 52.51
N ASP G 63 -11.13 -6.76 51.32
CA ASP G 63 -9.72 -7.10 51.21
C ASP G 63 -8.80 -5.97 51.66
N LYS G 64 -9.29 -4.72 51.56
CA LYS G 64 -8.55 -3.57 52.06
C LYS G 64 -7.99 -3.84 53.45
N ALA G 65 -8.84 -4.28 54.37
CA ALA G 65 -8.41 -4.65 55.72
C ALA G 65 -7.61 -5.98 55.73
N SER G 66 -7.94 -6.89 54.80
CA SER G 66 -7.28 -8.21 54.68
C SER G 66 -5.80 -8.10 54.36
N ALA G 67 -5.49 -7.29 53.35
CA ALA G 67 -4.10 -6.97 52.99
C ALA G 67 -3.30 -6.39 54.19
N LEU G 68 -3.85 -5.34 54.82
CA LEU G 68 -3.18 -4.60 55.91
C LEU G 68 -2.87 -5.48 57.13
N ALA G 69 -3.61 -6.56 57.30
CA ALA G 69 -3.29 -7.54 58.33
C ALA G 69 -1.94 -8.15 58.01
N ARG G 70 -1.76 -8.50 56.74
CA ARG G 70 -0.50 -9.08 56.26
C ARG G 70 0.72 -8.14 56.42
N ILE G 71 0.49 -6.83 56.38
CA ILE G 71 1.56 -5.85 56.56
C ILE G 71 1.88 -5.70 58.05
N LYS G 72 3.12 -5.99 58.43
CA LYS G 72 3.57 -5.98 59.83
C LYS G 72 4.67 -4.90 60.03
N GLY G 73 4.30 -3.63 59.87
CA GLY G 73 5.27 -2.51 59.82
C GLY G 73 6.01 -2.19 61.13
N SER G 74 7.34 -2.11 61.06
CA SER G 74 8.23 -2.05 62.25
C SER G 74 9.49 -1.19 62.04
N THR G 75 10.27 -0.96 63.10
CA THR G 75 11.59 -0.31 62.97
C THR G 75 12.75 -1.17 63.47
N SER G 76 12.47 -2.39 63.94
CA SER G 76 13.53 -3.34 64.28
C SER G 76 13.99 -4.00 63.01
N TYR G 77 15.28 -3.88 62.69
CA TYR G 77 15.83 -4.58 61.54
C TYR G 77 15.91 -6.08 61.81
N ASP G 78 15.80 -6.48 63.08
CA ASP G 78 15.75 -7.90 63.46
C ASP G 78 14.49 -8.63 62.94
N ASP G 79 13.40 -7.88 62.74
CA ASP G 79 12.13 -8.46 62.31
C ASP G 79 12.25 -9.30 61.04
N LEU G 80 13.23 -8.95 60.23
CA LEU G 80 13.42 -9.56 58.91
C LEU G 80 14.00 -10.99 58.93
N LYS G 81 14.29 -11.57 60.10
CA LYS G 81 14.52 -13.03 60.20
C LYS G 81 13.23 -13.81 59.83
N ALA G 82 12.08 -13.20 60.11
CA ALA G 82 10.76 -13.73 59.74
C ALA G 82 10.51 -13.88 58.23
N THR G 83 11.40 -13.35 57.39
CA THR G 83 11.13 -13.23 55.96
C THR G 83 11.77 -14.35 55.15
N ASP G 84 11.17 -14.66 53.99
CA ASP G 84 11.76 -15.57 52.99
C ASP G 84 12.72 -14.82 52.00
N ILE G 85 12.56 -13.50 51.92
CA ILE G 85 13.35 -12.63 51.05
C ILE G 85 13.25 -11.18 51.53
N VAL G 86 14.30 -10.38 51.34
CA VAL G 86 14.29 -8.96 51.68
C VAL G 86 14.61 -8.10 50.47
N ILE G 87 13.89 -6.99 50.33
CA ILE G 87 14.07 -6.09 49.21
C ILE G 87 14.44 -4.74 49.74
N GLU G 88 15.67 -4.32 49.52
CA GLU G 88 16.11 -2.97 49.86
C GLU G 88 15.51 -1.98 48.87
N ALA G 89 14.88 -0.93 49.40
CA ALA G 89 14.30 0.10 48.55
C ALA G 89 14.31 1.43 49.31
N ALA G 90 15.47 1.74 49.88
CA ALA G 90 15.62 2.91 50.71
C ALA G 90 16.25 4.06 49.94
N THR G 91 17.17 3.77 49.03
CA THR G 91 18.05 4.81 48.52
C THR G 91 18.80 4.47 47.21
N GLU G 92 19.10 5.52 46.42
CA GLU G 92 20.08 5.46 45.30
C GLU G 92 21.47 5.99 45.68
N ASN G 93 21.70 6.29 46.96
CA ASN G 93 23.03 6.61 47.44
C ASN G 93 23.92 5.37 47.50
N TYR G 94 25.04 5.36 46.76
CA TYR G 94 25.83 4.15 46.73
C TYR G 94 26.30 3.77 48.15
N ASP G 95 26.95 4.69 48.85
CA ASP G 95 27.59 4.31 50.11
C ASP G 95 26.58 3.87 51.18
N LEU G 96 25.45 4.54 51.23
CA LEU G 96 24.42 4.21 52.22
C LEU G 96 23.76 2.88 51.87
N LYS G 97 23.51 2.66 50.59
CA LYS G 97 23.00 1.37 50.10
C LYS G 97 23.88 0.21 50.60
N VAL G 98 25.19 0.38 50.47
CA VAL G 98 26.15 -0.65 50.91
C VAL G 98 25.97 -0.97 52.40
N LYS G 99 25.90 0.08 53.22
CA LYS G 99 25.62 -0.05 54.65
C LYS G 99 24.36 -0.87 54.88
N ILE G 100 23.26 -0.44 54.29
CA ILE G 100 21.97 -1.11 54.47
C ILE G 100 22.04 -2.60 54.13
N LEU G 101 22.61 -2.94 52.98
CA LEU G 101 22.72 -4.35 52.55
C LEU G 101 23.71 -5.17 53.38
N LYS G 102 24.85 -4.58 53.76
CA LYS G 102 25.76 -5.22 54.72
C LYS G 102 24.99 -5.57 56.00
N GLN G 103 24.18 -4.62 56.47
CA GLN G 103 23.36 -4.80 57.67
C GLN G 103 22.31 -5.89 57.47
N ILE G 104 21.50 -5.74 56.44
CA ILE G 104 20.57 -6.79 56.03
C ILE G 104 21.29 -8.13 55.94
N ASP G 105 22.50 -8.11 55.40
CA ASP G 105 23.20 -9.35 55.20
C ASP G 105 23.40 -10.04 56.54
N GLY G 106 23.90 -9.29 57.52
CA GLY G 106 24.19 -9.84 58.86
C GLY G 106 23.03 -10.38 59.70
N ILE G 107 21.79 -10.11 59.29
CA ILE G 107 20.61 -10.56 60.06
C ILE G 107 20.06 -11.89 59.49
N VAL G 108 19.76 -11.91 58.20
CA VAL G 108 19.06 -13.04 57.61
C VAL G 108 19.97 -14.25 57.36
N GLY G 109 19.36 -15.41 57.14
CA GLY G 109 20.11 -16.64 56.95
C GLY G 109 20.75 -16.77 55.57
N GLU G 110 21.81 -17.57 55.50
CA GLU G 110 22.56 -17.83 54.26
C GLU G 110 21.74 -18.16 53.01
N ASN G 111 20.57 -18.77 53.17
CA ASN G 111 19.75 -19.14 52.01
C ASN G 111 18.69 -18.10 51.65
N VAL G 112 18.59 -17.01 52.41
CA VAL G 112 17.62 -15.97 52.09
C VAL G 112 18.17 -15.09 50.96
N ILE G 113 17.27 -14.74 50.04
CA ILE G 113 17.57 -13.86 48.92
C ILE G 113 17.49 -12.41 49.39
N ILE G 114 18.51 -11.64 49.06
CA ILE G 114 18.52 -10.20 49.27
C ILE G 114 18.43 -9.51 47.90
N ALA G 115 17.49 -8.58 47.78
CA ALA G 115 17.29 -7.88 46.52
C ALA G 115 17.55 -6.42 46.76
N SER G 116 17.45 -5.65 45.68
CA SER G 116 17.66 -4.21 45.74
C SER G 116 17.04 -3.53 44.53
N ASN G 117 16.13 -2.61 44.78
CA ASN G 117 15.62 -1.72 43.77
C ASN G 117 16.72 -0.70 43.37
N THR G 118 16.65 -0.22 42.15
CA THR G 118 17.59 0.75 41.64
C THR G 118 17.08 1.07 40.26
N SER G 119 17.68 2.10 39.65
CA SER G 119 17.60 2.41 38.23
C SER G 119 18.98 2.42 37.57
N SER G 120 20.02 2.72 38.33
CA SER G 120 21.35 2.90 37.74
C SER G 120 22.47 2.06 38.33
N ILE G 121 22.36 1.74 39.62
CA ILE G 121 23.46 1.15 40.39
C ILE G 121 23.78 -0.27 39.90
N SER G 122 25.07 -0.58 39.77
CA SER G 122 25.53 -1.89 39.34
C SER G 122 25.19 -2.97 40.37
N ILE G 123 24.39 -3.93 39.93
CA ILE G 123 23.95 -5.03 40.78
C ILE G 123 25.12 -5.93 41.18
N THR G 124 26.06 -6.10 40.25
CA THR G 124 27.22 -6.91 40.48
C THR G 124 28.11 -6.30 41.53
N LYS G 125 28.25 -4.98 41.52
CA LYS G 125 29.06 -4.25 42.52
C LYS G 125 28.50 -4.35 43.94
N LEU G 126 27.16 -4.26 44.05
CA LEU G 126 26.47 -4.43 45.33
C LEU G 126 26.57 -5.89 45.81
N ALA G 127 25.98 -6.83 45.05
CA ALA G 127 26.03 -8.23 45.40
C ALA G 127 27.39 -8.61 45.93
N ALA G 128 28.45 -8.01 45.37
CA ALA G 128 29.82 -8.31 45.81
C ALA G 128 30.13 -8.00 47.27
N VAL G 129 29.41 -7.06 47.89
CA VAL G 129 29.64 -6.70 49.30
C VAL G 129 28.93 -7.60 50.31
N THR G 130 27.89 -8.32 49.86
CA THR G 130 27.22 -9.33 50.69
C THR G 130 27.95 -10.69 50.71
N SER G 131 27.73 -11.46 51.78
CA SER G 131 28.32 -12.79 52.00
C SER G 131 27.97 -13.85 50.94
N ARG G 132 26.71 -13.86 50.50
CA ARG G 132 26.21 -14.77 49.46
C ARG G 132 25.73 -13.99 48.23
N ALA G 133 26.66 -13.65 47.35
CA ALA G 133 26.34 -12.92 46.13
C ALA G 133 25.44 -13.70 45.17
N ASP G 134 25.56 -15.02 45.17
CA ASP G 134 24.65 -15.87 44.38
C ASP G 134 23.18 -15.73 44.82
N ARG G 135 23.01 -15.35 46.09
CA ARG G 135 21.67 -15.06 46.65
C ARG G 135 21.24 -13.57 46.50
N PHE G 136 21.90 -12.82 45.62
CA PHE G 136 21.54 -11.43 45.36
C PHE G 136 20.99 -11.23 43.96
N ILE G 137 19.94 -10.44 43.85
CA ILE G 137 19.44 -10.05 42.53
C ILE G 137 18.89 -8.61 42.56
N GLY G 138 18.95 -7.92 41.42
CA GLY G 138 18.40 -6.59 41.29
C GLY G 138 16.96 -6.64 40.86
N MET G 139 16.22 -5.63 41.26
CA MET G 139 14.85 -5.43 40.83
C MET G 139 14.68 -3.94 40.53
N HIS G 140 13.94 -3.61 39.49
CA HIS G 140 13.67 -2.23 39.18
C HIS G 140 12.17 -2.24 38.91
N PHE G 141 11.42 -1.58 39.80
CA PHE G 141 9.98 -1.42 39.69
C PHE G 141 9.68 -0.13 38.99
N PHE G 142 8.44 0.05 38.55
CA PHE G 142 8.09 1.27 37.84
C PHE G 142 7.09 2.14 38.61
N ASN G 143 7.22 3.46 38.46
CA ASN G 143 7.02 4.41 39.57
C ASN G 143 5.65 4.45 40.26
N PRO G 144 4.55 4.21 39.51
CA PRO G 144 3.30 3.83 40.20
C PRO G 144 3.21 2.29 40.35
N VAL G 145 3.89 1.77 41.37
CA VAL G 145 4.15 0.33 41.50
C VAL G 145 2.91 -0.56 41.54
N PRO G 146 1.82 -0.09 42.19
CA PRO G 146 0.64 -0.98 42.26
C PRO G 146 0.11 -1.36 40.87
N VAL G 147 -0.02 -0.39 39.98
CA VAL G 147 -0.63 -0.61 38.67
C VAL G 147 0.36 -1.11 37.61
N MET G 148 1.53 -0.49 37.53
CA MET G 148 2.54 -0.83 36.50
C MET G 148 2.87 -2.31 36.54
N ALA G 149 2.60 -2.99 35.44
CA ALA G 149 2.62 -4.43 35.43
C ALA G 149 3.97 -5.00 35.01
N LEU G 150 5.08 -4.38 35.39
CA LEU G 150 6.39 -4.87 34.96
C LEU G 150 7.55 -4.58 35.89
N VAL G 151 8.50 -5.51 35.89
CA VAL G 151 9.66 -5.44 36.75
C VAL G 151 10.86 -5.86 35.92
N GLU G 152 11.93 -5.09 36.04
CA GLU G 152 13.21 -5.49 35.48
C GLU G 152 13.87 -6.33 36.57
N LEU G 153 14.26 -7.56 36.21
CA LEU G 153 14.95 -8.50 37.06
C LEU G 153 16.37 -8.57 36.59
N ILE G 154 17.28 -8.08 37.40
CA ILE G 154 18.60 -7.75 36.90
C ILE G 154 19.62 -8.63 37.59
N ARG G 155 20.18 -9.57 36.83
CA ARG G 155 21.13 -10.51 37.38
C ARG G 155 22.47 -9.85 37.52
N GLY G 156 22.96 -9.81 38.73
CA GLY G 156 24.34 -9.48 38.93
C GLY G 156 25.12 -10.58 38.24
N LEU G 157 26.42 -10.39 38.11
CA LEU G 157 27.25 -11.39 37.47
C LEU G 157 27.27 -12.67 38.28
N GLN G 158 26.84 -12.60 39.56
CA GLN G 158 26.89 -13.71 40.51
C GLN G 158 25.55 -14.36 40.78
N THR G 159 24.46 -13.64 40.56
CA THR G 159 23.13 -14.17 40.77
C THR G 159 23.07 -15.62 40.31
N SER G 160 22.62 -16.53 41.17
CA SER G 160 22.45 -17.95 40.76
C SER G 160 21.18 -18.13 39.98
N ASP G 161 21.13 -19.25 39.26
CA ASP G 161 19.91 -19.63 38.52
C ASP G 161 18.73 -19.89 39.46
N THR G 162 18.98 -20.49 40.62
CA THR G 162 17.92 -20.71 41.62
C THR G 162 17.40 -19.40 42.17
N THR G 163 18.32 -18.46 42.44
CA THR G 163 17.94 -17.16 42.98
C THR G 163 17.08 -16.46 41.97
N HIS G 164 17.42 -16.64 40.70
CA HIS G 164 16.67 -16.06 39.60
C HIS G 164 15.26 -16.64 39.52
N ALA G 165 15.14 -17.96 39.39
CA ALA G 165 13.82 -18.65 39.37
C ALA G 165 12.83 -18.21 40.49
N ALA G 166 13.30 -18.17 41.73
CA ALA G 166 12.51 -17.69 42.90
C ALA G 166 11.85 -16.37 42.63
N VAL G 167 12.66 -15.33 42.42
CA VAL G 167 12.16 -13.97 42.23
C VAL G 167 11.42 -13.83 40.90
N GLU G 168 11.74 -14.68 39.92
CA GLU G 168 10.93 -14.76 38.67
C GLU G 168 9.48 -15.15 38.96
N ALA G 169 9.31 -16.25 39.68
CA ALA G 169 7.99 -16.65 40.19
C ALA G 169 7.35 -15.51 41.03
N LEU G 170 8.04 -15.04 42.06
CA LEU G 170 7.52 -13.98 42.91
C LEU G 170 6.92 -12.84 42.11
N SER G 171 7.66 -12.35 41.13
CA SER G 171 7.15 -11.26 40.30
C SER G 171 5.89 -11.71 39.63
N LYS G 172 5.91 -12.92 39.06
CA LYS G 172 4.72 -13.47 38.39
C LYS G 172 3.51 -13.44 39.31
N GLN G 173 3.68 -13.85 40.57
CA GLN G 173 2.59 -13.81 41.55
C GLN G 173 2.14 -12.40 41.93
N LEU G 174 3.08 -11.48 42.05
CA LEU G 174 2.74 -10.06 42.17
C LEU G 174 1.92 -9.54 40.99
N GLY G 175 1.62 -10.41 40.02
CA GLY G 175 0.88 -10.03 38.82
C GLY G 175 1.66 -9.11 37.92
N LYS G 176 3.00 -9.11 38.05
CA LYS G 176 3.89 -8.29 37.22
C LYS G 176 4.54 -9.16 36.15
N TYR G 177 4.46 -8.71 34.90
CA TYR G 177 5.25 -9.33 33.84
C TYR G 177 6.72 -8.95 34.10
N PRO G 178 7.58 -9.94 34.38
CA PRO G 178 8.99 -9.68 34.62
C PRO G 178 9.86 -9.76 33.37
N ILE G 179 10.92 -8.96 33.36
CA ILE G 179 11.87 -8.85 32.26
C ILE G 179 13.24 -9.21 32.82
N THR G 180 13.97 -10.12 32.18
CA THR G 180 15.32 -10.50 32.71
C THR G 180 16.46 -9.84 31.96
N VAL G 181 17.46 -9.35 32.70
CA VAL G 181 18.47 -8.46 32.12
C VAL G 181 19.78 -8.74 32.78
N LYS G 182 20.83 -9.00 32.02
CA LYS G 182 22.16 -9.01 32.59
C LYS G 182 22.51 -7.60 33.12
N ASN G 183 23.07 -7.51 34.31
CA ASN G 183 23.48 -6.23 34.83
C ASN G 183 24.29 -5.45 33.79
N SER G 184 23.74 -4.33 33.32
CA SER G 184 24.36 -3.46 32.31
C SER G 184 23.88 -2.02 32.51
N PRO G 185 24.75 -1.05 32.26
CA PRO G 185 24.30 0.33 32.46
C PRO G 185 22.99 0.66 31.71
N GLY G 186 21.97 1.12 32.45
CA GLY G 186 20.63 1.39 31.88
C GLY G 186 19.70 0.16 31.79
N PHE G 187 20.21 -1.02 32.08
CA PHE G 187 19.38 -2.24 31.95
C PHE G 187 18.74 -2.25 30.56
N VAL G 188 17.44 -2.39 30.46
CA VAL G 188 16.83 -2.38 29.13
C VAL G 188 16.03 -1.10 28.94
N VAL G 189 15.09 -0.84 29.84
CA VAL G 189 14.15 0.22 29.56
C VAL G 189 14.82 1.56 29.42
N ASN G 190 15.61 1.93 30.40
CA ASN G 190 16.24 3.22 30.36
C ASN G 190 17.30 3.27 29.31
N ARG G 191 17.91 2.10 29.07
CA ARG G 191 19.00 2.02 28.10
C ARG G 191 18.54 2.44 26.75
N ILE G 192 17.32 2.11 26.38
CA ILE G 192 16.87 2.52 25.06
C ILE G 192 15.98 3.76 25.04
N LEU G 193 15.16 3.94 26.08
CA LEU G 193 14.30 5.12 26.14
C LEU G 193 15.14 6.37 26.35
N CYS G 194 16.03 6.33 27.33
CA CYS G 194 16.64 7.61 27.71
C CYS G 194 17.40 8.22 26.59
N PRO G 195 18.17 7.42 25.82
CA PRO G 195 18.93 8.05 24.72
C PRO G 195 18.07 8.62 23.61
N MET G 196 16.84 8.11 23.53
CA MET G 196 15.88 8.73 22.65
C MET G 196 15.43 10.07 23.19
N ILE G 197 15.17 10.17 24.51
CA ILE G 197 14.84 11.45 25.09
C ILE G 197 15.98 12.45 24.75
N ASN G 198 17.22 12.09 25.06
CA ASN G 198 18.35 12.94 24.65
C ASN G 198 18.36 13.38 23.17
N GLU G 199 17.99 12.48 22.28
CA GLU G 199 18.00 12.83 20.87
C GLU G 199 17.02 13.94 20.61
N ALA G 200 15.82 13.85 21.18
CA ALA G 200 14.84 14.96 21.16
C ALA G 200 15.45 16.31 21.56
N PHE G 201 16.21 16.36 22.63
CA PHE G 201 16.89 17.60 23.04
C PHE G 201 17.97 18.03 22.05
N CYS G 202 18.64 17.06 21.44
CA CYS G 202 19.64 17.36 20.40
C CYS G 202 18.95 18.06 19.22
N VAL G 203 17.79 17.54 18.83
CA VAL G 203 16.99 18.12 17.74
C VAL G 203 16.54 19.56 18.03
N LEU G 204 16.09 19.78 19.25
CA LEU G 204 15.58 21.06 19.71
C LEU G 204 16.77 21.98 19.82
N GLY G 205 17.84 21.45 20.39
CA GLY G 205 19.03 22.22 20.53
C GLY G 205 19.55 22.72 19.20
N GLU G 206 19.29 21.99 18.11
CA GLU G 206 19.93 22.33 16.83
C GLU G 206 19.16 23.31 16.00
N GLY G 207 18.08 23.85 16.54
CA GLY G 207 17.21 24.75 15.76
C GLY G 207 16.23 24.10 14.81
N LEU G 208 16.06 22.79 14.87
CA LEU G 208 15.46 22.11 13.72
C LEU G 208 13.96 22.22 13.69
N ALA G 209 13.35 22.32 14.87
CA ALA G 209 11.88 22.43 15.00
C ALA G 209 11.47 22.86 16.40
N SER G 210 10.23 23.28 16.57
CA SER G 210 9.74 23.74 17.87
C SER G 210 9.54 22.53 18.79
N PRO G 211 9.60 22.74 20.12
CA PRO G 211 9.35 21.62 21.03
C PRO G 211 7.94 21.05 20.85
N GLU G 212 6.95 21.93 20.88
CA GLU G 212 5.55 21.53 20.74
C GLU G 212 5.42 20.58 19.55
N GLU G 213 6.07 20.92 18.43
CA GLU G 213 5.99 20.10 17.19
C GLU G 213 6.88 18.86 17.13
N ILE G 214 7.97 18.85 17.88
CA ILE G 214 8.80 17.71 17.97
C ILE G 214 7.98 16.68 18.70
N ASP G 215 7.28 17.15 19.72
CA ASP G 215 6.55 16.27 20.62
C ASP G 215 5.38 15.65 19.88
N GLU G 216 4.71 16.40 19.02
CA GLU G 216 3.54 15.83 18.39
C GLU G 216 3.91 14.93 17.22
N GLY G 217 5.01 15.27 16.54
CA GLY G 217 5.61 14.35 15.57
C GLY G 217 5.74 12.94 16.15
N MET G 218 6.20 12.86 17.40
CA MET G 218 6.43 11.59 18.03
C MET G 218 5.12 10.95 18.50
N LYS G 219 4.18 11.77 18.98
CA LYS G 219 2.86 11.28 19.40
C LYS G 219 2.09 10.69 18.21
N LEU G 220 1.89 11.51 17.19
CA LEU G 220 1.09 11.15 16.05
C LEU G 220 1.82 10.24 15.08
N GLY G 221 3.12 10.46 14.95
CA GLY G 221 3.95 9.66 14.07
C GLY G 221 4.13 8.23 14.55
N CYS G 222 4.54 8.07 15.81
CA CYS G 222 4.87 6.75 16.39
C CYS G 222 3.87 6.30 17.42
N ASN G 223 2.78 7.03 17.56
CA ASN G 223 1.66 6.55 18.30
C ASN G 223 2.01 6.49 19.78
N HIS G 224 2.93 7.36 20.19
CA HIS G 224 3.39 7.40 21.57
C HIS G 224 2.40 8.23 22.39
N PRO G 225 2.12 7.82 23.63
CA PRO G 225 1.23 8.61 24.49
C PRO G 225 1.73 10.03 24.71
N ILE G 226 2.95 10.16 25.23
CA ILE G 226 3.53 11.45 25.60
C ILE G 226 4.78 11.65 24.76
N GLY G 227 4.97 12.87 24.29
CA GLY G 227 6.13 13.23 23.52
C GLY G 227 7.32 13.19 24.45
N PRO G 228 8.52 12.87 23.90
CA PRO G 228 9.72 12.83 24.71
C PRO G 228 10.03 14.12 25.51
N LEU G 229 9.77 15.30 24.96
CA LEU G 229 10.10 16.52 25.71
C LEU G 229 9.19 16.71 26.94
N ALA G 230 7.89 16.60 26.74
CA ALA G 230 6.94 16.58 27.86
C ALA G 230 7.29 15.48 28.87
N LEU G 231 7.67 14.33 28.34
CA LEU G 231 8.05 13.20 29.19
C LEU G 231 9.29 13.54 29.99
N ALA G 232 10.22 14.23 29.33
CA ALA G 232 11.44 14.67 29.99
C ALA G 232 11.08 15.55 31.17
N ASP G 233 10.13 16.46 30.94
CA ASP G 233 9.67 17.39 32.00
C ASP G 233 9.02 16.68 33.19
N MET G 234 8.27 15.60 32.93
CA MET G 234 7.75 14.75 34.02
C MET G 234 8.82 14.02 34.80
N ILE G 235 9.74 13.36 34.10
CA ILE G 235 10.77 12.56 34.79
C ILE G 235 11.69 13.44 35.64
N GLY G 236 11.97 14.64 35.13
CA GLY G 236 13.01 15.50 35.66
C GLY G 236 14.22 15.57 34.74
N LEU G 237 14.59 16.78 34.34
CA LEU G 237 15.78 16.96 33.50
C LEU G 237 17.07 16.65 34.28
N ASP G 238 17.10 16.90 35.57
CA ASP G 238 18.25 16.47 36.37
C ASP G 238 18.33 14.92 36.52
N THR G 239 17.17 14.27 36.58
CA THR G 239 17.12 12.80 36.57
C THR G 239 17.54 12.24 35.18
N MET G 240 17.18 12.93 34.09
CA MET G 240 17.59 12.54 32.73
C MET G 240 19.11 12.64 32.51
N LEU G 241 19.63 13.85 32.71
CA LEU G 241 21.04 14.14 32.58
C LEU G 241 21.89 13.10 33.29
N ALA G 242 21.48 12.76 34.49
CA ALA G 242 22.22 11.82 35.31
C ALA G 242 22.23 10.42 34.69
N VAL G 243 21.11 9.98 34.11
CA VAL G 243 21.07 8.72 33.38
C VAL G 243 22.07 8.73 32.24
N MET G 244 21.98 9.73 31.38
CA MET G 244 23.02 9.96 30.39
C MET G 244 24.44 10.06 30.93
N GLU G 245 24.65 10.62 32.11
CA GLU G 245 26.00 10.69 32.63
C GLU G 245 26.45 9.29 32.91
N VAL G 246 25.50 8.48 33.36
CA VAL G 246 25.79 7.10 33.73
C VAL G 246 26.11 6.29 32.48
N LEU G 247 25.30 6.51 31.45
CA LEU G 247 25.53 5.89 30.18
C LEU G 247 26.87 6.30 29.62
N TYR G 248 27.19 7.59 29.67
CA TYR G 248 28.48 8.08 29.11
C TYR G 248 29.71 7.65 29.87
N THR G 249 29.56 7.37 31.14
CA THR G 249 30.69 7.22 32.02
C THR G 249 30.96 5.76 32.22
N GLU G 250 29.88 5.00 32.36
CA GLU G 250 29.96 3.56 32.48
C GLU G 250 30.37 2.86 31.19
N PHE G 251 29.92 3.31 30.02
CA PHE G 251 30.38 2.74 28.71
C PHE G 251 31.68 3.36 28.18
N ALA G 252 32.02 4.50 28.76
CA ALA G 252 33.11 5.33 28.29
C ALA G 252 32.95 5.59 26.81
N ASP G 253 31.75 6.01 26.39
CA ASP G 253 31.48 6.22 24.97
C ASP G 253 30.63 7.48 24.63
N PRO G 254 31.22 8.47 23.93
CA PRO G 254 30.53 9.70 23.54
C PRO G 254 29.31 9.51 22.69
N LYS G 255 29.00 8.28 22.34
CA LYS G 255 27.74 8.00 21.68
C LYS G 255 26.64 8.45 22.62
N TYR G 256 26.94 8.39 23.91
CA TYR G 256 25.97 8.70 24.95
C TYR G 256 26.11 10.11 25.54
N ARG G 257 26.93 10.96 24.93
CA ARG G 257 26.94 12.42 25.25
C ARG G 257 25.58 12.94 25.63
N PRO G 258 25.47 13.57 26.79
CA PRO G 258 24.27 14.41 27.02
C PRO G 258 24.10 15.50 25.97
N ALA G 259 22.86 15.86 25.68
CA ALA G 259 22.55 16.98 24.80
C ALA G 259 22.94 18.27 25.53
N MET G 260 23.50 19.24 24.81
CA MET G 260 24.03 20.43 25.44
C MET G 260 22.93 21.28 26.09
N LEU G 261 21.79 21.38 25.39
CA LEU G 261 20.59 22.02 25.90
C LEU G 261 20.14 21.32 27.16
N MET G 262 20.14 20.01 27.17
CA MET G 262 19.73 19.34 28.40
C MET G 262 20.62 19.80 29.57
N ARG G 263 21.91 19.97 29.31
CA ARG G 263 22.87 20.38 30.35
C ARG G 263 22.63 21.80 30.84
N GLU G 264 22.25 22.67 29.93
CA GLU G 264 22.08 24.06 30.22
C GLU G 264 20.80 24.25 31.03
N MET G 265 19.74 23.57 30.62
CA MET G 265 18.53 23.67 31.41
C MET G 265 18.82 23.24 32.85
N VAL G 266 19.48 22.11 33.02
CA VAL G 266 19.83 21.67 34.37
C VAL G 266 20.69 22.68 35.13
N ALA G 267 21.66 23.30 34.48
CA ALA G 267 22.50 24.31 35.14
C ALA G 267 21.69 25.51 35.63
N ALA G 268 20.69 25.87 34.83
CA ALA G 268 19.83 27.01 35.12
C ALA G 268 18.79 26.71 36.20
N GLY G 269 18.59 25.43 36.55
CA GLY G 269 17.53 25.02 37.49
C GLY G 269 16.17 24.71 36.84
N TYR G 270 16.09 24.80 35.52
CA TYR G 270 14.88 24.47 34.82
C TYR G 270 14.79 22.93 34.73
N LEU G 271 14.13 22.32 35.71
CA LEU G 271 14.21 20.88 35.95
C LEU G 271 12.93 20.13 35.52
N GLY G 272 11.88 20.86 35.15
CA GLY G 272 10.63 20.25 34.75
C GLY G 272 9.45 20.67 35.64
N ARG G 273 8.39 19.87 35.59
CA ARG G 273 7.23 19.99 36.46
C ARG G 273 7.63 20.25 37.94
N LYS G 274 8.67 19.57 38.42
CA LYS G 274 9.11 19.70 39.80
C LYS G 274 9.72 21.05 40.26
N THR G 275 9.97 21.96 39.32
CA THR G 275 10.34 23.35 39.60
C THR G 275 9.48 24.28 38.75
N GLY G 276 8.40 23.79 38.14
CA GLY G 276 7.58 24.65 37.27
C GLY G 276 8.13 25.04 35.90
N ARG G 277 9.36 24.63 35.63
CA ARG G 277 10.01 25.02 34.39
C ARG G 277 11.06 24.03 33.90
N GLY G 278 10.89 23.64 32.65
CA GLY G 278 11.85 22.80 31.95
C GLY G 278 11.75 23.12 30.47
N VAL G 279 11.32 22.18 29.67
CA VAL G 279 11.25 22.42 28.22
C VAL G 279 10.07 23.34 28.02
N TYR G 280 8.97 22.98 28.67
CA TYR G 280 7.77 23.81 28.71
C TYR G 280 7.62 24.49 30.07
N VAL G 281 6.67 25.43 30.14
CA VAL G 281 6.42 26.15 31.38
C VAL G 281 5.09 25.69 31.96
N TYR G 282 5.08 25.54 33.28
CA TYR G 282 3.96 24.96 34.01
C TYR G 282 3.53 25.92 35.10
N SER G 283 2.29 25.78 35.55
CA SER G 283 1.74 26.68 36.57
C SER G 283 2.25 26.33 37.97
N LYS G 284 1.94 25.12 38.43
CA LYS G 284 2.15 24.61 39.82
C LYS G 284 0.81 24.54 40.55
N SER H 2 -18.61 20.92 48.82
CA SER H 2 -18.39 21.67 50.09
C SER H 2 -17.99 23.12 49.82
N ILE H 3 -16.98 23.33 48.98
CA ILE H 3 -16.45 24.67 48.73
C ILE H 3 -16.15 24.94 47.25
N ARG H 4 -17.15 25.47 46.56
CA ARG H 4 -16.95 26.01 45.23
C ARG H 4 -16.78 27.54 45.29
N THR H 5 -17.49 28.19 46.23
CA THR H 5 -17.46 29.68 46.36
C THR H 5 -16.82 30.17 47.69
N VAL H 6 -15.87 31.10 47.54
CA VAL H 6 -15.05 31.64 48.63
C VAL H 6 -15.16 33.17 48.69
N GLY H 7 -15.77 33.68 49.75
CA GLY H 7 -15.85 35.14 49.99
C GLY H 7 -14.68 35.75 50.77
N ILE H 8 -14.34 37.01 50.45
CA ILE H 8 -13.14 37.66 50.97
C ILE H 8 -13.40 39.13 51.31
N VAL H 9 -14.06 39.42 52.43
CA VAL H 9 -14.24 40.81 52.87
C VAL H 9 -12.91 41.52 53.06
N GLY H 10 -12.68 42.55 52.26
CA GLY H 10 -11.37 43.19 52.21
C GLY H 10 -10.69 42.92 50.88
N ALA H 11 -10.16 43.98 50.26
CA ALA H 11 -9.55 43.88 48.95
C ALA H 11 -8.33 44.81 48.74
N GLY H 12 -7.63 45.18 49.81
CA GLY H 12 -6.33 45.89 49.72
C GLY H 12 -5.22 44.91 49.36
N THR H 13 -3.95 45.26 49.54
CA THR H 13 -2.85 44.35 49.15
C THR H 13 -3.18 42.87 49.37
N MET H 14 -3.60 42.53 50.59
CA MET H 14 -3.78 41.13 51.00
C MET H 14 -5.02 40.43 50.42
N GLY H 15 -6.21 40.98 50.63
CA GLY H 15 -7.46 40.32 50.28
C GLY H 15 -7.65 39.94 48.81
N ASN H 16 -7.21 40.82 47.91
CA ASN H 16 -7.25 40.54 46.46
C ASN H 16 -6.17 39.51 46.04
N GLY H 17 -5.06 39.52 46.78
CA GLY H 17 -4.07 38.44 46.71
C GLY H 17 -4.71 37.10 46.99
N ILE H 18 -5.53 37.03 48.03
CA ILE H 18 -6.22 35.77 48.30
C ILE H 18 -7.24 35.44 47.20
N ALA H 19 -7.95 36.49 46.74
CA ALA H 19 -8.90 36.40 45.64
C ALA H 19 -8.25 35.89 44.35
N GLN H 20 -7.06 36.43 44.05
CA GLN H 20 -6.28 36.01 42.89
C GLN H 20 -5.96 34.54 42.96
N ALA H 21 -5.54 34.11 44.16
CA ALA H 21 -5.06 32.78 44.43
C ALA H 21 -6.18 31.76 44.28
N CYS H 22 -7.39 32.10 44.74
CA CYS H 22 -8.61 31.28 44.53
C CYS H 22 -9.02 31.23 43.06
N ALA H 23 -8.92 32.39 42.42
CA ALA H 23 -9.25 32.50 41.02
C ALA H 23 -8.38 31.56 40.19
N VAL H 24 -7.06 31.71 40.27
CA VAL H 24 -6.17 31.00 39.35
C VAL H 24 -6.44 29.49 39.31
N VAL H 25 -7.07 28.94 40.34
CA VAL H 25 -7.39 27.50 40.37
C VAL H 25 -8.89 27.19 40.17
N GLY H 26 -9.66 28.17 39.71
CA GLY H 26 -11.09 27.99 39.44
C GLY H 26 -11.98 27.82 40.67
N LEU H 27 -11.88 28.78 41.59
CA LEU H 27 -12.83 28.88 42.69
C LEU H 27 -13.53 30.24 42.61
N ASN H 28 -14.76 30.27 43.12
CA ASN H 28 -15.60 31.45 42.97
C ASN H 28 -15.33 32.46 44.08
N VAL H 29 -15.09 33.69 43.66
CA VAL H 29 -14.67 34.74 44.57
C VAL H 29 -15.71 35.85 44.60
N VAL H 30 -16.13 36.23 45.80
CA VAL H 30 -17.01 37.38 46.00
C VAL H 30 -16.23 38.41 46.84
N MET H 31 -15.51 39.31 46.19
CA MET H 31 -14.58 40.19 46.90
C MET H 31 -15.19 41.54 47.32
N VAL H 32 -15.88 41.54 48.46
CA VAL H 32 -16.53 42.74 49.02
C VAL H 32 -15.54 43.86 49.42
N ASP H 33 -16.04 45.08 49.43
CA ASP H 33 -15.33 46.19 50.05
C ASP H 33 -16.34 47.30 50.33
N ILE H 34 -15.87 48.41 50.89
CA ILE H 34 -16.79 49.50 51.27
C ILE H 34 -17.21 50.34 50.06
N SER H 35 -16.26 50.68 49.18
CA SER H 35 -16.55 51.50 48.00
C SER H 35 -16.57 50.67 46.70
N ASP H 36 -16.74 51.37 45.57
CA ASP H 36 -16.49 50.79 44.25
C ASP H 36 -15.04 51.06 43.84
N ALA H 37 -14.54 52.27 44.11
CA ALA H 37 -13.15 52.64 43.84
C ALA H 37 -12.23 51.59 44.42
N ALA H 38 -12.40 51.31 45.70
CA ALA H 38 -11.61 50.28 46.40
C ALA H 38 -11.60 48.93 45.66
N VAL H 39 -12.79 48.37 45.42
CA VAL H 39 -12.96 47.11 44.70
C VAL H 39 -12.18 47.09 43.39
N GLN H 40 -12.28 48.14 42.60
CA GLN H 40 -11.64 48.19 41.26
C GLN H 40 -10.11 48.39 41.28
N LYS H 41 -9.56 49.13 42.24
CA LYS H 41 -8.07 49.19 42.36
C LYS H 41 -7.53 47.89 42.94
N GLY H 42 -8.38 47.19 43.70
CA GLY H 42 -8.13 45.80 44.06
C GLY H 42 -8.02 44.95 42.81
N VAL H 43 -9.15 44.76 42.14
CA VAL H 43 -9.22 44.08 40.84
C VAL H 43 -8.13 44.57 39.87
N ALA H 44 -7.80 45.86 39.88
CA ALA H 44 -6.73 46.33 39.00
C ALA H 44 -5.40 45.68 39.37
N THR H 45 -5.15 45.49 40.66
CA THR H 45 -3.87 44.94 41.08
C THR H 45 -3.76 43.50 40.69
N VAL H 46 -4.87 42.77 40.82
CA VAL H 46 -4.97 41.36 40.37
C VAL H 46 -4.44 41.23 38.94
N ALA H 47 -4.97 42.09 38.06
CA ALA H 47 -4.59 42.12 36.65
C ALA H 47 -3.11 42.44 36.51
N SER H 48 -2.64 43.45 37.24
CA SER H 48 -1.22 43.85 37.19
C SER H 48 -0.34 42.63 37.36
N SER H 49 -0.68 41.79 38.35
CA SER H 49 0.05 40.56 38.65
C SER H 49 -0.08 39.56 37.50
N LEU H 50 -1.30 39.08 37.27
CA LEU H 50 -1.60 38.15 36.20
C LEU H 50 -0.84 38.48 34.91
N ASP H 51 -0.75 39.77 34.56
CA ASP H 51 0.07 40.22 33.39
C ASP H 51 1.58 40.02 33.60
N ARG H 52 2.08 40.17 34.82
CA ARG H 52 3.47 39.87 35.14
C ARG H 52 3.80 38.36 35.00
N LEU H 53 2.77 37.51 35.14
CA LEU H 53 2.86 36.04 34.98
C LEU H 53 2.63 35.51 33.57
N ILE H 54 2.07 36.34 32.69
CA ILE H 54 1.91 35.99 31.26
C ILE H 54 3.18 36.38 30.49
N LYS H 55 3.84 37.46 30.92
CA LYS H 55 5.23 37.69 30.52
C LYS H 55 6.01 36.40 30.81
N LYS H 56 6.05 36.00 32.08
CA LYS H 56 6.75 34.76 32.54
C LYS H 56 6.29 33.44 31.92
N GLU H 57 5.26 33.51 31.06
CA GLU H 57 4.70 32.37 30.33
C GLU H 57 4.12 31.32 31.29
N LYS H 58 3.81 31.74 32.53
CA LYS H 58 3.11 30.87 33.50
C LYS H 58 1.59 30.87 33.35
N LEU H 59 1.07 31.68 32.40
CA LEU H 59 -0.36 31.80 32.19
C LEU H 59 -0.63 32.37 30.80
N THR H 60 -1.80 32.04 30.24
CA THR H 60 -2.31 32.62 28.98
C THR H 60 -3.27 33.77 29.24
N GLU H 61 -3.57 34.56 28.20
CA GLU H 61 -4.53 35.65 28.32
C GLU H 61 -5.99 35.17 28.54
N ALA H 62 -6.29 33.93 28.12
CA ALA H 62 -7.61 33.28 28.34
C ALA H 62 -7.74 32.63 29.72
N ASP H 63 -6.60 32.30 30.32
CA ASP H 63 -6.54 31.91 31.74
C ASP H 63 -6.76 33.15 32.59
N LYS H 64 -6.22 34.28 32.13
CA LYS H 64 -6.35 35.54 32.86
C LYS H 64 -7.81 35.93 32.95
N ALA H 65 -8.46 35.93 31.80
CA ALA H 65 -9.89 36.19 31.72
C ALA H 65 -10.69 35.15 32.52
N SER H 66 -10.41 33.86 32.34
CA SER H 66 -11.10 32.76 33.07
C SER H 66 -11.09 32.98 34.59
N ALA H 67 -9.95 33.44 35.12
CA ALA H 67 -9.78 33.76 36.55
C ALA H 67 -10.47 35.11 36.94
N LEU H 68 -10.40 36.10 36.07
CA LEU H 68 -11.11 37.35 36.30
C LEU H 68 -12.63 37.15 36.25
N ALA H 69 -13.08 36.26 35.35
CA ALA H 69 -14.49 35.85 35.31
C ALA H 69 -14.96 35.40 36.69
N ARG H 70 -14.11 34.65 37.40
CA ARG H 70 -14.44 34.12 38.75
C ARG H 70 -14.43 35.16 39.87
N ILE H 71 -14.19 36.43 39.57
CA ILE H 71 -14.16 37.45 40.61
C ILE H 71 -15.40 38.36 40.60
N LYS H 72 -16.32 38.12 41.53
CA LYS H 72 -17.41 39.07 41.80
C LYS H 72 -16.95 40.14 42.80
N GLY H 73 -16.36 41.21 42.28
CA GLY H 73 -16.19 42.41 43.09
C GLY H 73 -17.56 42.90 43.52
N SER H 74 -17.67 43.35 44.76
CA SER H 74 -18.97 43.77 45.30
C SER H 74 -18.78 44.98 46.17
N THR H 75 -19.88 45.42 46.76
CA THR H 75 -19.82 46.30 47.91
C THR H 75 -21.07 46.06 48.79
N SER H 76 -21.65 44.87 48.62
CA SER H 76 -22.89 44.45 49.24
C SER H 76 -22.62 43.22 50.11
N TYR H 77 -22.63 43.40 51.42
CA TYR H 77 -22.27 42.32 52.33
C TYR H 77 -23.23 41.14 52.21
N ASP H 78 -24.45 41.40 51.71
CA ASP H 78 -25.47 40.37 51.52
C ASP H 78 -25.20 39.43 50.33
N ASP H 79 -24.39 39.89 49.36
CA ASP H 79 -23.94 39.02 48.26
C ASP H 79 -23.00 37.91 48.74
N LEU H 80 -22.52 38.02 49.97
CA LEU H 80 -21.82 36.92 50.60
C LEU H 80 -22.74 35.73 50.59
N LYS H 81 -23.91 35.90 51.20
CA LYS H 81 -24.80 34.80 51.59
C LYS H 81 -24.74 33.55 50.71
N ALA H 82 -24.38 33.71 49.43
CA ALA H 82 -24.09 32.57 48.55
C ALA H 82 -22.58 32.21 48.53
N THR H 83 -21.99 32.07 49.71
CA THR H 83 -20.56 31.69 49.85
C THR H 83 -20.43 30.42 50.71
N ASP H 84 -19.38 29.65 50.44
CA ASP H 84 -19.09 28.46 51.25
C ASP H 84 -18.13 28.81 52.39
N ILE H 85 -17.40 29.92 52.26
CA ILE H 85 -16.51 30.43 53.31
C ILE H 85 -16.13 31.91 53.11
N VAL H 86 -16.08 32.64 54.23
CA VAL H 86 -15.69 34.05 54.23
C VAL H 86 -14.39 34.22 55.01
N ILE H 87 -13.42 34.80 54.33
CA ILE H 87 -12.13 35.10 54.89
C ILE H 87 -12.14 36.60 55.02
N GLU H 88 -12.32 37.12 56.23
CA GLU H 88 -12.11 38.54 56.47
C GLU H 88 -10.63 38.83 56.20
N ALA H 89 -10.31 39.99 55.68
CA ALA H 89 -8.93 40.38 55.46
C ALA H 89 -8.64 41.89 55.47
N ALA H 90 -9.53 42.64 56.09
CA ALA H 90 -9.51 44.09 55.98
C ALA H 90 -8.38 44.70 56.84
N THR H 91 -8.65 44.76 58.14
CA THR H 91 -7.88 45.61 59.04
C THR H 91 -7.20 44.79 60.14
N GLU H 92 -6.14 45.36 60.72
CA GLU H 92 -5.46 44.74 61.88
C GLU H 92 -5.68 45.52 63.18
N ASN H 93 -6.72 46.37 63.20
CA ASN H 93 -7.20 47.04 64.40
C ASN H 93 -8.29 46.17 65.00
N TYR H 94 -8.13 45.82 66.27
CA TYR H 94 -9.04 44.87 66.88
C TYR H 94 -10.51 45.30 66.82
N ASP H 95 -10.86 46.40 67.49
CA ASP H 95 -12.29 46.73 67.74
C ASP H 95 -13.14 46.75 66.45
N LEU H 96 -12.52 47.17 65.35
CA LEU H 96 -13.15 47.10 64.01
C LEU H 96 -13.27 45.65 63.52
N LYS H 97 -12.13 45.01 63.26
CA LYS H 97 -12.06 43.60 62.90
C LYS H 97 -13.21 42.83 63.51
N VAL H 98 -13.49 43.10 64.78
CA VAL H 98 -14.62 42.46 65.45
C VAL H 98 -15.97 42.90 64.86
N LYS H 99 -16.13 44.21 64.62
CA LYS H 99 -17.30 44.73 63.90
C LYS H 99 -17.51 43.98 62.58
N ILE H 100 -16.55 44.11 61.67
CA ILE H 100 -16.60 43.39 60.39
C ILE H 100 -17.11 41.95 60.56
N LEU H 101 -16.53 41.24 61.50
CA LEU H 101 -16.82 39.83 61.73
C LEU H 101 -18.21 39.60 62.32
N LYS H 102 -18.72 40.56 63.08
CA LYS H 102 -20.10 40.49 63.57
C LYS H 102 -21.14 40.70 62.45
N GLN H 103 -20.84 41.62 61.51
CA GLN H 103 -21.66 41.84 60.29
C GLN H 103 -21.77 40.55 59.53
N ILE H 104 -20.62 39.93 59.28
CA ILE H 104 -20.53 38.69 58.49
C ILE H 104 -21.22 37.49 59.18
N ASP H 105 -21.30 37.51 60.50
CA ASP H 105 -21.81 36.39 61.29
C ASP H 105 -23.33 36.13 61.10
N GLY H 106 -24.17 37.14 61.33
CA GLY H 106 -25.62 37.01 61.09
C GLY H 106 -26.01 36.95 59.60
N ILE H 107 -25.12 37.48 58.76
CA ILE H 107 -25.29 37.56 57.29
C ILE H 107 -25.02 36.25 56.55
N VAL H 108 -24.59 35.21 57.25
CA VAL H 108 -24.13 33.98 56.60
C VAL H 108 -24.54 32.75 57.44
N GLY H 109 -24.72 31.61 56.79
CA GLY H 109 -25.23 30.40 57.44
C GLY H 109 -24.35 29.75 58.49
N GLU H 110 -24.99 29.06 59.43
CA GLU H 110 -24.33 28.37 60.55
C GLU H 110 -23.30 27.30 60.13
N ASN H 111 -23.46 26.74 58.93
CA ASN H 111 -22.47 25.81 58.38
C ASN H 111 -21.23 26.53 57.89
N VAL H 112 -21.42 27.75 57.40
CA VAL H 112 -20.40 28.43 56.64
C VAL H 112 -19.21 28.84 57.52
N ILE H 113 -18.01 28.50 57.05
CA ILE H 113 -16.76 28.74 57.76
C ILE H 113 -16.33 30.20 57.65
N ILE H 114 -15.77 30.69 58.75
CA ILE H 114 -15.42 32.07 58.84
C ILE H 114 -13.94 32.13 59.17
N ALA H 115 -13.17 32.65 58.24
CA ALA H 115 -11.73 32.73 58.41
C ALA H 115 -11.36 34.16 58.73
N SER H 116 -10.08 34.38 58.96
CA SER H 116 -9.58 35.70 59.30
C SER H 116 -8.10 35.74 59.17
N ASN H 117 -7.62 36.59 58.26
CA ASN H 117 -6.19 36.88 58.15
C ASN H 117 -5.75 37.80 59.28
N THR H 118 -4.52 37.63 59.73
CA THR H 118 -3.94 38.43 60.79
C THR H 118 -2.55 37.93 61.10
N SER H 119 -1.77 38.74 61.78
CA SER H 119 -0.36 38.42 62.02
C SER H 119 -0.03 38.20 63.51
N SER H 120 -0.61 39.00 64.38
CA SER H 120 -0.36 38.88 65.81
C SER H 120 -1.61 38.49 66.66
N ILE H 121 -2.82 38.88 66.21
CA ILE H 121 -4.06 38.87 67.04
C ILE H 121 -4.73 37.51 67.33
N SER H 122 -5.21 37.38 68.56
CA SER H 122 -5.69 36.11 69.11
C SER H 122 -6.88 35.51 68.37
N ILE H 123 -6.65 34.43 67.63
CA ILE H 123 -7.73 33.64 67.02
C ILE H 123 -8.86 33.23 68.01
N THR H 124 -8.51 32.80 69.22
CA THR H 124 -9.51 32.50 70.25
C THR H 124 -10.35 33.73 70.70
N LYS H 125 -9.79 34.93 70.73
CA LYS H 125 -10.60 36.12 71.03
C LYS H 125 -11.60 36.33 69.91
N LEU H 126 -11.10 36.26 68.68
CA LEU H 126 -11.92 36.54 67.50
C LEU H 126 -13.06 35.54 67.38
N ALA H 127 -12.73 34.26 67.29
CA ALA H 127 -13.77 33.24 67.23
C ALA H 127 -14.88 33.48 68.27
N ALA H 128 -14.50 33.96 69.46
CA ALA H 128 -15.46 34.18 70.55
C ALA H 128 -16.53 35.25 70.27
N VAL H 129 -16.31 36.10 69.27
CA VAL H 129 -17.32 37.09 68.87
C VAL H 129 -18.24 36.60 67.74
N THR H 130 -18.02 35.39 67.23
CA THR H 130 -18.95 34.78 66.28
C THR H 130 -19.83 33.73 66.98
N SER H 131 -21.04 33.57 66.47
CA SER H 131 -22.05 32.65 67.03
C SER H 131 -21.66 31.16 66.96
N ARG H 132 -20.95 30.77 65.91
CA ARG H 132 -20.33 29.43 65.86
C ARG H 132 -18.80 29.59 65.82
N ALA H 133 -18.22 29.58 67.02
CA ALA H 133 -16.78 29.76 67.24
C ALA H 133 -16.05 28.56 66.68
N ASP H 134 -16.62 27.38 66.90
CA ASP H 134 -16.15 26.14 66.28
C ASP H 134 -16.07 26.17 64.74
N ARG H 135 -16.79 27.10 64.13
CA ARG H 135 -16.71 27.29 62.68
C ARG H 135 -15.80 28.46 62.29
N PHE H 136 -14.93 28.90 63.22
CA PHE H 136 -13.97 30.00 63.00
C PHE H 136 -12.52 29.50 62.98
N ILE H 137 -11.65 30.19 62.24
CA ILE H 137 -10.26 29.75 62.11
C ILE H 137 -9.35 30.85 61.57
N GLY H 138 -8.07 30.76 61.93
CA GLY H 138 -7.12 31.77 61.56
C GLY H 138 -6.44 31.39 60.28
N MET H 139 -6.15 32.40 59.47
CA MET H 139 -5.28 32.28 58.32
C MET H 139 -4.14 33.27 58.54
N HIS H 140 -2.96 32.96 58.01
CA HIS H 140 -1.88 33.96 57.86
C HIS H 140 -1.20 33.65 56.54
N PHE H 141 -1.59 34.40 55.50
CA PHE H 141 -0.95 34.35 54.18
C PHE H 141 0.21 35.30 54.24
N PHE H 142 1.20 35.05 53.38
CA PHE H 142 2.42 35.85 53.36
C PHE H 142 2.50 36.68 52.10
N ASN H 143 2.89 37.94 52.27
CA ASN H 143 3.13 38.85 51.16
C ASN H 143 4.31 38.43 50.30
N PRO H 144 4.15 38.47 48.96
CA PRO H 144 2.92 38.66 48.21
C PRO H 144 2.19 37.32 48.02
N VAL H 145 0.93 37.26 48.43
CA VAL H 145 0.27 35.98 48.61
C VAL H 145 0.11 35.16 47.32
N PRO H 146 -0.29 35.79 46.21
CA PRO H 146 -0.24 34.99 44.99
C PRO H 146 1.04 34.20 44.80
N VAL H 147 2.19 34.73 45.25
CA VAL H 147 3.50 34.05 45.05
C VAL H 147 3.91 33.09 46.19
N MET H 148 3.80 33.54 47.44
CA MET H 148 4.32 32.81 48.59
C MET H 148 3.59 31.50 48.84
N ALA H 149 4.34 30.41 49.07
CA ALA H 149 3.78 29.06 49.04
C ALA H 149 3.47 28.47 50.41
N LEU H 150 2.88 29.27 51.30
CA LEU H 150 2.76 28.91 52.72
C LEU H 150 1.59 29.62 53.34
N VAL H 151 0.93 28.99 54.31
CA VAL H 151 -0.12 29.66 55.09
C VAL H 151 -0.21 29.13 56.50
N GLU H 152 -0.22 30.00 57.50
CA GLU H 152 -0.42 29.53 58.86
C GLU H 152 -1.91 29.40 59.11
N LEU H 153 -2.37 28.19 59.38
CA LEU H 153 -3.71 28.01 59.95
C LEU H 153 -3.59 28.10 61.46
N ILE H 154 -4.42 28.89 62.10
CA ILE H 154 -4.27 29.08 63.52
C ILE H 154 -5.56 28.76 64.27
N ARG H 155 -5.54 27.63 64.98
CA ARG H 155 -6.73 27.12 65.67
C ARG H 155 -6.98 27.78 67.00
N GLY H 156 -8.16 28.36 67.13
CA GLY H 156 -8.63 28.78 68.40
C GLY H 156 -8.88 27.54 69.20
N LEU H 157 -9.04 27.73 70.51
CA LEU H 157 -9.51 26.66 71.36
C LEU H 157 -10.81 26.11 70.77
N GLN H 158 -11.62 26.97 70.15
CA GLN H 158 -12.96 26.60 69.74
C GLN H 158 -13.02 25.91 68.37
N THR H 159 -12.06 26.18 67.49
CA THR H 159 -12.11 25.64 66.12
C THR H 159 -12.32 24.14 66.05
N SER H 160 -13.34 23.66 65.34
CA SER H 160 -13.59 22.21 65.26
C SER H 160 -12.62 21.50 64.29
N ASP H 161 -12.53 20.17 64.37
CA ASP H 161 -11.69 19.37 63.43
C ASP H 161 -12.16 19.53 62.00
N THR H 162 -13.47 19.58 61.80
CA THR H 162 -14.05 19.68 60.46
C THR H 162 -13.63 20.99 59.78
N THR H 163 -13.82 22.09 60.51
CA THR H 163 -13.39 23.43 60.10
C THR H 163 -11.89 23.48 59.71
N HIS H 164 -11.05 22.76 60.47
CA HIS H 164 -9.60 22.74 60.22
C HIS H 164 -9.30 21.96 58.96
N ALA H 165 -9.87 20.75 58.87
CA ALA H 165 -9.77 19.92 57.67
C ALA H 165 -10.21 20.69 56.41
N ALA H 166 -11.38 21.33 56.46
CA ALA H 166 -11.89 22.10 55.32
C ALA H 166 -10.81 23.06 54.81
N VAL H 167 -10.39 23.94 55.70
CA VAL H 167 -9.46 24.99 55.35
C VAL H 167 -8.11 24.41 54.98
N GLU H 168 -7.65 23.39 55.71
CA GLU H 168 -6.40 22.72 55.35
C GLU H 168 -6.45 22.24 53.89
N ALA H 169 -7.55 21.57 53.53
CA ALA H 169 -7.75 21.07 52.18
C ALA H 169 -7.97 22.20 51.18
N LEU H 170 -8.60 23.29 51.62
CA LEU H 170 -8.74 24.49 50.75
C LEU H 170 -7.41 25.18 50.47
N SER H 171 -6.51 25.15 51.44
CA SER H 171 -5.20 25.79 51.30
C SER H 171 -4.37 25.13 50.22
N LYS H 172 -4.35 23.79 50.22
CA LYS H 172 -3.60 23.01 49.21
C LYS H 172 -4.13 23.26 47.81
N GLN H 173 -5.46 23.31 47.69
CA GLN H 173 -6.12 23.66 46.43
C GLN H 173 -5.51 24.91 45.76
N LEU H 174 -5.14 25.91 46.57
CA LEU H 174 -4.48 27.13 46.09
C LEU H 174 -2.99 26.93 45.72
N GLY H 175 -2.46 25.74 45.99
CA GLY H 175 -1.03 25.47 45.85
C GLY H 175 -0.21 26.14 46.94
N LYS H 176 -0.74 26.14 48.17
CA LYS H 176 0.02 26.60 49.33
C LYS H 176 0.37 25.40 50.22
N TYR H 177 1.37 25.59 51.07
CA TYR H 177 1.75 24.59 52.05
C TYR H 177 1.22 25.07 53.42
N PRO H 178 0.18 24.40 53.95
CA PRO H 178 -0.38 24.79 55.25
C PRO H 178 0.47 24.37 56.45
N ILE H 179 0.29 25.08 57.56
CA ILE H 179 1.05 24.92 58.79
C ILE H 179 0.05 25.08 59.94
N THR H 180 -0.29 23.99 60.63
CA THR H 180 -1.26 24.08 61.72
C THR H 180 -0.57 24.49 63.02
N VAL H 181 -1.21 25.42 63.74
CA VAL H 181 -0.61 26.10 64.89
C VAL H 181 -1.66 26.44 65.91
N LYS H 182 -1.43 26.08 67.17
CA LYS H 182 -2.36 26.47 68.21
C LYS H 182 -2.24 27.97 68.41
N ASN H 183 -3.37 28.65 68.55
CA ASN H 183 -3.35 30.08 68.81
C ASN H 183 -2.33 30.35 69.88
N SER H 184 -1.43 31.30 69.59
CA SER H 184 -0.40 31.68 70.50
C SER H 184 0.29 32.89 69.96
N PRO H 185 0.76 33.79 70.84
CA PRO H 185 1.36 35.03 70.35
C PRO H 185 2.53 34.83 69.38
N GLY H 186 2.36 35.29 68.14
CA GLY H 186 3.38 35.15 67.10
C GLY H 186 3.25 33.82 66.36
N PHE H 187 2.26 33.02 66.76
CA PHE H 187 2.01 31.75 66.12
C PHE H 187 3.35 31.05 65.98
N VAL H 188 3.80 30.76 64.75
CA VAL H 188 5.13 30.15 64.55
C VAL H 188 6.13 31.10 63.94
N VAL H 189 5.85 31.57 62.73
CA VAL H 189 6.84 32.31 61.96
C VAL H 189 7.31 33.54 62.69
N ASN H 190 6.38 34.42 63.05
CA ASN H 190 6.80 35.65 63.70
C ASN H 190 7.36 35.40 65.08
N ARG H 191 6.78 34.46 65.83
CA ARG H 191 7.29 34.17 67.16
C ARG H 191 8.80 33.90 67.12
N ILE H 192 9.27 33.18 66.07
CA ILE H 192 10.67 32.82 65.96
C ILE H 192 11.56 33.88 65.34
N LEU H 193 11.08 34.47 64.25
CA LEU H 193 11.83 35.46 63.46
C LEU H 193 12.02 36.81 64.12
N CYS H 194 10.96 37.27 64.77
CA CYS H 194 10.89 38.63 65.20
C CYS H 194 11.80 38.84 66.41
N PRO H 195 11.82 37.87 67.35
CA PRO H 195 12.81 38.01 68.40
C PRO H 195 14.25 37.92 67.90
N MET H 196 14.47 37.27 66.76
CA MET H 196 15.78 37.19 66.20
C MET H 196 16.24 38.55 65.70
N ILE H 197 15.36 39.24 64.97
CA ILE H 197 15.62 40.61 64.53
C ILE H 197 15.76 41.53 65.75
N ASN H 198 14.97 41.27 66.79
CA ASN H 198 15.09 42.07 67.99
C ASN H 198 16.50 41.97 68.54
N GLU H 199 17.04 40.77 68.52
CA GLU H 199 18.35 40.53 69.07
C GLU H 199 19.39 41.21 68.20
N ALA H 200 19.18 41.21 66.87
CA ALA H 200 20.07 41.98 65.99
C ALA H 200 20.19 43.41 66.47
N PHE H 201 19.04 44.05 66.74
CA PHE H 201 18.95 45.43 67.28
C PHE H 201 19.55 45.59 68.69
N CYS H 202 19.54 44.52 69.49
CA CYS H 202 20.24 44.57 70.76
C CYS H 202 21.77 44.65 70.55
N VAL H 203 22.27 43.83 69.65
CA VAL H 203 23.69 43.76 69.32
C VAL H 203 24.22 45.08 68.76
N LEU H 204 23.47 45.62 67.82
CA LEU H 204 23.75 46.93 67.27
C LEU H 204 23.72 47.96 68.37
N GLY H 205 22.70 47.84 69.21
CA GLY H 205 22.51 48.82 70.26
C GLY H 205 23.68 48.83 71.19
N GLU H 206 24.24 47.66 71.50
CA GLU H 206 25.48 47.54 72.32
C GLU H 206 26.83 47.84 71.61
N GLY H 207 26.79 48.19 70.33
CA GLY H 207 28.02 48.47 69.58
C GLY H 207 29.00 47.32 69.38
N LEU H 208 28.48 46.10 69.24
CA LEU H 208 29.38 44.96 68.99
C LEU H 208 30.01 45.03 67.61
N ALA H 209 29.30 45.61 66.65
CA ALA H 209 29.70 45.68 65.26
C ALA H 209 28.79 46.66 64.53
N SER H 210 29.11 46.97 63.28
CA SER H 210 28.31 47.89 62.51
C SER H 210 27.09 47.16 61.94
N PRO H 211 26.06 47.92 61.54
CA PRO H 211 24.88 47.31 60.99
C PRO H 211 25.25 46.42 59.83
N GLU H 212 26.06 46.96 58.93
CA GLU H 212 26.51 46.23 57.72
C GLU H 212 27.19 44.88 58.08
N GLU H 213 28.18 44.95 58.96
CA GLU H 213 28.77 43.77 59.56
C GLU H 213 27.73 42.88 60.18
N ILE H 214 26.74 43.42 60.87
CA ILE H 214 25.72 42.57 61.49
C ILE H 214 24.95 41.81 60.42
N ASP H 215 24.51 42.49 59.36
CA ASP H 215 23.72 41.83 58.31
C ASP H 215 24.56 40.91 57.43
N GLU H 216 25.81 41.29 57.11
CA GLU H 216 26.70 40.42 56.33
C GLU H 216 26.99 39.18 57.14
N GLY H 217 27.26 39.39 58.43
CA GLY H 217 27.43 38.29 59.35
C GLY H 217 26.41 37.20 59.10
N MET H 218 25.14 37.57 59.01
CA MET H 218 24.07 36.57 58.89
C MET H 218 23.92 35.98 57.51
N LYS H 219 24.15 36.80 56.49
CA LYS H 219 24.08 36.33 55.13
C LYS H 219 25.20 35.29 54.86
N LEU H 220 26.44 35.71 55.09
CA LEU H 220 27.61 34.89 54.83
C LEU H 220 27.94 33.80 55.89
N GLY H 221 27.19 33.72 56.98
CA GLY H 221 27.53 32.88 58.13
C GLY H 221 26.48 31.85 58.40
N CYS H 222 25.27 32.11 57.94
CA CYS H 222 24.16 31.19 58.09
C CYS H 222 23.31 31.10 56.79
N ASN H 223 23.80 31.68 55.69
CA ASN H 223 23.12 31.69 54.37
C ASN H 223 21.68 32.22 54.43
N HIS H 224 21.53 33.28 55.21
CA HIS H 224 20.28 34.01 55.29
C HIS H 224 20.19 34.92 54.07
N PRO H 225 19.07 34.85 53.34
CA PRO H 225 18.95 35.65 52.12
C PRO H 225 19.09 37.14 52.30
N ILE H 226 18.76 37.66 53.48
CA ILE H 226 18.87 39.10 53.75
C ILE H 226 19.03 39.33 55.25
N GLY H 227 19.90 40.25 55.63
CA GLY H 227 20.19 40.45 57.03
C GLY H 227 19.07 41.11 57.81
N PRO H 228 18.85 40.70 59.09
CA PRO H 228 17.70 41.12 59.91
C PRO H 228 17.46 42.61 60.03
N LEU H 229 18.52 43.42 60.06
CA LEU H 229 18.36 44.84 60.12
C LEU H 229 17.75 45.39 58.84
N ALA H 230 18.26 45.02 57.67
CA ALA H 230 17.62 45.45 56.41
C ALA H 230 16.23 44.83 56.29
N LEU H 231 16.12 43.60 56.76
CA LEU H 231 14.87 42.90 56.75
C LEU H 231 13.90 43.64 57.60
N ALA H 232 14.37 44.20 58.72
CA ALA H 232 13.52 45.01 59.59
C ALA H 232 13.11 46.30 58.88
N ASP H 233 14.05 46.97 58.23
CA ASP H 233 13.76 48.15 57.42
C ASP H 233 12.65 47.93 56.36
N MET H 234 12.51 46.70 55.86
CA MET H 234 11.51 46.35 54.84
C MET H 234 10.15 46.05 55.43
N ILE H 235 10.14 45.39 56.59
CA ILE H 235 8.91 45.03 57.30
C ILE H 235 8.28 46.26 57.94
N GLY H 236 9.12 47.22 58.34
CA GLY H 236 8.71 48.40 59.02
C GLY H 236 9.26 48.29 60.43
N LEU H 237 10.06 49.26 60.88
CA LEU H 237 10.46 49.26 62.28
C LEU H 237 9.25 49.45 63.24
N ASP H 238 8.23 50.18 62.83
CA ASP H 238 7.05 50.32 63.72
C ASP H 238 6.27 49.00 63.80
N THR H 239 6.17 48.30 62.67
CA THR H 239 5.58 46.98 62.66
C THR H 239 6.32 46.01 63.58
N MET H 240 7.66 46.08 63.56
CA MET H 240 8.53 45.19 64.35
C MET H 240 8.35 45.46 65.82
N LEU H 241 8.47 46.74 66.19
CA LEU H 241 8.25 47.13 67.59
C LEU H 241 6.88 46.66 68.05
N ALA H 242 5.89 46.92 67.21
CA ALA H 242 4.53 46.46 67.55
C ALA H 242 4.55 44.98 67.88
N VAL H 243 5.17 44.14 67.05
CA VAL H 243 5.16 42.68 67.32
C VAL H 243 5.85 42.34 68.66
N MET H 244 7.04 42.88 68.93
CA MET H 244 7.71 42.68 70.26
C MET H 244 6.86 43.12 71.45
N GLU H 245 6.14 44.26 71.36
CA GLU H 245 5.20 44.70 72.40
C GLU H 245 4.15 43.62 72.60
N VAL H 246 3.64 43.07 71.52
CA VAL H 246 2.62 42.03 71.67
C VAL H 246 3.24 40.81 72.37
N LEU H 247 4.43 40.41 71.96
CA LEU H 247 5.06 39.27 72.63
C LEU H 247 5.24 39.62 74.11
N TYR H 248 5.82 40.77 74.41
CA TYR H 248 6.06 41.12 75.80
C TYR H 248 4.74 41.11 76.61
N THR H 249 3.73 41.76 76.06
CA THR H 249 2.45 41.90 76.74
C THR H 249 1.68 40.58 76.86
N GLU H 250 1.59 39.83 75.79
CA GLU H 250 0.78 38.61 75.80
C GLU H 250 1.34 37.48 76.62
N PHE H 251 2.66 37.34 76.66
CA PHE H 251 3.37 36.35 77.50
C PHE H 251 3.76 36.83 78.91
N ALA H 252 3.73 38.13 79.12
CA ALA H 252 4.17 38.75 80.38
C ALA H 252 5.60 38.35 80.76
N ASP H 253 6.46 38.30 79.76
CA ASP H 253 7.82 37.77 79.92
C ASP H 253 8.84 38.76 79.37
N PRO H 254 9.63 39.37 80.26
CA PRO H 254 10.67 40.29 79.78
C PRO H 254 11.67 39.70 78.77
N LYS H 255 11.68 38.39 78.60
CA LYS H 255 12.45 37.79 77.55
C LYS H 255 12.25 38.51 76.23
N TYR H 256 11.00 38.87 75.94
CA TYR H 256 10.62 39.48 74.65
C TYR H 256 10.66 41.01 74.63
N ARG H 257 11.13 41.63 75.71
CA ARG H 257 11.33 43.07 75.76
C ARG H 257 12.02 43.71 74.56
N PRO H 258 11.39 44.74 73.96
CA PRO H 258 11.99 45.31 72.75
C PRO H 258 13.36 45.91 72.96
N ALA H 259 14.20 45.84 71.95
CA ALA H 259 15.50 46.49 71.99
C ALA H 259 15.30 47.97 72.22
N MET H 260 16.09 48.61 73.08
CA MET H 260 16.00 50.07 73.22
C MET H 260 16.22 50.87 71.91
N LEU H 261 17.09 50.39 71.01
CA LEU H 261 17.45 51.20 69.87
C LEU H 261 16.31 51.18 68.92
N MET H 262 15.59 50.07 68.92
CA MET H 262 14.40 49.94 68.07
C MET H 262 13.33 50.90 68.52
N ARG H 263 13.23 51.16 69.83
CA ARG H 263 12.32 52.22 70.34
C ARG H 263 12.76 53.59 69.86
N GLU H 264 14.04 53.92 70.02
CA GLU H 264 14.56 55.25 69.63
C GLU H 264 14.29 55.65 68.20
N MET H 265 14.49 54.67 67.33
CA MET H 265 14.27 54.83 65.91
C MET H 265 12.82 54.98 65.57
N VAL H 266 11.98 54.18 66.21
CA VAL H 266 10.56 54.36 66.06
C VAL H 266 10.12 55.74 66.61
N ALA H 267 10.66 56.18 67.74
CA ALA H 267 10.32 57.50 68.27
C ALA H 267 10.70 58.61 67.30
N ALA H 268 11.82 58.44 66.59
CA ALA H 268 12.30 59.41 65.61
C ALA H 268 11.59 59.37 64.27
N GLY H 269 10.72 58.42 64.04
CA GLY H 269 10.04 58.33 62.75
C GLY H 269 10.86 57.61 61.67
N TYR H 270 12.02 57.04 62.02
CA TYR H 270 12.85 56.30 61.07
C TYR H 270 12.28 54.89 60.86
N LEU H 271 11.28 54.72 60.02
CA LEU H 271 10.51 53.48 60.08
C LEU H 271 10.96 52.41 59.09
N GLY H 272 11.91 52.75 58.24
CA GLY H 272 12.40 51.85 57.22
C GLY H 272 12.29 52.47 55.86
N ARG H 273 12.27 51.61 54.84
CA ARG H 273 11.99 51.97 53.45
C ARG H 273 10.74 52.84 53.29
N LYS H 274 9.67 52.53 54.04
CA LYS H 274 8.45 53.36 54.07
C LYS H 274 8.74 54.85 54.14
N THR H 275 9.54 55.27 55.11
CA THR H 275 9.79 56.68 55.31
C THR H 275 11.16 57.10 54.77
N GLY H 276 11.70 56.27 53.86
CA GLY H 276 13.05 56.48 53.32
C GLY H 276 14.19 56.42 54.31
N ARG H 277 13.95 55.92 55.52
CA ARG H 277 15.04 55.66 56.43
C ARG H 277 14.65 54.75 57.59
N GLY H 278 15.54 53.79 57.87
CA GLY H 278 15.43 52.95 59.04
C GLY H 278 16.78 52.82 59.70
N VAL H 279 17.28 51.59 59.77
CA VAL H 279 18.70 51.38 60.09
C VAL H 279 19.62 52.03 59.03
N TYR H 280 19.23 51.89 57.78
CA TYR H 280 19.93 52.47 56.66
C TYR H 280 19.10 53.58 56.02
N VAL H 281 19.78 54.47 55.31
CA VAL H 281 19.16 55.55 54.57
C VAL H 281 18.85 55.11 53.13
N TYR H 282 17.68 55.47 52.62
CA TYR H 282 17.30 55.12 51.24
C TYR H 282 16.91 56.37 50.44
N SER H 283 17.03 56.31 49.11
CA SER H 283 16.48 57.36 48.20
C SER H 283 15.97 56.75 46.87
N LYS H 284 14.86 57.22 46.28
CA LYS H 284 13.90 58.22 46.83
C LYS H 284 14.53 59.60 47.07
N SER I 2 54.51 38.08 55.68
CA SER I 2 53.49 38.70 56.58
C SER I 2 52.84 37.61 57.44
N ILE I 3 52.09 36.73 56.77
CA ILE I 3 51.67 35.44 57.30
C ILE I 3 51.70 34.44 56.15
N ARG I 4 52.66 33.52 56.15
CA ARG I 4 52.80 32.53 55.08
C ARG I 4 52.63 31.10 55.60
N THR I 5 52.38 30.96 56.89
CA THR I 5 52.40 29.67 57.58
C THR I 5 51.43 29.76 58.75
N VAL I 6 50.47 28.86 58.79
CA VAL I 6 49.50 28.86 59.82
C VAL I 6 49.73 27.59 60.66
N GLY I 7 49.79 27.75 61.96
CA GLY I 7 49.69 26.61 62.84
C GLY I 7 48.25 26.41 63.25
N ILE I 8 47.79 25.16 63.22
CA ILE I 8 46.48 24.81 63.66
C ILE I 8 46.61 23.70 64.72
N VAL I 9 45.86 23.83 65.81
CA VAL I 9 45.76 22.80 66.83
C VAL I 9 44.37 22.19 66.85
N GLY I 10 44.31 20.89 66.60
CA GLY I 10 43.03 20.20 66.40
C GLY I 10 42.90 19.84 64.93
N ALA I 11 42.76 18.56 64.65
CA ALA I 11 42.68 18.09 63.28
C ALA I 11 41.33 17.50 62.97
N GLY I 12 40.33 17.88 63.78
CA GLY I 12 38.95 17.52 63.49
C GLY I 12 38.20 18.53 62.63
N THR I 13 36.89 18.33 62.55
CA THR I 13 35.98 19.16 61.75
C THR I 13 36.50 20.60 61.54
N MET I 14 36.59 21.44 62.58
CA MET I 14 37.09 22.80 62.39
C MET I 14 38.55 22.84 61.90
N GLY I 15 39.44 22.18 62.63
CA GLY I 15 40.84 22.18 62.31
C GLY I 15 41.15 21.84 60.88
N ASN I 16 40.58 20.73 60.34
CA ASN I 16 40.91 20.34 58.93
C ASN I 16 40.16 21.15 57.91
N GLY I 17 39.05 21.74 58.33
CA GLY I 17 38.38 22.72 57.50
C GLY I 17 39.23 23.97 57.39
N ILE I 18 39.72 24.47 58.53
CA ILE I 18 40.55 25.67 58.51
C ILE I 18 41.80 25.31 57.74
N ALA I 19 42.30 24.11 57.92
CA ALA I 19 43.46 23.62 57.18
C ALA I 19 43.24 23.70 55.69
N GLN I 20 42.16 23.11 55.21
CA GLN I 20 41.89 23.05 53.77
C GLN I 20 41.81 24.43 53.12
N ALA I 21 41.17 25.39 53.79
CA ALA I 21 40.98 26.72 53.24
C ALA I 21 42.31 27.45 53.15
N CYS I 22 43.13 27.29 54.18
CA CYS I 22 44.51 27.80 54.12
C CYS I 22 45.27 27.17 52.98
N ALA I 23 45.23 25.84 52.92
CA ALA I 23 46.00 25.09 51.95
C ALA I 23 45.63 25.52 50.53
N VAL I 24 44.35 25.42 50.17
CA VAL I 24 43.90 25.74 48.80
C VAL I 24 44.23 27.14 48.26
N VAL I 25 44.70 28.08 49.08
CA VAL I 25 45.13 29.40 48.55
C VAL I 25 46.63 29.55 48.70
N GLY I 26 47.31 28.45 49.01
CA GLY I 26 48.75 28.37 48.96
C GLY I 26 49.47 28.73 50.24
N LEU I 27 48.73 28.88 51.35
CA LEU I 27 49.37 29.09 52.62
C LEU I 27 49.88 27.74 53.12
N ASN I 28 51.03 27.75 53.77
CA ASN I 28 51.52 26.62 54.49
C ASN I 28 50.75 26.43 55.78
N VAL I 29 50.52 25.16 56.09
CA VAL I 29 49.78 24.74 57.26
C VAL I 29 50.64 23.74 58.06
N VAL I 30 50.65 23.90 59.38
CA VAL I 30 51.20 22.92 60.29
C VAL I 30 50.07 22.54 61.24
N MET I 31 49.71 21.25 61.23
CA MET I 31 48.43 20.81 61.76
C MET I 31 48.58 19.73 62.78
N VAL I 32 48.50 20.12 64.06
CA VAL I 32 48.88 19.28 65.19
C VAL I 32 47.64 18.59 65.82
N ASP I 33 47.78 17.35 66.24
CA ASP I 33 46.78 16.72 67.09
C ASP I 33 47.49 15.73 68.01
N ILE I 34 46.71 15.02 68.80
CA ILE I 34 47.23 14.27 69.93
C ILE I 34 47.74 12.88 69.54
N SER I 35 47.47 12.46 68.31
CA SER I 35 47.99 11.19 67.86
C SER I 35 48.10 11.15 66.36
N ASP I 36 48.98 10.30 65.86
CA ASP I 36 49.11 10.00 64.43
C ASP I 36 47.76 9.64 63.81
N ALA I 37 47.02 8.75 64.43
CA ALA I 37 45.76 8.34 63.87
C ALA I 37 44.88 9.57 63.66
N ALA I 38 44.75 10.41 64.69
CA ALA I 38 43.93 11.66 64.64
C ALA I 38 44.38 12.69 63.59
N VAL I 39 45.69 12.80 63.39
CA VAL I 39 46.28 13.69 62.40
C VAL I 39 45.96 13.17 61.00
N GLN I 40 46.21 11.87 60.77
CA GLN I 40 45.90 11.22 59.48
C GLN I 40 44.39 11.18 59.10
N LYS I 41 43.51 11.04 60.09
CA LYS I 41 42.05 11.06 59.89
C LYS I 41 41.54 12.41 59.30
N GLY I 42 42.13 13.52 59.76
CA GLY I 42 41.74 14.87 59.32
C GLY I 42 42.31 15.26 57.97
N VAL I 43 43.55 14.83 57.71
CA VAL I 43 44.15 14.85 56.37
C VAL I 43 43.37 13.96 55.38
N ALA I 44 42.83 12.83 55.84
CA ALA I 44 41.94 12.00 55.00
C ALA I 44 40.64 12.70 54.58
N THR I 45 40.08 13.48 55.51
CA THR I 45 38.85 14.24 55.32
C THR I 45 39.10 15.37 54.32
N VAL I 46 40.29 15.97 54.42
CA VAL I 46 40.70 17.00 53.48
C VAL I 46 40.81 16.34 52.09
N ALA I 47 41.51 15.23 51.99
CA ALA I 47 41.65 14.58 50.67
C ALA I 47 40.32 14.04 50.18
N SER I 48 39.53 13.53 51.11
CA SER I 48 38.20 13.06 50.79
C SER I 48 37.31 14.21 50.29
N SER I 49 37.53 15.41 50.84
CA SER I 49 36.78 16.59 50.39
C SER I 49 37.27 17.14 49.04
N LEU I 50 38.58 17.22 48.85
CA LEU I 50 39.07 17.64 47.55
C LEU I 50 38.62 16.62 46.48
N ASP I 51 38.43 15.35 46.86
CA ASP I 51 37.94 14.32 45.92
C ASP I 51 36.62 14.64 45.23
N ARG I 52 35.55 14.88 45.96
CA ARG I 52 34.28 14.99 45.25
C ARG I 52 34.09 16.40 44.68
N LEU I 53 34.98 17.33 45.01
CA LEU I 53 35.09 18.55 44.23
C LEU I 53 35.65 18.15 42.87
N ILE I 54 36.63 17.26 42.85
CA ILE I 54 37.19 16.77 41.57
C ILE I 54 36.15 15.95 40.80
N LYS I 55 35.41 15.07 41.51
CA LYS I 55 34.25 14.41 40.92
C LYS I 55 33.27 15.41 40.33
N LYS I 56 32.98 16.46 41.08
CA LYS I 56 32.04 17.51 40.63
C LYS I 56 32.66 18.52 39.66
N GLU I 57 33.89 18.25 39.21
CA GLU I 57 34.58 19.03 38.18
C GLU I 57 34.95 20.47 38.55
N LYS I 58 35.04 20.73 39.85
CA LYS I 58 35.36 22.04 40.43
C LYS I 58 36.85 22.21 40.71
N LEU I 59 37.55 21.08 40.85
CA LEU I 59 38.99 21.09 40.93
C LEU I 59 39.54 19.98 40.11
N THR I 60 40.81 20.07 39.83
CA THR I 60 41.50 19.08 39.05
C THR I 60 42.46 18.34 39.99
N GLU I 61 42.92 17.16 39.57
CA GLU I 61 43.89 16.41 40.38
C GLU I 61 45.12 17.25 40.74
N ALA I 62 45.49 18.22 39.91
CA ALA I 62 46.64 19.11 40.22
C ALA I 62 46.38 19.97 41.47
N ASP I 63 45.21 20.61 41.49
CA ASP I 63 44.78 21.46 42.60
C ASP I 63 44.87 20.74 43.95
N LYS I 64 44.42 19.48 43.94
CA LYS I 64 44.39 18.62 45.12
C LYS I 64 45.78 18.31 45.70
N ALA I 65 46.79 18.26 44.83
CA ALA I 65 48.12 17.88 45.24
C ALA I 65 48.87 19.09 45.78
N SER I 66 48.73 20.21 45.08
CA SER I 66 49.30 21.49 45.54
C SER I 66 48.80 21.83 46.96
N ALA I 67 47.55 21.49 47.23
CA ALA I 67 46.93 21.71 48.51
C ALA I 67 47.50 20.75 49.55
N LEU I 68 47.28 19.47 49.38
CA LEU I 68 47.85 18.48 50.30
C LEU I 68 49.34 18.74 50.53
N ALA I 69 50.05 19.17 49.49
CA ALA I 69 51.46 19.42 49.68
C ALA I 69 51.74 20.64 50.58
N ARG I 70 50.70 21.37 50.97
CA ARG I 70 50.86 22.51 51.88
C ARG I 70 50.66 22.16 53.35
N ILE I 71 50.04 21.02 53.59
CA ILE I 71 49.62 20.65 54.92
C ILE I 71 50.64 19.71 55.51
N LYS I 72 51.27 20.13 56.61
CA LYS I 72 52.21 19.27 57.34
C LYS I 72 51.56 18.83 58.65
N GLY I 73 51.30 17.53 58.76
CA GLY I 73 50.73 16.92 59.98
C GLY I 73 51.81 16.62 61.00
N SER I 74 51.41 16.49 62.25
CA SER I 74 52.36 16.49 63.34
C SER I 74 51.63 16.18 64.58
N THR I 75 52.40 15.72 65.56
CA THR I 75 51.93 15.58 66.93
C THR I 75 52.84 16.33 67.88
N SER I 76 53.67 17.22 67.35
CA SER I 76 54.57 18.03 68.17
C SER I 76 54.23 19.50 68.13
N TYR I 77 53.86 20.03 69.28
CA TYR I 77 53.69 21.48 69.41
C TYR I 77 54.96 22.25 69.01
N ASP I 78 56.13 21.60 69.00
CA ASP I 78 57.36 22.28 68.61
C ASP I 78 57.29 22.72 67.17
N ASP I 79 56.56 21.95 66.37
CA ASP I 79 56.39 22.28 64.97
C ASP I 79 55.63 23.61 64.74
N LEU I 80 55.00 24.14 65.79
CA LEU I 80 54.33 25.44 65.70
C LEU I 80 55.30 26.63 65.81
N LYS I 81 56.51 26.43 66.34
CA LYS I 81 57.46 27.52 66.50
C LYS I 81 57.81 28.16 65.15
N ALA I 82 57.72 27.38 64.09
CA ALA I 82 57.98 27.85 62.73
C ALA I 82 56.71 28.29 61.99
N THR I 83 55.76 28.87 62.71
CA THR I 83 54.54 29.36 62.09
C THR I 83 54.38 30.83 62.46
N ASP I 84 53.63 31.54 61.63
CA ASP I 84 53.43 32.96 61.86
C ASP I 84 52.28 33.19 62.85
N ILE I 85 51.38 32.22 62.97
CA ILE I 85 50.17 32.37 63.77
C ILE I 85 49.63 30.99 64.14
N VAL I 86 49.09 30.84 65.34
CA VAL I 86 48.56 29.54 65.77
C VAL I 86 47.09 29.73 66.06
N ILE I 87 46.30 28.77 65.58
CA ILE I 87 44.87 28.81 65.69
C ILE I 87 44.47 27.60 66.50
N GLU I 88 43.96 27.84 67.70
CA GLU I 88 43.43 26.78 68.53
C GLU I 88 42.06 26.44 68.06
N ALA I 89 41.90 25.28 67.44
CA ALA I 89 40.57 24.84 67.03
C ALA I 89 40.31 23.40 67.45
N ALA I 90 40.59 23.09 68.71
CA ALA I 90 40.57 21.72 69.20
C ALA I 90 39.34 21.37 70.03
N THR I 91 39.02 22.20 71.03
CA THR I 91 37.93 21.86 71.95
C THR I 91 37.20 23.08 72.44
N GLU I 92 36.00 22.84 72.98
CA GLU I 92 35.19 23.89 73.66
C GLU I 92 35.03 23.69 75.17
N ASN I 93 35.63 22.63 75.71
CA ASN I 93 35.85 22.46 77.14
C ASN I 93 36.79 23.58 77.64
N TYR I 94 36.31 24.43 78.54
CA TYR I 94 37.06 25.64 78.86
C TYR I 94 38.42 25.29 79.49
N ASP I 95 38.40 24.49 80.55
CA ASP I 95 39.64 23.95 81.15
C ASP I 95 40.65 23.47 80.09
N LEU I 96 40.25 22.48 79.27
CA LEU I 96 41.16 21.85 78.33
C LEU I 96 41.72 22.87 77.35
N LYS I 97 40.85 23.74 76.83
CA LYS I 97 41.24 24.83 75.96
C LYS I 97 42.26 25.73 76.63
N VAL I 98 42.07 26.04 77.90
CA VAL I 98 43.01 26.87 78.61
C VAL I 98 44.39 26.19 78.72
N LYS I 99 44.45 24.89 79.04
CA LYS I 99 45.76 24.23 79.12
C LYS I 99 46.51 24.27 77.78
N ILE I 100 45.77 24.04 76.70
CA ILE I 100 46.30 24.10 75.35
C ILE I 100 46.84 25.48 74.96
N LEU I 101 46.13 26.55 75.35
CA LEU I 101 46.54 27.91 74.98
C LEU I 101 47.78 28.32 75.73
N LYS I 102 47.95 27.73 76.91
CA LYS I 102 49.03 28.04 77.81
C LYS I 102 50.26 27.33 77.29
N GLN I 103 50.08 26.04 77.04
CA GLN I 103 51.08 25.30 76.33
C GLN I 103 51.57 26.05 75.06
N ILE I 104 50.68 26.41 74.15
CA ILE I 104 51.09 27.19 72.98
C ILE I 104 51.86 28.47 73.39
N ASP I 105 51.31 29.21 74.31
CA ASP I 105 52.00 30.41 74.80
C ASP I 105 53.43 30.07 75.30
N GLY I 106 53.63 28.86 75.80
CA GLY I 106 54.93 28.44 76.32
C GLY I 106 55.98 28.12 75.27
N ILE I 107 55.57 27.62 74.11
CA ILE I 107 56.43 27.08 73.07
C ILE I 107 56.83 28.11 72.01
N VAL I 108 55.92 29.01 71.62
CA VAL I 108 56.09 29.79 70.39
C VAL I 108 56.80 31.10 70.66
N GLY I 109 57.34 31.71 69.60
CA GLY I 109 58.05 32.98 69.73
C GLY I 109 57.16 34.14 70.14
N GLU I 110 57.74 35.16 70.76
CA GLU I 110 57.00 36.35 71.22
C GLU I 110 56.24 37.10 70.08
N ASN I 111 56.67 36.92 68.82
CA ASN I 111 56.00 37.48 67.59
C ASN I 111 54.67 36.83 67.21
N VAL I 112 54.59 35.52 67.46
CA VAL I 112 53.48 34.70 67.02
C VAL I 112 52.13 35.06 67.70
N ILE I 113 51.11 35.20 66.86
CA ILE I 113 49.79 35.52 67.32
C ILE I 113 49.14 34.22 67.76
N ILE I 114 48.42 34.26 68.88
CA ILE I 114 47.59 33.09 69.23
C ILE I 114 46.13 33.42 68.99
N ALA I 115 45.47 32.62 68.15
CA ALA I 115 44.05 32.78 67.85
C ALA I 115 43.24 31.56 68.29
N SER I 116 41.98 31.79 68.64
CA SER I 116 41.11 30.71 69.09
C SER I 116 39.75 30.72 68.38
N ASN I 117 39.40 29.60 67.78
CA ASN I 117 38.08 29.40 67.23
C ASN I 117 37.16 28.92 68.34
N THR I 118 36.12 29.70 68.60
CA THR I 118 35.16 29.34 69.62
C THR I 118 33.82 29.84 69.22
N SER I 119 32.81 29.12 69.65
CA SER I 119 31.44 29.43 69.28
C SER I 119 30.85 30.45 70.29
N SER I 120 31.46 30.60 71.46
CA SER I 120 30.88 31.52 72.46
C SER I 120 31.77 32.02 73.60
N ILE I 121 32.92 31.38 73.85
CA ILE I 121 33.80 31.68 75.01
C ILE I 121 34.46 33.09 74.92
N SER I 122 34.61 33.74 76.09
CA SER I 122 35.11 35.12 76.21
C SER I 122 36.55 35.22 75.75
N ILE I 123 36.79 36.06 74.77
CA ILE I 123 38.11 36.25 74.24
C ILE I 123 38.98 37.00 75.25
N THR I 124 38.40 37.93 75.97
CA THR I 124 39.11 38.65 77.00
C THR I 124 39.59 37.66 78.07
N LYS I 125 38.70 36.77 78.48
CA LYS I 125 39.04 35.80 79.49
C LYS I 125 40.15 34.88 78.94
N LEU I 126 40.04 34.42 77.69
CA LEU I 126 41.08 33.52 77.10
C LEU I 126 42.40 34.24 76.93
N ALA I 127 42.40 35.41 76.30
CA ALA I 127 43.59 36.30 76.24
C ALA I 127 44.38 36.35 77.55
N ALA I 128 43.69 36.66 78.64
CA ALA I 128 44.33 36.81 79.95
C ALA I 128 44.99 35.54 80.51
N VAL I 129 44.70 34.38 79.94
CA VAL I 129 45.37 33.18 80.43
C VAL I 129 46.74 33.04 79.81
N THR I 130 47.10 33.90 78.85
CA THR I 130 48.45 33.88 78.23
C THR I 130 49.33 35.07 78.65
N SER I 131 50.61 35.02 78.29
CA SER I 131 51.56 36.12 78.61
C SER I 131 51.41 37.24 77.60
N ARG I 132 50.50 37.06 76.66
CA ARG I 132 50.48 37.85 75.44
C ARG I 132 49.09 38.25 75.05
N ALA I 133 48.37 38.87 75.99
CA ALA I 133 46.99 39.22 75.78
C ALA I 133 46.83 40.03 74.51
N ASP I 134 47.74 41.00 74.32
CA ASP I 134 47.77 41.87 73.13
C ASP I 134 48.03 41.16 71.82
N ARG I 135 48.57 39.95 71.87
CA ARG I 135 48.81 39.17 70.66
C ARG I 135 47.83 37.99 70.58
N PHE I 136 46.68 38.17 71.25
CA PHE I 136 45.59 37.20 71.25
C PHE I 136 44.34 37.80 70.59
N ILE I 137 43.61 36.92 69.89
CA ILE I 137 42.35 37.29 69.18
C ILE I 137 41.45 36.08 68.92
N GLY I 138 40.13 36.30 68.81
CA GLY I 138 39.19 35.23 68.40
C GLY I 138 39.07 35.15 66.89
N MET I 139 39.15 33.93 66.34
CA MET I 139 39.06 33.72 64.87
C MET I 139 38.09 32.55 64.64
N HIS I 140 36.82 32.92 64.62
CA HIS I 140 35.72 32.00 64.65
C HIS I 140 35.26 31.83 63.21
N PHE I 141 35.49 30.61 62.69
CA PHE I 141 35.07 30.18 61.33
C PHE I 141 33.79 29.38 61.45
N PHE I 142 33.16 29.05 60.33
CA PHE I 142 31.86 28.37 60.35
C PHE I 142 31.80 27.14 59.47
N ASN I 143 31.44 26.02 60.06
CA ASN I 143 31.15 24.75 59.36
C ASN I 143 30.16 24.91 58.21
N PRO I 144 30.45 24.29 57.03
CA PRO I 144 31.74 23.79 56.53
C PRO I 144 32.71 24.87 56.11
N VAL I 145 33.78 25.03 56.88
CA VAL I 145 34.78 26.10 56.65
C VAL I 145 35.17 26.37 55.20
N PRO I 146 35.71 25.37 54.46
CA PRO I 146 36.10 25.63 53.05
C PRO I 146 35.06 26.38 52.22
N VAL I 147 33.79 26.18 52.56
CA VAL I 147 32.68 26.76 51.83
C VAL I 147 32.29 28.13 52.39
N MET I 148 32.06 28.20 53.69
CA MET I 148 31.46 29.39 54.32
C MET I 148 32.41 30.60 54.41
N ALA I 149 31.94 31.72 53.88
CA ALA I 149 32.77 32.87 53.58
C ALA I 149 33.12 33.80 54.74
N LEU I 150 32.47 33.62 55.88
CA LEU I 150 32.54 34.59 56.94
C LEU I 150 33.66 34.20 57.85
N VAL I 151 34.36 35.19 58.38
CA VAL I 151 35.28 34.98 59.51
C VAL I 151 34.94 36.05 60.56
N GLU I 152 34.58 35.61 61.76
CA GLU I 152 34.29 36.52 62.87
C GLU I 152 35.53 36.76 63.76
N LEU I 153 36.15 37.94 63.59
CA LEU I 153 37.31 38.32 64.38
C LEU I 153 36.85 38.99 65.65
N ILE I 154 37.11 38.37 66.78
CA ILE I 154 36.64 38.93 68.02
C ILE I 154 37.81 39.54 68.76
N ARG I 155 37.73 40.84 69.00
CA ARG I 155 38.75 41.55 69.76
C ARG I 155 38.42 41.45 71.22
N GLY I 156 39.38 41.01 72.02
CA GLY I 156 39.34 41.23 73.46
C GLY I 156 39.71 42.68 73.75
N LEU I 157 39.55 43.09 75.00
CA LEU I 157 39.96 44.42 75.41
C LEU I 157 41.48 44.64 75.32
N GLN I 158 42.25 43.55 75.34
CA GLN I 158 43.69 43.61 75.38
C GLN I 158 44.25 43.49 73.96
N THR I 159 43.42 43.07 73.00
CA THR I 159 43.87 42.81 71.64
C THR I 159 44.39 44.08 70.96
N SER I 160 45.63 44.07 70.46
CA SER I 160 46.21 45.26 69.81
C SER I 160 45.65 45.47 68.42
N ASP I 161 45.72 46.70 67.92
CA ASP I 161 45.33 46.97 66.53
C ASP I 161 46.20 46.18 65.58
N THR I 162 47.48 45.99 65.95
CA THR I 162 48.43 45.26 65.09
C THR I 162 48.07 43.79 64.90
N THR I 163 47.64 43.16 66.00
CA THR I 163 47.16 41.78 65.96
C THR I 163 45.89 41.68 65.09
N HIS I 164 44.97 42.64 65.29
CA HIS I 164 43.74 42.71 64.50
C HIS I 164 44.01 42.90 63.00
N ALA I 165 44.92 43.81 62.66
CA ALA I 165 45.23 44.05 61.26
C ALA I 165 45.78 42.78 60.63
N ALA I 166 46.62 42.09 61.40
CA ALA I 166 47.32 40.95 60.88
C ALA I 166 46.31 39.89 60.52
N VAL I 167 45.32 39.70 61.39
CA VAL I 167 44.39 38.57 61.26
C VAL I 167 43.25 38.89 60.28
N GLU I 168 42.90 40.17 60.19
CA GLU I 168 42.09 40.68 59.06
C GLU I 168 42.77 40.40 57.72
N ALA I 169 44.02 40.83 57.54
CA ALA I 169 44.79 40.52 56.33
C ALA I 169 44.76 39.01 55.98
N LEU I 170 45.05 38.16 56.96
CA LEU I 170 44.92 36.71 56.75
C LEU I 170 43.52 36.34 56.31
N SER I 171 42.49 36.90 56.93
CA SER I 171 41.11 36.52 56.57
C SER I 171 40.87 36.75 55.09
N LYS I 172 41.30 37.93 54.65
CA LYS I 172 41.27 38.30 53.24
C LYS I 172 42.17 37.38 52.38
N GLN I 173 43.35 37.03 52.87
CA GLN I 173 44.14 35.99 52.20
C GLN I 173 43.32 34.72 51.90
N LEU I 174 42.47 34.31 52.82
CA LEU I 174 41.75 33.06 52.63
C LEU I 174 40.55 33.20 51.71
N GLY I 175 40.30 34.42 51.24
CA GLY I 175 39.11 34.66 50.41
C GLY I 175 37.85 34.81 51.23
N LYS I 176 38.03 34.84 52.55
CA LYS I 176 36.95 34.99 53.48
C LYS I 176 36.67 36.48 53.75
N TYR I 177 35.41 36.75 54.06
CA TYR I 177 34.94 38.09 54.46
C TYR I 177 35.04 38.27 55.96
N PRO I 178 35.92 39.16 56.41
CA PRO I 178 36.04 39.40 57.85
C PRO I 178 35.06 40.45 58.40
N ILE I 179 34.76 40.28 59.68
CA ILE I 179 33.75 41.02 60.40
C ILE I 179 34.40 41.24 61.76
N THR I 180 34.35 42.45 62.29
CA THR I 180 35.03 42.74 63.57
C THR I 180 34.04 42.94 64.72
N VAL I 181 34.17 42.13 65.76
CA VAL I 181 33.24 42.09 66.88
C VAL I 181 33.86 42.42 68.25
N LYS I 182 33.48 43.53 68.86
CA LYS I 182 33.77 43.75 70.29
C LYS I 182 33.25 42.56 71.14
N ASN I 183 34.14 42.00 71.94
CA ASN I 183 33.87 40.74 72.64
C ASN I 183 32.62 40.79 73.55
N SER I 184 31.90 39.69 73.58
CA SER I 184 30.65 39.58 74.28
C SER I 184 30.16 38.16 74.02
N PRO I 185 29.26 37.64 74.88
CA PRO I 185 28.84 36.25 74.71
C PRO I 185 28.10 35.97 73.42
N GLY I 186 28.48 34.87 72.75
CA GLY I 186 28.01 34.52 71.39
C GLY I 186 28.50 35.45 70.28
N PHE I 187 29.35 36.39 70.65
CA PHE I 187 29.80 37.48 69.76
C PHE I 187 28.62 38.11 68.97
N VAL I 188 28.49 37.85 67.65
CA VAL I 188 27.43 38.42 66.82
C VAL I 188 26.56 37.35 66.20
N VAL I 189 27.16 36.48 65.40
CA VAL I 189 26.36 35.51 64.67
C VAL I 189 25.57 34.57 65.61
N ASN I 190 26.29 33.87 66.48
CA ASN I 190 25.65 32.92 67.39
C ASN I 190 24.68 33.59 68.35
N ARG I 191 25.09 34.75 68.87
CA ARG I 191 24.27 35.56 69.73
C ARG I 191 22.86 35.73 69.18
N ILE I 192 22.77 36.03 67.89
CA ILE I 192 21.51 36.19 67.22
C ILE I 192 20.86 34.89 66.84
N LEU I 193 21.62 33.94 66.30
CA LEU I 193 21.07 32.73 65.68
C LEU I 193 20.71 31.64 66.69
N CYS I 194 21.53 31.49 67.72
CA CYS I 194 21.27 30.42 68.66
C CYS I 194 19.96 30.58 69.44
N PRO I 195 19.65 31.78 69.96
CA PRO I 195 18.37 31.91 70.64
C PRO I 195 17.21 31.70 69.72
N MET I 196 17.38 32.07 68.46
CA MET I 196 16.36 31.82 67.45
C MET I 196 16.10 30.30 67.33
N ILE I 197 17.16 29.49 67.32
CA ILE I 197 16.99 28.03 67.30
C ILE I 197 16.39 27.61 68.63
N ASN I 198 16.89 28.20 69.70
CA ASN I 198 16.32 27.94 71.02
C ASN I 198 14.78 28.18 71.09
N GLU I 199 14.29 29.20 70.37
CA GLU I 199 12.85 29.50 70.34
C GLU I 199 12.07 28.40 69.65
N ALA I 200 12.64 27.93 68.54
CA ALA I 200 12.06 26.85 67.77
C ALA I 200 11.84 25.66 68.66
N PHE I 201 12.79 25.38 69.54
CA PHE I 201 12.58 24.33 70.55
C PHE I 201 11.50 24.71 71.58
N CYS I 202 11.45 25.98 72.01
CA CYS I 202 10.41 26.42 72.95
C CYS I 202 9.04 26.17 72.33
N VAL I 203 8.88 26.67 71.10
CA VAL I 203 7.66 26.38 70.33
C VAL I 203 7.39 24.89 70.30
N LEU I 204 8.40 24.09 69.93
CA LEU I 204 8.18 22.64 69.76
C LEU I 204 7.66 22.04 71.02
N GLY I 205 8.38 22.24 72.12
CA GLY I 205 7.98 21.73 73.45
C GLY I 205 6.69 22.33 73.99
N GLU I 206 6.31 23.48 73.45
CA GLU I 206 5.01 24.06 73.73
C GLU I 206 3.84 23.37 72.98
N GLY I 207 4.14 22.45 72.08
CA GLY I 207 3.13 21.73 71.31
C GLY I 207 2.30 22.57 70.34
N LEU I 208 2.82 23.74 69.95
CA LEU I 208 2.07 24.61 69.02
C LEU I 208 2.08 24.03 67.62
N ALA I 209 3.04 23.19 67.30
CA ALA I 209 3.15 22.66 65.95
C ALA I 209 4.09 21.47 65.86
N SER I 210 3.92 20.64 64.82
CA SER I 210 4.91 19.61 64.51
C SER I 210 6.23 20.23 63.98
N PRO I 211 7.36 19.55 64.21
CA PRO I 211 8.67 20.07 63.77
C PRO I 211 8.83 20.31 62.26
N GLU I 212 8.26 19.42 61.45
CA GLU I 212 8.29 19.58 59.99
C GLU I 212 7.61 20.90 59.63
N GLU I 213 6.46 21.13 60.26
CA GLU I 213 5.74 22.38 60.06
C GLU I 213 6.56 23.61 60.55
N ILE I 214 7.25 23.50 61.69
CA ILE I 214 8.16 24.59 62.12
C ILE I 214 9.33 24.86 61.13
N ASP I 215 10.02 23.80 60.73
CA ASP I 215 11.10 23.94 59.78
C ASP I 215 10.56 24.52 58.46
N GLU I 216 9.47 23.96 57.93
CA GLU I 216 8.86 24.50 56.70
C GLU I 216 8.39 25.95 56.89
N GLY I 217 7.74 26.22 58.03
CA GLY I 217 7.45 27.60 58.40
C GLY I 217 8.59 28.58 58.13
N MET I 218 9.80 28.27 58.59
CA MET I 218 10.90 29.20 58.44
C MET I 218 11.50 29.23 57.05
N LYS I 219 11.49 28.08 56.36
CA LYS I 219 11.98 27.99 54.98
C LYS I 219 11.13 28.82 54.03
N LEU I 220 9.85 28.47 53.91
CA LEU I 220 8.93 29.14 53.00
C LEU I 220 8.61 30.57 53.47
N GLY I 221 8.27 30.75 54.73
CA GLY I 221 7.93 32.07 55.25
C GLY I 221 9.05 33.09 55.24
N CYS I 222 10.27 32.69 55.59
CA CYS I 222 11.39 33.61 55.74
C CYS I 222 12.51 33.38 54.75
N ASN I 223 12.23 32.47 53.80
CA ASN I 223 13.20 31.95 52.80
C ASN I 223 14.52 31.50 53.40
N HIS I 224 14.44 30.86 54.57
CA HIS I 224 15.62 30.32 55.20
C HIS I 224 16.02 29.07 54.40
N PRO I 225 17.32 28.89 54.17
CA PRO I 225 17.75 27.72 53.42
C PRO I 225 17.53 26.43 54.16
N ILE I 226 17.37 26.50 55.48
CA ILE I 226 17.13 25.30 56.28
C ILE I 226 16.43 25.67 57.59
N GLY I 227 15.53 24.80 58.05
CA GLY I 227 14.72 25.08 59.22
C GLY I 227 15.45 24.87 60.55
N PRO I 228 15.15 25.71 61.55
CA PRO I 228 15.99 25.73 62.74
C PRO I 228 16.22 24.34 63.38
N LEU I 229 15.16 23.55 63.49
CA LEU I 229 15.25 22.30 64.21
C LEU I 229 16.23 21.38 63.48
N ALA I 230 16.12 21.27 62.17
CA ALA I 230 17.05 20.45 61.40
C ALA I 230 18.47 21.03 61.40
N LEU I 231 18.54 22.35 61.40
CA LEU I 231 19.81 23.03 61.44
C LEU I 231 20.47 22.72 62.77
N ALA I 232 19.68 22.57 63.83
CA ALA I 232 20.24 22.26 65.14
C ALA I 232 20.85 20.88 65.11
N ASP I 233 20.11 19.92 64.56
CA ASP I 233 20.62 18.54 64.41
C ASP I 233 21.94 18.48 63.60
N MET I 234 22.09 19.36 62.63
CA MET I 234 23.36 19.52 61.89
C MET I 234 24.49 20.19 62.68
N ILE I 235 24.17 21.11 63.58
CA ILE I 235 25.17 21.77 64.41
C ILE I 235 25.51 20.90 65.63
N GLY I 236 24.49 20.18 66.12
CA GLY I 236 24.61 19.37 67.33
C GLY I 236 23.89 20.05 68.50
N LEU I 237 23.05 19.29 69.20
CA LEU I 237 22.24 19.78 70.28
C LEU I 237 23.14 20.09 71.49
N ASP I 238 23.92 19.10 71.88
CA ASP I 238 25.02 19.29 72.82
C ASP I 238 25.79 20.59 72.59
N THR I 239 26.06 20.93 71.35
CA THR I 239 26.85 22.14 71.06
C THR I 239 25.97 23.40 71.15
N MET I 240 24.67 23.21 70.86
CA MET I 240 23.63 24.22 70.99
C MET I 240 23.38 24.57 72.45
N LEU I 241 22.98 23.56 73.20
CA LEU I 241 22.83 23.69 74.65
C LEU I 241 24.03 24.37 75.29
N ALA I 242 25.24 24.12 74.81
CA ALA I 242 26.42 24.77 75.42
C ALA I 242 26.50 26.28 75.11
N VAL I 243 26.14 26.68 73.90
CA VAL I 243 26.06 28.13 73.61
C VAL I 243 24.97 28.77 74.48
N MET I 244 23.80 28.13 74.56
CA MET I 244 22.75 28.71 75.36
C MET I 244 23.27 28.88 76.78
N GLU I 245 23.94 27.87 77.31
CA GLU I 245 24.40 27.96 78.70
C GLU I 245 25.43 29.08 78.93
N VAL I 246 26.22 29.40 77.92
CA VAL I 246 27.19 30.44 78.09
C VAL I 246 26.42 31.75 78.19
N LEU I 247 25.51 31.96 77.27
CA LEU I 247 24.72 33.18 77.25
C LEU I 247 23.95 33.42 78.60
N TYR I 248 23.27 32.39 79.08
CA TYR I 248 22.58 32.47 80.36
C TYR I 248 23.55 32.85 81.50
N THR I 249 24.67 32.14 81.55
CA THR I 249 25.65 32.29 82.65
C THR I 249 26.45 33.57 82.57
N GLU I 250 26.83 33.97 81.38
CA GLU I 250 27.64 35.14 81.25
C GLU I 250 26.81 36.41 81.36
N PHE I 251 25.64 36.44 80.73
CA PHE I 251 24.70 37.55 80.91
C PHE I 251 23.98 37.53 82.29
N ALA I 252 23.75 36.35 82.85
CA ALA I 252 23.06 36.24 84.11
C ALA I 252 21.60 36.66 83.95
N ASP I 253 21.00 36.14 82.88
CA ASP I 253 19.71 36.58 82.42
C ASP I 253 18.85 35.45 81.82
N PRO I 254 17.79 35.02 82.53
CA PRO I 254 16.91 33.90 82.12
C PRO I 254 16.22 34.10 80.78
N LYS I 255 16.21 35.33 80.29
CA LYS I 255 16.02 35.53 78.87
C LYS I 255 16.67 34.44 78.00
N TYR I 256 17.91 34.06 78.33
CA TYR I 256 18.63 33.11 77.51
C TYR I 256 18.48 31.67 78.01
N ARG I 257 17.45 31.43 78.83
CA ARG I 257 17.22 30.13 79.44
C ARG I 257 17.01 29.09 78.34
N PRO I 258 17.72 27.96 78.41
CA PRO I 258 17.52 26.96 77.35
C PRO I 258 16.18 26.30 77.41
N ALA I 259 15.70 25.90 76.24
CA ALA I 259 14.49 25.13 76.14
C ALA I 259 14.63 23.79 76.83
N MET I 260 13.62 23.40 77.58
CA MET I 260 13.66 22.16 78.35
C MET I 260 13.71 20.93 77.44
N LEU I 261 13.04 21.00 76.30
CA LEU I 261 13.13 19.91 75.33
C LEU I 261 14.54 19.75 74.78
N MET I 262 15.27 20.84 74.64
CA MET I 262 16.64 20.71 74.22
C MET I 262 17.45 20.01 75.32
N ARG I 263 17.21 20.36 76.59
CA ARG I 263 17.98 19.77 77.67
C ARG I 263 17.75 18.27 77.71
N GLU I 264 16.51 17.86 77.43
CA GLU I 264 16.09 16.45 77.46
C GLU I 264 16.73 15.62 76.39
N MET I 265 16.87 16.19 75.20
CA MET I 265 17.42 15.43 74.11
C MET I 265 18.85 15.21 74.45
N VAL I 266 19.60 16.27 74.68
CA VAL I 266 21.04 16.16 75.05
C VAL I 266 21.29 15.17 76.21
N ALA I 267 20.29 14.97 77.05
CA ALA I 267 20.38 14.01 78.13
C ALA I 267 20.12 12.61 77.61
N ALA I 268 19.16 12.48 76.71
CA ALA I 268 18.83 11.22 76.11
C ALA I 268 20.01 10.68 75.27
N GLY I 269 20.97 11.55 74.95
CA GLY I 269 22.02 11.21 74.00
C GLY I 269 21.71 11.61 72.57
N TYR I 270 20.48 12.07 72.30
CA TYR I 270 20.09 12.41 70.95
C TYR I 270 20.73 13.73 70.54
N LEU I 271 22.01 13.69 70.21
CA LEU I 271 22.77 14.89 69.95
C LEU I 271 22.63 15.47 68.55
N GLY I 272 21.79 14.85 67.72
CA GLY I 272 21.62 15.29 66.33
C GLY I 272 22.03 14.23 65.29
N ARG I 273 22.66 14.69 64.22
CA ARG I 273 23.12 13.79 63.16
C ARG I 273 24.28 12.91 63.68
N LYS I 274 25.38 13.57 64.06
CA LYS I 274 26.53 12.94 64.73
C LYS I 274 26.19 11.71 65.56
N THR I 275 24.95 11.57 66.06
CA THR I 275 24.47 10.36 66.78
C THR I 275 23.27 9.68 66.11
N GLY I 276 22.93 10.05 64.88
CA GLY I 276 21.78 9.45 64.22
C GLY I 276 20.41 9.80 64.79
N ARG I 277 20.35 10.72 65.74
CA ARG I 277 19.08 11.19 66.23
C ARG I 277 19.27 12.50 66.98
N GLY I 278 18.43 13.46 66.64
CA GLY I 278 18.27 14.71 67.41
C GLY I 278 16.81 15.05 67.44
N VAL I 279 16.40 16.08 66.70
CA VAL I 279 14.98 16.36 66.55
C VAL I 279 14.40 15.27 65.67
N TYR I 280 15.07 14.97 64.57
CA TYR I 280 14.65 13.92 63.64
C TYR I 280 15.56 12.72 63.75
N VAL I 281 15.17 11.63 63.09
CA VAL I 281 15.96 10.39 63.07
C VAL I 281 16.80 10.30 61.79
N TYR I 282 18.05 9.91 61.93
CA TYR I 282 18.93 9.83 60.77
C TYR I 282 19.35 8.36 60.67
N SER I 283 20.23 8.03 59.75
CA SER I 283 20.52 6.61 59.49
C SER I 283 21.25 5.93 60.66
N LYS I 284 21.13 4.59 60.71
CA LYS I 284 21.95 3.65 61.55
C LYS I 284 21.08 2.77 62.44
N1A CAA J . -33.25 14.54 -39.19
C2A CAA J . -34.41 15.14 -38.85
N3A CAA J . -35.08 14.85 -37.71
C4A CAA J . -34.64 13.93 -36.80
C5A CAA J . -33.37 13.23 -37.12
C6A CAA J . -32.68 13.59 -38.40
N6A CAA J . -31.52 13.00 -38.76
N7A CAA J . -33.15 12.39 -36.09
C8A CAA J . -34.16 12.52 -35.20
N9A CAA J . -35.07 13.43 -35.61
C1B CAA J . -36.29 13.80 -34.81
C2B CAA J . -36.93 15.09 -35.28
O2B CAA J . -36.12 16.21 -34.91
C3B CAA J . -38.32 15.06 -34.65
O3B CAA J . -38.42 15.86 -33.46
P3B CAA J . -38.73 17.46 -33.44
O7A CAA J . -37.36 18.09 -33.41
O8A CAA J . -39.52 17.69 -32.17
O9A CAA J . -39.54 17.76 -34.69
C4B CAA J . -38.57 13.56 -34.36
O4B CAA J . -37.39 12.87 -34.80
C5B CAA J . -39.81 12.98 -35.06
O5B CAA J . -40.96 13.82 -34.90
P1A CAA J . -41.64 14.59 -36.14
O1A CAA J . -40.81 15.80 -36.49
O2A CAA J . -41.88 13.57 -37.25
O3A CAA J . -43.04 15.17 -35.56
P2A CAA J . -44.53 15.01 -36.21
O4A CAA J . -45.37 16.22 -35.84
O5A CAA J . -44.44 14.57 -37.65
O6A CAA J . -45.04 13.78 -35.30
CBP CAA J . -45.39 11.41 -35.81
CCP CAA J . -46.00 12.82 -35.74
CDP CAA J . -44.79 11.06 -34.46
CEP CAA J . -44.27 11.43 -36.85
CAP CAA J . -46.50 10.37 -36.13
OAP CAA J . -47.74 10.99 -36.50
C9P CAA J . -46.13 9.42 -37.23
O9P CAA J . -46.20 9.80 -38.39
N8P CAA J . -45.76 8.18 -36.88
C7P CAA J . -45.42 7.16 -37.86
C6P CAA J . -45.91 5.76 -37.46
C5P CAA J . -47.43 5.66 -37.36
O5P CAA J . -48.14 6.64 -37.49
N4P CAA J . -47.99 4.47 -37.12
C3P CAA J . -47.25 3.23 -37.02
C2P CAA J . -47.78 2.33 -35.90
S1P CAA J . -48.60 0.86 -36.49
C1 CAA J . -47.49 0.10 -37.49
O1 CAA J . -46.43 0.62 -37.78
C2 CAA J . -47.73 -1.25 -38.10
C3 CAA J . -46.86 -2.32 -37.46
O3 CAA J . -47.03 -3.46 -37.86
C4 CAA J . -45.85 -2.02 -36.38
N1A CAA K . -21.60 3.83 -60.20
C2A CAA K . -22.35 3.73 -59.09
N3A CAA K . -23.57 3.15 -59.09
C4A CAA K . -24.12 2.64 -60.23
C5A CAA K . -23.36 2.72 -61.49
C6A CAA K . -22.03 3.37 -61.40
N6A CAA K . -21.26 3.48 -62.51
N7A CAA K . -24.11 2.15 -62.44
C8A CAA K . -25.27 1.74 -61.86
N9A CAA K . -25.28 2.03 -60.54
C1B CAA K . -26.33 1.74 -59.52
C2B CAA K . -27.52 0.99 -60.06
O2B CAA K . -28.60 1.11 -59.13
C3B CAA K . -27.03 -0.45 -60.17
O3B CAA K . -28.07 -1.42 -60.01
P3B CAA K . -28.89 -2.07 -61.26
O7A CAA K . -29.66 -3.24 -60.69
O8A CAA K . -27.84 -2.49 -62.26
O9A CAA K . -29.77 -0.94 -61.74
C4B CAA K . -25.93 -0.52 -59.10
O4B CAA K . -25.76 0.82 -58.58
C5B CAA K . -24.58 -0.98 -59.64
O5B CAA K . -24.55 -2.40 -59.67
P1A CAA K . -24.22 -3.26 -61.01
O1A CAA K . -24.92 -2.63 -62.19
O2A CAA K . -22.72 -3.46 -61.07
O3A CAA K . -24.95 -4.66 -60.63
P2A CAA K . -24.34 -6.16 -60.70
O4A CAA K . -25.47 -7.10 -61.11
O5A CAA K . -23.08 -6.15 -61.53
O6A CAA K . -23.98 -6.55 -59.16
CBP CAA K . -22.32 -7.57 -57.63
CCP CAA K . -22.65 -6.48 -58.65
CDP CAA K . -22.69 -8.95 -58.19
CEP CAA K . -23.17 -7.32 -56.37
CAP CAA K . -20.80 -7.48 -57.36
OAP CAA K . -20.48 -6.17 -56.89
C9P CAA K . -20.19 -8.49 -56.40
O9P CAA K . -20.52 -9.67 -56.42
N8P CAA K . -19.24 -8.01 -55.57
C7P CAA K . -18.46 -8.82 -54.63
C6P CAA K . -17.02 -9.08 -55.08
C5P CAA K . -15.99 -8.52 -54.09
O5P CAA K . -16.11 -7.38 -53.67
N4P CAA K . -14.99 -9.37 -53.72
C3P CAA K . -13.95 -9.09 -52.72
C2P CAA K . -13.36 -7.68 -52.67
S1P CAA K . -12.08 -7.57 -51.45
C1 CAA K . -10.68 -7.57 -52.38
O1 CAA K . -10.66 -8.31 -53.34
C2 CAA K . -9.49 -6.67 -52.03
C3 CAA K . -8.16 -7.07 -52.69
O3 CAA K . -7.93 -8.22 -53.04
C4 CAA K . -7.08 -6.03 -52.90
N1A CAA L . -32.12 -21.02 -44.32
C2A CAA L . -33.02 -20.01 -44.41
N3A CAA L . -34.20 -20.16 -45.02
C4A CAA L . -34.62 -21.33 -45.60
C5A CAA L . -33.68 -22.47 -45.54
C6A CAA L . -32.37 -22.24 -44.85
N6A CAA L . -31.45 -23.22 -44.74
N7A CAA L . -34.30 -23.49 -46.18
C8A CAA L . -35.52 -23.05 -46.60
N9A CAA L . -35.72 -21.76 -46.28
C1B CAA L . -36.98 -20.99 -46.61
C2B CAA L . -37.21 -19.82 -45.66
O2B CAA L . -38.61 -19.63 -45.44
C3B CAA L . -36.58 -18.66 -46.41
O3B CAA L . -36.96 -17.38 -45.89
P3B CAA L . -36.02 -16.64 -44.79
O7A CAA L . -36.94 -15.64 -44.14
O8A CAA L . -34.90 -16.00 -45.60
O9A CAA L . -35.53 -17.73 -43.86
C4B CAA L . -36.94 -18.96 -47.87
O4B CAA L . -36.97 -20.40 -47.93
C5B CAA L . -35.96 -18.41 -48.92
O5B CAA L . -35.00 -17.49 -48.38
P1A CAA L . -33.39 -17.72 -48.45
O1A CAA L . -33.10 -19.07 -47.85
O2A CAA L . -32.96 -17.45 -49.88
O3A CAA L . -32.83 -16.59 -47.44
P2A CAA L . -31.39 -15.83 -47.47
O4A CAA L . -30.86 -15.78 -48.89
O5A CAA L . -31.59 -14.51 -46.75
O6A CAA L . -30.38 -16.80 -46.63
CBP CAA L . -29.02 -18.92 -46.61
CCP CAA L . -30.38 -18.22 -46.82
CDP CAA L . -29.29 -20.43 -46.54
CEP CAA L . -28.38 -18.46 -45.30
CAP CAA L . -28.12 -18.63 -47.83
OAP CAA L . -27.86 -17.22 -47.94
C9P CAA L . -26.80 -19.38 -47.79
O9P CAA L . -25.82 -18.87 -47.27
N8P CAA L . -26.78 -20.60 -48.35
C7P CAA L . -25.60 -21.46 -48.38
C6P CAA L . -25.66 -22.55 -47.31
C5P CAA L . -24.81 -23.75 -47.68
O5P CAA L . -25.30 -24.87 -47.69
N4P CAA L . -23.53 -23.52 -47.97
C3P CAA L . -22.64 -24.62 -48.26
C2P CAA L . -22.20 -25.36 -47.02
S1P CAA L . -21.27 -26.74 -47.60
C1 CAA L . -21.40 -27.95 -46.42
O1 CAA L . -21.36 -27.64 -45.23
C2 CAA L . -21.53 -29.40 -46.89
C3 CAA L . -21.52 -30.45 -45.79
O3 CAA L . -20.79 -30.35 -44.82
C4 CAA L . -22.41 -31.64 -45.94
N1A CAA M . -6.19 -8.09 10.75
C2A CAA M . -6.23 -7.35 11.89
N3A CAA M . -6.69 -6.08 11.90
C4A CAA M . -7.15 -5.45 10.79
C5A CAA M . -7.12 -6.20 9.51
C6A CAA M . -6.61 -7.60 9.56
N6A CAA M . -6.55 -8.38 8.44
N7A CAA M . -7.61 -5.36 8.57
C8A CAA M . -7.93 -4.18 9.17
N9A CAA M . -7.64 -4.22 10.49
C1B CAA M . -7.86 -3.09 11.47
C2B CAA M . -6.70 -2.97 12.46
O2B CAA M . -6.84 -3.86 13.56
C3B CAA M . -6.68 -1.50 12.86
O3B CAA M . -7.34 -1.26 14.13
P3B CAA M . -6.60 -0.56 15.40
O7A CAA M . -5.36 -1.38 15.63
O8A CAA M . -7.61 -0.66 16.52
O9A CAA M . -6.31 0.85 14.94
C4B CAA M . -7.41 -0.79 11.72
O4B CAA M . -7.95 -1.80 10.86
C5B CAA M . -6.49 0.19 10.96
O5B CAA M . -5.12 -0.23 10.94
P1A CAA M . -3.86 0.77 11.11
O1A CAA M . -2.61 -0.07 11.30
O2A CAA M . -3.90 1.80 10.02
O3A CAA M . -4.20 1.52 12.51
P2A CAA M . -3.25 2.70 13.08
O4A CAA M . -2.72 3.50 11.92
O5A CAA M . -3.99 3.41 14.20
O6A CAA M . -2.04 1.84 13.72
CBP CAA M . 0.38 1.81 13.28
CCP CAA M . -0.77 2.43 14.07
CDP CAA M . 0.10 1.93 11.78
CEP CAA M . 0.54 0.35 13.68
CAP CAA M . 1.67 2.62 13.61
OAP CAA M . 1.78 2.80 15.04
C9P CAA M . 2.95 1.97 13.08
O9P CAA M . 2.95 1.12 12.20
N8P CAA M . 4.12 2.37 13.58
C7P CAA M . 4.38 3.40 14.57
C6P CAA M . 5.85 3.82 14.50
C5P CAA M . 6.13 4.56 13.21
O5P CAA M . 6.06 5.78 13.18
N4P CAA M . 6.44 3.86 12.13
C3P CAA M . 6.62 4.49 10.84
C2P CAA M . 7.75 5.53 10.86
S1P CAA M . 9.02 5.00 9.77
C1 CAA M . 9.00 6.15 8.53
O1 CAA M . 8.70 7.32 8.76
C2 CAA M . 9.33 5.70 7.11
C3 CAA M . 10.70 5.05 6.99
O3 CAA M . 11.27 4.58 7.95
C4 CAA M . 11.35 5.00 5.62
N1A CAA N . 11.48 -29.46 3.34
C2A CAA N . 12.78 -29.60 3.04
N3A CAA N . 13.63 -28.57 3.02
C4A CAA N . 13.23 -27.29 3.30
C5A CAA N . 11.82 -27.07 3.64
C6A CAA N . 10.93 -28.27 3.65
N6A CAA N . 9.61 -28.15 3.95
N7A CAA N . 11.67 -25.75 3.88
C8A CAA N . 12.88 -25.17 3.71
N9A CAA N . 13.82 -26.07 3.37
C1B CAA N . 15.25 -25.71 3.12
C2B CAA N . 16.16 -26.85 2.65
O2B CAA N . 17.44 -26.68 3.29
C3B CAA N . 16.23 -26.71 1.14
O3B CAA N . 17.50 -27.13 0.59
P3B CAA N . 17.91 -28.69 0.31
O7A CAA N . 16.97 -29.49 1.18
O8A CAA N . 19.37 -28.77 0.70
O9A CAA N . 17.66 -28.89 -1.18
C4B CAA N . 15.96 -25.22 0.90
O4B CAA N . 15.31 -24.72 2.09
C5B CAA N . 15.12 -24.88 -0.34
O5B CAA N . 13.71 -25.03 -0.12
P1A CAA N . 12.52 -24.28 -0.96
O1A CAA N . 11.31 -24.23 -0.05
O2A CAA N . 13.04 -22.97 -1.51
O3A CAA N . 12.14 -25.23 -2.22
P2A CAA N . 12.87 -26.58 -2.76
O4A CAA N . 13.51 -27.34 -1.63
O5A CAA N . 11.84 -27.31 -3.60
O6A CAA N . 14.07 -26.11 -3.77
CBP CAA N . 14.01 -24.16 -5.26
CCP CAA N . 14.55 -24.77 -3.96
CDP CAA N . 14.42 -22.69 -5.29
CEP CAA N . 12.49 -24.26 -5.30
CAP CAA N . 14.69 -24.95 -6.41
OAP CAA N . 14.46 -26.35 -6.22
C9P CAA N . 14.27 -24.61 -7.83
O9P CAA N . 15.11 -24.09 -8.55
N8P CAA N . 13.04 -24.96 -8.27
C7P CAA N . 12.57 -24.78 -9.65
C6P CAA N . 12.12 -26.11 -10.26
C5P CAA N . 11.32 -25.91 -11.54
O5P CAA N . 11.90 -25.44 -12.52
N4P CAA N . 10.04 -26.29 -11.55
C3P CAA N . 9.18 -26.26 -12.73
C2P CAA N . 7.88 -27.05 -12.52
S1P CAA N . 6.89 -27.11 -13.99
C1 CAA N . 5.70 -28.30 -13.76
O1 CAA N . 4.53 -27.99 -13.62
C2 CAA N . 6.05 -29.78 -13.75
C3 CAA N . 5.54 -30.48 -15.01
O3 CAA N . 6.25 -30.41 -16.00
C4 CAA N . 4.21 -31.21 -14.99
N1A CAA O . 24.38 -2.55 -11.20
C2A CAA O . 23.29 -3.29 -11.46
N3A CAA O . 22.68 -4.05 -10.52
C4A CAA O . 23.12 -4.11 -9.23
C5A CAA O . 24.31 -3.31 -8.89
C6A CAA O . 24.94 -2.50 -9.98
N6A CAA O . 26.03 -1.74 -9.73
N7A CAA O . 24.55 -3.55 -7.58
C8A CAA O . 23.61 -4.41 -7.11
N9A CAA O . 22.76 -4.75 -8.09
C1B CAA O . 21.63 -5.69 -7.83
C2B CAA O . 20.65 -5.89 -8.98
O2B CAA O . 19.57 -4.96 -8.85
C3B CAA O . 20.26 -7.35 -8.85
O3B CAA O . 19.21 -7.47 -7.87
P3B CAA O . 18.40 -8.82 -7.45
O7A CAA O . 17.23 -8.28 -6.64
O8A CAA O . 19.36 -9.64 -6.63
O9A CAA O . 18.02 -9.48 -8.76
C4B CAA O . 21.57 -7.99 -8.39
O4B CAA O . 22.17 -6.99 -7.55
C5B CAA O . 22.57 -8.30 -9.52
O5B CAA O . 22.13 -9.35 -10.39
P1A CAA O . 22.22 -9.28 -12.02
O1A CAA O . 23.10 -8.13 -12.45
O2A CAA O . 22.54 -10.66 -12.56
O3A CAA O . 20.68 -8.97 -12.38
P2A CAA O . 20.14 -7.62 -13.07
O4A CAA O . 18.63 -7.60 -12.96
O5A CAA O . 20.92 -6.43 -12.56
O6A CAA O . 20.53 -7.85 -14.63
CBP CAA O . 20.27 -7.67 -17.06
CCP CAA O . 19.59 -7.71 -15.69
CDP CAA O . 21.04 -6.35 -17.17
CEP CAA O . 19.32 -7.70 -18.26
CAP CAA O . 21.24 -8.86 -17.14
OAP CAA O . 21.93 -8.95 -15.89
C9P CAA O . 20.69 -10.23 -17.39
O9P CAA O . 19.50 -10.50 -17.43
N8P CAA O . 21.66 -11.14 -17.52
C7P CAA O . 21.43 -12.55 -17.69
C6P CAA O . 21.35 -12.88 -19.17
C5P CAA O . 20.02 -13.55 -19.46
O5P CAA O . 19.41 -14.16 -18.61
N4P CAA O . 19.53 -13.46 -20.68
C3P CAA O . 20.24 -12.81 -21.75
C2P CAA O . 21.50 -13.60 -22.05
S1P CAA O . 21.40 -14.02 -23.74
C1 CAA O . 21.99 -12.68 -24.53
O1 CAA O . 22.17 -11.63 -23.94
C2 CAA O . 22.33 -12.78 -26.01
C3 CAA O . 22.85 -11.49 -26.57
O3 CAA O . 22.20 -10.86 -27.38
C4 CAA O . 24.19 -11.01 -26.10
N1A CAA P . -4.51 10.46 34.30
C2A CAA P . -5.03 9.23 34.53
N3A CAA P . -4.31 8.25 35.09
C4A CAA P . -3.01 8.41 35.49
C5A CAA P . -2.38 9.72 35.27
C6A CAA P . -3.22 10.78 34.63
N6A CAA P . -2.74 12.02 34.38
N7A CAA P . -1.11 9.62 35.73
C8A CAA P . -0.95 8.35 36.21
N9A CAA P . -2.09 7.62 36.07
C1B CAA P . -2.25 6.18 36.47
C2B CAA P . -3.62 5.83 37.05
O2B CAA P . -3.43 4.92 38.14
C3B CAA P . -4.41 5.20 35.89
O3B CAA P . -5.33 4.14 36.26
P3B CAA P . -6.90 4.15 35.84
O7A CAA P . -7.52 2.90 36.42
O8A CAA P . -6.89 4.15 34.33
O9A CAA P . -7.45 5.43 36.44
C4B CAA P . -3.34 4.74 34.90
O4B CAA P . -2.10 5.34 35.31
C5B CAA P . -3.71 5.16 33.47
O5B CAA P . -2.84 4.77 32.40
P1A CAA P . -1.60 3.72 32.36
O1A CAA P . -1.86 2.57 33.31
O2A CAA P . -1.40 3.34 30.91
O3A CAA P . -0.26 4.58 32.83
P2A CAA P . -0.06 6.11 33.37
O4A CAA P . -1.28 6.96 33.06
O5A CAA P . 0.43 6.06 34.81
O6A CAA P . 1.17 6.77 32.54
CBP CAA P . 3.62 6.38 32.39
CCP CAA P . 2.21 6.05 31.87
CDP CAA P . 4.41 5.07 32.36
CEP CAA P . 3.56 6.82 33.84
CAP CAA P . 4.22 7.52 31.52
OAP CAA P . 5.14 8.36 32.26
C9P CAA P . 4.80 7.03 30.19
O9P CAA P . 4.10 7.14 29.18
N8P CAA P . 6.03 6.49 30.04
C7P CAA P . 7.00 6.22 31.11
C6P CAA P . 8.45 6.50 30.73
C5P CAA P . 9.29 6.13 31.93
O5P CAA P . 9.59 6.95 32.78
N4P CAA P . 9.62 4.86 32.01
C3P CAA P . 10.26 4.30 33.20
C2P CAA P . 11.77 4.19 33.12
S1P CAA P . 12.45 3.97 34.74
C1 CAA P . 12.86 5.55 35.15
O1 CAA P . 12.58 6.48 34.40
C2 CAA P . 13.56 5.81 36.46
C3 CAA P . 14.52 6.98 36.35
O3 CAA P . 14.69 7.48 35.26
C4 CAA P . 15.22 7.47 37.59
N1A CAA Q . 11.41 42.40 45.50
C2A CAA Q . 11.58 41.62 44.42
N3A CAA Q . 10.95 40.43 44.27
C4A CAA Q . 10.10 39.93 45.22
C5A CAA Q . 9.88 40.73 46.43
C6A CAA Q . 10.59 42.03 46.53
N6A CAA Q . 10.42 42.80 47.62
N7A CAA Q . 9.02 40.04 47.21
C8A CAA Q . 8.70 38.90 46.56
N9A CAA Q . 9.36 38.81 45.37
C1B CAA Q . 9.21 37.69 44.39
C2B CAA Q . 10.49 37.17 43.75
O2B CAA Q . 11.09 38.10 42.82
C3B CAA Q . 9.98 35.90 43.11
O3B CAA Q . 9.28 36.15 41.88
P3B CAA Q . 9.95 36.21 40.40
O7A CAA Q . 11.16 37.10 40.52
O8A CAA Q . 8.83 36.77 39.56
O9A CAA Q . 10.29 34.77 40.09
C4B CAA Q . 8.95 35.38 44.11
O4B CAA Q . 8.65 36.50 44.97
C5B CAA Q . 9.45 34.24 44.98
O5B CAA Q . 9.59 33.04 44.22
P1A CAA Q . 11.01 32.29 44.01
O1A CAA Q . 10.93 30.87 44.52
O2A CAA Q . 11.43 32.52 42.57
O3A CAA Q . 12.04 33.11 44.95
P2A CAA Q . 12.37 32.74 46.49
O4A CAA Q . 11.11 32.90 47.31
O5A CAA Q . 13.11 31.41 46.52
O6A CAA Q . 13.41 33.91 46.86
CBP CAA Q . 12.75 36.11 47.81
CCP CAA Q . 13.35 34.72 48.06
CDP CAA Q . 11.24 36.10 48.03
CEP CAA Q . 13.08 36.53 46.38
CAP CAA Q . 13.44 37.15 48.74
OAP CAA Q . 12.87 38.45 48.50
C9P CAA Q . 13.43 36.85 50.23
O9P CAA Q . 14.50 36.58 50.75
N8P CAA Q . 12.28 36.95 50.94
C7P CAA Q . 12.24 36.79 52.40
C6P CAA Q . 10.90 37.24 53.02
C5P CAA Q . 10.96 37.45 54.53
O5P CAA Q . 12.04 37.69 55.06
N4P CAA Q . 9.79 37.37 55.19
C3P CAA Q . 9.62 37.53 56.64
C2P CAA Q . 8.44 38.44 57.00
S1P CAA Q . 7.30 37.74 58.18
C1 CAA Q . 6.66 39.11 58.92
O1 CAA Q . 7.36 39.80 59.66
C2 CAA Q . 5.20 39.51 58.67
C3 CAA Q . 4.59 40.44 59.71
O3 CAA Q . 3.49 40.18 60.15
C4 CAA Q . 5.31 41.68 60.19
N1A CAA R . 29.07 15.85 49.06
C2A CAA R . 27.78 15.65 48.70
N3A CAA R . 26.83 16.62 48.77
C4A CAA R . 27.14 17.87 49.23
C5A CAA R . 28.51 18.15 49.65
C6A CAA R . 29.49 17.06 49.54
N6A CAA R . 30.75 17.31 49.92
N7A CAA R . 28.57 19.43 50.05
C8A CAA R . 27.33 19.93 49.91
N9A CAA R . 26.47 19.02 49.42
C1B CAA R . 25.02 19.27 49.19
C2B CAA R . 24.15 18.18 49.85
O2B CAA R . 22.94 17.99 49.12
C3B CAA R . 23.98 18.65 51.31
O3B CAA R . 22.69 18.49 51.95
P3B CAA R . 22.44 18.76 53.56
O7A CAA R . 23.29 17.72 54.25
O8A CAA R . 20.95 18.56 53.77
O9A CAA R . 22.85 20.19 53.87
C4B CAA R . 24.34 20.13 51.28
O4B CAA R . 24.72 20.46 49.93
C5B CAA R . 25.42 20.39 52.37
O5B CAA R . 25.26 21.66 52.99
P1A CAA R . 26.37 22.82 52.95
O1A CAA R . 26.47 23.44 54.33
O2A CAA R . 27.65 22.27 52.36
O3A CAA R . 25.71 23.88 51.91
P2A CAA R . 24.12 24.12 51.61
O4A CAA R . 23.93 24.54 50.17
O5A CAA R . 23.29 22.99 52.15
O6A CAA R . 23.85 25.39 52.57
CBP CAA R . 23.39 26.17 54.85
CCP CAA R . 24.24 25.30 53.94
CDP CAA R . 22.12 26.60 54.14
CEP CAA R . 24.21 27.40 55.21
CAP CAA R . 22.99 25.42 56.12
OAP CAA R . 22.40 24.15 55.83
C9P CAA R . 24.17 25.28 57.05
O9P CAA R . 24.97 24.35 56.97
N8P CAA R . 24.28 26.27 57.95
C7P CAA R . 25.38 26.39 58.88
C6P CAA R . 25.54 27.84 59.31
C5P CAA R . 26.58 27.85 60.39
O5P CAA R . 27.67 27.34 60.19
N4P CAA R . 26.25 28.34 61.58
C3P CAA R . 27.19 28.07 62.62
C2P CAA R . 26.89 28.59 64.03
S1P CAA R . 26.85 27.21 65.17
C1 CAA R . 28.37 26.52 65.36
O1 CAA R . 28.57 25.80 66.32
C2 CAA R . 29.56 26.72 64.43
C3 CAA R . 30.54 27.52 65.21
O3 CAA R . 31.74 27.36 65.04
C4 CAA R . 29.97 28.52 66.19
#